data_8OPO
#
_entry.id   8OPO
#
_cell.length_a   1.00
_cell.length_b   1.00
_cell.length_c   1.00
_cell.angle_alpha   90.00
_cell.angle_beta   90.00
_cell.angle_gamma   90.00
#
_symmetry.space_group_name_H-M   'P 1'
#
loop_
_entity.id
_entity.type
_entity.pdbx_description
1 polymer 'Spike glycoprotein,General control transcription factor GCN4'
2 branched 2-acetamido-2-deoxy-beta-D-glucopyranose-(1-4)-2-acetamido-2-deoxy-beta-D-glucopyranose
3 branched '9-O-acetyl-5-acetamido-3,5-dideoxy-D-glycero-alpha-D-galacto-non-2-ulopyranosonic acid-(2-8)-N-acetyl-alpha-neuraminic acid'
4 non-polymer 2-acetamido-2-deoxy-beta-D-glucopyranose
#
_entity_poly.entity_id   1
_entity_poly.type   'polypeptide(L)'
_entity_poly.pdbx_seq_one_letter_code
;MPMGSLQPLATLYLLGMLVASVLAVIGDFNCTNFAINDLNTTIPRISEYVVDVSYGLGTYYILDRVYLNTTILFTGYFPK
SGANFRDLSLKGTTKLSTLWYQKPFLSDFNNGIFSRVKNTKLYVNKTLYSEFSTIVIGSVFINNSYTIVVQPHNGVLEIT
ACQYTMCEYPHTICKSIGSSRNESWHFDKSEPLCLFKKNFTYNVSTDWLYFHFYQERGTFYAYYADSGMPTTFLFSLYLG
TLLSHYYVLPLTCNAISSNTDNETLQYWVTPLSKRQYLLKFDDRGVITNAVDCSSSFFSEIQCKTKSLLPNTGVYDLSGF
TVKPVATVHRRIPDLPDCDIDKWLNNFNVPSPLNWERKIFSNCNFNLSTLLRLVHTDSFSCNNFDESKIYGSCFKSIVLD
KFAIPNSRRSDLQLGSSGFLQSSNYKIDTTSSSCQLYYSLPAINVTINNYNPSSWNRRYGFNNFNLSSHSVVYSRYCFSV
NNTFCPCAKPSFASSCKSHKPPSASCPIGTNYRSCESTTVLDHTDWCRCSCLPDPITAYDPRSCSQKKSLVGVGEHCAGF
GVDEEKCGVLDGSYNVSCLCSTDAFLGWSYDTCVSNNRCNIFSNFILNGINSGTTCSNDLLQPNTEVFTDVCVDYDLYGI
TGQGIFKEVSAVYYNSWQNLLYDFNGNIIGFKDFVTNKTYNIFPCYAGRVSAAFHQNASSLALLYRNLKCSYVLNNISLA
TQPYFDSYLGCVFNADNLTDYSVSSCALRMGSGFCVDYNSPSSSSSGGSGSSISASYRFVTFEPFNVSFVNDSIESVGGL
YEIKIPTNFTIVGQEEFIQTNSPKVTIDCSLFVCSNYAACHDLLSEYGTFCDNINSILDEVNGLLDTTQLHVADTLMQGV
TLSSNLNTNLHFDVDNINFKSLVGCLGPHCGSSSRSFFEDLLFDKVKLSDVGFVEAYNNCTGGSEIRDLLCVQSFNGIKV
LPPILSESQISGYTTAATVAAMFPPWSAAAGIPFSLNVQYRINGLGVTMDVLNKNQKLIATAFNNALLSIQNGFSATNSA
LAKIQSVVNSNAQALNSLLQQLFNKFGAISSSLQEILSRLDALEAQVQIDRLINGRLTALNAYVSQQLSDISLVKLGAAL
AMEKVNECVKSQSPRINFCGNGNHILSLVQNAPYGLLFMHFSYKPISFKTVLVSPGLCISGDVGIAPKQGYFIKHNDHWM
FTGSSYYYPEPISDKNVVFMNTCSVNFTKAPLVYLNHSVPKLSDFESELSHWFKNQTSIAPNLTLNLHTINATFLDLLIK
RMKQIEDKIEEIESKQKKIENEIARIKKIKLVPRGSLEWSHPQFEK
;
_entity_poly.pdbx_strand_id   A,B,C
#
loop_
_chem_comp.id
_chem_comp.type
_chem_comp.name
_chem_comp.formula
5N6 D-saccharide, alpha linking '9-O-acetyl-5-acetamido-3,5-dideoxy-D-glycero-alpha-D-galacto-non-2-ulopyranosonic acid' 'C13 H21 N O10'
NAG D-saccharide, beta linking 2-acetamido-2-deoxy-beta-D-glucopyranose 'C8 H15 N O6'
SIA D-saccharide, alpha linking 'N-acetyl-alpha-neuraminic acid' 'C11 H19 N O9'
#
# COMPACT_ATOMS: atom_id res chain seq x y z
N VAL A 25 -32.40 33.74 -26.09
CA VAL A 25 -32.59 32.74 -25.06
C VAL A 25 -31.40 32.76 -24.11
N ILE A 26 -30.30 33.37 -24.57
CA ILE A 26 -29.09 33.45 -23.74
C ILE A 26 -29.30 34.43 -22.58
N GLY A 27 -30.00 35.54 -22.83
CA GLY A 27 -30.23 36.52 -21.80
C GLY A 27 -31.37 36.16 -20.87
N ASP A 28 -31.44 36.89 -19.76
CA ASP A 28 -32.47 36.70 -18.75
C ASP A 28 -33.17 38.02 -18.40
N PHE A 29 -32.99 39.04 -19.23
CA PHE A 29 -33.59 40.34 -19.00
C PHE A 29 -34.05 40.91 -20.34
N ASN A 30 -35.11 41.69 -20.29
CA ASN A 30 -35.68 42.33 -21.47
C ASN A 30 -35.23 43.78 -21.60
N CYS A 31 -34.58 44.10 -22.72
CA CYS A 31 -34.08 45.45 -22.97
C CYS A 31 -34.72 46.10 -24.19
N THR A 32 -34.73 45.43 -25.34
CA THR A 32 -35.30 45.98 -26.56
C THR A 32 -36.50 45.14 -27.01
N ASN A 33 -37.48 45.81 -27.61
CA ASN A 33 -38.68 45.15 -28.10
C ASN A 33 -39.09 45.63 -29.49
N PHE A 34 -38.16 46.14 -30.29
CA PHE A 34 -38.46 46.64 -31.62
C PHE A 34 -37.42 46.13 -32.62
N ALA A 35 -37.85 46.05 -33.89
CA ALA A 35 -37.02 45.60 -35.01
C ALA A 35 -36.42 44.22 -34.77
N ILE A 36 -37.27 43.28 -34.33
CA ILE A 36 -36.87 41.92 -34.05
C ILE A 36 -37.66 40.99 -34.95
N ASN A 37 -36.95 40.13 -35.69
CA ASN A 37 -37.60 39.19 -36.60
C ASN A 37 -37.03 37.79 -36.40
N ASP A 38 -37.46 36.84 -37.23
CA ASP A 38 -37.00 35.46 -37.14
C ASP A 38 -36.64 34.92 -38.52
N LEU A 39 -36.00 35.76 -39.34
CA LEU A 39 -35.60 35.35 -40.68
C LEU A 39 -34.40 34.41 -40.60
N ASN A 40 -34.45 33.35 -41.39
CA ASN A 40 -33.36 32.37 -41.41
C ASN A 40 -32.19 32.95 -42.17
N THR A 41 -31.21 33.47 -41.43
CA THR A 41 -30.01 34.06 -42.01
C THR A 41 -28.73 33.41 -41.50
N THR A 42 -28.84 32.41 -40.62
CA THR A 42 -27.67 31.75 -40.09
C THR A 42 -27.00 30.87 -41.15
N ILE A 43 -25.68 30.89 -41.17
CA ILE A 43 -24.89 30.10 -42.12
C ILE A 43 -23.72 29.47 -41.37
N PRO A 44 -23.76 28.18 -41.07
CA PRO A 44 -22.64 27.52 -40.35
C PRO A 44 -21.48 27.24 -41.31
N ARG A 45 -20.70 28.29 -41.57
CA ARG A 45 -19.56 28.17 -42.47
C ARG A 45 -18.45 27.40 -41.76
N ILE A 46 -17.92 26.38 -42.43
CA ILE A 46 -16.85 25.57 -41.86
C ILE A 46 -15.60 25.78 -42.69
N SER A 47 -14.51 26.19 -42.04
CA SER A 47 -13.26 26.45 -42.73
C SER A 47 -12.65 25.17 -43.28
N GLU A 48 -11.89 25.32 -44.35
CA GLU A 48 -11.22 24.21 -45.02
C GLU A 48 -9.77 24.03 -44.55
N TYR A 49 -9.34 24.78 -43.54
CA TYR A 49 -7.99 24.70 -43.02
C TYR A 49 -8.03 23.93 -41.70
N VAL A 50 -7.30 22.80 -41.66
CA VAL A 50 -7.25 21.94 -40.48
C VAL A 50 -6.24 22.47 -39.47
N VAL A 51 -6.28 21.92 -38.26
CA VAL A 51 -5.36 22.34 -37.21
C VAL A 51 -3.96 21.83 -37.52
N ASP A 52 -2.98 22.73 -37.48
CA ASP A 52 -1.58 22.40 -37.75
C ASP A 52 -0.76 22.87 -36.56
N VAL A 53 -0.40 21.94 -35.67
CA VAL A 53 0.39 22.26 -34.49
C VAL A 53 1.87 21.99 -34.68
N SER A 54 2.30 21.69 -35.91
CA SER A 54 3.71 21.41 -36.17
C SER A 54 4.58 22.66 -36.14
N TYR A 55 3.99 23.86 -36.16
CA TYR A 55 4.76 25.10 -36.13
C TYR A 55 4.45 25.96 -34.92
N GLY A 56 3.94 25.37 -33.84
CA GLY A 56 3.63 26.11 -32.64
C GLY A 56 2.21 26.64 -32.55
N LEU A 57 1.41 26.49 -33.61
CA LEU A 57 0.03 26.98 -33.57
C LEU A 57 -0.78 26.14 -32.60
N GLY A 58 -1.56 26.80 -31.75
CA GLY A 58 -2.37 26.14 -30.75
C GLY A 58 -1.64 25.83 -29.47
N THR A 59 -0.32 25.78 -29.51
CA THR A 59 0.47 25.49 -28.32
C THR A 59 0.53 26.73 -27.43
N TYR A 60 0.27 26.55 -26.14
CA TYR A 60 0.29 27.65 -25.19
C TYR A 60 1.43 27.47 -24.21
N TYR A 61 2.07 28.57 -23.85
CA TYR A 61 3.17 28.55 -22.90
C TYR A 61 2.62 28.24 -21.51
N ILE A 62 3.45 27.58 -20.69
CA ILE A 62 3.04 27.22 -19.35
C ILE A 62 2.87 28.50 -18.53
N LEU A 63 1.93 28.45 -17.56
CA LEU A 63 1.59 29.60 -16.74
C LEU A 63 2.79 30.17 -15.99
N ASP A 64 3.62 29.32 -15.38
CA ASP A 64 4.75 29.85 -14.64
C ASP A 64 6.04 29.11 -15.00
N ARG A 65 5.92 27.82 -15.32
CA ARG A 65 7.09 27.02 -15.67
C ARG A 65 7.64 27.44 -17.03
N VAL A 66 8.96 27.49 -17.13
CA VAL A 66 9.66 27.85 -18.37
C VAL A 66 10.79 26.85 -18.56
N TYR A 67 10.94 26.35 -19.78
CA TYR A 67 11.98 25.38 -20.11
C TYR A 67 12.91 25.95 -21.17
N LEU A 68 14.20 25.60 -21.06
CA LEU A 68 15.22 26.08 -21.98
C LEU A 68 15.94 24.87 -22.58
N ASN A 69 15.90 24.76 -23.91
CA ASN A 69 16.55 23.68 -24.67
C ASN A 69 16.07 22.31 -24.17
N THR A 70 14.78 22.22 -23.86
CA THR A 70 14.18 21.01 -23.33
C THR A 70 13.00 20.55 -24.17
N THR A 71 12.96 19.25 -24.46
CA THR A 71 11.88 18.61 -25.21
C THR A 71 11.20 17.70 -24.20
N ILE A 72 10.28 18.27 -23.41
CA ILE A 72 9.57 17.53 -22.38
C ILE A 72 8.09 17.45 -22.73
N LEU A 73 7.46 16.38 -22.26
CA LEU A 73 6.04 16.17 -22.48
C LEU A 73 5.22 17.12 -21.62
N PHE A 74 3.96 17.30 -22.00
CA PHE A 74 3.07 18.17 -21.26
C PHE A 74 1.64 17.72 -21.52
N THR A 75 1.01 17.13 -20.51
CA THR A 75 -0.38 16.65 -20.63
C THR A 75 -1.33 17.82 -20.34
N GLY A 76 -1.23 18.83 -21.18
CA GLY A 76 -2.03 20.03 -21.09
C GLY A 76 -3.26 19.96 -21.97
N TYR A 77 -3.71 21.12 -22.42
CA TYR A 77 -4.89 21.24 -23.27
C TYR A 77 -4.49 21.86 -24.59
N PHE A 78 -4.62 21.10 -25.67
CA PHE A 78 -4.27 21.53 -27.01
C PHE A 78 -5.37 21.10 -27.98
N PRO A 79 -5.56 21.84 -29.07
CA PRO A 79 -6.60 21.44 -30.04
C PRO A 79 -6.15 20.26 -30.88
N LYS A 80 -7.09 19.34 -31.11
CA LYS A 80 -6.80 18.14 -31.89
C LYS A 80 -6.56 18.49 -33.35
N SER A 81 -5.47 17.98 -33.91
CA SER A 81 -5.16 18.24 -35.30
C SER A 81 -6.06 17.42 -36.22
N GLY A 82 -6.10 17.82 -37.48
CA GLY A 82 -6.93 17.13 -38.44
C GLY A 82 -8.40 17.47 -38.32
N ALA A 83 -8.74 18.50 -37.54
CA ALA A 83 -10.12 18.94 -37.36
C ALA A 83 -10.26 20.31 -37.98
N ASN A 84 -11.22 20.44 -38.90
CA ASN A 84 -11.45 21.71 -39.58
C ASN A 84 -12.04 22.77 -38.65
N PHE A 85 -11.65 24.02 -38.87
CA PHE A 85 -12.14 25.14 -38.07
C PHE A 85 -13.61 25.41 -38.35
N ARG A 86 -14.31 25.84 -37.30
CA ARG A 86 -15.73 26.17 -37.40
C ARG A 86 -15.87 27.68 -37.24
N ASP A 87 -16.28 28.35 -38.32
CA ASP A 87 -16.44 29.79 -38.34
C ASP A 87 -17.69 30.23 -37.60
N LEU A 88 -17.57 31.31 -36.83
CA LEU A 88 -18.66 31.90 -36.07
C LEU A 88 -18.62 33.40 -36.35
N SER A 89 -19.13 33.80 -37.51
CA SER A 89 -19.16 35.20 -37.91
C SER A 89 -20.60 35.67 -37.81
N LEU A 90 -20.89 36.43 -36.76
CA LEU A 90 -22.24 36.94 -36.53
C LEU A 90 -22.18 38.46 -36.46
N LYS A 91 -23.10 39.10 -37.16
CA LYS A 91 -23.16 40.55 -37.20
C LYS A 91 -24.63 40.97 -37.16
N GLY A 92 -24.88 42.26 -37.36
CA GLY A 92 -26.23 42.79 -37.36
C GLY A 92 -26.31 44.14 -38.03
N THR A 93 -27.30 44.32 -38.91
CA THR A 93 -27.50 45.59 -39.63
C THR A 93 -28.94 46.03 -39.38
N THR A 94 -29.14 46.74 -38.26
CA THR A 94 -30.40 47.30 -37.78
C THR A 94 -31.47 46.26 -37.46
N LYS A 95 -31.15 44.97 -37.62
CA LYS A 95 -32.07 43.88 -37.35
C LYS A 95 -31.27 42.67 -36.89
N LEU A 96 -31.91 41.83 -36.07
CA LEU A 96 -31.26 40.63 -35.57
C LEU A 96 -32.29 39.50 -35.53
N SER A 97 -31.82 38.28 -35.78
CA SER A 97 -32.66 37.09 -35.80
C SER A 97 -32.45 36.28 -34.54
N THR A 98 -33.56 35.81 -33.96
CA THR A 98 -33.47 35.00 -32.74
C THR A 98 -33.02 33.58 -33.04
N LEU A 99 -33.06 33.19 -34.32
CA LEU A 99 -32.66 31.86 -34.77
C LEU A 99 -31.16 31.64 -34.58
N TRP A 100 -30.39 32.74 -34.49
CA TRP A 100 -28.95 32.64 -34.30
C TRP A 100 -28.59 32.00 -32.97
N TYR A 101 -29.39 32.25 -31.94
CA TYR A 101 -29.13 31.67 -30.62
C TYR A 101 -29.44 30.17 -30.64
N GLN A 102 -28.88 29.46 -29.67
CA GLN A 102 -29.03 28.01 -29.47
C GLN A 102 -28.46 27.35 -30.73
N LYS A 103 -29.19 26.44 -31.38
CA LYS A 103 -28.66 25.81 -32.58
C LYS A 103 -28.69 26.79 -33.74
N PRO A 104 -27.64 26.81 -34.59
CA PRO A 104 -26.44 25.97 -34.49
C PRO A 104 -25.16 26.70 -34.04
N PHE A 105 -25.20 28.03 -33.90
CA PHE A 105 -24.01 28.77 -33.50
C PHE A 105 -23.65 28.51 -32.05
N LEU A 106 -24.62 28.58 -31.14
CA LEU A 106 -24.35 28.35 -29.72
C LEU A 106 -24.24 26.84 -29.50
N SER A 107 -23.04 26.38 -29.18
CA SER A 107 -22.77 24.98 -28.93
C SER A 107 -22.44 24.79 -27.46
N ASP A 108 -22.45 23.52 -27.03
CA ASP A 108 -22.18 23.18 -25.66
C ASP A 108 -20.67 23.20 -25.40
N PHE A 109 -20.21 24.23 -24.68
CA PHE A 109 -18.79 24.35 -24.33
C PHE A 109 -18.52 23.27 -23.29
N ASN A 110 -17.94 22.16 -23.73
CA ASN A 110 -17.71 21.05 -22.80
C ASN A 110 -16.50 21.27 -21.89
N ASN A 111 -15.29 21.26 -22.44
CA ASN A 111 -14.15 21.42 -21.55
C ASN A 111 -13.23 22.58 -21.93
N GLY A 112 -12.83 22.69 -23.20
CA GLY A 112 -11.96 23.78 -23.59
C GLY A 112 -12.10 24.14 -25.06
N ILE A 113 -11.64 25.36 -25.39
CA ILE A 113 -11.70 25.88 -26.75
C ILE A 113 -10.39 26.58 -27.13
N PHE A 114 -10.26 26.84 -28.43
CA PHE A 114 -9.12 27.53 -29.02
C PHE A 114 -9.67 28.42 -30.13
N SER A 115 -9.43 29.72 -30.03
CA SER A 115 -9.91 30.67 -31.02
C SER A 115 -8.77 31.55 -31.51
N ARG A 116 -8.65 31.67 -32.84
CA ARG A 116 -7.64 32.52 -33.46
C ARG A 116 -8.35 33.66 -34.18
N VAL A 117 -7.81 34.86 -34.08
CA VAL A 117 -8.41 36.05 -34.67
C VAL A 117 -7.46 36.65 -35.71
N LYS A 118 -8.01 36.93 -36.88
CA LYS A 118 -7.26 37.55 -37.97
C LYS A 118 -7.57 39.05 -37.91
N ASN A 119 -6.51 39.86 -37.92
CA ASN A 119 -6.67 41.31 -37.84
C ASN A 119 -7.38 41.85 -39.07
N THR A 120 -8.44 42.63 -38.85
CA THR A 120 -9.22 43.26 -39.92
C THR A 120 -8.74 44.69 -40.05
N LYS A 121 -7.77 44.90 -40.93
CA LYS A 121 -7.21 46.24 -41.13
C LYS A 121 -8.16 47.12 -41.94
N LEU A 122 -9.14 47.70 -41.25
CA LEU A 122 -10.12 48.59 -41.89
C LEU A 122 -9.56 50.01 -41.87
N TYR A 123 -9.68 50.69 -43.00
CA TYR A 123 -9.17 52.04 -43.15
C TYR A 123 -10.29 53.07 -43.02
N VAL A 124 -10.05 54.10 -42.20
CA VAL A 124 -10.98 55.19 -41.96
C VAL A 124 -10.25 56.39 -42.56
N ASN A 125 -10.92 57.55 -42.64
CA ASN A 125 -10.31 58.76 -43.20
C ASN A 125 -9.10 59.20 -42.37
N LYS A 126 -7.91 59.04 -42.97
CA LYS A 126 -6.60 59.39 -42.41
C LYS A 126 -6.26 58.61 -41.13
N THR A 127 -6.99 57.54 -40.82
CA THR A 127 -6.74 56.73 -39.64
C THR A 127 -6.92 55.26 -39.98
N LEU A 128 -6.09 54.41 -39.38
CA LEU A 128 -6.13 52.97 -39.61
C LEU A 128 -6.45 52.27 -38.29
N TYR A 129 -7.61 51.63 -38.22
CA TYR A 129 -8.06 50.93 -37.02
C TYR A 129 -8.26 49.44 -37.34
N SER A 130 -8.54 48.67 -36.30
CA SER A 130 -8.78 47.24 -36.46
C SER A 130 -9.59 46.76 -35.25
N GLU A 131 -10.83 46.36 -35.50
CA GLU A 131 -11.72 45.88 -34.45
C GLU A 131 -12.40 44.59 -34.92
N PHE A 132 -12.60 43.67 -33.98
CA PHE A 132 -13.24 42.40 -34.27
C PHE A 132 -14.40 42.18 -33.30
N SER A 133 -14.93 40.96 -33.28
CA SER A 133 -16.07 40.60 -32.44
C SER A 133 -15.69 40.54 -30.96
N THR A 134 -16.70 40.25 -30.15
CA THR A 134 -16.59 40.14 -28.70
C THR A 134 -16.92 38.71 -28.28
N ILE A 135 -16.06 38.13 -27.44
CA ILE A 135 -16.23 36.76 -26.95
C ILE A 135 -16.76 36.80 -25.51
N VAL A 136 -17.68 35.89 -25.21
CA VAL A 136 -18.29 35.78 -23.89
C VAL A 136 -18.29 34.30 -23.50
N ILE A 137 -18.13 34.03 -22.21
CA ILE A 137 -18.12 32.68 -21.68
C ILE A 137 -19.07 32.63 -20.49
N GLY A 138 -19.70 31.49 -20.28
CA GLY A 138 -20.63 31.34 -19.18
C GLY A 138 -21.21 29.94 -19.16
N SER A 139 -22.09 29.70 -18.20
CA SER A 139 -22.74 28.40 -18.05
C SER A 139 -24.25 28.50 -18.08
N VAL A 140 -24.82 29.51 -17.44
CA VAL A 140 -26.27 29.70 -17.39
C VAL A 140 -26.69 31.12 -17.75
N PHE A 141 -25.78 32.11 -17.66
CA PHE A 141 -26.01 33.52 -17.99
C PHE A 141 -27.13 34.15 -17.15
N ILE A 142 -26.89 34.17 -15.84
CA ILE A 142 -27.79 34.76 -14.85
C ILE A 142 -26.92 35.59 -13.93
N ASN A 143 -27.49 36.09 -12.83
CA ASN A 143 -26.73 36.88 -11.84
C ASN A 143 -25.63 36.11 -11.12
N ASN A 144 -25.40 34.84 -11.48
CA ASN A 144 -24.37 33.99 -10.88
C ASN A 144 -23.53 33.35 -11.99
N SER A 145 -22.76 32.32 -11.62
CA SER A 145 -21.87 31.50 -12.46
C SER A 145 -20.58 32.20 -12.88
N TYR A 146 -20.38 33.47 -12.48
CA TYR A 146 -19.18 34.27 -12.78
C TYR A 146 -18.92 34.36 -14.29
N THR A 147 -19.84 35.03 -14.97
CA THR A 147 -19.72 35.23 -16.40
C THR A 147 -18.57 36.18 -16.71
N ILE A 148 -17.88 35.94 -17.81
CA ILE A 148 -16.74 36.77 -18.23
C ILE A 148 -16.96 37.21 -19.68
N VAL A 149 -16.87 38.51 -19.91
CA VAL A 149 -17.03 39.10 -21.24
C VAL A 149 -15.73 39.82 -21.58
N VAL A 150 -15.18 39.51 -22.76
CA VAL A 150 -13.94 40.11 -23.22
C VAL A 150 -14.23 40.88 -24.50
N GLN A 151 -14.04 42.21 -24.46
CA GLN A 151 -14.32 43.03 -25.63
C GLN A 151 -13.22 44.06 -25.85
N PRO A 152 -12.84 44.30 -27.11
CA PRO A 152 -11.80 45.29 -27.42
C PRO A 152 -12.40 46.65 -27.76
N HIS A 153 -11.60 47.70 -27.51
CA HIS A 153 -12.00 49.07 -27.80
C HIS A 153 -10.88 49.79 -28.55
N ASN A 154 -10.83 49.57 -29.87
CA ASN A 154 -9.87 50.18 -30.78
C ASN A 154 -8.41 50.01 -30.34
N GLY A 155 -7.97 48.76 -30.23
CA GLY A 155 -6.61 48.45 -29.88
C GLY A 155 -6.35 48.05 -28.44
N VAL A 156 -7.33 48.14 -27.55
CA VAL A 156 -7.14 47.77 -26.15
C VAL A 156 -8.27 46.84 -25.73
N LEU A 157 -7.93 45.77 -25.01
CA LEU A 157 -8.90 44.80 -24.53
C LEU A 157 -9.50 45.22 -23.20
N GLU A 158 -10.80 45.01 -23.06
CA GLU A 158 -11.55 45.31 -21.85
C GLU A 158 -12.24 44.02 -21.43
N ILE A 159 -11.95 43.56 -20.21
CA ILE A 159 -12.53 42.33 -19.70
C ILE A 159 -13.39 42.64 -18.49
N THR A 160 -14.60 42.08 -18.47
CA THR A 160 -15.56 42.27 -17.39
C THR A 160 -15.90 40.89 -16.85
N ALA A 161 -15.28 40.52 -15.73
CA ALA A 161 -15.50 39.24 -15.09
C ALA A 161 -16.68 39.24 -14.14
N CYS A 162 -17.43 40.35 -14.08
CA CYS A 162 -18.58 40.45 -13.20
C CYS A 162 -19.70 39.54 -13.69
N GLN A 163 -20.52 39.08 -12.75
CA GLN A 163 -21.63 38.17 -13.04
C GLN A 163 -22.97 38.91 -13.17
N TYR A 164 -22.95 40.11 -13.77
CA TYR A 164 -24.18 40.88 -13.93
C TYR A 164 -25.11 40.22 -14.96
N THR A 165 -26.35 40.70 -14.98
CA THR A 165 -27.34 40.20 -15.90
C THR A 165 -27.11 40.81 -17.29
N MET A 166 -27.73 40.20 -18.30
CA MET A 166 -27.60 40.66 -19.67
C MET A 166 -28.97 40.64 -20.33
N CYS A 167 -29.10 41.45 -21.38
CA CYS A 167 -30.36 41.53 -22.12
C CYS A 167 -30.60 40.27 -22.93
N GLU A 168 -31.87 40.07 -23.30
CA GLU A 168 -32.25 38.91 -24.09
C GLU A 168 -31.65 38.96 -25.49
N TYR A 169 -31.47 40.16 -26.03
CA TYR A 169 -30.91 40.37 -27.37
C TYR A 169 -29.68 41.26 -27.24
N PRO A 170 -28.51 40.68 -26.95
CA PRO A 170 -27.30 41.49 -26.81
C PRO A 170 -26.67 41.85 -28.15
N HIS A 171 -25.96 42.97 -28.15
CA HIS A 171 -25.27 43.48 -29.34
C HIS A 171 -24.25 44.53 -28.91
N THR A 172 -23.20 44.69 -29.72
CA THR A 172 -22.13 45.65 -29.45
C THR A 172 -21.96 46.59 -30.64
N ILE A 173 -21.47 47.80 -30.34
CA ILE A 173 -21.26 48.85 -31.34
C ILE A 173 -19.80 48.98 -31.76
N CYS A 174 -19.57 49.70 -32.86
CA CYS A 174 -18.25 49.96 -33.40
C CYS A 174 -17.86 51.40 -33.13
N LYS A 175 -16.55 51.68 -33.21
CA LYS A 175 -16.06 53.03 -33.03
C LYS A 175 -15.86 53.76 -34.35
N SER A 176 -15.86 53.02 -35.46
CA SER A 176 -15.69 53.63 -36.78
C SER A 176 -17.04 54.00 -37.37
N ILE A 177 -17.14 55.25 -37.84
CA ILE A 177 -18.32 55.86 -38.45
C ILE A 177 -19.50 55.74 -37.48
N GLY A 178 -20.57 55.05 -37.86
CA GLY A 178 -21.73 54.92 -37.00
C GLY A 178 -22.10 53.50 -36.63
N SER A 179 -23.19 53.35 -35.89
CA SER A 179 -23.68 52.05 -35.46
C SER A 179 -25.20 52.00 -35.61
N SER A 180 -25.73 50.78 -35.73
CA SER A 180 -27.17 50.61 -35.89
C SER A 180 -27.90 50.93 -34.59
N ARG A 181 -27.41 50.41 -33.47
CA ARG A 181 -28.03 50.65 -32.17
C ARG A 181 -26.96 51.20 -31.23
N ASN A 182 -27.29 51.29 -29.95
CA ASN A 182 -26.38 51.80 -28.93
C ASN A 182 -25.82 50.65 -28.09
N GLU A 183 -24.73 50.96 -27.37
CA GLU A 183 -24.05 49.99 -26.51
C GLU A 183 -24.87 49.77 -25.25
N SER A 184 -25.90 48.95 -25.38
CA SER A 184 -26.79 48.65 -24.25
C SER A 184 -27.28 47.20 -24.42
N TRP A 185 -26.59 46.27 -23.77
CA TRP A 185 -26.94 44.86 -23.81
C TRP A 185 -27.12 44.29 -22.42
N HIS A 186 -27.23 45.15 -21.41
CA HIS A 186 -27.41 44.73 -20.03
C HIS A 186 -28.17 45.83 -19.30
N PHE A 187 -28.18 45.76 -17.97
CA PHE A 187 -28.85 46.74 -17.12
C PHE A 187 -27.92 47.14 -15.99
N ASP A 188 -26.66 47.42 -16.32
CA ASP A 188 -25.65 47.79 -15.34
C ASP A 188 -25.77 49.27 -14.99
N LYS A 189 -26.65 49.56 -14.05
CA LYS A 189 -26.85 50.92 -13.58
C LYS A 189 -25.92 51.29 -12.44
N SER A 190 -25.15 50.33 -11.93
CA SER A 190 -24.22 50.53 -10.84
C SER A 190 -22.95 49.73 -11.15
N GLU A 191 -22.02 49.72 -10.21
CA GLU A 191 -20.79 48.97 -10.43
C GLU A 191 -20.88 47.57 -9.82
N PRO A 192 -20.68 46.52 -10.61
CA PRO A 192 -20.74 45.16 -10.05
C PRO A 192 -19.39 44.70 -9.53
N LEU A 193 -19.31 43.48 -9.01
CA LEU A 193 -18.07 42.94 -8.47
C LEU A 193 -17.44 42.00 -9.48
N CYS A 194 -16.20 42.30 -9.86
CA CYS A 194 -15.43 41.53 -10.82
C CYS A 194 -14.19 40.92 -10.18
N LEU A 195 -13.87 39.69 -10.57
CA LEU A 195 -12.69 39.01 -10.07
C LEU A 195 -11.45 39.39 -10.84
N PHE A 196 -11.60 40.03 -12.00
CA PHE A 196 -10.49 40.46 -12.84
C PHE A 196 -11.01 41.59 -13.71
N LYS A 197 -10.61 42.82 -13.41
CA LYS A 197 -11.08 43.99 -14.16
C LYS A 197 -9.90 44.93 -14.43
N LYS A 198 -9.38 44.88 -15.66
CA LYS A 198 -8.27 45.73 -16.07
C LYS A 198 -8.23 45.75 -17.59
N ASN A 199 -7.46 46.69 -18.14
CA ASN A 199 -7.32 46.87 -19.58
C ASN A 199 -5.86 46.82 -20.05
N PHE A 200 -5.61 45.98 -21.06
CA PHE A 200 -4.29 45.78 -21.65
C PHE A 200 -4.35 46.12 -23.14
N THR A 201 -3.32 46.81 -23.63
CA THR A 201 -3.23 47.24 -25.02
C THR A 201 -2.31 46.30 -25.79
N TYR A 202 -2.69 45.95 -27.02
CA TYR A 202 -1.91 45.07 -27.88
C TYR A 202 -1.41 45.84 -29.08
N ASN A 203 -0.59 45.17 -29.88
CA ASN A 203 -0.05 45.75 -31.11
C ASN A 203 -1.11 45.58 -32.20
N VAL A 204 -1.81 46.67 -32.51
CA VAL A 204 -2.88 46.66 -33.51
C VAL A 204 -2.35 46.48 -34.93
N SER A 205 -1.06 46.75 -35.15
CA SER A 205 -0.48 46.63 -36.49
C SER A 205 -0.23 45.18 -36.91
N THR A 206 -0.43 44.21 -36.02
CA THR A 206 -0.21 42.81 -36.35
C THR A 206 -1.26 42.30 -37.34
N ASP A 207 -1.09 41.04 -37.76
CA ASP A 207 -1.99 40.41 -38.70
C ASP A 207 -2.79 39.27 -38.10
N TRP A 208 -2.29 38.60 -37.06
CA TRP A 208 -2.99 37.49 -36.44
C TRP A 208 -3.05 37.70 -34.92
N LEU A 209 -3.94 36.93 -34.29
CA LEU A 209 -4.14 37.00 -32.84
C LEU A 209 -4.71 35.66 -32.41
N TYR A 210 -4.01 34.96 -31.51
CA TYR A 210 -4.43 33.65 -31.05
C TYR A 210 -4.87 33.70 -29.59
N PHE A 211 -5.98 33.05 -29.27
CA PHE A 211 -6.52 33.00 -27.92
C PHE A 211 -6.52 31.56 -27.40
N HIS A 212 -6.76 31.42 -26.10
CA HIS A 212 -6.81 30.12 -25.43
C HIS A 212 -7.61 30.25 -24.14
N PHE A 213 -8.62 29.40 -23.97
CA PHE A 213 -9.46 29.43 -22.77
C PHE A 213 -9.83 28.00 -22.40
N TYR A 214 -9.34 27.53 -21.26
CA TYR A 214 -9.63 26.19 -20.76
C TYR A 214 -9.79 26.26 -19.25
N GLN A 215 -10.68 25.42 -18.72
CA GLN A 215 -10.97 25.38 -17.28
C GLN A 215 -10.48 24.08 -16.68
N GLU A 216 -9.81 24.17 -15.54
CA GLU A 216 -9.29 23.02 -14.82
C GLU A 216 -9.48 23.23 -13.33
N ARG A 217 -10.22 22.32 -12.69
CA ARG A 217 -10.52 22.35 -11.25
C ARG A 217 -11.21 23.66 -10.85
N GLY A 218 -12.08 24.16 -11.74
CA GLY A 218 -12.78 25.39 -11.46
C GLY A 218 -11.95 26.64 -11.57
N THR A 219 -10.78 26.56 -12.20
CA THR A 219 -9.88 27.69 -12.36
C THR A 219 -9.84 28.09 -13.84
N PHE A 220 -10.16 29.35 -14.11
CA PHE A 220 -10.18 29.85 -15.47
C PHE A 220 -8.76 30.19 -15.94
N TYR A 221 -8.59 30.26 -17.25
CA TYR A 221 -7.31 30.57 -17.85
C TYR A 221 -7.55 31.45 -19.08
N ALA A 222 -6.51 32.18 -19.47
CA ALA A 222 -6.57 33.05 -20.63
C ALA A 222 -5.17 33.24 -21.17
N TYR A 223 -5.04 33.21 -22.50
CA TYR A 223 -3.75 33.36 -23.15
C TYR A 223 -3.95 34.05 -24.49
N TYR A 224 -3.22 35.14 -24.76
CA TYR A 224 -3.35 35.79 -26.06
C TYR A 224 -1.95 36.17 -26.53
N ALA A 225 -1.78 36.25 -27.86
CA ALA A 225 -0.49 36.60 -28.43
C ALA A 225 -0.71 37.39 -29.71
N ASP A 226 -0.25 38.64 -29.72
CA ASP A 226 -0.38 39.48 -30.90
C ASP A 226 0.63 39.12 -31.98
N SER A 227 1.84 38.71 -31.58
CA SER A 227 2.89 38.34 -32.49
C SER A 227 3.42 36.96 -32.14
N GLY A 228 3.85 36.21 -33.14
CA GLY A 228 4.39 34.87 -32.94
C GLY A 228 3.33 33.80 -33.02
N MET A 229 3.79 32.56 -33.20
CA MET A 229 2.90 31.41 -33.30
C MET A 229 2.33 30.95 -31.96
N PRO A 230 3.10 30.68 -30.89
CA PRO A 230 2.47 30.25 -29.64
C PRO A 230 1.93 31.45 -28.88
N THR A 231 1.38 31.19 -27.70
CA THR A 231 0.79 32.25 -26.86
C THR A 231 1.32 32.18 -25.43
N THR A 232 1.34 33.34 -24.78
CA THR A 232 1.82 33.51 -23.43
C THR A 232 0.70 33.59 -22.40
N PHE A 233 1.08 33.53 -21.14
CA PHE A 233 0.16 33.56 -20.00
C PHE A 233 -0.38 34.96 -19.71
N LEU A 234 -1.66 35.01 -19.33
CA LEU A 234 -2.29 36.29 -19.01
C LEU A 234 -2.75 36.37 -17.54
N PHE A 235 -3.61 35.46 -17.07
CA PHE A 235 -4.03 35.48 -15.67
C PHE A 235 -4.64 34.12 -15.32
N SER A 236 -5.05 34.00 -14.05
CA SER A 236 -5.67 32.79 -13.53
C SER A 236 -6.51 33.17 -12.32
N LEU A 237 -7.74 32.67 -12.27
CA LEU A 237 -8.68 32.94 -11.18
C LEU A 237 -9.18 31.62 -10.61
N TYR A 238 -10.13 31.73 -9.68
CA TYR A 238 -10.75 30.58 -9.03
C TYR A 238 -12.25 30.82 -9.03
N LEU A 239 -12.96 30.14 -9.93
CA LEU A 239 -14.41 30.28 -10.07
C LEU A 239 -15.17 29.18 -9.36
N GLY A 240 -14.85 27.91 -9.65
CA GLY A 240 -15.52 26.77 -9.05
C GLY A 240 -16.70 26.30 -9.86
N THR A 241 -17.47 27.23 -10.43
CA THR A 241 -18.62 26.86 -11.23
C THR A 241 -18.17 26.30 -12.58
N LEU A 242 -18.73 25.16 -12.95
CA LEU A 242 -18.36 24.51 -14.21
C LEU A 242 -18.95 25.29 -15.39
N LEU A 243 -18.08 25.73 -16.29
CA LEU A 243 -18.52 26.48 -17.47
C LEU A 243 -19.18 25.52 -18.45
N SER A 244 -20.21 25.99 -19.15
CA SER A 244 -20.92 25.13 -20.09
C SER A 244 -21.19 25.74 -21.47
N HIS A 245 -21.20 27.07 -21.62
CA HIS A 245 -21.47 27.67 -22.91
C HIS A 245 -20.45 28.75 -23.24
N TYR A 246 -20.64 29.35 -24.41
CA TYR A 246 -19.83 30.42 -24.98
C TYR A 246 -20.58 30.95 -26.19
N TYR A 247 -20.52 32.26 -26.41
CA TYR A 247 -21.23 32.87 -27.53
C TYR A 247 -20.40 33.98 -28.15
N VAL A 248 -20.84 34.42 -29.32
CA VAL A 248 -20.21 35.49 -30.08
C VAL A 248 -21.25 36.60 -30.20
N LEU A 249 -20.96 37.74 -29.59
CA LEU A 249 -21.90 38.87 -29.61
C LEU A 249 -22.01 39.45 -31.01
N PRO A 250 -23.21 39.63 -31.55
CA PRO A 250 -23.35 40.22 -32.88
C PRO A 250 -22.99 41.71 -32.82
N LEU A 251 -22.57 42.24 -33.96
CA LEU A 251 -22.14 43.62 -34.05
C LEU A 251 -23.15 44.43 -34.85
N THR A 252 -23.82 45.38 -34.17
CA THR A 252 -24.76 46.28 -34.83
C THR A 252 -23.92 47.46 -35.34
N CYS A 253 -23.08 47.13 -36.32
CA CYS A 253 -22.13 48.05 -36.90
C CYS A 253 -22.62 48.48 -38.28
N ASN A 254 -22.54 49.78 -38.55
CA ASN A 254 -23.00 50.32 -39.84
C ASN A 254 -22.05 50.00 -40.98
N ALA A 255 -20.75 49.83 -40.73
CA ALA A 255 -19.78 49.54 -41.77
C ALA A 255 -19.00 48.27 -41.46
N ILE A 256 -19.42 47.17 -42.07
CA ILE A 256 -18.77 45.88 -41.90
C ILE A 256 -18.18 45.39 -43.23
N SER A 257 -18.98 45.40 -44.29
CA SER A 257 -18.56 45.00 -45.61
C SER A 257 -18.53 46.17 -46.59
N SER A 258 -19.53 47.06 -46.51
CA SER A 258 -19.66 48.26 -47.34
C SER A 258 -19.60 47.92 -48.83
N ASN A 259 -20.53 47.05 -49.26
CA ASN A 259 -20.66 46.58 -50.65
C ASN A 259 -19.37 45.90 -51.11
N THR A 260 -18.90 44.93 -50.31
CA THR A 260 -17.70 44.15 -50.56
C THR A 260 -16.45 45.02 -50.75
N ASP A 261 -16.30 46.03 -49.90
CA ASP A 261 -15.15 46.92 -49.96
C ASP A 261 -14.36 46.98 -48.66
N ASN A 262 -14.69 46.15 -47.67
CA ASN A 262 -13.99 46.14 -46.40
C ASN A 262 -13.88 44.70 -45.91
N GLU A 263 -13.03 44.51 -44.90
CA GLU A 263 -12.81 43.18 -44.34
C GLU A 263 -14.03 42.73 -43.55
N THR A 264 -14.45 41.48 -43.80
CA THR A 264 -15.59 40.90 -43.10
C THR A 264 -15.08 40.18 -41.85
N LEU A 265 -15.94 39.35 -41.24
CA LEU A 265 -15.59 38.64 -40.01
C LEU A 265 -15.11 37.22 -40.31
N GLN A 266 -14.04 36.82 -39.63
CA GLN A 266 -13.44 35.49 -39.79
C GLN A 266 -13.19 34.87 -38.41
N TYR A 267 -14.19 34.88 -37.54
CA TYR A 267 -14.04 34.34 -36.20
C TYR A 267 -14.18 32.81 -36.20
N TRP A 268 -13.14 32.10 -35.75
CA TRP A 268 -13.13 30.65 -35.67
C TRP A 268 -12.86 30.17 -34.25
N VAL A 269 -13.46 29.03 -33.91
CA VAL A 269 -13.34 28.39 -32.60
C VAL A 269 -12.99 26.92 -32.85
N THR A 270 -12.28 26.30 -31.90
CA THR A 270 -11.88 24.90 -32.02
C THR A 270 -11.91 24.24 -30.63
N PRO A 271 -12.64 23.15 -30.46
CA PRO A 271 -12.71 22.51 -29.14
C PRO A 271 -11.40 21.83 -28.76
N LEU A 272 -11.21 21.66 -27.46
CA LEU A 272 -10.03 21.06 -26.86
C LEU A 272 -10.38 19.78 -26.12
N SER A 273 -9.33 19.05 -25.72
CA SER A 273 -9.47 17.80 -25.00
C SER A 273 -8.15 17.52 -24.27
N LYS A 274 -8.21 16.58 -23.33
CA LYS A 274 -7.04 16.20 -22.54
C LYS A 274 -6.06 15.39 -23.38
N ARG A 275 -5.07 16.07 -23.96
CA ARG A 275 -4.05 15.43 -24.80
C ARG A 275 -2.66 15.77 -24.25
N GLN A 276 -1.64 15.29 -24.95
CA GLN A 276 -0.26 15.53 -24.57
C GLN A 276 0.59 15.73 -25.81
N TYR A 277 1.56 16.65 -25.71
CA TYR A 277 2.44 16.94 -26.83
C TYR A 277 3.91 16.74 -26.48
N LEU A 278 4.79 17.06 -27.42
CA LEU A 278 6.24 16.99 -27.28
C LEU A 278 6.72 18.36 -27.75
N LEU A 279 6.78 19.31 -26.82
CA LEU A 279 7.18 20.67 -27.14
C LEU A 279 8.71 20.78 -27.18
N LYS A 280 9.23 21.26 -28.30
CA LYS A 280 10.66 21.44 -28.48
C LYS A 280 11.00 22.91 -28.28
N PHE A 281 11.88 23.19 -27.32
CA PHE A 281 12.30 24.55 -27.00
C PHE A 281 13.68 24.81 -27.58
N ASP A 282 13.86 26.00 -28.14
CA ASP A 282 15.14 26.38 -28.73
C ASP A 282 16.07 26.93 -27.65
N ASP A 283 17.17 27.55 -28.07
CA ASP A 283 18.13 28.11 -27.11
C ASP A 283 17.54 29.32 -26.40
N ARG A 284 16.58 29.99 -27.00
CA ARG A 284 15.93 31.16 -26.40
C ARG A 284 14.58 30.82 -25.80
N GLY A 285 14.25 29.53 -25.66
CA GLY A 285 12.98 29.12 -25.10
C GLY A 285 11.79 29.45 -25.98
N VAL A 286 11.92 29.24 -27.30
CA VAL A 286 10.86 29.52 -28.26
C VAL A 286 10.40 28.19 -28.86
N ILE A 287 9.09 27.95 -28.83
CA ILE A 287 8.54 26.72 -29.38
C ILE A 287 8.63 26.75 -30.90
N THR A 288 9.19 25.68 -31.48
CA THR A 288 9.34 25.56 -32.92
C THR A 288 8.52 24.42 -33.51
N ASN A 289 8.65 23.21 -32.96
CA ASN A 289 7.93 22.05 -33.44
C ASN A 289 7.24 21.35 -32.28
N ALA A 290 6.07 20.79 -32.56
CA ALA A 290 5.30 20.06 -31.55
C ALA A 290 4.71 18.81 -32.17
N VAL A 291 4.70 17.72 -31.40
CA VAL A 291 4.19 16.43 -31.85
C VAL A 291 2.79 16.25 -31.27
N ASP A 292 1.84 15.84 -32.12
CA ASP A 292 0.45 15.68 -31.69
C ASP A 292 0.27 14.55 -30.68
N CYS A 293 0.96 13.42 -30.90
CA CYS A 293 0.97 12.16 -30.15
C CYS A 293 -0.30 11.35 -30.39
N SER A 294 -1.30 11.88 -31.10
CA SER A 294 -2.53 11.15 -31.34
C SER A 294 -3.07 11.30 -32.76
N SER A 295 -2.42 12.07 -33.62
CA SER A 295 -2.90 12.25 -34.99
C SER A 295 -2.82 10.94 -35.77
N SER A 296 -1.72 10.21 -35.61
CA SER A 296 -1.51 8.94 -36.28
C SER A 296 -0.45 8.18 -35.48
N PHE A 297 0.01 7.06 -36.04
CA PHE A 297 1.02 6.26 -35.37
C PHE A 297 2.38 6.94 -35.43
N PHE A 298 2.59 7.79 -36.45
CA PHE A 298 3.83 8.51 -36.60
C PHE A 298 4.08 9.45 -35.43
N SER A 299 3.03 10.16 -34.99
CA SER A 299 3.17 11.07 -33.86
C SER A 299 3.44 10.30 -32.57
N GLU A 300 2.85 9.11 -32.43
CA GLU A 300 3.09 8.29 -31.25
C GLU A 300 4.54 7.84 -31.18
N ILE A 301 5.09 7.36 -32.31
CA ILE A 301 6.49 6.94 -32.32
C ILE A 301 7.40 8.14 -32.12
N GLN A 302 7.01 9.30 -32.65
CA GLN A 302 7.83 10.51 -32.50
C GLN A 302 7.92 10.94 -31.04
N CYS A 303 6.79 11.04 -30.35
CA CYS A 303 6.84 11.45 -28.95
C CYS A 303 7.07 10.31 -27.98
N LYS A 304 7.27 9.08 -28.46
CA LYS A 304 7.55 7.98 -27.54
C LYS A 304 8.98 8.03 -27.02
N THR A 305 9.92 8.49 -27.84
CA THR A 305 11.33 8.58 -27.45
C THR A 305 11.80 10.02 -27.24
N LYS A 306 10.87 10.98 -27.16
CA LYS A 306 11.15 12.40 -26.95
C LYS A 306 12.12 12.96 -28.00
N SER A 307 11.92 12.59 -29.26
CA SER A 307 12.78 13.07 -30.34
C SER A 307 11.96 13.21 -31.61
N LEU A 308 12.21 14.30 -32.35
CA LEU A 308 11.47 14.54 -33.59
C LEU A 308 11.78 13.47 -34.64
N LEU A 309 12.99 12.91 -34.61
CA LEU A 309 13.40 11.87 -35.54
C LEU A 309 13.88 10.69 -34.69
N PRO A 310 12.98 9.81 -34.26
CA PRO A 310 13.38 8.67 -33.43
C PRO A 310 14.23 7.67 -34.20
N ASN A 311 14.98 6.88 -33.44
CA ASN A 311 15.87 5.88 -34.00
C ASN A 311 15.08 4.74 -34.64
N THR A 312 15.78 3.96 -35.45
CA THR A 312 15.17 2.83 -36.14
C THR A 312 14.85 1.70 -35.16
N GLY A 313 13.97 0.82 -35.59
CA GLY A 313 13.54 -0.32 -34.80
C GLY A 313 12.03 -0.45 -34.76
N VAL A 314 11.58 -1.53 -34.13
CA VAL A 314 10.15 -1.79 -34.00
C VAL A 314 9.62 -1.04 -32.79
N TYR A 315 8.44 -0.47 -32.93
CA TYR A 315 7.80 0.31 -31.86
C TYR A 315 6.41 -0.26 -31.59
N ASP A 316 6.27 -0.94 -30.46
CA ASP A 316 4.97 -1.50 -30.08
C ASP A 316 4.14 -0.37 -29.47
N LEU A 317 3.17 0.13 -30.23
CA LEU A 317 2.34 1.24 -29.76
C LEU A 317 1.36 0.83 -28.67
N SER A 318 1.77 1.01 -27.41
CA SER A 318 0.92 0.68 -26.27
C SER A 318 -0.12 1.77 -26.11
N GLY A 319 -1.38 1.45 -26.36
CA GLY A 319 -2.45 2.42 -26.26
C GLY A 319 -3.12 2.68 -27.60
N PHE A 320 -3.13 1.64 -28.44
CA PHE A 320 -3.74 1.75 -29.77
C PHE A 320 -5.26 1.88 -29.64
N THR A 321 -5.81 2.77 -30.46
CA THR A 321 -7.26 3.00 -30.44
C THR A 321 -8.00 1.76 -30.94
N VAL A 322 -9.04 1.36 -30.22
CA VAL A 322 -9.81 0.18 -30.59
C VAL A 322 -11.26 0.55 -30.88
N LYS A 323 -11.71 1.70 -30.34
CA LYS A 323 -13.07 2.25 -30.48
C LYS A 323 -14.11 1.24 -30.00
N PRO A 324 -14.22 1.00 -28.70
CA PRO A 324 -15.20 0.03 -28.21
C PRO A 324 -16.58 0.61 -27.99
N VAL A 325 -17.50 -0.20 -27.50
CA VAL A 325 -18.88 0.23 -27.23
C VAL A 325 -19.05 0.39 -25.73
N ALA A 326 -20.11 1.13 -25.36
CA ALA A 326 -20.41 1.40 -23.96
C ALA A 326 -21.36 0.35 -23.41
N THR A 327 -21.10 -0.08 -22.18
CA THR A 327 -21.91 -1.08 -21.49
C THR A 327 -22.33 -0.55 -20.12
N VAL A 328 -23.64 -0.43 -19.90
CA VAL A 328 -24.22 0.08 -18.66
C VAL A 328 -25.52 -0.66 -18.35
N HIS A 329 -26.09 -0.35 -17.18
CA HIS A 329 -27.35 -0.87 -16.63
C HIS A 329 -27.45 -2.41 -16.69
N ARG A 330 -26.60 -3.05 -15.89
CA ARG A 330 -26.61 -4.51 -15.81
C ARG A 330 -27.93 -4.98 -15.22
N ARG A 331 -28.48 -6.07 -15.78
CA ARG A 331 -29.76 -6.60 -15.33
C ARG A 331 -29.60 -7.96 -14.65
N ILE A 332 -30.35 -8.14 -13.57
CA ILE A 332 -30.39 -9.36 -12.76
C ILE A 332 -31.47 -10.24 -13.41
N PRO A 333 -31.64 -11.51 -13.02
CA PRO A 333 -32.69 -12.33 -13.64
C PRO A 333 -34.09 -11.74 -13.40
N ASP A 334 -34.94 -11.90 -14.41
CA ASP A 334 -36.30 -11.37 -14.38
C ASP A 334 -37.17 -12.08 -13.34
N LEU A 335 -38.24 -11.38 -12.95
CA LEU A 335 -39.29 -11.72 -12.00
C LEU A 335 -40.60 -11.98 -12.75
N PRO A 336 -41.48 -12.84 -12.22
CA PRO A 336 -42.76 -13.09 -12.90
C PRO A 336 -43.63 -11.85 -12.98
N ASP A 337 -44.39 -11.76 -14.06
CA ASP A 337 -45.27 -10.63 -14.32
C ASP A 337 -46.60 -10.78 -13.58
N CYS A 338 -47.34 -9.66 -13.53
CA CYS A 338 -48.64 -9.62 -12.87
C CYS A 338 -49.78 -10.15 -13.75
N ASP A 339 -49.53 -10.34 -15.06
CA ASP A 339 -50.52 -10.83 -16.02
C ASP A 339 -51.75 -9.94 -16.06
N ILE A 340 -51.52 -8.62 -16.07
CA ILE A 340 -52.62 -7.66 -16.11
C ILE A 340 -53.31 -7.69 -17.48
N ASP A 341 -52.54 -7.82 -18.55
CA ASP A 341 -53.10 -7.85 -19.90
C ASP A 341 -54.01 -9.06 -20.10
N LYS A 342 -53.73 -10.17 -19.42
CA LYS A 342 -54.58 -11.34 -19.54
C LYS A 342 -55.91 -11.14 -18.82
N TRP A 343 -55.94 -10.27 -17.81
CA TRP A 343 -57.17 -10.02 -17.07
C TRP A 343 -58.01 -8.92 -17.72
N LEU A 344 -57.38 -7.88 -18.26
CA LEU A 344 -58.13 -6.81 -18.91
C LEU A 344 -58.76 -7.28 -20.21
N ASN A 345 -58.12 -8.21 -20.92
CA ASN A 345 -58.63 -8.72 -22.17
C ASN A 345 -59.49 -9.98 -21.98
N ASN A 346 -60.07 -10.15 -20.79
CA ASN A 346 -60.91 -11.31 -20.52
C ASN A 346 -62.22 -11.22 -21.27
N PHE A 347 -62.66 -12.35 -21.82
CA PHE A 347 -63.91 -12.39 -22.57
C PHE A 347 -65.14 -12.36 -21.67
N ASN A 348 -64.98 -12.67 -20.38
CA ASN A 348 -66.11 -12.68 -19.44
C ASN A 348 -66.20 -11.30 -18.78
N VAL A 349 -66.76 -10.35 -19.51
CA VAL A 349 -66.91 -9.00 -18.98
C VAL A 349 -68.02 -8.98 -17.93
N PRO A 350 -67.86 -8.26 -16.83
CA PRO A 350 -68.89 -8.21 -15.79
C PRO A 350 -69.82 -7.02 -15.94
N SER A 351 -70.95 -7.10 -15.25
CA SER A 351 -71.95 -6.06 -15.25
C SER A 351 -71.53 -4.92 -14.31
N PRO A 352 -72.05 -3.71 -14.52
CA PRO A 352 -71.70 -2.59 -13.63
C PRO A 352 -72.14 -2.78 -12.19
N LEU A 353 -73.13 -3.63 -11.93
CA LEU A 353 -73.57 -3.85 -10.55
C LEU A 353 -72.55 -4.64 -9.75
N ASN A 354 -71.83 -5.56 -10.40
CA ASN A 354 -70.82 -6.40 -9.74
C ASN A 354 -69.50 -6.30 -10.50
N TRP A 355 -68.69 -5.31 -10.15
CA TRP A 355 -67.40 -5.13 -10.80
C TRP A 355 -66.39 -6.11 -10.23
N GLU A 356 -65.51 -6.63 -11.11
CA GLU A 356 -64.50 -7.58 -10.67
C GLU A 356 -63.40 -6.87 -9.88
N ARG A 357 -63.02 -7.46 -8.75
CA ARG A 357 -61.99 -6.92 -7.89
C ARG A 357 -60.73 -7.77 -8.03
N LYS A 358 -59.63 -7.12 -8.40
CA LYS A 358 -58.35 -7.80 -8.58
C LYS A 358 -57.23 -6.96 -7.97
N ILE A 359 -56.41 -7.60 -7.14
CA ILE A 359 -55.30 -6.94 -6.46
C ILE A 359 -54.01 -7.63 -6.89
N PHE A 360 -53.03 -6.85 -7.34
CA PHE A 360 -51.74 -7.35 -7.77
C PHE A 360 -50.68 -6.92 -6.76
N SER A 361 -49.92 -7.88 -6.24
CA SER A 361 -48.89 -7.58 -5.26
C SER A 361 -47.64 -8.41 -5.53
N ASN A 362 -46.49 -7.76 -5.41
CA ASN A 362 -45.16 -8.34 -5.59
C ASN A 362 -45.00 -9.01 -6.96
N CYS A 363 -45.07 -8.17 -7.99
CA CYS A 363 -44.92 -8.61 -9.38
C CYS A 363 -44.49 -7.41 -10.19
N ASN A 364 -44.35 -7.60 -11.50
CA ASN A 364 -43.93 -6.54 -12.40
C ASN A 364 -44.85 -6.49 -13.61
N PHE A 365 -44.83 -5.34 -14.29
CA PHE A 365 -45.64 -5.15 -15.48
C PHE A 365 -45.02 -4.05 -16.32
N ASN A 366 -45.41 -4.01 -17.59
CA ASN A 366 -44.93 -3.01 -18.53
C ASN A 366 -46.11 -2.18 -19.02
N LEU A 367 -46.02 -0.87 -18.84
CA LEU A 367 -47.12 0.03 -19.24
C LEU A 367 -47.17 0.20 -20.76
N SER A 368 -46.00 0.29 -21.42
CA SER A 368 -45.98 0.48 -22.85
C SER A 368 -46.57 -0.72 -23.60
N THR A 369 -46.16 -1.94 -23.21
CA THR A 369 -46.69 -3.14 -23.84
C THR A 369 -48.17 -3.31 -23.54
N LEU A 370 -48.59 -2.93 -22.33
CA LEU A 370 -50.00 -3.05 -21.95
C LEU A 370 -50.85 -2.11 -22.78
N LEU A 371 -50.41 -0.85 -22.95
CA LEU A 371 -51.16 0.11 -23.74
C LEU A 371 -51.14 -0.24 -25.22
N ARG A 372 -50.05 -0.83 -25.70
CA ARG A 372 -49.97 -1.21 -27.11
C ARG A 372 -50.85 -2.44 -27.40
N LEU A 373 -50.93 -3.36 -26.44
CA LEU A 373 -51.73 -4.56 -26.62
C LEU A 373 -53.23 -4.29 -26.49
N VAL A 374 -53.63 -3.37 -25.63
CA VAL A 374 -55.06 -3.07 -25.44
C VAL A 374 -55.47 -2.02 -26.46
N HIS A 375 -56.76 -2.03 -26.81
CA HIS A 375 -57.30 -1.07 -27.78
C HIS A 375 -57.84 0.14 -27.02
N THR A 376 -56.90 0.89 -26.43
CA THR A 376 -57.26 2.07 -25.66
C THR A 376 -57.70 3.21 -26.58
N ASP A 377 -58.48 4.11 -26.01
CA ASP A 377 -59.00 5.28 -26.72
C ASP A 377 -58.68 6.59 -26.02
N SER A 378 -58.67 6.60 -24.69
CA SER A 378 -58.35 7.81 -23.94
C SER A 378 -57.71 7.41 -22.62
N PHE A 379 -56.99 8.37 -22.03
CA PHE A 379 -56.31 8.13 -20.76
C PHE A 379 -56.34 9.41 -19.94
N SER A 380 -57.02 9.35 -18.80
CA SER A 380 -57.13 10.49 -17.89
C SER A 380 -56.81 10.04 -16.47
N CYS A 381 -56.32 10.99 -15.67
CA CYS A 381 -55.96 10.69 -14.29
C CYS A 381 -56.40 11.85 -13.39
N ASN A 382 -56.63 11.54 -12.13
CA ASN A 382 -57.05 12.51 -11.13
C ASN A 382 -55.91 12.72 -10.15
N ASN A 383 -55.42 13.97 -10.07
CA ASN A 383 -54.31 14.38 -9.20
C ASN A 383 -53.04 13.58 -9.47
N PHE A 384 -52.87 13.17 -10.73
CA PHE A 384 -51.70 12.38 -11.13
C PHE A 384 -51.55 12.52 -12.64
N ASP A 385 -50.37 12.16 -13.14
CA ASP A 385 -50.07 12.22 -14.56
C ASP A 385 -49.39 10.93 -15.00
N GLU A 386 -49.55 10.61 -16.28
CA GLU A 386 -48.95 9.40 -16.83
C GLU A 386 -47.43 9.50 -16.94
N SER A 387 -46.88 10.71 -16.93
CA SER A 387 -45.44 10.88 -17.02
C SER A 387 -44.73 10.62 -15.70
N LYS A 388 -45.46 10.65 -14.58
CA LYS A 388 -44.85 10.40 -13.27
C LYS A 388 -44.88 8.93 -12.89
N ILE A 389 -45.48 8.07 -13.71
CA ILE A 389 -45.51 6.65 -13.42
C ILE A 389 -44.10 6.07 -13.57
N TYR A 390 -43.32 6.62 -14.51
CA TYR A 390 -41.97 6.17 -14.78
C TYR A 390 -41.04 6.68 -13.69
N GLY A 391 -40.54 5.78 -12.85
CA GLY A 391 -39.64 6.16 -11.78
C GLY A 391 -40.22 5.94 -10.39
N SER A 392 -41.50 6.25 -10.23
CA SER A 392 -42.18 6.08 -8.94
C SER A 392 -42.73 4.66 -8.85
N CYS A 393 -42.68 4.10 -7.65
CA CYS A 393 -43.16 2.74 -7.41
C CYS A 393 -44.30 2.77 -6.40
N PHE A 394 -45.36 2.02 -6.68
CA PHE A 394 -46.53 1.96 -5.82
C PHE A 394 -46.53 0.72 -4.93
N LYS A 395 -47.34 0.78 -3.87
CA LYS A 395 -47.43 -0.34 -2.94
C LYS A 395 -48.18 -1.51 -3.56
N SER A 396 -49.33 -1.24 -4.19
CA SER A 396 -50.14 -2.28 -4.80
C SER A 396 -50.93 -1.67 -5.94
N ILE A 397 -51.50 -2.53 -6.77
CA ILE A 397 -52.29 -2.13 -7.93
C ILE A 397 -53.72 -2.61 -7.73
N VAL A 398 -54.67 -1.67 -7.79
CA VAL A 398 -56.10 -1.96 -7.65
C VAL A 398 -56.77 -1.54 -8.94
N LEU A 399 -57.56 -2.44 -9.52
CA LEU A 399 -58.24 -2.15 -10.79
C LEU A 399 -59.73 -2.46 -10.69
N ASP A 400 -60.48 -1.80 -11.57
CA ASP A 400 -61.92 -1.95 -11.68
C ASP A 400 -62.26 -2.26 -13.12
N LYS A 401 -63.35 -3.00 -13.33
CA LYS A 401 -63.76 -3.38 -14.67
C LYS A 401 -65.26 -3.60 -14.72
N PHE A 402 -65.94 -2.89 -15.62
CA PHE A 402 -67.37 -3.02 -15.81
C PHE A 402 -67.75 -2.45 -17.17
N ALA A 403 -68.84 -2.96 -17.74
CA ALA A 403 -69.30 -2.53 -19.05
C ALA A 403 -69.81 -1.09 -19.02
N ILE A 404 -69.70 -0.42 -20.16
CA ILE A 404 -70.14 0.96 -20.34
C ILE A 404 -71.35 0.96 -21.27
N PRO A 405 -72.51 1.42 -20.83
CA PRO A 405 -73.68 1.45 -21.72
C PRO A 405 -73.52 2.54 -22.77
N ASN A 406 -74.24 2.35 -23.89
CA ASN A 406 -74.18 3.31 -24.98
C ASN A 406 -74.84 4.63 -24.60
N SER A 407 -75.96 4.58 -23.90
CA SER A 407 -76.69 5.77 -23.49
C SER A 407 -76.17 6.35 -22.17
N ARG A 408 -75.22 5.69 -21.52
CA ARG A 408 -74.69 6.18 -20.25
C ARG A 408 -73.19 6.45 -20.36
N ARG A 409 -72.78 7.12 -21.44
CA ARG A 409 -71.38 7.45 -21.68
C ARG A 409 -71.04 8.89 -21.34
N SER A 410 -71.95 9.82 -21.61
CA SER A 410 -71.72 11.24 -21.35
C SER A 410 -71.75 11.60 -19.86
N ASP A 411 -72.18 10.70 -18.99
CA ASP A 411 -72.24 10.98 -17.55
C ASP A 411 -71.20 10.19 -16.77
N LEU A 412 -70.11 9.77 -17.41
CA LEU A 412 -69.05 9.02 -16.75
C LEU A 412 -67.97 9.92 -16.15
N GLN A 413 -68.06 11.23 -16.33
CA GLN A 413 -67.06 12.14 -15.80
C GLN A 413 -67.17 12.23 -14.28
N LEU A 414 -66.06 12.63 -13.66
CA LEU A 414 -66.02 12.76 -12.22
C LEU A 414 -66.87 13.94 -11.76
N GLY A 415 -67.63 13.72 -10.68
CA GLY A 415 -68.50 14.73 -10.13
C GLY A 415 -69.89 14.79 -10.74
N SER A 416 -70.16 13.99 -11.76
CA SER A 416 -71.47 14.00 -12.39
C SER A 416 -72.50 13.31 -11.49
N SER A 417 -73.67 13.92 -11.37
CA SER A 417 -74.75 13.38 -10.54
C SER A 417 -75.70 12.50 -11.35
N GLY A 418 -75.14 11.50 -12.03
CA GLY A 418 -75.92 10.59 -12.84
C GLY A 418 -76.45 9.41 -12.03
N PHE A 419 -77.17 8.54 -12.73
CA PHE A 419 -77.73 7.35 -12.07
C PHE A 419 -76.65 6.33 -11.75
N LEU A 420 -75.56 6.30 -12.53
CA LEU A 420 -74.49 5.34 -12.28
C LEU A 420 -73.73 5.69 -11.00
N GLN A 421 -73.33 6.95 -10.86
CA GLN A 421 -72.59 7.38 -9.68
C GLN A 421 -73.46 7.47 -8.42
N SER A 422 -74.77 7.34 -8.54
CA SER A 422 -75.66 7.42 -7.40
C SER A 422 -76.10 6.06 -6.86
N SER A 423 -76.18 5.03 -7.71
CA SER A 423 -76.61 3.73 -7.22
C SER A 423 -75.86 2.54 -7.82
N ASN A 424 -74.83 2.75 -8.63
CA ASN A 424 -74.09 1.64 -9.24
C ASN A 424 -72.65 1.55 -8.75
N TYR A 425 -71.87 2.61 -8.91
CA TYR A 425 -70.48 2.61 -8.49
C TYR A 425 -70.03 4.04 -8.22
N LYS A 426 -69.24 4.22 -7.16
CA LYS A 426 -68.73 5.52 -6.78
C LYS A 426 -67.24 5.59 -7.10
N ILE A 427 -66.82 6.71 -7.69
CA ILE A 427 -65.43 6.93 -8.08
C ILE A 427 -64.79 7.82 -7.02
N ASP A 428 -63.67 7.35 -6.45
CA ASP A 428 -62.97 8.12 -5.43
C ASP A 428 -62.27 9.32 -6.05
N THR A 429 -62.34 10.46 -5.36
CA THR A 429 -61.72 11.70 -5.82
C THR A 429 -60.65 12.24 -4.89
N THR A 430 -60.65 11.85 -3.61
CA THR A 430 -59.65 12.32 -2.66
C THR A 430 -58.33 11.58 -2.76
N SER A 431 -58.27 10.51 -3.54
CA SER A 431 -57.04 9.73 -3.71
C SER A 431 -56.64 9.75 -5.18
N SER A 432 -55.36 9.45 -5.41
CA SER A 432 -54.83 9.44 -6.77
C SER A 432 -55.37 8.23 -7.52
N SER A 433 -55.95 8.49 -8.69
CA SER A 433 -56.51 7.43 -9.51
C SER A 433 -56.44 7.84 -10.98
N CYS A 434 -56.50 6.83 -11.85
CA CYS A 434 -56.45 7.05 -13.29
C CYS A 434 -57.64 6.37 -13.95
N GLN A 435 -58.12 6.97 -15.03
CA GLN A 435 -59.25 6.45 -15.79
C GLN A 435 -58.78 5.99 -17.16
N LEU A 436 -59.06 4.74 -17.48
CA LEU A 436 -58.68 4.14 -18.76
C LEU A 436 -59.94 3.77 -19.53
N TYR A 437 -60.01 4.20 -20.78
CA TYR A 437 -61.15 3.94 -21.65
C TYR A 437 -60.69 3.07 -22.81
N TYR A 438 -60.95 1.76 -22.73
CA TYR A 438 -60.59 0.82 -23.77
C TYR A 438 -61.84 0.14 -24.30
N SER A 439 -61.72 -0.42 -25.49
CA SER A 439 -62.84 -1.09 -26.15
C SER A 439 -62.46 -2.53 -26.50
N LEU A 440 -63.47 -3.38 -26.57
CA LEU A 440 -63.34 -4.79 -26.91
C LEU A 440 -64.32 -5.13 -28.01
N PRO A 441 -63.99 -6.12 -28.85
CA PRO A 441 -64.91 -6.50 -29.94
C PRO A 441 -66.21 -7.07 -29.42
N ALA A 442 -67.27 -6.92 -30.23
CA ALA A 442 -68.58 -7.43 -29.85
C ALA A 442 -68.61 -8.95 -29.76
N ILE A 443 -67.83 -9.62 -30.60
CA ILE A 443 -67.81 -11.08 -30.57
C ILE A 443 -67.05 -11.56 -29.33
N ASN A 444 -67.34 -12.81 -28.94
CA ASN A 444 -66.73 -13.47 -27.77
C ASN A 444 -66.97 -12.68 -26.49
N VAL A 445 -68.20 -12.20 -26.30
CA VAL A 445 -68.59 -11.42 -25.14
C VAL A 445 -69.64 -12.21 -24.37
N THR A 446 -69.39 -12.49 -23.10
CA THR A 446 -70.30 -13.22 -22.24
C THR A 446 -70.59 -12.34 -21.02
N ILE A 447 -71.87 -11.96 -20.87
CA ILE A 447 -72.25 -11.11 -19.74
C ILE A 447 -72.49 -11.96 -18.50
N ASN A 448 -72.39 -11.30 -17.34
CA ASN A 448 -72.60 -11.96 -16.05
C ASN A 448 -73.37 -10.98 -15.18
N ASN A 449 -74.64 -11.28 -14.92
CA ASN A 449 -75.50 -10.42 -14.12
C ASN A 449 -75.81 -11.10 -12.80
N TYR A 450 -75.49 -10.43 -11.70
CA TYR A 450 -75.72 -10.96 -10.36
C TYR A 450 -75.71 -9.81 -9.36
N ASN A 451 -76.77 -9.70 -8.56
CA ASN A 451 -76.85 -8.64 -7.57
C ASN A 451 -75.99 -8.95 -6.35
N PRO A 452 -75.08 -8.07 -5.95
CA PRO A 452 -74.22 -8.31 -4.78
C PRO A 452 -74.87 -7.85 -3.48
N SER A 453 -76.00 -8.47 -3.13
CA SER A 453 -76.72 -8.15 -1.92
C SER A 453 -77.17 -9.43 -1.24
N SER A 454 -77.37 -9.35 0.08
CA SER A 454 -77.79 -10.50 0.87
C SER A 454 -79.32 -10.64 0.94
N TRP A 455 -80.00 -9.59 1.40
CA TRP A 455 -81.45 -9.64 1.52
C TRP A 455 -82.14 -9.66 0.16
N ASN A 456 -81.52 -9.08 -0.86
CA ASN A 456 -82.13 -9.06 -2.19
C ASN A 456 -82.17 -10.46 -2.80
N ARG A 457 -81.08 -11.23 -2.64
CA ARG A 457 -81.03 -12.58 -3.20
C ARG A 457 -81.70 -13.59 -2.28
N ARG A 458 -81.63 -13.40 -0.96
CA ARG A 458 -82.23 -14.35 -0.03
C ARG A 458 -83.76 -14.29 -0.04
N TYR A 459 -84.34 -13.15 -0.37
CA TYR A 459 -85.80 -13.01 -0.38
C TYR A 459 -86.37 -13.25 -1.78
N GLY A 460 -86.32 -14.51 -2.18
CA GLY A 460 -86.84 -14.96 -3.47
C GLY A 460 -86.35 -14.29 -4.73
N PHE A 461 -85.08 -14.50 -5.08
CA PHE A 461 -84.51 -13.92 -6.29
C PHE A 461 -83.91 -15.03 -7.13
N ASN A 462 -84.39 -15.18 -8.36
CA ASN A 462 -83.89 -16.20 -9.27
C ASN A 462 -82.77 -15.62 -10.13
N ASN A 463 -82.39 -16.35 -11.17
CA ASN A 463 -81.33 -15.88 -12.06
C ASN A 463 -81.82 -14.70 -12.90
N PHE A 464 -80.87 -13.86 -13.31
CA PHE A 464 -81.18 -12.67 -14.11
C PHE A 464 -81.50 -13.12 -15.54
N ASN A 465 -82.80 -13.24 -15.83
CA ASN A 465 -83.27 -13.65 -17.16
C ASN A 465 -83.28 -12.43 -18.06
N LEU A 466 -82.13 -12.14 -18.68
CA LEU A 466 -81.98 -11.00 -19.58
C LEU A 466 -81.50 -11.48 -20.94
N SER A 467 -81.55 -10.57 -21.91
CA SER A 467 -81.12 -10.88 -23.26
C SER A 467 -79.59 -10.85 -23.37
N SER A 468 -79.10 -11.27 -24.53
CA SER A 468 -77.66 -11.28 -24.76
C SER A 468 -77.12 -9.87 -24.92
N HIS A 469 -75.91 -9.64 -24.40
CA HIS A 469 -75.22 -8.35 -24.44
C HIS A 469 -76.07 -7.23 -23.82
N SER A 470 -76.72 -7.54 -22.71
CA SER A 470 -77.57 -6.58 -22.01
C SER A 470 -76.81 -6.03 -20.81
N VAL A 471 -76.56 -4.73 -20.82
CA VAL A 471 -75.85 -4.06 -19.73
C VAL A 471 -76.90 -3.49 -18.78
N VAL A 472 -77.09 -4.16 -17.65
CA VAL A 472 -78.07 -3.74 -16.65
C VAL A 472 -77.43 -2.70 -15.74
N TYR A 473 -78.21 -1.69 -15.37
CA TYR A 473 -77.75 -0.63 -14.48
C TYR A 473 -78.90 -0.21 -13.59
N SER A 474 -78.64 -0.13 -12.28
CA SER A 474 -79.67 0.24 -11.34
C SER A 474 -79.83 1.76 -11.26
N ARG A 475 -81.01 2.18 -10.82
CA ARG A 475 -81.34 3.59 -10.67
C ARG A 475 -81.48 4.00 -9.21
N TYR A 476 -82.28 3.26 -8.44
CA TYR A 476 -82.49 3.53 -7.02
C TYR A 476 -82.17 2.27 -6.22
N CYS A 477 -81.35 2.43 -5.18
CA CYS A 477 -80.94 1.32 -4.33
C CYS A 477 -81.41 1.60 -2.91
N PHE A 478 -82.07 0.62 -2.31
CA PHE A 478 -82.60 0.73 -0.95
C PHE A 478 -81.92 -0.29 -0.05
N SER A 479 -81.88 0.02 1.24
CA SER A 479 -81.27 -0.84 2.24
C SER A 479 -82.26 -1.11 3.36
N VAL A 480 -82.17 -2.32 3.93
CA VAL A 480 -83.04 -2.74 5.01
C VAL A 480 -82.18 -3.10 6.21
N ASN A 481 -82.82 -3.20 7.37
CA ASN A 481 -82.13 -3.54 8.60
C ASN A 481 -81.94 -5.06 8.67
N ASN A 482 -81.21 -5.51 9.69
CA ASN A 482 -80.95 -6.93 9.90
C ASN A 482 -82.01 -7.61 10.74
N THR A 483 -83.06 -6.88 11.15
CA THR A 483 -84.12 -7.44 11.97
C THR A 483 -85.50 -7.11 11.41
N PHE A 484 -85.59 -6.93 10.09
CA PHE A 484 -86.86 -6.61 9.43
C PHE A 484 -87.12 -7.61 8.31
N CYS A 485 -88.32 -8.21 8.33
CA CYS A 485 -88.73 -9.16 7.30
C CYS A 485 -89.85 -8.55 6.49
N PRO A 486 -89.76 -8.56 5.14
CA PRO A 486 -90.82 -7.96 4.32
C PRO A 486 -92.11 -8.77 4.29
N CYS A 487 -92.74 -8.90 5.44
CA CYS A 487 -93.99 -9.64 5.62
C CYS A 487 -94.56 -9.26 6.98
N ALA A 488 -95.75 -9.79 7.28
CA ALA A 488 -96.41 -9.50 8.55
C ALA A 488 -96.98 -10.74 9.19
N LYS A 489 -97.82 -10.56 10.23
CA LYS A 489 -98.46 -11.65 10.96
C LYS A 489 -99.71 -12.12 10.23
N PRO A 490 -100.02 -13.42 10.30
CA PRO A 490 -101.22 -13.93 9.62
C PRO A 490 -102.53 -13.60 10.33
N SER A 491 -102.48 -13.04 11.54
CA SER A 491 -103.72 -12.70 12.25
C SER A 491 -104.45 -11.54 11.59
N PHE A 492 -103.70 -10.56 11.08
CA PHE A 492 -104.31 -9.40 10.44
C PHE A 492 -104.60 -9.63 8.96
N ALA A 493 -104.01 -10.66 8.36
CA ALA A 493 -104.24 -10.94 6.94
C ALA A 493 -105.66 -11.41 6.69
N SER A 494 -106.27 -12.12 7.63
CA SER A 494 -107.63 -12.61 7.49
C SER A 494 -108.67 -11.63 8.00
N SER A 495 -108.26 -10.46 8.49
CA SER A 495 -109.18 -9.47 9.01
C SER A 495 -109.66 -8.48 7.94
N CYS A 496 -109.12 -8.54 6.74
CA CYS A 496 -109.52 -7.65 5.65
C CYS A 496 -110.23 -8.48 4.59
N LYS A 497 -111.48 -8.08 4.27
CA LYS A 497 -112.24 -8.80 3.26
C LYS A 497 -111.75 -8.49 1.86
N SER A 498 -111.40 -7.23 1.59
CA SER A 498 -110.91 -6.81 0.29
C SER A 498 -109.56 -6.13 0.44
N HIS A 499 -108.69 -6.33 -0.55
CA HIS A 499 -107.34 -5.76 -0.59
C HIS A 499 -106.53 -6.16 0.65
N LYS A 500 -106.64 -7.42 1.05
CA LYS A 500 -105.93 -7.91 2.21
C LYS A 500 -104.42 -8.01 1.90
N PRO A 501 -103.58 -7.73 2.89
CA PRO A 501 -102.13 -7.80 2.66
C PRO A 501 -101.61 -9.21 2.90
N PRO A 502 -100.77 -9.73 2.00
CA PRO A 502 -100.23 -11.08 2.18
C PRO A 502 -99.24 -11.12 3.33
N SER A 503 -99.14 -12.30 3.96
CA SER A 503 -98.24 -12.46 5.09
C SER A 503 -97.78 -13.91 5.20
N ALA A 504 -96.66 -14.10 5.88
CA ALA A 504 -96.05 -15.40 6.10
C ALA A 504 -95.32 -15.34 7.44
N SER A 505 -94.39 -16.27 7.66
CA SER A 505 -93.63 -16.33 8.90
C SER A 505 -92.14 -16.22 8.61
N CYS A 506 -91.55 -15.08 8.96
CA CYS A 506 -90.13 -14.85 8.77
C CYS A 506 -89.36 -15.53 9.89
N PRO A 507 -88.07 -15.83 9.69
CA PRO A 507 -87.27 -16.49 10.74
C PRO A 507 -87.10 -15.63 11.99
N ILE A 508 -86.49 -16.26 13.00
CA ILE A 508 -86.26 -15.59 14.28
C ILE A 508 -85.31 -14.42 14.10
N GLY A 509 -85.43 -13.42 14.99
CA GLY A 509 -84.60 -12.25 14.93
C GLY A 509 -85.09 -11.18 13.97
N THR A 510 -86.35 -11.25 13.54
CA THR A 510 -86.91 -10.28 12.62
C THR A 510 -88.19 -9.70 13.21
N ASN A 511 -88.54 -8.49 12.73
CA ASN A 511 -89.73 -7.80 13.17
C ASN A 511 -90.75 -7.74 12.05
N TYR A 512 -92.03 -7.89 12.41
CA TYR A 512 -93.12 -7.88 11.44
C TYR A 512 -93.47 -6.44 11.06
N ARG A 513 -94.56 -6.27 10.31
CA ARG A 513 -95.03 -4.97 9.88
C ARG A 513 -95.90 -4.33 10.96
N SER A 514 -96.52 -3.20 10.63
CA SER A 514 -97.40 -2.45 11.53
C SER A 514 -98.68 -2.07 10.80
N CYS A 515 -99.30 -3.04 10.15
CA CYS A 515 -100.53 -2.81 9.41
C CYS A 515 -101.69 -2.46 10.34
N GLU A 516 -102.57 -1.59 9.84
CA GLU A 516 -103.74 -1.15 10.58
C GLU A 516 -104.85 -0.83 9.60
N SER A 517 -106.08 -0.84 10.09
CA SER A 517 -107.27 -0.60 9.28
C SER A 517 -107.68 0.87 9.32
N THR A 518 -108.03 1.40 8.15
CA THR A 518 -108.48 2.77 7.94
C THR A 518 -109.73 2.79 7.07
N THR A 519 -110.71 1.96 7.43
CA THR A 519 -111.95 1.87 6.67
C THR A 519 -112.75 3.17 6.79
N VAL A 520 -113.05 3.77 5.64
CA VAL A 520 -113.80 5.03 5.58
C VAL A 520 -115.06 4.81 4.74
N LEU A 521 -115.62 3.59 4.81
CA LEU A 521 -116.82 3.13 4.12
C LEU A 521 -116.64 3.07 2.61
N ASP A 522 -115.41 3.21 2.11
CA ASP A 522 -115.20 3.14 0.65
C ASP A 522 -115.28 1.70 0.17
N HIS A 523 -114.75 0.75 0.94
CA HIS A 523 -114.77 -0.66 0.58
C HIS A 523 -115.27 -1.49 1.77
N THR A 524 -115.18 -2.81 1.67
CA THR A 524 -115.62 -3.68 2.75
C THR A 524 -114.69 -3.58 3.95
N ASP A 525 -113.38 -3.64 3.70
CA ASP A 525 -112.38 -3.55 4.78
C ASP A 525 -111.12 -2.95 4.16
N TRP A 526 -110.96 -1.64 4.31
CA TRP A 526 -109.80 -0.92 3.78
C TRP A 526 -108.70 -0.88 4.83
N CYS A 527 -107.64 -1.65 4.62
CA CYS A 527 -106.51 -1.72 5.52
C CYS A 527 -105.23 -1.44 4.75
N ARG A 528 -104.33 -0.69 5.35
CA ARG A 528 -103.06 -0.33 4.73
C ARG A 528 -101.92 -0.55 5.72
N CYS A 529 -100.72 -0.73 5.16
CA CYS A 529 -99.50 -0.93 5.93
C CYS A 529 -98.52 0.20 5.64
N SER A 530 -97.31 0.08 6.19
CA SER A 530 -96.29 1.08 5.99
C SER A 530 -95.64 0.91 4.62
N CYS A 531 -94.94 1.97 4.18
CA CYS A 531 -94.22 2.03 2.90
C CYS A 531 -95.18 1.77 1.72
N LEU A 532 -96.23 2.58 1.64
CA LEU A 532 -97.22 2.46 0.59
C LEU A 532 -97.37 3.78 -0.16
N PRO A 533 -97.59 3.75 -1.49
CA PRO A 533 -97.69 2.55 -2.33
C PRO A 533 -96.34 2.04 -2.81
N ASP A 534 -95.28 2.79 -2.53
CA ASP A 534 -93.93 2.41 -2.91
C ASP A 534 -92.94 3.04 -1.94
N PRO A 535 -91.78 2.41 -1.71
CA PRO A 535 -90.82 2.98 -0.75
C PRO A 535 -90.18 4.29 -1.21
N ILE A 536 -90.14 4.58 -2.51
CA ILE A 536 -89.51 5.81 -2.98
C ILE A 536 -90.37 7.02 -2.60
N THR A 537 -91.67 6.94 -2.81
CA THR A 537 -92.60 8.03 -2.49
C THR A 537 -93.53 7.56 -1.38
N ALA A 538 -93.17 7.86 -0.13
CA ALA A 538 -93.95 7.46 1.03
C ALA A 538 -94.33 8.71 1.82
N TYR A 539 -95.54 8.68 2.39
CA TYR A 539 -96.01 9.82 3.17
C TYR A 539 -95.25 9.96 4.49
N ASP A 540 -94.84 8.84 5.08
CA ASP A 540 -94.10 8.83 6.34
C ASP A 540 -92.83 8.00 6.14
N PRO A 541 -91.76 8.61 5.62
CA PRO A 541 -90.52 7.85 5.41
C PRO A 541 -89.82 7.43 6.69
N ARG A 542 -90.15 8.05 7.83
CA ARG A 542 -89.52 7.68 9.10
C ARG A 542 -89.97 6.30 9.55
N SER A 543 -91.24 5.95 9.32
CA SER A 543 -91.77 4.66 9.70
C SER A 543 -91.49 3.56 8.67
N CYS A 544 -90.90 3.91 7.52
CA CYS A 544 -90.61 2.92 6.51
C CYS A 544 -89.45 2.03 6.94
N SER A 545 -89.59 0.73 6.71
CA SER A 545 -88.54 -0.21 7.09
C SER A 545 -87.30 -0.11 6.20
N GLN A 546 -87.44 0.41 4.99
CA GLN A 546 -86.35 0.57 4.06
C GLN A 546 -86.24 2.02 3.60
N LYS A 547 -85.01 2.52 3.49
CA LYS A 547 -84.74 3.88 3.09
C LYS A 547 -83.72 3.90 1.96
N LYS A 548 -83.70 5.02 1.24
CA LYS A 548 -82.76 5.19 0.13
C LYS A 548 -81.35 5.38 0.66
N SER A 549 -80.44 4.48 0.28
CA SER A 549 -79.05 4.52 0.72
C SER A 549 -78.16 4.80 -0.48
N LEU A 550 -77.31 5.82 -0.36
CA LEU A 550 -76.40 6.18 -1.44
C LEU A 550 -75.25 5.19 -1.51
N VAL A 551 -74.75 4.99 -2.73
CA VAL A 551 -73.65 4.06 -2.96
C VAL A 551 -72.35 4.72 -2.52
N GLY A 552 -71.38 3.90 -2.10
CA GLY A 552 -70.09 4.37 -1.66
C GLY A 552 -68.96 3.66 -2.39
N VAL A 553 -67.74 4.10 -2.09
CA VAL A 553 -66.56 3.51 -2.72
C VAL A 553 -66.33 2.11 -2.15
N GLY A 554 -66.07 1.15 -3.04
CA GLY A 554 -65.84 -0.22 -2.63
C GLY A 554 -67.05 -0.89 -2.01
N GLU A 555 -68.25 -0.54 -2.47
CA GLU A 555 -69.47 -1.12 -1.93
C GLU A 555 -70.52 -1.10 -3.04
N HIS A 556 -71.11 -2.26 -3.32
CA HIS A 556 -72.09 -2.40 -4.38
C HIS A 556 -73.46 -1.89 -3.95
N CYS A 557 -74.49 -2.20 -4.74
CA CYS A 557 -75.84 -1.76 -4.41
C CYS A 557 -76.39 -2.55 -3.23
N ALA A 558 -77.18 -1.87 -2.40
CA ALA A 558 -77.76 -2.51 -1.23
C ALA A 558 -79.03 -3.30 -1.54
N GLY A 559 -79.58 -3.15 -2.75
CA GLY A 559 -80.79 -3.87 -3.13
C GLY A 559 -81.84 -2.94 -3.70
N PHE A 560 -82.67 -3.50 -4.58
CA PHE A 560 -83.74 -2.73 -5.21
C PHE A 560 -84.93 -2.58 -4.27
N GLY A 561 -85.75 -1.57 -4.54
CA GLY A 561 -86.92 -1.33 -3.71
C GLY A 561 -88.00 -2.36 -3.97
N VAL A 562 -88.59 -2.86 -2.90
CA VAL A 562 -89.65 -3.86 -2.96
C VAL A 562 -90.78 -3.46 -2.03
N ASP A 563 -92.01 -3.62 -2.48
CA ASP A 563 -93.18 -3.29 -1.68
C ASP A 563 -93.56 -4.46 -0.80
N GLU A 564 -93.88 -4.16 0.46
CA GLU A 564 -94.26 -5.21 1.41
C GLU A 564 -95.61 -5.82 1.07
N GLU A 565 -96.55 -5.00 0.61
CA GLU A 565 -97.88 -5.49 0.26
C GLU A 565 -97.91 -6.22 -1.07
N LYS A 566 -96.92 -6.00 -1.94
CA LYS A 566 -96.89 -6.66 -3.24
C LYS A 566 -96.26 -8.04 -3.20
N CYS A 567 -95.74 -8.49 -2.06
CA CYS A 567 -95.13 -9.80 -1.95
C CYS A 567 -95.56 -10.47 -0.65
N GLY A 568 -95.54 -11.80 -0.66
CA GLY A 568 -95.92 -12.59 0.48
C GLY A 568 -96.94 -13.66 0.11
N VAL A 569 -97.19 -14.54 1.09
CA VAL A 569 -98.13 -15.62 0.92
C VAL A 569 -99.55 -15.08 1.07
N LEU A 570 -100.39 -15.35 0.07
CA LEU A 570 -101.76 -14.87 0.09
C LEU A 570 -102.60 -15.66 1.09
N ASP A 571 -103.46 -14.93 1.82
CA ASP A 571 -104.40 -15.42 2.83
C ASP A 571 -103.72 -16.05 4.05
N GLY A 572 -102.39 -16.02 4.14
CA GLY A 572 -101.69 -16.61 5.27
C GLY A 572 -101.87 -18.11 5.39
N SER A 573 -101.71 -18.83 4.27
CA SER A 573 -101.87 -20.27 4.25
C SER A 573 -100.77 -21.02 4.99
N TYR A 574 -99.66 -20.34 5.33
CA TYR A 574 -98.52 -20.92 6.05
C TYR A 574 -97.93 -22.12 5.30
N ASN A 575 -97.51 -21.85 4.06
CA ASN A 575 -96.92 -22.86 3.19
C ASN A 575 -95.41 -22.77 3.13
N VAL A 576 -94.87 -21.57 2.87
CA VAL A 576 -93.45 -21.33 2.78
C VAL A 576 -93.09 -20.17 3.69
N SER A 577 -91.82 -19.76 3.65
CA SER A 577 -91.34 -18.66 4.46
C SER A 577 -91.72 -17.33 3.82
N CYS A 578 -91.20 -16.22 4.35
CA CYS A 578 -91.50 -14.89 3.83
C CYS A 578 -90.67 -14.68 2.57
N LEU A 579 -91.17 -15.24 1.47
CA LEU A 579 -90.53 -15.18 0.17
C LEU A 579 -91.32 -14.24 -0.74
N CYS A 580 -90.60 -13.40 -1.47
CA CYS A 580 -91.20 -12.44 -2.38
C CYS A 580 -90.79 -12.73 -3.81
N SER A 581 -91.66 -12.36 -4.75
CA SER A 581 -91.40 -12.59 -6.17
C SER A 581 -90.33 -11.63 -6.69
N THR A 582 -89.70 -12.04 -7.79
CA THR A 582 -88.65 -11.23 -8.40
C THR A 582 -89.24 -9.98 -9.06
N ASP A 583 -90.45 -10.09 -9.62
CA ASP A 583 -91.10 -8.97 -10.29
C ASP A 583 -91.50 -7.86 -9.33
N ALA A 584 -91.54 -8.13 -8.02
CA ALA A 584 -91.90 -7.10 -7.05
C ALA A 584 -90.83 -6.04 -6.92
N PHE A 585 -89.57 -6.40 -7.18
CA PHE A 585 -88.48 -5.43 -7.09
C PHE A 585 -88.53 -4.47 -8.26
N LEU A 586 -88.17 -3.21 -8.00
CA LEU A 586 -88.17 -2.18 -9.03
C LEU A 586 -87.05 -1.20 -8.75
N GLY A 587 -86.65 -0.48 -9.80
CA GLY A 587 -85.60 0.50 -9.69
C GLY A 587 -84.35 0.16 -10.49
N TRP A 588 -84.54 -0.53 -11.62
CA TRP A 588 -83.41 -0.91 -12.45
C TRP A 588 -83.85 -0.96 -13.91
N SER A 589 -82.87 -0.86 -14.80
CA SER A 589 -83.10 -0.89 -16.24
C SER A 589 -81.88 -1.50 -16.90
N TYR A 590 -82.00 -1.78 -18.20
CA TYR A 590 -80.91 -2.39 -18.95
C TYR A 590 -80.66 -1.64 -20.25
N ASP A 591 -79.44 -1.77 -20.74
CA ASP A 591 -79.02 -1.12 -21.99
C ASP A 591 -78.05 -2.09 -22.70
N THR A 592 -77.44 -1.61 -23.78
CA THR A 592 -76.50 -2.42 -24.55
C THR A 592 -75.26 -1.60 -24.86
N CYS A 593 -74.20 -2.29 -25.27
CA CYS A 593 -72.93 -1.67 -25.62
C CYS A 593 -72.60 -1.80 -27.10
N VAL A 594 -73.57 -2.15 -27.93
CA VAL A 594 -73.34 -2.31 -29.37
C VAL A 594 -73.10 -0.94 -29.99
N SER A 595 -71.85 -0.66 -30.34
CA SER A 595 -71.46 0.62 -30.94
C SER A 595 -70.26 0.34 -31.83
N ASN A 596 -70.46 0.41 -33.14
CA ASN A 596 -69.42 0.15 -34.15
C ASN A 596 -68.83 -1.25 -33.99
N ASN A 597 -69.70 -2.21 -33.67
CA ASN A 597 -69.36 -3.62 -33.46
C ASN A 597 -68.34 -3.82 -32.34
N ARG A 598 -68.30 -2.90 -31.38
CA ARG A 598 -67.38 -2.99 -30.25
C ARG A 598 -68.09 -2.51 -28.99
N CYS A 599 -67.60 -2.98 -27.85
CA CYS A 599 -68.16 -2.62 -26.54
C CYS A 599 -67.08 -1.96 -25.69
N ASN A 600 -67.46 -0.89 -25.00
CA ASN A 600 -66.54 -0.16 -24.14
C ASN A 600 -66.61 -0.66 -22.71
N ILE A 601 -65.44 -0.78 -22.07
CA ILE A 601 -65.33 -1.25 -20.70
C ILE A 601 -64.48 -0.25 -19.93
N PHE A 602 -65.02 0.25 -18.81
CA PHE A 602 -64.30 1.22 -17.99
C PHE A 602 -63.24 0.53 -17.15
N SER A 603 -62.12 1.23 -16.93
CA SER A 603 -61.02 0.71 -16.14
C SER A 603 -60.51 1.81 -15.23
N ASN A 604 -60.61 1.59 -13.92
CA ASN A 604 -60.15 2.55 -12.92
C ASN A 604 -58.84 2.06 -12.33
N PHE A 605 -57.79 2.87 -12.46
CA PHE A 605 -56.47 2.52 -11.95
C PHE A 605 -56.30 3.17 -10.58
N ILE A 606 -56.69 2.45 -9.53
CA ILE A 606 -56.59 2.94 -8.17
C ILE A 606 -55.19 2.59 -7.67
N LEU A 607 -54.37 3.61 -7.44
CA LEU A 607 -53.00 3.44 -6.97
C LEU A 607 -52.82 4.11 -5.62
N ASN A 608 -52.08 3.43 -4.75
CA ASN A 608 -51.79 3.91 -3.40
C ASN A 608 -50.31 3.75 -3.11
N GLY A 609 -49.82 4.53 -2.16
CA GLY A 609 -48.43 4.46 -1.79
C GLY A 609 -47.50 5.06 -2.84
N ILE A 610 -47.51 6.39 -2.97
CA ILE A 610 -46.68 7.08 -3.94
C ILE A 610 -45.21 6.85 -3.60
N ASN A 611 -44.38 6.68 -4.64
CA ASN A 611 -42.93 6.44 -4.71
C ASN A 611 -42.40 5.56 -3.56
N SER A 612 -43.14 4.49 -3.25
CA SER A 612 -42.78 3.54 -2.21
C SER A 612 -43.62 2.30 -2.42
N GLY A 613 -42.96 1.15 -2.51
CA GLY A 613 -43.67 -0.10 -2.71
C GLY A 613 -42.77 -1.13 -3.37
N THR A 614 -43.37 -2.27 -3.69
CA THR A 614 -42.67 -3.39 -4.32
C THR A 614 -43.12 -3.64 -5.75
N THR A 615 -44.42 -3.71 -6.01
CA THR A 615 -44.92 -3.96 -7.36
C THR A 615 -45.26 -2.66 -8.08
N CYS A 616 -44.67 -2.49 -9.25
CA CYS A 616 -44.85 -1.31 -10.10
C CYS A 616 -44.28 -1.61 -11.48
N SER A 617 -44.38 -0.61 -12.36
CA SER A 617 -43.89 -0.74 -13.72
C SER A 617 -42.37 -0.75 -13.77
N ASN A 618 -41.83 -1.37 -14.81
CA ASN A 618 -40.38 -1.49 -15.05
C ASN A 618 -40.07 -1.26 -16.51
N ASP A 619 -40.61 -0.19 -17.08
CA ASP A 619 -40.44 0.20 -18.49
C ASP A 619 -39.08 0.84 -18.79
N LEU A 620 -38.08 0.78 -17.91
CA LEU A 620 -36.79 1.37 -18.18
C LEU A 620 -36.04 0.58 -19.24
N LEU A 621 -34.84 1.03 -19.57
CA LEU A 621 -34.04 0.34 -20.58
C LEU A 621 -33.34 -0.86 -19.97
N GLN A 622 -33.56 -2.03 -20.56
CA GLN A 622 -32.96 -3.29 -20.15
C GLN A 622 -32.21 -3.88 -21.34
N PRO A 623 -31.14 -4.62 -21.11
CA PRO A 623 -30.38 -5.22 -22.23
C PRO A 623 -31.10 -6.42 -22.85
N ASN A 624 -32.29 -6.18 -23.39
CA ASN A 624 -33.12 -7.21 -24.03
C ASN A 624 -33.51 -6.68 -25.40
N THR A 625 -32.62 -6.86 -26.38
CA THR A 625 -32.82 -6.41 -27.75
C THR A 625 -32.51 -7.57 -28.69
N GLU A 626 -32.56 -7.27 -29.99
CA GLU A 626 -32.27 -8.28 -31.00
C GLU A 626 -30.77 -8.51 -31.06
N VAL A 627 -30.28 -9.53 -30.36
CA VAL A 627 -28.86 -9.83 -30.33
C VAL A 627 -28.42 -10.43 -31.67
N PHE A 628 -27.17 -10.19 -32.04
CA PHE A 628 -26.61 -10.71 -33.28
C PHE A 628 -25.10 -10.82 -33.14
N THR A 629 -24.51 -11.61 -34.05
CA THR A 629 -23.08 -11.88 -34.06
C THR A 629 -22.33 -10.89 -34.96
N ASP A 630 -21.08 -11.23 -35.28
CA ASP A 630 -20.11 -10.51 -36.12
C ASP A 630 -19.59 -9.22 -35.50
N VAL A 631 -19.93 -8.91 -34.25
CA VAL A 631 -19.47 -7.71 -33.57
C VAL A 631 -19.63 -7.94 -32.08
N CYS A 632 -18.67 -7.45 -31.28
CA CYS A 632 -18.72 -7.64 -29.83
C CYS A 632 -19.76 -6.69 -29.23
N VAL A 633 -21.01 -7.16 -29.24
CA VAL A 633 -22.13 -6.40 -28.68
C VAL A 633 -22.03 -6.47 -27.17
N ASP A 634 -22.23 -5.33 -26.51
CA ASP A 634 -22.17 -5.27 -25.06
C ASP A 634 -23.25 -6.13 -24.42
N TYR A 635 -22.84 -6.94 -23.44
CA TYR A 635 -23.77 -7.82 -22.72
C TYR A 635 -23.78 -7.46 -21.26
N ASP A 636 -24.98 -7.35 -20.70
CA ASP A 636 -25.19 -7.00 -19.30
C ASP A 636 -26.29 -7.87 -18.68
N LEU A 637 -26.36 -9.12 -19.09
CA LEU A 637 -27.37 -10.04 -18.60
C LEU A 637 -26.88 -10.78 -17.36
N TYR A 638 -27.85 -11.13 -16.50
CA TYR A 638 -27.64 -11.89 -15.26
C TYR A 638 -26.62 -11.22 -14.33
N GLY A 639 -26.66 -9.88 -14.28
CA GLY A 639 -25.78 -9.11 -13.42
C GLY A 639 -24.31 -9.18 -13.72
N ILE A 640 -23.92 -9.57 -14.93
CA ILE A 640 -22.53 -9.68 -15.33
C ILE A 640 -22.28 -8.70 -16.47
N THR A 641 -21.24 -7.88 -16.32
CA THR A 641 -20.86 -6.87 -17.31
C THR A 641 -19.57 -7.29 -18.00
N GLY A 642 -19.59 -7.26 -19.34
CA GLY A 642 -18.41 -7.62 -20.11
C GLY A 642 -18.60 -7.24 -21.56
N GLN A 643 -17.54 -7.47 -22.34
CA GLN A 643 -17.54 -7.17 -23.77
C GLN A 643 -17.11 -8.44 -24.52
N GLY A 644 -17.91 -8.86 -25.49
CA GLY A 644 -17.54 -10.06 -26.24
C GLY A 644 -18.45 -10.31 -27.42
N ILE A 645 -17.94 -11.12 -28.35
CA ILE A 645 -18.64 -11.49 -29.57
C ILE A 645 -19.51 -12.71 -29.28
N PHE A 646 -20.78 -12.64 -29.68
CA PHE A 646 -21.69 -13.75 -29.49
C PHE A 646 -21.58 -14.72 -30.65
N LYS A 647 -21.80 -16.00 -30.36
CA LYS A 647 -21.75 -17.05 -31.37
C LYS A 647 -22.88 -18.03 -31.11
N GLU A 648 -23.59 -18.39 -32.16
CA GLU A 648 -24.72 -19.31 -32.04
C GLU A 648 -24.21 -20.75 -31.94
N VAL A 649 -24.37 -21.35 -30.77
CA VAL A 649 -23.97 -22.72 -30.49
C VAL A 649 -25.15 -23.42 -29.82
N SER A 650 -25.57 -24.55 -30.37
CA SER A 650 -26.69 -25.29 -29.80
C SER A 650 -26.32 -25.90 -28.47
N ALA A 651 -27.15 -25.65 -27.46
CA ALA A 651 -26.92 -26.18 -26.11
C ALA A 651 -28.30 -26.45 -25.49
N VAL A 652 -28.74 -27.70 -25.60
CA VAL A 652 -30.03 -28.12 -25.06
C VAL A 652 -29.87 -28.82 -23.71
N TYR A 653 -28.69 -29.37 -23.42
CA TYR A 653 -28.40 -30.07 -22.17
C TYR A 653 -28.43 -29.18 -20.92
N TYR A 654 -28.76 -27.91 -21.02
CA TYR A 654 -28.80 -27.06 -19.83
C TYR A 654 -30.02 -27.43 -18.99
N ASN A 655 -29.94 -27.10 -17.70
CA ASN A 655 -31.04 -27.39 -16.79
C ASN A 655 -32.19 -26.40 -17.01
N SER A 656 -33.33 -26.69 -16.37
CA SER A 656 -34.51 -25.84 -16.49
C SER A 656 -34.31 -24.48 -15.85
N TRP A 657 -33.36 -24.36 -14.92
CA TRP A 657 -33.05 -23.11 -14.24
C TRP A 657 -31.69 -22.56 -14.60
N GLN A 658 -30.82 -23.38 -15.20
CA GLN A 658 -29.49 -22.93 -15.58
C GLN A 658 -29.55 -21.93 -16.73
N ASN A 659 -28.85 -20.81 -16.57
CA ASN A 659 -28.82 -19.76 -17.57
C ASN A 659 -27.43 -19.47 -18.14
N LEU A 660 -26.36 -19.77 -17.40
CA LEU A 660 -25.02 -19.50 -17.89
C LEU A 660 -24.09 -20.70 -17.73
N LEU A 661 -22.80 -20.48 -17.97
CA LEU A 661 -21.79 -21.51 -17.83
C LEU A 661 -20.46 -20.80 -17.63
N TYR A 662 -19.65 -21.31 -16.71
CA TYR A 662 -18.36 -20.70 -16.39
C TYR A 662 -17.21 -21.65 -16.70
N ASP A 663 -16.00 -21.09 -16.71
CA ASP A 663 -14.79 -21.84 -17.01
C ASP A 663 -14.16 -22.33 -15.70
N PHE A 664 -12.93 -22.84 -15.78
CA PHE A 664 -12.23 -23.35 -14.61
C PHE A 664 -11.89 -22.23 -13.63
N ASN A 665 -11.46 -21.08 -14.14
CA ASN A 665 -11.10 -19.96 -13.27
C ASN A 665 -12.32 -19.35 -12.62
N GLY A 666 -13.42 -19.19 -13.36
CA GLY A 666 -14.62 -18.61 -12.80
C GLY A 666 -15.12 -17.38 -13.53
N ASN A 667 -14.80 -17.27 -14.81
CA ASN A 667 -15.24 -16.13 -15.63
C ASN A 667 -16.36 -16.55 -16.58
N ILE A 668 -17.18 -15.57 -16.97
CA ILE A 668 -18.30 -15.81 -17.86
C ILE A 668 -17.78 -16.16 -19.25
N ILE A 669 -18.39 -17.17 -19.88
CA ILE A 669 -17.98 -17.59 -21.21
C ILE A 669 -19.21 -17.71 -22.11
N GLY A 670 -20.39 -17.58 -21.53
CA GLY A 670 -21.62 -17.66 -22.30
C GLY A 670 -22.83 -17.48 -21.42
N PHE A 671 -24.00 -17.56 -22.05
CA PHE A 671 -25.27 -17.40 -21.33
C PHE A 671 -26.36 -18.11 -22.14
N LYS A 672 -27.60 -17.92 -21.70
CA LYS A 672 -28.76 -18.51 -22.37
C LYS A 672 -29.95 -17.61 -22.12
N ASP A 673 -30.58 -17.13 -23.20
CA ASP A 673 -31.73 -16.25 -23.08
C ASP A 673 -32.94 -17.00 -22.54
N PHE A 674 -33.72 -16.32 -21.70
CA PHE A 674 -34.89 -16.89 -21.09
C PHE A 674 -36.19 -16.55 -21.83
N VAL A 675 -36.12 -15.78 -22.91
CA VAL A 675 -37.31 -15.43 -23.67
C VAL A 675 -37.36 -16.13 -25.03
N THR A 676 -36.23 -16.51 -25.61
CA THR A 676 -36.20 -17.19 -26.90
C THR A 676 -35.59 -18.59 -26.82
N ASN A 677 -35.15 -19.02 -25.63
CA ASN A 677 -34.53 -20.33 -25.40
C ASN A 677 -33.30 -20.54 -26.30
N LYS A 678 -32.55 -19.47 -26.51
CA LYS A 678 -31.36 -19.50 -27.35
C LYS A 678 -30.10 -19.43 -26.48
N THR A 679 -29.07 -20.14 -26.93
CA THR A 679 -27.79 -20.19 -26.22
C THR A 679 -26.72 -19.52 -27.06
N TYR A 680 -25.82 -18.80 -26.39
CA TYR A 680 -24.74 -18.10 -27.06
C TYR A 680 -23.43 -18.33 -26.32
N ASN A 681 -22.34 -18.34 -27.07
CA ASN A 681 -21.00 -18.51 -26.52
C ASN A 681 -20.28 -17.17 -26.66
N ILE A 682 -19.88 -16.60 -25.53
CA ILE A 682 -19.21 -15.30 -25.54
C ILE A 682 -17.74 -15.47 -25.87
N PHE A 683 -17.30 -14.78 -26.91
CA PHE A 683 -15.92 -14.76 -27.39
C PHE A 683 -15.40 -13.34 -27.27
N PRO A 684 -14.27 -13.11 -26.60
CA PRO A 684 -13.76 -11.73 -26.49
C PRO A 684 -13.40 -11.16 -27.85
N CYS A 685 -13.73 -9.89 -28.06
CA CYS A 685 -13.43 -9.28 -29.35
C CYS A 685 -12.03 -8.70 -29.37
N TYR A 686 -11.62 -8.25 -30.56
CA TYR A 686 -10.27 -7.72 -30.75
C TYR A 686 -10.04 -6.43 -29.97
N ALA A 687 -8.98 -6.46 -29.16
CA ALA A 687 -8.53 -5.33 -28.35
C ALA A 687 -7.01 -5.27 -28.31
N GLY A 688 -6.35 -5.87 -29.31
CA GLY A 688 -4.90 -5.92 -29.35
C GLY A 688 -4.24 -4.64 -29.81
N ARG A 689 -2.95 -4.76 -30.10
CA ARG A 689 -2.08 -3.70 -30.53
C ARG A 689 -1.74 -3.82 -32.02
N VAL A 690 -0.83 -2.96 -32.46
CA VAL A 690 -0.35 -2.94 -33.84
C VAL A 690 1.12 -2.50 -33.81
N SER A 691 1.95 -3.16 -34.60
CA SER A 691 3.37 -2.83 -34.65
C SER A 691 3.63 -1.90 -35.83
N ALA A 692 4.40 -0.84 -35.58
CA ALA A 692 4.72 0.14 -36.62
C ALA A 692 6.22 0.38 -36.63
N ALA A 693 6.87 -0.05 -37.70
CA ALA A 693 8.31 0.14 -37.84
C ALA A 693 8.61 1.48 -38.50
N PHE A 694 9.58 2.20 -37.95
CA PHE A 694 9.95 3.50 -38.46
C PHE A 694 11.46 3.60 -38.62
N HIS A 695 11.88 4.30 -39.68
CA HIS A 695 13.28 4.52 -39.99
C HIS A 695 13.55 6.02 -39.99
N GLN A 696 14.76 6.41 -39.56
CA GLN A 696 15.11 7.83 -39.50
C GLN A 696 15.18 8.46 -40.90
N ASN A 697 15.51 7.67 -41.91
CA ASN A 697 15.61 8.16 -43.28
C ASN A 697 14.32 7.99 -44.07
N ALA A 698 13.26 7.49 -43.44
CA ALA A 698 11.97 7.27 -44.10
C ALA A 698 10.96 8.34 -43.67
N SER A 699 9.79 8.30 -44.30
CA SER A 699 8.71 9.23 -44.03
C SER A 699 7.43 8.53 -43.63
N SER A 700 7.09 7.42 -44.27
CA SER A 700 5.88 6.68 -43.96
C SER A 700 6.14 5.68 -42.83
N LEU A 701 5.14 4.87 -42.51
CA LEU A 701 5.23 3.88 -41.45
C LEU A 701 4.79 2.52 -41.98
N ALA A 702 5.43 1.47 -41.48
CA ALA A 702 5.12 0.10 -41.87
C ALA A 702 4.26 -0.55 -40.79
N LEU A 703 2.96 -0.28 -40.86
CA LEU A 703 2.02 -0.83 -39.89
C LEU A 703 1.88 -2.34 -40.08
N LEU A 704 1.87 -3.07 -38.98
CA LEU A 704 1.74 -4.52 -39.01
C LEU A 704 0.84 -4.98 -37.88
N TYR A 705 -0.29 -5.60 -38.24
CA TYR A 705 -1.24 -6.10 -37.26
C TYR A 705 -0.90 -7.57 -36.99
N ARG A 706 -0.40 -7.86 -35.80
CA ARG A 706 -0.02 -9.22 -35.45
C ARG A 706 -1.25 -10.11 -35.23
N ASN A 707 -1.21 -11.29 -35.85
CA ASN A 707 -2.26 -12.31 -35.75
C ASN A 707 -3.64 -11.78 -36.16
N LEU A 708 -3.74 -11.36 -37.42
CA LEU A 708 -4.98 -10.82 -37.94
C LEU A 708 -5.03 -11.05 -39.45
N LYS A 709 -6.24 -10.90 -39.99
CA LYS A 709 -6.49 -11.05 -41.41
C LYS A 709 -6.80 -9.69 -42.02
N CYS A 710 -6.43 -9.53 -43.30
CA CYS A 710 -6.65 -8.26 -43.99
C CYS A 710 -8.13 -7.92 -44.13
N SER A 711 -8.98 -8.94 -44.31
CA SER A 711 -10.42 -8.70 -44.45
C SER A 711 -11.00 -8.14 -43.16
N TYR A 712 -10.58 -8.68 -42.01
CA TYR A 712 -11.08 -8.20 -40.72
C TYR A 712 -10.66 -6.75 -40.47
N VAL A 713 -9.41 -6.41 -40.81
CA VAL A 713 -8.94 -5.05 -40.61
C VAL A 713 -9.65 -4.08 -41.54
N LEU A 714 -9.86 -4.48 -42.80
CA LEU A 714 -10.56 -3.60 -43.74
C LEU A 714 -12.03 -3.43 -43.36
N ASN A 715 -12.68 -4.47 -42.85
CA ASN A 715 -14.07 -4.38 -42.47
C ASN A 715 -14.27 -3.87 -41.05
N ASN A 716 -13.20 -3.62 -40.29
CA ASN A 716 -13.36 -3.14 -38.92
C ASN A 716 -12.56 -1.88 -38.58
N ILE A 717 -11.69 -1.39 -39.46
CA ILE A 717 -10.93 -0.19 -39.14
C ILE A 717 -11.24 0.94 -40.12
N SER A 718 -10.88 0.74 -41.38
CA SER A 718 -11.11 1.71 -42.45
C SER A 718 -10.86 1.03 -43.78
N LEU A 719 -10.88 1.81 -44.86
CA LEU A 719 -10.64 1.29 -46.20
C LEU A 719 -9.15 1.37 -46.53
N ALA A 720 -8.71 0.48 -47.40
CA ALA A 720 -7.30 0.44 -47.79
C ALA A 720 -6.92 1.68 -48.60
N THR A 721 -5.79 2.28 -48.24
CA THR A 721 -5.28 3.47 -48.91
C THR A 721 -3.81 3.38 -49.30
N GLN A 722 -3.07 2.38 -48.80
CA GLN A 722 -1.66 2.16 -49.05
C GLN A 722 -1.47 0.74 -49.59
N PRO A 723 -0.41 0.48 -50.37
CA PRO A 723 -0.20 -0.88 -50.88
C PRO A 723 0.11 -1.84 -49.74
N TYR A 724 -0.51 -3.02 -49.80
CA TYR A 724 -0.34 -4.01 -48.74
C TYR A 724 -0.56 -5.41 -49.30
N PHE A 725 -0.09 -6.39 -48.53
CA PHE A 725 -0.24 -7.80 -48.88
C PHE A 725 -0.25 -8.61 -47.60
N ASP A 726 -0.80 -9.82 -47.70
CA ASP A 726 -0.88 -10.70 -46.54
C ASP A 726 0.50 -11.23 -46.17
N SER A 727 0.62 -11.74 -44.95
CA SER A 727 1.87 -12.28 -44.46
C SER A 727 1.58 -13.35 -43.41
N TYR A 728 2.63 -14.11 -43.07
CA TYR A 728 2.52 -15.17 -42.08
C TYR A 728 2.22 -14.62 -40.69
N LEU A 729 2.84 -13.48 -40.34
CA LEU A 729 2.61 -12.89 -39.03
C LEU A 729 1.24 -12.22 -38.96
N GLY A 730 0.83 -11.57 -40.04
CA GLY A 730 -0.46 -10.90 -40.06
C GLY A 730 -0.59 -10.05 -41.31
N CYS A 731 -1.44 -9.03 -41.22
CA CYS A 731 -1.68 -8.13 -42.35
C CYS A 731 -0.82 -6.88 -42.17
N VAL A 732 0.22 -6.75 -42.98
CA VAL A 732 1.14 -5.62 -42.93
C VAL A 732 0.68 -4.55 -43.91
N PHE A 733 0.81 -3.29 -43.53
CA PHE A 733 0.43 -2.15 -44.34
C PHE A 733 1.64 -1.30 -44.72
N ASN A 734 1.54 -0.68 -45.91
CA ASN A 734 2.58 0.19 -46.46
C ASN A 734 3.94 -0.49 -46.53
N ALA A 735 3.93 -1.77 -46.92
CA ALA A 735 5.17 -2.53 -47.03
C ALA A 735 4.97 -3.66 -48.02
N ASP A 736 5.62 -3.55 -49.19
CA ASP A 736 5.51 -4.59 -50.20
C ASP A 736 6.26 -5.82 -49.72
N ASN A 737 5.63 -6.99 -49.81
CA ASN A 737 6.26 -8.21 -49.35
C ASN A 737 7.13 -8.84 -50.42
N LEU A 738 8.31 -9.31 -49.99
CA LEU A 738 9.29 -9.97 -50.85
C LEU A 738 9.99 -11.01 -49.97
N THR A 739 9.46 -12.23 -49.98
CA THR A 739 10.00 -13.31 -49.17
C THR A 739 11.30 -13.88 -49.73
N ASP A 740 11.48 -13.86 -51.06
CA ASP A 740 12.69 -14.40 -51.67
C ASP A 740 13.95 -13.64 -51.28
N TYR A 741 13.84 -12.33 -51.05
CA TYR A 741 15.02 -11.55 -50.67
C TYR A 741 15.47 -11.88 -49.25
N SER A 742 16.78 -11.87 -49.04
CA SER A 742 17.35 -12.18 -47.74
C SER A 742 18.46 -11.19 -47.40
N VAL A 743 18.46 -10.70 -46.16
CA VAL A 743 19.46 -9.76 -45.67
C VAL A 743 20.14 -10.37 -44.45
N SER A 744 21.46 -10.18 -44.36
CA SER A 744 22.24 -10.73 -43.26
C SER A 744 22.36 -9.78 -42.06
N SER A 745 21.78 -8.58 -42.14
CA SER A 745 21.88 -7.63 -41.03
C SER A 745 20.68 -6.71 -41.10
N CYS A 746 19.78 -6.82 -40.13
CA CYS A 746 18.58 -6.00 -40.08
C CYS A 746 18.49 -5.28 -38.74
N ALA A 747 17.89 -4.08 -38.77
CA ALA A 747 17.73 -3.26 -37.57
C ALA A 747 16.29 -3.20 -37.07
N LEU A 748 15.32 -3.62 -37.88
CA LEU A 748 13.90 -3.61 -37.50
C LEU A 748 13.39 -5.04 -37.60
N ARG A 749 13.61 -5.82 -36.55
CA ARG A 749 13.19 -7.21 -36.53
C ARG A 749 11.75 -7.30 -36.04
N MET A 750 10.93 -8.09 -36.75
CA MET A 750 9.53 -8.26 -36.41
C MET A 750 9.21 -9.62 -35.81
N GLY A 751 10.05 -10.63 -36.03
CA GLY A 751 9.81 -11.95 -35.51
C GLY A 751 9.71 -13.02 -36.56
N SER A 752 10.05 -14.25 -36.20
CA SER A 752 10.03 -15.42 -37.09
C SER A 752 10.90 -15.24 -38.32
N GLY A 753 12.00 -14.48 -38.18
CA GLY A 753 12.89 -14.26 -39.30
C GLY A 753 12.39 -13.32 -40.37
N PHE A 754 11.55 -12.35 -40.01
CA PHE A 754 11.00 -11.40 -40.96
C PHE A 754 11.46 -9.99 -40.58
N CYS A 755 11.94 -9.23 -41.58
CA CYS A 755 12.43 -7.88 -41.36
C CYS A 755 11.85 -6.92 -42.41
N VAL A 756 11.80 -5.65 -42.03
CA VAL A 756 11.31 -4.57 -42.89
C VAL A 756 12.34 -3.46 -42.89
N ASP A 757 12.55 -2.83 -44.05
CA ASP A 757 13.54 -1.76 -44.16
C ASP A 757 13.16 -0.84 -45.30
N TYR A 758 13.55 0.43 -45.16
CA TYR A 758 13.28 1.43 -46.18
C TYR A 758 14.26 1.28 -47.33
N ASN A 759 13.75 1.28 -48.55
CA ASN A 759 14.58 1.14 -49.74
C ASN A 759 15.34 2.42 -50.04
N SER A 776 9.14 3.64 -49.56
CA SER A 776 8.27 2.60 -49.01
C SER A 776 9.08 1.42 -48.49
N TYR A 777 8.71 0.92 -47.32
CA TYR A 777 9.40 -0.22 -46.73
C TYR A 777 9.08 -1.49 -47.51
N ARG A 778 9.96 -2.48 -47.37
CA ARG A 778 9.78 -3.77 -48.03
C ARG A 778 9.88 -4.89 -47.01
N PHE A 779 8.90 -5.79 -47.05
CA PHE A 779 8.85 -6.93 -46.15
C PHE A 779 9.75 -8.03 -46.71
N VAL A 780 10.84 -8.32 -46.01
CA VAL A 780 11.78 -9.34 -46.44
C VAL A 780 12.09 -10.27 -45.26
N THR A 781 12.89 -11.29 -45.54
CA THR A 781 13.30 -12.26 -44.55
C THR A 781 14.77 -12.01 -44.23
N PHE A 782 15.16 -12.29 -42.99
CA PHE A 782 16.55 -12.08 -42.60
C PHE A 782 17.12 -13.30 -41.91
N GLU A 783 18.36 -13.61 -42.25
CA GLU A 783 19.11 -14.73 -41.68
C GLU A 783 20.38 -14.15 -41.08
N PRO A 784 20.54 -14.18 -39.76
CA PRO A 784 21.75 -13.60 -39.14
C PRO A 784 23.06 -14.20 -39.61
N PHE A 785 23.10 -15.52 -39.86
CA PHE A 785 24.32 -16.15 -40.31
C PHE A 785 23.99 -17.27 -41.29
N ASN A 786 24.82 -17.39 -42.33
CA ASN A 786 24.67 -18.41 -43.35
C ASN A 786 25.91 -19.29 -43.36
N VAL A 787 25.71 -20.56 -43.71
CA VAL A 787 26.82 -21.50 -43.77
C VAL A 787 27.70 -21.18 -44.97
N SER A 788 28.98 -21.55 -44.86
CA SER A 788 29.94 -21.30 -45.93
C SER A 788 29.89 -22.44 -46.93
N PHE A 789 29.11 -22.25 -48.00
CA PHE A 789 28.97 -23.27 -49.03
C PHE A 789 30.23 -23.36 -49.88
N VAL A 790 30.57 -24.58 -50.30
CA VAL A 790 31.74 -24.82 -51.14
C VAL A 790 31.29 -25.64 -52.35
N ASN A 791 32.12 -25.62 -53.39
CA ASN A 791 31.86 -26.34 -54.63
C ASN A 791 32.63 -27.66 -54.70
N ASP A 792 32.82 -28.33 -53.56
CA ASP A 792 33.55 -29.59 -53.50
C ASP A 792 32.57 -30.74 -53.28
N SER A 793 32.99 -31.94 -53.68
CA SER A 793 32.17 -33.13 -53.54
C SER A 793 32.04 -33.56 -52.08
N ILE A 794 30.99 -34.32 -51.81
CA ILE A 794 30.69 -34.83 -50.48
C ILE A 794 31.27 -36.23 -50.27
N GLU A 795 31.05 -37.12 -51.24
CA GLU A 795 31.55 -38.49 -51.14
C GLU A 795 33.07 -38.51 -51.33
N SER A 796 33.64 -39.70 -51.15
CA SER A 796 35.08 -39.91 -51.29
C SER A 796 35.37 -40.66 -52.57
N VAL A 797 36.16 -40.06 -53.46
CA VAL A 797 36.54 -40.67 -54.72
C VAL A 797 37.96 -41.21 -54.57
N GLY A 798 38.12 -42.51 -54.82
CA GLY A 798 39.41 -43.14 -54.69
C GLY A 798 39.96 -43.19 -53.28
N GLY A 799 39.11 -42.97 -52.28
CA GLY A 799 39.54 -42.98 -50.89
C GLY A 799 40.05 -41.66 -50.36
N LEU A 800 39.78 -40.56 -51.05
CA LEU A 800 40.25 -39.24 -50.63
C LEU A 800 39.07 -38.27 -50.62
N TYR A 801 39.21 -37.20 -49.83
CA TYR A 801 38.17 -36.19 -49.67
C TYR A 801 38.67 -34.83 -50.15
N GLU A 802 37.84 -33.80 -49.96
CA GLU A 802 38.15 -32.43 -50.37
C GLU A 802 37.89 -31.48 -49.22
N ILE A 803 38.95 -30.84 -48.70
CA ILE A 803 38.83 -29.89 -47.59
C ILE A 803 39.63 -28.64 -47.93
N LYS A 804 39.03 -27.48 -47.70
CA LYS A 804 39.65 -26.17 -47.94
C LYS A 804 40.55 -25.84 -46.75
N ILE A 805 41.87 -25.98 -46.92
CA ILE A 805 42.78 -25.65 -45.83
C ILE A 805 43.42 -24.30 -46.15
N PRO A 806 43.73 -23.48 -45.14
CA PRO A 806 44.32 -22.18 -45.39
C PRO A 806 45.76 -22.21 -45.88
N THR A 807 46.17 -21.08 -46.45
CA THR A 807 47.52 -20.86 -46.95
C THR A 807 48.13 -19.55 -46.48
N ASN A 808 47.32 -18.59 -46.06
CA ASN A 808 47.76 -17.28 -45.56
C ASN A 808 47.00 -17.01 -44.27
N PHE A 809 47.66 -16.35 -43.33
CA PHE A 809 47.02 -16.06 -42.05
C PHE A 809 47.41 -14.68 -41.54
N THR A 810 46.48 -14.05 -40.83
CA THR A 810 46.66 -12.74 -40.23
C THR A 810 46.04 -12.80 -38.84
N ILE A 811 46.85 -12.53 -37.81
CA ILE A 811 46.36 -12.56 -36.44
C ILE A 811 45.46 -11.36 -36.21
N VAL A 812 44.20 -11.62 -35.90
CA VAL A 812 43.23 -10.58 -35.66
C VAL A 812 43.07 -10.35 -34.16
N GLY A 813 42.47 -9.23 -33.79
CA GLY A 813 42.27 -8.90 -32.39
C GLY A 813 40.83 -8.59 -32.06
N GLN A 814 40.26 -9.36 -31.15
CA GLN A 814 38.88 -9.18 -30.71
C GLN A 814 38.83 -8.38 -29.42
N GLU A 815 37.64 -7.90 -29.08
CA GLU A 815 37.41 -7.13 -27.87
C GLU A 815 36.32 -7.77 -27.02
N GLU A 816 36.44 -7.57 -25.71
CA GLU A 816 35.47 -8.10 -24.77
C GLU A 816 35.60 -7.34 -23.45
N PHE A 817 34.47 -6.92 -22.90
CA PHE A 817 34.41 -6.18 -21.65
C PHE A 817 33.52 -6.95 -20.70
N ILE A 818 34.04 -7.27 -19.51
CA ILE A 818 33.32 -8.01 -18.49
C ILE A 818 33.14 -7.08 -17.29
N GLN A 819 31.89 -6.81 -16.93
CA GLN A 819 31.59 -5.94 -15.80
C GLN A 819 32.00 -6.62 -14.50
N THR A 820 33.08 -6.14 -13.90
CA THR A 820 33.61 -6.69 -12.65
C THR A 820 33.23 -5.83 -11.44
N ASN A 821 33.42 -4.52 -11.53
CA ASN A 821 33.10 -3.60 -10.45
C ASN A 821 31.91 -2.74 -10.85
N SER A 822 31.14 -2.33 -9.86
CA SER A 822 29.96 -1.49 -10.05
C SER A 822 30.03 -0.31 -9.10
N PRO A 823 29.37 0.79 -9.42
CA PRO A 823 29.40 1.97 -8.52
C PRO A 823 28.73 1.67 -7.19
N LYS A 824 29.48 1.84 -6.11
CA LYS A 824 28.98 1.59 -4.75
C LYS A 824 28.03 2.70 -4.33
N VAL A 825 26.73 2.48 -4.51
CA VAL A 825 25.73 3.47 -4.16
C VAL A 825 25.34 3.33 -2.69
N THR A 826 25.11 4.47 -2.03
CA THR A 826 24.71 4.51 -0.63
C THR A 826 23.50 5.41 -0.49
N ILE A 827 22.56 5.00 0.37
CA ILE A 827 21.32 5.73 0.63
C ILE A 827 21.14 5.79 2.14
N ASP A 828 20.73 6.95 2.65
CA ASP A 828 20.54 7.14 4.07
C ASP A 828 19.08 6.96 4.49
N CYS A 829 18.89 6.90 5.81
CA CYS A 829 17.57 6.74 6.40
C CYS A 829 16.95 8.09 6.80
N SER A 830 17.75 9.16 6.82
CA SER A 830 17.26 10.48 7.18
C SER A 830 17.50 11.52 6.10
N LEU A 831 18.00 11.13 4.93
CA LEU A 831 18.26 12.06 3.83
C LEU A 831 17.35 11.81 2.65
N PHE A 832 17.34 10.60 2.09
CA PHE A 832 16.47 10.30 0.96
C PHE A 832 15.06 9.95 1.42
N VAL A 833 14.93 9.37 2.61
CA VAL A 833 13.63 9.00 3.16
C VAL A 833 12.80 10.25 3.41
N CYS A 834 13.42 11.28 4.01
CA CYS A 834 12.77 12.54 4.29
C CYS A 834 13.85 13.61 4.33
N SER A 835 13.45 14.86 4.10
CA SER A 835 14.40 15.96 4.11
C SER A 835 14.81 16.30 5.54
N ASN A 836 15.64 17.34 5.67
CA ASN A 836 16.15 17.78 6.97
C ASN A 836 15.10 18.61 7.72
N TYR A 837 14.08 17.92 8.21
CA TYR A 837 13.00 18.52 8.99
C TYR A 837 12.88 17.79 10.33
N ALA A 838 11.94 18.25 11.15
CA ALA A 838 11.70 17.68 12.47
C ALA A 838 10.49 16.75 12.51
N ALA A 839 9.44 17.06 11.74
CA ALA A 839 8.24 16.21 11.75
C ALA A 839 8.53 14.83 11.15
N CYS A 840 9.32 14.79 10.08
CA CYS A 840 9.65 13.51 9.45
C CYS A 840 10.62 12.70 10.31
N HIS A 841 11.60 13.36 10.92
CA HIS A 841 12.57 12.66 11.75
C HIS A 841 11.94 12.18 13.06
N ASP A 842 10.97 12.93 13.59
CA ASP A 842 10.31 12.53 14.84
C ASP A 842 9.50 11.26 14.64
N LEU A 843 8.81 11.14 13.50
CA LEU A 843 8.01 9.96 13.24
C LEU A 843 8.89 8.76 12.90
N LEU A 844 10.14 9.00 12.47
CA LEU A 844 11.07 7.95 12.13
C LEU A 844 11.80 7.37 13.34
N SER A 845 11.33 7.66 14.56
CA SER A 845 11.99 7.12 15.74
C SER A 845 11.50 5.69 16.01
N GLU A 846 10.21 5.54 16.26
CA GLU A 846 9.65 4.21 16.52
C GLU A 846 9.51 3.42 15.22
N TYR A 847 9.38 4.10 14.09
CA TYR A 847 9.25 3.48 12.78
C TYR A 847 10.60 3.32 12.09
N GLY A 848 11.69 3.66 12.77
CA GLY A 848 13.03 3.55 12.21
C GLY A 848 13.53 2.15 12.01
N THR A 849 12.87 1.15 12.61
CA THR A 849 13.30 -0.23 12.44
C THR A 849 13.05 -0.76 11.04
N PHE A 850 12.28 -0.05 10.22
CA PHE A 850 12.01 -0.47 8.85
C PHE A 850 13.14 -0.09 7.90
N CYS A 851 14.06 0.77 8.33
CA CYS A 851 15.19 1.17 7.50
C CYS A 851 16.50 0.53 7.94
N ASP A 852 16.53 -0.12 9.11
CA ASP A 852 17.73 -0.78 9.57
C ASP A 852 18.10 -1.94 8.66
N ASN A 853 17.09 -2.68 8.18
CA ASN A 853 17.37 -3.78 7.26
C ASN A 853 17.86 -3.25 5.92
N ILE A 854 17.37 -2.07 5.52
CA ILE A 854 17.83 -1.46 4.27
C ILE A 854 19.28 -1.06 4.39
N ASN A 855 19.66 -0.45 5.52
CA ASN A 855 21.05 -0.06 5.72
C ASN A 855 21.95 -1.29 5.83
N SER A 856 21.47 -2.34 6.48
CA SER A 856 22.26 -3.57 6.62
C SER A 856 22.45 -4.27 5.28
N ILE A 857 21.40 -4.34 4.46
CA ILE A 857 21.54 -4.98 3.17
C ILE A 857 22.42 -4.13 2.26
N LEU A 858 22.37 -2.80 2.39
CA LEU A 858 23.25 -1.96 1.58
C LEU A 858 24.70 -2.12 2.01
N ASP A 859 24.94 -2.28 3.31
CA ASP A 859 26.29 -2.51 3.79
C ASP A 859 26.79 -3.87 3.32
N GLU A 860 25.89 -4.85 3.23
CA GLU A 860 26.25 -6.17 2.73
C GLU A 860 26.62 -6.09 1.25
N VAL A 861 25.88 -5.27 0.49
CA VAL A 861 26.18 -5.09 -0.94
C VAL A 861 27.54 -4.41 -1.11
N ASN A 862 27.81 -3.38 -0.31
CA ASN A 862 29.11 -2.69 -0.39
C ASN A 862 30.24 -3.62 0.01
N GLY A 863 30.03 -4.46 1.03
CA GLY A 863 31.04 -5.40 1.43
C GLY A 863 31.27 -6.45 0.36
N LEU A 864 30.20 -6.86 -0.32
CA LEU A 864 30.32 -7.83 -1.40
C LEU A 864 31.14 -7.23 -2.55
N LEU A 865 30.88 -5.97 -2.87
CA LEU A 865 31.61 -5.30 -3.95
C LEU A 865 33.08 -5.13 -3.61
N ASP A 866 33.39 -4.69 -2.38
CA ASP A 866 34.79 -4.51 -2.02
C ASP A 866 35.53 -5.84 -1.91
N THR A 867 34.86 -6.90 -1.43
CA THR A 867 35.51 -8.19 -1.35
C THR A 867 35.74 -8.78 -2.73
N THR A 868 34.82 -8.57 -3.67
CA THR A 868 35.03 -9.06 -5.02
C THR A 868 36.18 -8.31 -5.68
N GLN A 869 36.24 -6.98 -5.45
CA GLN A 869 37.33 -6.18 -6.00
C GLN A 869 38.67 -6.63 -5.44
N LEU A 870 38.71 -6.93 -4.14
CA LEU A 870 39.94 -7.40 -3.51
C LEU A 870 40.33 -8.77 -4.06
N HIS A 871 39.35 -9.63 -4.31
CA HIS A 871 39.67 -10.95 -4.85
C HIS A 871 40.19 -10.84 -6.27
N VAL A 872 39.66 -9.88 -7.04
CA VAL A 872 40.15 -9.67 -8.41
C VAL A 872 41.58 -9.15 -8.38
N ALA A 873 41.86 -8.20 -7.49
CA ALA A 873 43.22 -7.68 -7.36
C ALA A 873 44.18 -8.76 -6.88
N ASP A 874 43.68 -9.69 -6.05
CA ASP A 874 44.54 -10.76 -5.55
C ASP A 874 44.82 -11.80 -6.63
N THR A 875 43.79 -12.18 -7.41
CA THR A 875 43.99 -13.16 -8.46
C THR A 875 44.75 -12.57 -9.64
N LEU A 876 44.84 -11.24 -9.74
CA LEU A 876 45.60 -10.63 -10.80
C LEU A 876 47.11 -10.70 -10.53
N MET A 877 47.50 -11.08 -9.32
CA MET A 877 48.90 -11.17 -8.92
C MET A 877 49.14 -12.49 -8.18
N GLN A 878 48.64 -13.60 -8.74
CA GLN A 878 48.78 -14.88 -8.06
C GLN A 878 50.22 -15.36 -7.95
N GLY A 879 51.02 -15.19 -9.00
CA GLY A 879 52.40 -15.63 -8.93
C GLY A 879 53.39 -14.68 -9.57
N VAL A 880 53.11 -13.38 -9.47
CA VAL A 880 53.98 -12.38 -10.07
C VAL A 880 55.32 -12.33 -9.35
N THR A 881 56.36 -11.95 -10.11
CA THR A 881 57.72 -11.81 -9.58
C THR A 881 58.38 -10.77 -10.47
N LEU A 882 58.43 -9.54 -10.00
CA LEU A 882 59.03 -8.47 -10.78
C LEU A 882 60.49 -8.26 -10.38
N SER A 883 61.15 -7.37 -11.09
CA SER A 883 62.55 -7.05 -10.85
C SER A 883 62.68 -5.65 -10.26
N SER A 884 63.62 -5.47 -9.34
CA SER A 884 63.83 -4.17 -8.72
C SER A 884 64.39 -3.16 -9.72
N ASN A 885 65.27 -3.60 -10.61
CA ASN A 885 65.87 -2.72 -11.61
C ASN A 885 65.05 -2.75 -12.90
N LEU A 886 63.78 -2.38 -12.77
CA LEU A 886 62.83 -2.35 -13.88
C LEU A 886 62.39 -0.91 -14.12
N ASN A 887 62.92 -0.31 -15.20
CA ASN A 887 62.57 1.05 -15.57
C ASN A 887 61.43 0.96 -16.58
N THR A 888 60.20 1.19 -16.11
CA THR A 888 59.03 1.12 -16.98
C THR A 888 59.04 2.22 -18.03
N ASN A 889 59.47 3.43 -17.66
CA ASN A 889 59.49 4.53 -18.60
C ASN A 889 60.64 4.42 -19.60
N LEU A 890 61.71 3.72 -19.25
CA LEU A 890 62.86 3.57 -20.14
C LEU A 890 62.78 2.28 -20.95
N HIS A 891 62.76 1.14 -20.29
CA HIS A 891 62.71 -0.16 -20.94
C HIS A 891 61.25 -0.61 -21.04
N PHE A 892 60.66 -0.43 -22.22
CA PHE A 892 59.27 -0.82 -22.43
C PHE A 892 59.01 -1.42 -23.81
N ASP A 893 60.05 -1.68 -24.61
CA ASP A 893 59.84 -2.25 -25.94
C ASP A 893 61.01 -3.17 -26.27
N VAL A 894 60.70 -4.40 -26.70
CA VAL A 894 61.72 -5.37 -27.05
C VAL A 894 61.07 -6.45 -27.92
N ASP A 895 61.89 -7.10 -28.74
CA ASP A 895 61.50 -8.19 -29.64
C ASP A 895 60.46 -7.78 -30.69
N ASN A 896 60.70 -6.62 -31.31
CA ASN A 896 59.90 -6.04 -32.40
C ASN A 896 58.39 -5.93 -32.10
N ILE A 897 57.96 -5.91 -30.84
CA ILE A 897 56.54 -5.79 -30.53
C ILE A 897 56.36 -4.57 -29.64
N ASN A 898 55.40 -3.71 -30.01
CA ASN A 898 55.13 -2.49 -29.26
C ASN A 898 54.38 -2.78 -27.98
N PHE A 899 54.93 -2.30 -26.85
CA PHE A 899 54.33 -2.45 -25.53
C PHE A 899 54.17 -1.10 -24.84
N LYS A 900 54.15 -0.01 -25.62
CA LYS A 900 54.02 1.33 -25.04
C LYS A 900 52.65 1.53 -24.42
N SER A 901 51.61 0.96 -25.02
CA SER A 901 50.25 1.10 -24.51
C SER A 901 49.98 0.23 -23.29
N LEU A 902 50.90 -0.67 -22.94
CA LEU A 902 50.72 -1.55 -21.79
C LEU A 902 51.64 -1.20 -20.63
N VAL A 903 52.20 0.01 -20.62
CA VAL A 903 53.10 0.47 -19.56
C VAL A 903 52.62 1.87 -19.15
N GLY A 904 52.41 2.06 -17.84
CA GLY A 904 51.94 3.35 -17.38
C GLY A 904 52.56 3.95 -16.13
N CYS A 905 53.85 3.71 -15.89
CA CYS A 905 54.50 4.27 -14.71
C CYS A 905 55.89 4.77 -15.09
N LEU A 906 56.37 5.76 -14.35
CA LEU A 906 57.68 6.35 -14.58
C LEU A 906 58.39 6.58 -13.25
N GLY A 907 59.70 6.34 -13.24
CA GLY A 907 60.50 6.52 -12.06
C GLY A 907 60.26 5.48 -11.00
N PRO A 908 60.81 5.68 -9.80
CA PRO A 908 60.59 4.71 -8.72
C PRO A 908 59.17 4.72 -8.20
N HIS A 909 58.58 5.90 -8.01
CA HIS A 909 57.21 6.05 -7.54
C HIS A 909 56.43 6.82 -8.61
N CYS A 910 55.49 6.14 -9.27
CA CYS A 910 54.68 6.77 -10.32
C CYS A 910 53.46 7.44 -9.68
N GLY A 911 53.65 8.69 -9.28
CA GLY A 911 52.58 9.46 -8.67
C GLY A 911 51.91 10.34 -9.71
N SER A 912 52.71 11.01 -10.53
CA SER A 912 52.16 11.87 -11.57
C SER A 912 51.48 11.06 -12.67
N SER A 913 52.08 9.92 -13.03
CA SER A 913 51.53 9.02 -14.05
C SER A 913 50.82 7.88 -13.34
N SER A 914 49.55 7.68 -13.67
CA SER A 914 48.73 6.63 -13.05
C SER A 914 48.38 5.52 -14.03
N ARG A 915 47.78 5.86 -15.16
CA ARG A 915 47.37 4.88 -16.16
C ARG A 915 48.31 4.90 -17.36
N SER A 916 48.11 3.95 -18.26
CA SER A 916 48.92 3.83 -19.47
C SER A 916 48.25 4.61 -20.61
N PHE A 917 48.82 4.48 -21.82
CA PHE A 917 48.25 5.17 -22.97
C PHE A 917 46.93 4.55 -23.40
N PHE A 918 46.88 3.22 -23.44
CA PHE A 918 45.66 2.52 -23.84
C PHE A 918 44.55 2.79 -22.84
N GLU A 919 44.88 2.78 -21.54
CA GLU A 919 43.90 3.09 -20.52
C GLU A 919 43.45 4.54 -20.63
N ASP A 920 44.36 5.44 -21.03
CA ASP A 920 44.00 6.84 -21.20
C ASP A 920 42.99 6.99 -22.34
N LEU A 921 43.22 6.27 -23.44
CA LEU A 921 42.28 6.33 -24.56
C LEU A 921 40.94 5.72 -24.18
N LEU A 922 40.94 4.73 -23.29
CA LEU A 922 39.68 4.13 -22.84
C LEU A 922 38.94 5.05 -21.89
N PHE A 923 39.67 5.80 -21.05
CA PHE A 923 39.05 6.68 -20.08
C PHE A 923 38.68 8.06 -20.63
N ASP A 924 39.21 8.45 -21.79
CA ASP A 924 38.82 9.76 -22.33
C ASP A 924 37.36 9.79 -22.77
N LYS A 925 36.85 8.69 -23.30
CA LYS A 925 35.47 8.62 -23.74
C LYS A 925 34.50 8.29 -22.61
N VAL A 926 35.00 7.84 -21.46
CA VAL A 926 34.18 7.50 -20.30
C VAL A 926 34.61 8.43 -19.19
N LYS A 927 33.94 9.57 -19.06
CA LYS A 927 34.30 10.54 -18.03
C LYS A 927 33.66 10.26 -16.68
N LEU A 928 32.74 9.31 -16.59
CA LEU A 928 32.08 9.00 -15.32
C LEU A 928 32.77 7.82 -14.63
N SER A 929 34.07 7.99 -14.38
CA SER A 929 34.89 7.00 -13.71
C SER A 929 35.09 7.44 -12.26
N ASP A 930 35.99 6.76 -11.54
CA ASP A 930 36.26 7.10 -10.15
C ASP A 930 36.82 8.51 -10.05
N VAL A 931 37.79 8.85 -10.90
CA VAL A 931 38.33 10.21 -10.90
C VAL A 931 37.28 11.18 -11.39
N GLY A 932 36.44 10.75 -12.35
CA GLY A 932 35.38 11.61 -12.84
C GLY A 932 34.33 11.86 -11.78
N PHE A 933 33.98 10.82 -11.01
CA PHE A 933 33.00 10.98 -9.94
C PHE A 933 33.52 11.89 -8.84
N VAL A 934 34.79 11.70 -8.43
CA VAL A 934 35.33 12.56 -7.38
C VAL A 934 35.51 13.99 -7.89
N GLU A 935 35.78 14.17 -9.18
CA GLU A 935 35.93 15.52 -9.71
C GLU A 935 34.57 16.22 -9.80
N ALA A 936 33.54 15.46 -10.18
CA ALA A 936 32.21 16.04 -10.26
C ALA A 936 31.66 16.36 -8.89
N TYR A 937 32.00 15.54 -7.89
CA TYR A 937 31.55 15.81 -6.53
C TYR A 937 32.32 16.96 -5.91
N ASN A 938 33.60 17.12 -6.28
CA ASN A 938 34.40 18.22 -5.75
C ASN A 938 33.94 19.56 -6.32
N ASN A 939 33.65 19.59 -7.62
CA ASN A 939 33.21 20.82 -8.28
C ASN A 939 31.71 21.00 -8.14
N CYS A 940 31.27 21.14 -6.89
CA CYS A 940 29.86 21.33 -6.59
C CYS A 940 29.66 22.54 -5.68
N THR A 941 30.66 22.83 -4.86
CA THR A 941 30.60 23.97 -3.95
C THR A 941 31.74 24.97 -4.13
N GLY A 942 32.80 24.60 -4.85
CA GLY A 942 33.93 25.50 -5.07
C GLY A 942 33.72 26.52 -6.17
N GLY A 943 32.63 26.44 -6.90
CA GLY A 943 32.36 27.40 -7.96
C GLY A 943 32.40 26.79 -9.35
N SER A 944 31.23 26.51 -9.92
CA SER A 944 31.11 25.93 -11.25
C SER A 944 29.72 26.26 -11.78
N GLU A 945 29.32 25.58 -12.85
CA GLU A 945 28.02 25.77 -13.47
C GLU A 945 27.17 24.52 -13.25
N ILE A 946 25.89 24.72 -12.95
CA ILE A 946 24.97 23.61 -12.70
C ILE A 946 24.47 23.06 -14.04
N ARG A 947 25.10 21.97 -14.49
CA ARG A 947 24.73 21.32 -15.73
C ARG A 947 24.68 19.80 -15.59
N ASP A 948 24.89 19.27 -14.39
CA ASP A 948 24.87 17.84 -14.13
C ASP A 948 23.93 17.53 -12.98
N LEU A 949 23.46 16.29 -12.94
CA LEU A 949 22.55 15.83 -11.89
C LEU A 949 23.28 15.22 -10.70
N LEU A 950 24.62 15.18 -10.72
CA LEU A 950 25.34 14.60 -9.60
C LEU A 950 25.25 15.47 -8.35
N CYS A 951 25.14 16.79 -8.51
CA CYS A 951 25.00 17.66 -7.34
C CYS A 951 23.63 17.50 -6.69
N VAL A 952 22.57 17.35 -7.48
CA VAL A 952 21.26 17.15 -6.88
C VAL A 952 21.13 15.72 -6.37
N GLN A 953 21.90 14.78 -6.93
CA GLN A 953 21.84 13.41 -6.46
C GLN A 953 22.58 13.25 -5.14
N SER A 954 23.80 13.79 -5.06
CA SER A 954 24.61 13.67 -3.85
C SER A 954 24.06 14.47 -2.67
N PHE A 955 23.22 15.47 -2.91
CA PHE A 955 22.67 16.26 -1.82
C PHE A 955 21.34 15.71 -1.30
N ASN A 956 20.84 14.63 -1.88
CA ASN A 956 19.61 14.01 -1.43
C ASN A 956 19.86 12.65 -0.78
N GLY A 957 21.11 12.37 -0.40
CA GLY A 957 21.46 11.12 0.23
C GLY A 957 21.88 10.01 -0.71
N ILE A 958 21.70 10.19 -2.02
CA ILE A 958 22.07 9.17 -3.00
C ILE A 958 23.45 9.55 -3.52
N LYS A 959 24.48 9.08 -2.84
CA LYS A 959 25.86 9.35 -3.22
C LYS A 959 26.52 8.06 -3.69
N VAL A 960 27.63 8.22 -4.42
CA VAL A 960 28.41 7.10 -4.94
C VAL A 960 29.78 7.18 -4.31
N LEU A 961 30.03 6.33 -3.30
CA LEU A 961 31.33 6.33 -2.65
C LEU A 961 32.38 5.73 -3.57
N PRO A 962 33.62 6.24 -3.51
CA PRO A 962 34.68 5.69 -4.35
C PRO A 962 35.06 4.30 -3.90
N PRO A 963 35.57 3.46 -4.80
CA PRO A 963 35.94 2.10 -4.41
C PRO A 963 37.15 2.11 -3.48
N ILE A 964 37.31 1.00 -2.75
CA ILE A 964 38.42 0.86 -1.81
C ILE A 964 39.76 0.88 -2.54
N LEU A 965 39.77 0.47 -3.80
CA LEU A 965 40.97 0.47 -4.63
C LEU A 965 40.71 1.41 -5.80
N SER A 966 41.52 2.45 -5.92
CA SER A 966 41.35 3.41 -6.99
C SER A 966 41.69 2.80 -8.34
N GLU A 967 41.28 3.49 -9.41
CA GLU A 967 41.56 3.01 -10.76
C GLU A 967 43.05 3.04 -11.05
N SER A 968 43.79 3.92 -10.37
CA SER A 968 45.23 4.00 -10.56
C SER A 968 45.91 2.75 -10.02
N GLN A 969 45.44 2.26 -8.87
CA GLN A 969 46.02 1.05 -8.28
C GLN A 969 45.76 -0.18 -9.14
N ILE A 970 44.52 -0.34 -9.62
CA ILE A 970 44.19 -1.48 -10.47
C ILE A 970 44.91 -1.36 -11.81
N SER A 971 45.08 -0.14 -12.31
CA SER A 971 45.81 0.06 -13.56
C SER A 971 47.27 -0.32 -13.39
N GLY A 972 47.85 0.02 -12.23
CA GLY A 972 49.22 -0.37 -11.95
C GLY A 972 49.35 -1.86 -11.77
N TYR A 973 48.32 -2.51 -11.22
CA TYR A 973 48.32 -3.96 -11.05
C TYR A 973 48.32 -4.64 -12.41
N THR A 974 47.45 -4.17 -13.31
CA THR A 974 47.38 -4.73 -14.65
C THR A 974 48.67 -4.48 -15.42
N THR A 975 49.27 -3.30 -15.22
CA THR A 975 50.53 -2.97 -15.87
C THR A 975 51.64 -3.89 -15.37
N ALA A 976 51.67 -4.15 -14.05
CA ALA A 976 52.68 -5.03 -13.48
C ALA A 976 52.53 -6.44 -14.02
N ALA A 977 51.28 -6.91 -14.14
CA ALA A 977 51.04 -8.25 -14.67
C ALA A 977 51.47 -8.36 -16.13
N THR A 978 51.14 -7.32 -16.93
CA THR A 978 51.50 -7.33 -18.35
C THR A 978 53.02 -7.28 -18.54
N VAL A 979 53.72 -6.48 -17.72
CA VAL A 979 55.17 -6.39 -17.83
C VAL A 979 55.82 -7.69 -17.35
N ALA A 980 55.28 -8.28 -16.28
CA ALA A 980 55.81 -9.54 -15.77
C ALA A 980 55.57 -10.69 -16.74
N ALA A 981 54.56 -10.58 -17.61
CA ALA A 981 54.30 -11.63 -18.58
C ALA A 981 55.39 -11.72 -19.65
N MET A 982 56.14 -10.64 -19.87
CA MET A 982 57.19 -10.64 -20.88
C MET A 982 58.60 -10.48 -20.31
N PHE A 983 58.79 -9.57 -19.36
CA PHE A 983 60.15 -9.46 -18.86
C PHE A 983 60.41 -10.52 -17.79
N PRO A 984 61.64 -11.05 -17.72
CA PRO A 984 61.95 -12.09 -16.74
C PRO A 984 61.95 -11.57 -15.32
N PRO A 985 61.47 -12.36 -14.35
CA PRO A 985 60.92 -13.71 -14.55
C PRO A 985 59.46 -13.69 -15.01
N TRP A 986 59.14 -14.57 -15.95
CA TRP A 986 57.80 -14.65 -16.51
C TRP A 986 56.82 -15.27 -15.53
N SER A 987 55.67 -14.60 -15.36
CA SER A 987 54.61 -15.07 -14.46
C SER A 987 53.30 -15.34 -15.18
N ALA A 988 52.77 -14.37 -15.91
CA ALA A 988 51.51 -14.50 -16.62
C ALA A 988 51.67 -15.11 -18.01
N ALA A 989 52.76 -15.85 -18.25
CA ALA A 989 52.99 -16.47 -19.55
C ALA A 989 53.53 -17.89 -19.39
N ALA A 990 53.27 -18.50 -18.23
CA ALA A 990 53.70 -19.87 -17.90
C ALA A 990 55.21 -20.06 -18.00
N GLY A 991 55.97 -19.03 -17.63
CA GLY A 991 57.42 -19.11 -17.66
C GLY A 991 58.10 -19.26 -19.00
N ILE A 992 57.69 -18.47 -19.99
CA ILE A 992 58.30 -18.56 -21.32
C ILE A 992 58.15 -17.16 -21.91
N PRO A 993 59.05 -16.69 -22.79
CA PRO A 993 58.88 -15.35 -23.36
C PRO A 993 57.63 -15.23 -24.22
N PHE A 994 57.20 -13.99 -24.45
CA PHE A 994 55.99 -13.72 -25.21
C PHE A 994 56.08 -14.25 -26.65
N SER A 995 57.22 -14.04 -27.31
CA SER A 995 57.38 -14.55 -28.67
C SER A 995 57.38 -16.07 -28.68
N LEU A 996 58.06 -16.68 -27.71
CA LEU A 996 58.05 -18.13 -27.62
C LEU A 996 56.68 -18.63 -27.21
N ASN A 997 55.95 -17.85 -26.41
CA ASN A 997 54.60 -18.26 -26.00
C ASN A 997 53.65 -18.27 -27.18
N VAL A 998 53.69 -17.23 -28.02
CA VAL A 998 52.81 -17.22 -29.19
C VAL A 998 53.23 -18.27 -30.19
N GLN A 999 54.54 -18.53 -30.32
CA GLN A 999 55.01 -19.56 -31.25
C GLN A 999 54.59 -20.95 -30.80
N TYR A 1000 54.65 -21.21 -29.49
CA TYR A 1000 54.26 -22.53 -28.99
C TYR A 1000 52.75 -22.70 -28.94
N ARG A 1001 52.01 -21.63 -28.67
CA ARG A 1001 50.55 -21.72 -28.61
C ARG A 1001 49.95 -21.88 -30.00
N ILE A 1002 50.55 -21.22 -31.00
CA ILE A 1002 50.03 -21.33 -32.36
C ILE A 1002 50.25 -22.72 -32.95
N ASN A 1003 51.13 -23.52 -32.34
CA ASN A 1003 51.36 -24.88 -32.83
C ASN A 1003 50.18 -25.79 -32.50
N GLY A 1004 49.45 -25.48 -31.44
CA GLY A 1004 48.31 -26.29 -31.05
C GLY A 1004 47.17 -26.27 -32.05
N LEU A 1005 47.10 -25.22 -32.87
CA LEU A 1005 46.03 -25.14 -33.87
C LEU A 1005 46.34 -26.01 -35.08
N GLY A 1006 47.61 -26.28 -35.36
CA GLY A 1006 47.96 -27.12 -36.49
C GLY A 1006 49.16 -26.70 -37.32
N VAL A 1007 49.46 -25.40 -37.37
CA VAL A 1007 50.59 -24.93 -38.17
C VAL A 1007 51.90 -25.29 -37.47
N THR A 1008 52.87 -25.77 -38.25
CA THR A 1008 54.17 -26.16 -37.74
C THR A 1008 55.08 -24.95 -37.55
N MET A 1009 56.18 -25.16 -36.81
CA MET A 1009 57.13 -24.09 -36.55
C MET A 1009 58.03 -23.78 -37.73
N ASP A 1010 57.98 -24.57 -38.81
CA ASP A 1010 58.86 -24.31 -39.95
C ASP A 1010 58.48 -22.99 -40.62
N VAL A 1011 57.20 -22.61 -40.57
CA VAL A 1011 56.76 -21.36 -41.16
C VAL A 1011 56.88 -20.22 -40.15
N LEU A 1012 56.57 -20.50 -38.89
CA LEU A 1012 56.63 -19.48 -37.84
C LEU A 1012 58.05 -18.99 -37.59
N ASN A 1013 59.03 -19.90 -37.63
CA ASN A 1013 60.41 -19.51 -37.39
C ASN A 1013 60.94 -18.56 -38.46
N LYS A 1014 60.53 -18.75 -39.72
CA LYS A 1014 60.99 -17.90 -40.81
C LYS A 1014 60.15 -16.65 -40.99
N ASN A 1015 59.00 -16.54 -40.33
CA ASN A 1015 58.13 -15.39 -40.46
C ASN A 1015 57.82 -14.73 -39.13
N GLN A 1016 58.84 -14.55 -38.27
CA GLN A 1016 58.61 -13.91 -36.98
C GLN A 1016 58.31 -12.42 -37.14
N LYS A 1017 58.91 -11.79 -38.14
CA LYS A 1017 58.66 -10.37 -38.39
C LYS A 1017 57.20 -10.15 -38.78
N LEU A 1018 56.61 -11.11 -39.48
CA LEU A 1018 55.20 -11.00 -39.86
C LEU A 1018 54.31 -11.06 -38.62
N ILE A 1019 54.69 -11.89 -37.64
CA ILE A 1019 53.92 -11.96 -36.41
C ILE A 1019 54.06 -10.65 -35.63
N ALA A 1020 55.27 -10.08 -35.62
CA ALA A 1020 55.50 -8.83 -34.92
C ALA A 1020 54.67 -7.71 -35.53
N THR A 1021 54.70 -7.57 -36.85
CA THR A 1021 53.92 -6.53 -37.49
C THR A 1021 52.43 -6.81 -37.41
N ALA A 1022 52.03 -8.09 -37.32
CA ALA A 1022 50.61 -8.41 -37.17
C ALA A 1022 50.13 -8.00 -35.78
N PHE A 1023 50.96 -8.21 -34.76
CA PHE A 1023 50.60 -7.80 -33.41
C PHE A 1023 50.53 -6.28 -33.33
N ASN A 1024 51.48 -5.58 -33.96
CA ASN A 1024 51.48 -4.12 -33.93
C ASN A 1024 50.24 -3.58 -34.64
N ASN A 1025 49.88 -4.17 -35.79
CA ASN A 1025 48.70 -3.74 -36.52
C ASN A 1025 47.43 -4.05 -35.73
N ALA A 1026 47.42 -5.18 -35.01
CA ALA A 1026 46.27 -5.55 -34.20
C ALA A 1026 46.07 -4.55 -33.07
N LEU A 1027 47.17 -4.17 -32.39
CA LEU A 1027 47.07 -3.18 -31.32
C LEU A 1027 46.63 -1.83 -31.86
N LEU A 1028 47.12 -1.45 -33.05
CA LEU A 1028 46.71 -0.18 -33.65
C LEU A 1028 45.22 -0.21 -33.99
N SER A 1029 44.73 -1.34 -34.50
CA SER A 1029 43.32 -1.46 -34.83
C SER A 1029 42.45 -1.43 -33.58
N ILE A 1030 42.91 -2.04 -32.49
CA ILE A 1030 42.16 -2.03 -31.24
C ILE A 1030 42.13 -0.61 -30.66
N GLN A 1031 43.26 0.09 -30.68
CA GLN A 1031 43.31 1.45 -30.15
C GLN A 1031 42.46 2.39 -30.99
N ASN A 1032 42.47 2.24 -32.30
CA ASN A 1032 41.67 3.10 -33.18
C ASN A 1032 40.23 2.62 -33.33
N GLY A 1033 39.88 1.48 -32.74
CA GLY A 1033 38.53 0.95 -32.86
C GLY A 1033 37.51 1.59 -31.95
N PHE A 1034 37.95 2.33 -30.93
CA PHE A 1034 37.01 2.96 -30.00
C PHE A 1034 36.35 4.20 -30.58
N SER A 1035 36.92 4.77 -31.66
CA SER A 1035 36.33 5.97 -32.25
C SER A 1035 34.97 5.68 -32.88
N ALA A 1036 34.78 4.49 -33.42
CA ALA A 1036 33.52 4.11 -34.04
C ALA A 1036 32.58 3.53 -32.97
N THR A 1037 31.47 2.93 -33.41
CA THR A 1037 30.49 2.34 -32.50
C THR A 1037 30.89 0.91 -32.12
N ASN A 1038 32.03 0.83 -31.42
CA ASN A 1038 32.56 -0.44 -30.97
C ASN A 1038 31.66 -1.05 -29.89
N SER A 1039 31.72 -2.38 -29.77
CA SER A 1039 30.91 -3.09 -28.79
C SER A 1039 31.41 -2.86 -27.36
N ALA A 1040 32.70 -2.58 -27.18
CA ALA A 1040 33.23 -2.35 -25.85
C ALA A 1040 32.67 -1.07 -25.23
N LEU A 1041 32.74 0.04 -25.97
CA LEU A 1041 32.19 1.30 -25.47
C LEU A 1041 30.69 1.23 -25.35
N ALA A 1042 30.04 0.40 -26.17
CA ALA A 1042 28.59 0.26 -26.11
C ALA A 1042 28.16 -0.30 -24.76
N LYS A 1043 28.78 -1.41 -24.33
CA LYS A 1043 28.40 -1.98 -23.04
C LYS A 1043 28.94 -1.16 -21.87
N ILE A 1044 30.10 -0.51 -22.03
CA ILE A 1044 30.62 0.31 -20.94
C ILE A 1044 29.70 1.50 -20.69
N GLN A 1045 29.33 2.21 -21.76
CA GLN A 1045 28.42 3.34 -21.64
C GLN A 1045 27.04 2.86 -21.24
N SER A 1046 26.66 1.62 -21.60
CA SER A 1046 25.37 1.09 -21.21
C SER A 1046 25.33 0.86 -19.71
N VAL A 1047 26.42 0.36 -19.14
CA VAL A 1047 26.48 0.13 -17.68
C VAL A 1047 26.47 1.47 -16.94
N VAL A 1048 27.28 2.43 -17.42
CA VAL A 1048 27.34 3.74 -16.76
C VAL A 1048 25.98 4.45 -16.85
N ASN A 1049 25.37 4.44 -18.05
CA ASN A 1049 24.07 5.06 -18.23
C ASN A 1049 22.97 4.30 -17.49
N SER A 1050 23.14 2.98 -17.30
CA SER A 1050 22.15 2.22 -16.56
C SER A 1050 22.19 2.60 -15.09
N ASN A 1051 23.39 2.78 -14.54
CA ASN A 1051 23.51 3.21 -13.15
C ASN A 1051 22.98 4.63 -12.98
N ALA A 1052 23.29 5.51 -13.94
CA ALA A 1052 22.81 6.88 -13.88
C ALA A 1052 21.29 6.93 -14.02
N GLN A 1053 20.72 6.10 -14.90
CA GLN A 1053 19.28 6.05 -15.08
C GLN A 1053 18.59 5.50 -13.85
N ALA A 1054 19.21 4.51 -13.19
CA ALA A 1054 18.64 3.95 -11.98
C ALA A 1054 18.63 4.99 -10.87
N LEU A 1055 19.73 5.74 -10.73
CA LEU A 1055 19.78 6.78 -9.71
C LEU A 1055 18.79 7.91 -10.01
N ASN A 1056 18.66 8.26 -11.30
CA ASN A 1056 17.71 9.31 -11.68
C ASN A 1056 16.28 8.87 -11.44
N SER A 1057 15.96 7.62 -11.75
CA SER A 1057 14.62 7.09 -11.52
C SER A 1057 14.32 7.01 -10.04
N LEU A 1058 15.35 6.69 -9.23
CA LEU A 1058 15.16 6.64 -7.79
C LEU A 1058 14.93 8.04 -7.24
N LEU A 1059 15.63 9.03 -7.78
CA LEU A 1059 15.43 10.41 -7.32
C LEU A 1059 14.07 10.92 -7.75
N GLN A 1060 13.59 10.50 -8.93
CA GLN A 1060 12.26 10.92 -9.39
C GLN A 1060 11.16 10.29 -8.57
N GLN A 1061 11.45 9.21 -7.84
CA GLN A 1061 10.45 8.58 -7.00
C GLN A 1061 10.07 9.48 -5.85
N LEU A 1062 11.00 10.36 -5.44
CA LEU A 1062 10.72 11.31 -4.37
C LEU A 1062 9.77 12.40 -4.86
N PHE A 1063 9.84 12.73 -6.15
CA PHE A 1063 8.99 13.75 -6.74
C PHE A 1063 7.60 13.22 -7.12
N ASN A 1064 7.37 11.92 -7.03
CA ASN A 1064 6.07 11.39 -7.38
C ASN A 1064 5.07 11.72 -6.27
N LYS A 1065 3.80 11.87 -6.67
CA LYS A 1065 2.77 12.26 -5.72
C LYS A 1065 2.41 11.14 -4.74
N PHE A 1066 2.40 9.88 -5.19
CA PHE A 1066 2.03 8.72 -4.37
C PHE A 1066 0.60 8.86 -3.82
N GLY A 1067 -0.26 9.53 -4.56
CA GLY A 1067 -1.63 9.74 -4.13
C GLY A 1067 -1.82 10.91 -3.19
N ALA A 1068 -0.75 11.61 -2.82
CA ALA A 1068 -0.83 12.73 -1.92
C ALA A 1068 -1.11 14.01 -2.70
N ILE A 1069 -1.29 15.12 -1.97
CA ILE A 1069 -1.57 16.39 -2.63
C ILE A 1069 -0.32 16.95 -3.31
N SER A 1070 0.86 16.71 -2.73
CA SER A 1070 2.10 17.20 -3.30
C SER A 1070 3.24 16.24 -2.95
N SER A 1071 4.44 16.56 -3.44
CA SER A 1071 5.63 15.76 -3.19
C SER A 1071 6.63 16.42 -2.27
N SER A 1072 6.66 17.76 -2.24
CA SER A 1072 7.61 18.46 -1.37
C SER A 1072 7.17 18.33 0.08
N LEU A 1073 8.16 18.19 0.97
CA LEU A 1073 7.86 18.04 2.39
C LEU A 1073 7.38 19.34 3.03
N GLN A 1074 7.93 20.48 2.60
CA GLN A 1074 7.52 21.76 3.19
C GLN A 1074 6.05 22.05 2.95
N GLU A 1075 5.54 21.76 1.75
CA GLU A 1075 4.13 22.01 1.45
C GLU A 1075 3.21 21.13 2.29
N ILE A 1076 3.55 19.85 2.45
CA ILE A 1076 2.69 18.95 3.21
C ILE A 1076 2.74 19.26 4.71
N LEU A 1077 3.89 19.68 5.24
CA LEU A 1077 3.93 20.02 6.66
C LEU A 1077 3.59 21.47 6.95
N SER A 1078 3.35 22.29 5.93
CA SER A 1078 2.98 23.69 6.14
C SER A 1078 1.53 23.99 5.83
N ARG A 1079 1.00 23.49 4.71
CA ARG A 1079 -0.40 23.75 4.37
C ARG A 1079 -1.35 22.98 5.28
N LEU A 1080 -1.03 21.72 5.56
CA LEU A 1080 -1.86 20.88 6.41
C LEU A 1080 -1.47 21.02 7.88
N ASP A 1081 -2.43 20.73 8.76
CA ASP A 1081 -2.19 20.81 10.19
C ASP A 1081 -1.25 19.68 10.64
N ALA A 1082 -0.48 19.97 11.69
CA ALA A 1082 0.48 18.99 12.20
C ALA A 1082 -0.18 17.83 12.93
N LEU A 1083 -1.47 17.88 13.21
CA LEU A 1083 -2.16 16.81 13.91
C LEU A 1083 -2.94 15.88 13.00
N GLU A 1084 -3.57 16.39 11.94
CA GLU A 1084 -4.35 15.58 11.03
C GLU A 1084 -3.56 15.07 9.83
N ALA A 1085 -2.30 15.46 9.68
CA ALA A 1085 -1.49 15.01 8.54
C ALA A 1085 -0.64 13.79 8.86
N GLN A 1086 -0.74 13.23 10.07
CA GLN A 1086 0.06 12.05 10.41
C GLN A 1086 -0.42 10.83 9.63
N VAL A 1087 -1.72 10.57 9.64
CA VAL A 1087 -2.27 9.43 8.91
C VAL A 1087 -2.15 9.64 7.41
N GLN A 1088 -2.14 10.90 6.96
CA GLN A 1088 -2.00 11.19 5.53
C GLN A 1088 -0.56 11.01 5.08
N ILE A 1089 0.40 11.33 5.95
CA ILE A 1089 1.81 11.19 5.59
C ILE A 1089 2.31 9.76 5.83
N ASP A 1090 1.55 8.95 6.59
CA ASP A 1090 1.98 7.57 6.83
C ASP A 1090 2.01 6.76 5.54
N ARG A 1091 1.02 6.94 4.67
CA ARG A 1091 1.00 6.20 3.41
C ARG A 1091 2.14 6.66 2.51
N LEU A 1092 2.45 7.96 2.51
CA LEU A 1092 3.54 8.48 1.69
C LEU A 1092 4.88 7.96 2.18
N ILE A 1093 5.09 7.94 3.50
CA ILE A 1093 6.38 7.48 4.02
C ILE A 1093 6.53 5.98 3.82
N ASN A 1094 5.46 5.18 3.99
CA ASN A 1094 5.64 3.75 3.75
C ASN A 1094 5.78 3.47 2.26
N GLY A 1095 5.22 4.33 1.41
CA GLY A 1095 5.41 4.15 -0.02
C GLY A 1095 6.85 4.39 -0.40
N ARG A 1096 7.46 5.42 0.20
CA ARG A 1096 8.88 5.68 -0.08
C ARG A 1096 9.74 4.55 0.47
N LEU A 1097 9.39 4.01 1.65
CA LEU A 1097 10.16 2.90 2.21
C LEU A 1097 10.05 1.65 1.35
N THR A 1098 8.85 1.35 0.82
CA THR A 1098 8.74 0.16 -0.02
C THR A 1098 9.42 0.39 -1.36
N ALA A 1099 9.48 1.63 -1.84
CA ALA A 1099 10.19 1.91 -3.08
C ALA A 1099 11.68 1.70 -2.87
N LEU A 1100 12.19 2.14 -1.71
CA LEU A 1100 13.59 1.95 -1.38
C LEU A 1100 13.91 0.47 -1.21
N ASN A 1101 12.97 -0.30 -0.64
CA ASN A 1101 13.18 -1.73 -0.46
C ASN A 1101 13.23 -2.43 -1.81
N ALA A 1102 12.37 -2.03 -2.74
CA ALA A 1102 12.40 -2.62 -4.07
C ALA A 1102 13.70 -2.26 -4.79
N TYR A 1103 14.16 -1.02 -4.61
CA TYR A 1103 15.41 -0.59 -5.23
C TYR A 1103 16.60 -1.36 -4.67
N VAL A 1104 16.67 -1.55 -3.35
CA VAL A 1104 17.81 -2.28 -2.80
C VAL A 1104 17.72 -3.75 -3.15
N SER A 1105 16.51 -4.29 -3.34
CA SER A 1105 16.40 -5.69 -3.75
C SER A 1105 16.92 -5.87 -5.17
N GLN A 1106 16.54 -4.95 -6.07
CA GLN A 1106 17.04 -5.00 -7.43
C GLN A 1106 18.54 -4.76 -7.47
N GLN A 1107 19.03 -3.90 -6.57
CA GLN A 1107 20.46 -3.62 -6.48
C GLN A 1107 21.22 -4.86 -6.04
N LEU A 1108 20.67 -5.61 -5.07
CA LEU A 1108 21.32 -6.83 -4.61
C LEU A 1108 21.35 -7.87 -5.72
N SER A 1109 20.25 -7.98 -6.49
CA SER A 1109 20.22 -8.94 -7.59
C SER A 1109 21.25 -8.56 -8.66
N ASP A 1110 21.32 -7.27 -9.00
CA ASP A 1110 22.27 -6.79 -10.01
C ASP A 1110 23.71 -7.00 -9.53
N ILE A 1111 23.96 -6.75 -8.24
CA ILE A 1111 25.30 -6.93 -7.69
C ILE A 1111 25.68 -8.41 -7.67
N SER A 1112 24.70 -9.30 -7.45
CA SER A 1112 24.99 -10.73 -7.50
C SER A 1112 25.35 -11.13 -8.92
N LEU A 1113 24.66 -10.56 -9.91
CA LEU A 1113 24.98 -10.83 -11.31
C LEU A 1113 26.38 -10.31 -11.63
N VAL A 1114 26.72 -9.15 -11.04
CA VAL A 1114 28.04 -8.55 -11.23
C VAL A 1114 29.10 -9.46 -10.62
N LYS A 1115 28.79 -10.08 -9.47
CA LYS A 1115 29.73 -11.00 -8.83
C LYS A 1115 29.95 -12.22 -9.70
N LEU A 1116 28.88 -12.73 -10.31
CA LEU A 1116 29.03 -13.88 -11.21
C LEU A 1116 29.86 -13.51 -12.43
N GLY A 1117 29.63 -12.31 -12.97
CA GLY A 1117 30.42 -11.84 -14.10
C GLY A 1117 31.87 -11.66 -13.71
N ALA A 1118 32.11 -11.22 -12.47
CA ALA A 1118 33.47 -11.06 -11.98
C ALA A 1118 34.13 -12.40 -11.81
N ALA A 1119 33.34 -13.43 -11.45
CA ALA A 1119 33.87 -14.78 -11.33
C ALA A 1119 34.32 -15.28 -12.69
N LEU A 1120 33.51 -14.99 -13.72
CA LEU A 1120 33.88 -15.37 -15.08
C LEU A 1120 35.11 -14.60 -15.54
N ALA A 1121 35.20 -13.32 -15.14
CA ALA A 1121 36.35 -12.49 -15.50
C ALA A 1121 37.62 -13.02 -14.85
N MET A 1122 37.54 -13.41 -13.57
CA MET A 1122 38.70 -13.97 -12.89
C MET A 1122 39.09 -15.30 -13.50
N GLU A 1123 38.09 -16.08 -13.92
CA GLU A 1123 38.37 -17.36 -14.56
C GLU A 1123 39.11 -17.13 -15.87
N LYS A 1124 38.71 -16.11 -16.63
CA LYS A 1124 39.43 -15.83 -17.87
C LYS A 1124 40.82 -15.28 -17.59
N VAL A 1125 40.97 -14.48 -16.53
CA VAL A 1125 42.28 -13.91 -16.18
C VAL A 1125 43.28 -15.01 -15.83
N ASN A 1126 42.86 -15.97 -15.00
CA ASN A 1126 43.77 -17.04 -14.61
C ASN A 1126 43.64 -18.31 -15.47
N GLU A 1127 42.89 -18.24 -16.56
CA GLU A 1127 42.69 -19.39 -17.43
C GLU A 1127 43.18 -19.15 -18.86
N CYS A 1128 43.06 -17.92 -19.38
CA CYS A 1128 43.46 -17.60 -20.73
C CYS A 1128 44.57 -16.55 -20.79
N VAL A 1129 44.65 -15.67 -19.81
CA VAL A 1129 45.68 -14.63 -19.80
C VAL A 1129 46.97 -15.17 -19.20
N LYS A 1130 46.91 -15.66 -17.96
CA LYS A 1130 48.10 -16.18 -17.28
C LYS A 1130 48.58 -17.48 -17.92
N SER A 1131 47.68 -18.43 -18.16
CA SER A 1131 48.06 -19.69 -18.75
C SER A 1131 47.10 -20.06 -19.88
N GLN A 1132 47.22 -21.27 -20.42
CA GLN A 1132 46.36 -21.72 -21.51
C GLN A 1132 46.05 -23.21 -21.33
N SER A 1133 44.77 -23.55 -21.52
CA SER A 1133 44.27 -24.91 -21.41
C SER A 1133 43.51 -25.28 -22.67
N PRO A 1134 43.39 -26.58 -22.98
CA PRO A 1134 42.66 -26.98 -24.20
C PRO A 1134 41.15 -26.83 -24.11
N ARG A 1135 40.66 -25.60 -24.24
CA ARG A 1135 39.24 -25.29 -24.23
C ARG A 1135 38.91 -24.63 -25.57
N ILE A 1136 37.79 -25.03 -26.16
CA ILE A 1136 37.38 -24.53 -27.48
C ILE A 1136 36.32 -23.45 -27.34
N ASN A 1137 36.52 -22.36 -28.09
CA ASN A 1137 35.61 -21.21 -28.16
C ASN A 1137 35.29 -20.61 -26.78
N PHE A 1138 36.31 -20.50 -25.93
CA PHE A 1138 36.14 -19.91 -24.61
C PHE A 1138 36.91 -18.60 -24.48
N CYS A 1139 38.21 -18.62 -24.78
CA CYS A 1139 39.02 -17.42 -24.70
C CYS A 1139 38.92 -16.56 -25.95
N GLY A 1140 38.17 -17.00 -26.95
CA GLY A 1140 38.01 -16.24 -28.18
C GLY A 1140 37.15 -16.97 -29.19
N ASN A 1141 36.27 -16.24 -29.87
CA ASN A 1141 35.37 -16.83 -30.86
C ASN A 1141 36.17 -17.15 -32.11
N GLY A 1142 36.84 -18.29 -32.08
CA GLY A 1142 37.65 -18.76 -33.17
C GLY A 1142 38.91 -19.40 -32.65
N ASN A 1143 39.95 -19.37 -33.48
CA ASN A 1143 41.25 -19.95 -33.14
C ASN A 1143 41.97 -18.98 -32.21
N HIS A 1144 41.74 -19.12 -30.91
CA HIS A 1144 42.36 -18.25 -29.93
C HIS A 1144 43.84 -18.56 -29.76
N ILE A 1145 44.64 -17.51 -29.55
CA ILE A 1145 46.08 -17.66 -29.34
C ILE A 1145 46.47 -17.09 -27.99
N LEU A 1146 46.32 -15.78 -27.82
CA LEU A 1146 46.67 -15.12 -26.57
C LEU A 1146 45.51 -14.24 -26.14
N SER A 1147 45.61 -13.68 -24.94
CA SER A 1147 44.56 -12.81 -24.42
C SER A 1147 45.18 -11.87 -23.40
N LEU A 1148 45.41 -10.62 -23.81
CA LEU A 1148 45.97 -9.65 -22.90
C LEU A 1148 44.86 -9.06 -22.02
N VAL A 1149 45.27 -8.33 -20.98
CA VAL A 1149 44.32 -7.73 -20.07
C VAL A 1149 44.70 -6.27 -19.84
N GLN A 1150 43.69 -5.41 -19.81
CA GLN A 1150 43.86 -3.97 -19.61
C GLN A 1150 42.69 -3.48 -18.78
N ASN A 1151 42.96 -2.55 -17.85
CA ASN A 1151 41.92 -2.01 -17.00
C ASN A 1151 40.94 -1.17 -17.81
N ALA A 1152 39.67 -1.27 -17.44
CA ALA A 1152 38.58 -0.57 -18.08
C ALA A 1152 37.73 0.08 -17.00
N PRO A 1153 36.99 1.14 -17.33
CA PRO A 1153 36.14 1.80 -16.33
C PRO A 1153 35.03 0.88 -15.85
N TYR A 1154 35.08 0.52 -14.56
CA TYR A 1154 34.12 -0.37 -13.90
C TYR A 1154 34.03 -1.72 -14.58
N GLY A 1155 35.16 -2.41 -14.59
CA GLY A 1155 35.27 -3.72 -15.21
C GLY A 1155 36.67 -3.95 -15.72
N LEU A 1156 36.80 -4.89 -16.64
CA LEU A 1156 38.07 -5.22 -17.25
C LEU A 1156 37.90 -5.37 -18.75
N LEU A 1157 39.00 -5.22 -19.48
CA LEU A 1157 39.01 -5.34 -20.93
C LEU A 1157 40.04 -6.38 -21.34
N PHE A 1158 39.66 -7.26 -22.26
CA PHE A 1158 40.52 -8.32 -22.74
C PHE A 1158 40.78 -8.15 -24.23
N MET A 1159 41.96 -8.57 -24.67
CA MET A 1159 42.38 -8.50 -26.06
C MET A 1159 42.51 -9.94 -26.55
N HIS A 1160 41.40 -10.52 -26.98
CA HIS A 1160 41.38 -11.91 -27.45
C HIS A 1160 42.02 -11.96 -28.83
N PHE A 1161 43.33 -12.23 -28.86
CA PHE A 1161 44.07 -12.32 -30.11
C PHE A 1161 43.73 -13.65 -30.77
N SER A 1162 42.82 -13.63 -31.74
CA SER A 1162 42.41 -14.83 -32.43
C SER A 1162 43.37 -15.14 -33.58
N TYR A 1163 43.00 -16.09 -34.43
CA TYR A 1163 43.80 -16.49 -35.58
C TYR A 1163 42.82 -16.71 -36.72
N LYS A 1164 42.83 -15.81 -37.71
CA LYS A 1164 41.92 -15.90 -38.83
C LYS A 1164 42.69 -16.01 -40.15
N PRO A 1165 42.33 -16.95 -41.00
CA PRO A 1165 43.03 -17.09 -42.28
C PRO A 1165 42.49 -16.11 -43.32
N ILE A 1166 43.12 -16.12 -44.49
CA ILE A 1166 42.73 -15.22 -45.57
C ILE A 1166 42.36 -16.00 -46.83
N SER A 1167 43.30 -16.80 -47.34
CA SER A 1167 43.09 -17.57 -48.56
C SER A 1167 43.15 -19.06 -48.27
N PHE A 1168 42.34 -19.83 -49.01
CA PHE A 1168 42.26 -21.28 -48.89
C PHE A 1168 42.81 -21.92 -50.17
N LYS A 1169 42.87 -23.26 -50.17
CA LYS A 1169 43.39 -23.97 -51.32
C LYS A 1169 42.80 -25.37 -51.40
N THR A 1170 42.31 -25.73 -52.59
CA THR A 1170 41.74 -27.06 -52.81
C THR A 1170 42.85 -28.10 -52.82
N VAL A 1171 42.64 -29.21 -52.13
CA VAL A 1171 43.63 -30.27 -52.05
C VAL A 1171 42.94 -31.58 -51.71
N LEU A 1172 43.61 -32.70 -52.00
CA LEU A 1172 43.09 -34.03 -51.73
C LEU A 1172 43.57 -34.50 -50.36
N VAL A 1173 42.64 -34.67 -49.42
CA VAL A 1173 42.97 -35.11 -48.08
C VAL A 1173 42.53 -36.57 -47.92
N SER A 1174 43.01 -37.21 -46.85
CA SER A 1174 42.67 -38.61 -46.59
C SER A 1174 42.85 -38.93 -45.11
N PRO A 1175 41.83 -38.73 -44.27
CA PRO A 1175 41.97 -39.04 -42.83
C PRO A 1175 42.18 -40.52 -42.59
N GLY A 1176 43.29 -40.86 -41.95
CA GLY A 1176 43.61 -42.23 -41.65
C GLY A 1176 44.28 -42.95 -42.81
N LEU A 1177 45.22 -43.84 -42.48
CA LEU A 1177 45.96 -44.63 -43.46
C LEU A 1177 46.56 -45.80 -42.70
N CYS A 1178 47.00 -46.82 -43.44
CA CYS A 1178 47.58 -47.98 -42.75
C CYS A 1178 48.55 -48.72 -43.66
N ILE A 1179 49.61 -49.27 -43.05
CA ILE A 1179 50.60 -50.04 -43.79
C ILE A 1179 49.99 -51.41 -44.09
N SER A 1180 50.49 -52.05 -45.16
CA SER A 1180 50.02 -53.37 -45.55
C SER A 1180 50.37 -54.46 -44.54
N GLY A 1181 51.24 -54.17 -43.56
CA GLY A 1181 51.62 -55.14 -42.55
C GLY A 1181 50.68 -55.21 -41.37
N ASP A 1182 49.40 -54.86 -41.60
CA ASP A 1182 48.33 -54.88 -40.60
C ASP A 1182 48.65 -54.01 -39.38
N VAL A 1183 48.79 -52.71 -39.65
CA VAL A 1183 49.06 -51.70 -38.62
C VAL A 1183 48.58 -50.36 -39.15
N GLY A 1184 47.83 -49.62 -38.33
CA GLY A 1184 47.25 -48.36 -38.72
C GLY A 1184 48.07 -47.11 -38.38
N ILE A 1185 47.67 -46.02 -39.04
CA ILE A 1185 48.26 -44.69 -38.88
C ILE A 1185 47.13 -43.69 -38.69
N ALA A 1186 47.27 -42.80 -37.72
CA ALA A 1186 46.26 -41.79 -37.48
C ALA A 1186 46.91 -40.42 -37.44
N PRO A 1187 46.27 -39.40 -38.01
CA PRO A 1187 46.86 -38.05 -37.99
C PRO A 1187 46.74 -37.42 -36.60
N LYS A 1188 47.83 -36.82 -36.14
CA LYS A 1188 47.80 -36.17 -34.83
C LYS A 1188 46.93 -34.92 -34.87
N GLN A 1189 47.33 -33.95 -35.70
CA GLN A 1189 46.57 -32.70 -35.87
C GLN A 1189 46.71 -32.32 -37.34
N GLY A 1190 45.79 -32.80 -38.16
CA GLY A 1190 45.84 -32.51 -39.58
C GLY A 1190 45.25 -33.65 -40.39
N TYR A 1191 45.68 -33.73 -41.65
CA TYR A 1191 45.21 -34.75 -42.58
C TYR A 1191 46.39 -35.27 -43.37
N PHE A 1192 46.11 -36.28 -44.19
CA PHE A 1192 47.12 -36.89 -45.06
C PHE A 1192 46.81 -36.49 -46.50
N ILE A 1193 47.82 -35.99 -47.19
CA ILE A 1193 47.68 -35.51 -48.56
C ILE A 1193 48.68 -36.22 -49.47
N LYS A 1194 48.18 -36.78 -50.57
CA LYS A 1194 49.03 -37.44 -51.54
C LYS A 1194 49.68 -36.36 -52.41
N HIS A 1195 50.99 -36.49 -52.65
CA HIS A 1195 51.69 -35.49 -53.44
C HIS A 1195 52.76 -36.18 -54.29
N ASN A 1196 52.43 -36.40 -55.57
CA ASN A 1196 53.31 -37.03 -56.55
C ASN A 1196 53.80 -38.40 -56.08
N ASP A 1197 52.84 -39.32 -55.92
CA ASP A 1197 53.07 -40.70 -55.48
C ASP A 1197 53.79 -40.75 -54.12
N HIS A 1198 53.50 -39.79 -53.25
CA HIS A 1198 54.09 -39.70 -51.93
C HIS A 1198 53.04 -39.22 -50.95
N TRP A 1199 53.03 -39.80 -49.77
CA TRP A 1199 52.08 -39.44 -48.73
C TRP A 1199 52.72 -38.44 -47.77
N MET A 1200 52.12 -37.28 -47.63
CA MET A 1200 52.61 -36.23 -46.75
C MET A 1200 51.49 -35.76 -45.85
N PHE A 1201 51.88 -35.22 -44.69
CA PHE A 1201 50.96 -34.74 -43.67
C PHE A 1201 51.01 -33.22 -43.61
N THR A 1202 49.85 -32.59 -43.48
CA THR A 1202 49.75 -31.14 -43.39
C THR A 1202 48.94 -30.77 -42.15
N GLY A 1203 49.12 -29.54 -41.70
CA GLY A 1203 48.42 -29.07 -40.52
C GLY A 1203 46.94 -28.84 -40.78
N SER A 1204 46.22 -28.57 -39.70
CA SER A 1204 44.78 -28.33 -39.78
C SER A 1204 44.44 -26.89 -40.13
N SER A 1205 45.42 -25.99 -40.15
CA SER A 1205 45.13 -24.60 -40.48
C SER A 1205 46.17 -23.96 -41.40
N TYR A 1206 47.06 -24.74 -42.01
CA TYR A 1206 48.07 -24.18 -42.90
C TYR A 1206 48.57 -25.28 -43.84
N TYR A 1207 48.37 -25.09 -45.13
CA TYR A 1207 48.80 -26.06 -46.13
C TYR A 1207 50.32 -26.04 -46.24
N TYR A 1208 50.98 -27.05 -45.67
CA TYR A 1208 52.43 -27.15 -45.71
C TYR A 1208 52.79 -28.64 -45.71
N PRO A 1209 53.13 -29.19 -46.88
CA PRO A 1209 53.47 -30.61 -46.94
C PRO A 1209 54.83 -30.94 -46.32
N GLU A 1210 54.82 -31.61 -45.18
CA GLU A 1210 56.02 -32.00 -44.46
C GLU A 1210 56.08 -33.53 -44.39
N PRO A 1211 57.28 -34.11 -44.32
CA PRO A 1211 57.40 -35.57 -44.27
C PRO A 1211 56.82 -36.17 -43.01
N ILE A 1212 56.54 -37.47 -43.10
CA ILE A 1212 55.96 -38.22 -41.99
C ILE A 1212 57.03 -38.47 -40.94
N SER A 1213 56.68 -38.22 -39.68
CA SER A 1213 57.59 -38.40 -38.55
C SER A 1213 56.82 -39.13 -37.44
N ASP A 1214 57.39 -39.15 -36.24
CA ASP A 1214 56.75 -39.82 -35.11
C ASP A 1214 55.96 -38.87 -34.21
N LYS A 1215 56.23 -37.57 -34.28
CA LYS A 1215 55.54 -36.59 -33.45
C LYS A 1215 54.22 -36.13 -34.05
N ASN A 1216 53.88 -36.62 -35.24
CA ASN A 1216 52.63 -36.26 -35.92
C ASN A 1216 51.80 -37.47 -36.31
N VAL A 1217 52.13 -38.65 -35.79
CA VAL A 1217 51.43 -39.90 -36.10
C VAL A 1217 50.99 -40.59 -34.83
N VAL A 1218 49.70 -40.92 -34.76
CA VAL A 1218 49.14 -41.64 -33.62
C VAL A 1218 49.15 -43.10 -34.04
N PHE A 1219 50.08 -43.87 -33.46
CA PHE A 1219 50.21 -45.28 -33.80
C PHE A 1219 49.00 -46.08 -33.33
N MET A 1220 48.69 -47.13 -34.09
CA MET A 1220 47.56 -47.99 -33.80
C MET A 1220 48.08 -49.44 -33.88
N ASN A 1221 47.23 -50.44 -33.66
CA ASN A 1221 47.68 -51.83 -33.72
C ASN A 1221 47.24 -52.56 -34.96
N THR A 1222 46.04 -52.27 -35.47
CA THR A 1222 45.52 -52.93 -36.67
C THR A 1222 44.84 -51.89 -37.55
N CYS A 1223 44.81 -52.16 -38.85
CA CYS A 1223 44.18 -51.25 -39.79
C CYS A 1223 42.68 -51.48 -39.83
N SER A 1224 41.94 -50.41 -40.11
CA SER A 1224 40.49 -50.47 -40.19
C SER A 1224 40.09 -50.92 -41.59
N VAL A 1225 38.83 -50.76 -41.94
CA VAL A 1225 38.34 -51.16 -43.26
C VAL A 1225 38.29 -49.97 -44.22
N ASN A 1226 37.90 -48.79 -43.76
CA ASN A 1226 37.81 -47.62 -44.63
C ASN A 1226 39.06 -46.74 -44.52
N PHE A 1227 40.21 -47.35 -44.77
CA PHE A 1227 41.51 -46.69 -44.76
C PHE A 1227 42.17 -46.92 -46.12
N THR A 1228 42.93 -45.92 -46.57
CA THR A 1228 43.61 -46.01 -47.85
C THR A 1228 44.81 -46.95 -47.72
N LYS A 1229 44.71 -48.13 -48.33
CA LYS A 1229 45.79 -49.11 -48.28
C LYS A 1229 46.95 -48.65 -49.16
N ALA A 1230 48.11 -48.45 -48.55
CA ALA A 1230 49.27 -48.00 -49.32
C ALA A 1230 50.57 -48.45 -48.67
N PRO A 1231 51.37 -49.28 -49.35
CA PRO A 1231 52.63 -49.73 -48.77
C PRO A 1231 53.75 -48.72 -49.01
N LEU A 1232 54.98 -49.10 -48.62
CA LEU A 1232 56.18 -48.28 -48.77
C LEU A 1232 56.01 -46.94 -48.05
N VAL A 1233 55.41 -46.99 -46.87
CA VAL A 1233 55.18 -45.80 -46.05
C VAL A 1233 55.72 -46.11 -44.66
N TYR A 1234 56.69 -47.02 -44.60
CA TYR A 1234 57.31 -47.42 -43.35
C TYR A 1234 58.02 -46.27 -42.67
N LEU A 1235 57.98 -46.25 -41.34
CA LEU A 1235 58.62 -45.20 -40.55
C LEU A 1235 59.97 -45.67 -40.03
N VAL B 25 -44.71 -17.86 23.80
CA VAL B 25 -43.79 -16.76 24.05
C VAL B 25 -43.33 -16.20 22.70
N ILE B 26 -43.50 -16.99 21.65
CA ILE B 26 -43.08 -16.56 20.32
C ILE B 26 -44.03 -15.46 19.80
N GLY B 27 -45.32 -15.56 20.08
CA GLY B 27 -46.27 -14.57 19.62
C GLY B 27 -46.30 -13.34 20.48
N ASP B 28 -46.96 -12.30 19.95
CA ASP B 28 -47.11 -11.02 20.64
C ASP B 28 -48.56 -10.57 20.66
N PHE B 29 -49.50 -11.49 20.38
CA PHE B 29 -50.92 -11.17 20.36
C PHE B 29 -51.68 -12.36 20.94
N ASN B 30 -52.81 -12.06 21.57
CA ASN B 30 -53.66 -13.07 22.19
C ASN B 30 -54.84 -13.41 21.29
N CYS B 31 -54.95 -14.69 20.93
CA CYS B 31 -56.02 -15.17 20.06
C CYS B 31 -56.93 -16.19 20.74
N THR B 32 -56.37 -17.24 21.33
CA THR B 32 -57.15 -18.27 21.99
C THR B 32 -56.83 -18.30 23.49
N ASN B 33 -57.86 -18.63 24.28
CA ASN B 33 -57.71 -18.71 25.73
C ASN B 33 -58.38 -19.94 26.32
N PHE B 34 -58.53 -21.01 25.54
CA PHE B 34 -59.17 -22.24 26.02
C PHE B 34 -58.37 -23.45 25.58
N ALA B 35 -58.52 -24.53 26.36
CA ALA B 35 -57.85 -25.82 26.14
C ALA B 35 -56.32 -25.67 26.08
N ILE B 36 -55.78 -24.96 27.06
CA ILE B 36 -54.34 -24.71 27.16
C ILE B 36 -53.85 -25.29 28.47
N ASN B 37 -52.80 -26.12 28.41
CA ASN B 37 -52.25 -26.75 29.60
C ASN B 37 -50.74 -26.59 29.65
N ASP B 38 -50.08 -27.31 30.57
CA ASP B 38 -48.63 -27.25 30.72
C ASP B 38 -48.07 -28.64 30.98
N LEU B 39 -48.58 -29.64 30.29
CA LEU B 39 -48.11 -31.02 30.46
C LEU B 39 -46.79 -31.22 29.74
N ASN B 40 -45.89 -31.96 30.39
CA ASN B 40 -44.58 -32.24 29.80
C ASN B 40 -44.69 -33.41 28.83
N THR B 41 -44.72 -33.10 27.54
CA THR B 41 -44.82 -34.12 26.50
C THR B 41 -43.77 -33.93 25.40
N THR B 42 -42.91 -32.92 25.51
CA THR B 42 -41.90 -32.69 24.49
C THR B 42 -40.83 -33.78 24.52
N ILE B 43 -40.36 -34.16 23.34
CA ILE B 43 -39.34 -35.20 23.22
C ILE B 43 -38.28 -34.74 22.23
N PRO B 44 -37.09 -34.35 22.69
CA PRO B 44 -36.02 -33.90 21.76
C PRO B 44 -35.36 -35.10 21.10
N ARG B 45 -36.05 -35.64 20.09
CA ARG B 45 -35.56 -36.80 19.36
C ARG B 45 -34.36 -36.40 18.52
N ILE B 46 -33.28 -37.17 18.64
CA ILE B 46 -32.05 -36.95 17.89
C ILE B 46 -31.93 -38.09 16.87
N SER B 47 -31.63 -37.75 15.63
CA SER B 47 -31.52 -38.78 14.60
C SER B 47 -30.17 -39.48 14.67
N GLU B 48 -30.12 -40.69 14.12
CA GLU B 48 -28.91 -41.50 14.10
C GLU B 48 -28.20 -41.44 12.76
N TYR B 49 -28.66 -40.56 11.85
CA TYR B 49 -28.06 -40.42 10.53
C TYR B 49 -27.28 -39.11 10.50
N VAL B 50 -25.97 -39.21 10.28
CA VAL B 50 -25.09 -38.05 10.24
C VAL B 50 -25.14 -37.39 8.86
N VAL B 51 -24.58 -36.19 8.75
CA VAL B 51 -24.56 -35.48 7.48
C VAL B 51 -23.58 -36.16 6.53
N ASP B 52 -24.05 -36.48 5.33
CA ASP B 52 -23.24 -37.14 4.32
C ASP B 52 -23.28 -36.28 3.06
N VAL B 53 -22.24 -35.48 2.85
CA VAL B 53 -22.15 -34.60 1.69
C VAL B 53 -21.39 -35.24 0.53
N SER B 54 -21.06 -36.52 0.64
CA SER B 54 -20.31 -37.19 -0.42
C SER B 54 -21.16 -37.47 -1.66
N TYR B 55 -22.49 -37.40 -1.56
CA TYR B 55 -23.37 -37.66 -2.70
C TYR B 55 -24.19 -36.43 -3.08
N GLY B 56 -23.73 -35.24 -2.73
CA GLY B 56 -24.44 -34.03 -3.07
C GLY B 56 -25.45 -33.54 -2.05
N LEU B 57 -25.67 -34.30 -0.97
CA LEU B 57 -26.63 -33.89 0.05
C LEU B 57 -26.09 -32.66 0.78
N GLY B 58 -26.96 -31.68 1.01
CA GLY B 58 -26.59 -30.46 1.69
C GLY B 58 -25.98 -29.42 0.77
N THR B 59 -25.40 -29.84 -0.36
CA THR B 59 -24.82 -28.91 -1.30
C THR B 59 -25.91 -28.20 -2.09
N TYR B 60 -25.82 -26.87 -2.15
CA TYR B 60 -26.80 -26.07 -2.86
C TYR B 60 -26.18 -25.45 -4.11
N TYR B 61 -26.97 -25.40 -5.18
CA TYR B 61 -26.51 -24.80 -6.42
C TYR B 61 -26.37 -23.30 -6.24
N ILE B 62 -25.40 -22.71 -6.95
CA ILE B 62 -25.16 -21.28 -6.84
C ILE B 62 -26.38 -20.55 -7.42
N LEU B 63 -26.67 -19.37 -6.83
CA LEU B 63 -27.83 -18.56 -7.22
C LEU B 63 -27.86 -18.23 -8.71
N ASP B 64 -26.73 -17.84 -9.29
CA ASP B 64 -26.77 -17.49 -10.71
C ASP B 64 -25.62 -18.17 -11.46
N ARG B 65 -24.49 -18.37 -10.80
CA ARG B 65 -23.34 -18.98 -11.44
C ARG B 65 -23.58 -20.47 -11.67
N VAL B 66 -23.13 -20.96 -12.83
CA VAL B 66 -23.26 -22.36 -13.21
C VAL B 66 -21.93 -22.79 -13.80
N TYR B 67 -21.43 -23.95 -13.37
CA TYR B 67 -20.16 -24.48 -13.85
C TYR B 67 -20.40 -25.80 -14.58
N LEU B 68 -19.63 -26.02 -15.64
CA LEU B 68 -19.73 -27.22 -16.46
C LEU B 68 -18.37 -27.90 -16.52
N ASN B 69 -18.33 -29.16 -16.05
CA ASN B 69 -17.11 -29.99 -16.02
C ASN B 69 -15.98 -29.28 -15.27
N THR B 70 -16.34 -28.64 -14.17
CA THR B 70 -15.39 -27.87 -13.36
C THR B 70 -15.46 -28.28 -11.90
N THR B 71 -14.29 -28.45 -11.29
CA THR B 71 -14.16 -28.78 -9.87
C THR B 71 -13.52 -27.56 -9.23
N ILE B 72 -14.36 -26.59 -8.86
CA ILE B 72 -13.90 -25.35 -8.26
C ILE B 72 -14.39 -25.26 -6.82
N LEU B 73 -13.62 -24.53 -6.01
CA LEU B 73 -13.96 -24.34 -4.61
C LEU B 73 -15.10 -23.33 -4.48
N PHE B 74 -15.72 -23.31 -3.31
CA PHE B 74 -16.81 -22.39 -3.04
C PHE B 74 -16.92 -22.22 -1.53
N THR B 75 -16.58 -21.02 -1.05
CA THR B 75 -16.65 -20.72 0.38
C THR B 75 -18.07 -20.26 0.73
N GLY B 76 -19.01 -21.17 0.49
CA GLY B 76 -20.42 -20.94 0.74
C GLY B 76 -20.84 -21.43 2.11
N TYR B 77 -22.11 -21.81 2.21
CA TYR B 77 -22.68 -22.30 3.46
C TYR B 77 -23.18 -23.73 3.26
N PHE B 78 -22.50 -24.68 3.89
CA PHE B 78 -22.79 -26.10 3.80
C PHE B 78 -22.88 -26.68 5.20
N PRO B 79 -23.69 -27.72 5.41
CA PRO B 79 -23.79 -28.31 6.75
C PRO B 79 -22.56 -29.16 7.07
N LYS B 80 -22.09 -29.02 8.30
CA LYS B 80 -20.92 -29.77 8.76
C LYS B 80 -21.23 -31.26 8.87
N SER B 81 -20.36 -32.08 8.28
CA SER B 81 -20.56 -33.51 8.33
C SER B 81 -20.20 -34.05 9.70
N GLY B 82 -20.64 -35.28 9.97
CA GLY B 82 -20.38 -35.88 11.26
C GLY B 82 -21.27 -35.37 12.37
N ALA B 83 -22.30 -34.61 12.02
CA ALA B 83 -23.25 -34.05 12.97
C ALA B 83 -24.60 -34.69 12.73
N ASN B 84 -25.14 -35.33 13.76
CA ASN B 84 -26.43 -35.99 13.63
C ASN B 84 -27.58 -34.99 13.51
N PHE B 85 -28.61 -35.39 12.77
CA PHE B 85 -29.78 -34.55 12.55
C PHE B 85 -30.59 -34.40 13.83
N ARG B 86 -31.05 -33.19 14.09
CA ARG B 86 -31.88 -32.91 15.27
C ARG B 86 -33.31 -32.80 14.76
N ASP B 87 -34.13 -33.80 15.11
CA ASP B 87 -35.51 -33.85 14.66
C ASP B 87 -36.40 -32.91 15.46
N LEU B 88 -37.31 -32.24 14.75
CA LEU B 88 -38.27 -31.30 15.35
C LEU B 88 -39.65 -31.68 14.82
N SER B 89 -40.29 -32.65 15.45
CA SER B 89 -41.62 -33.12 15.07
C SER B 89 -42.61 -32.59 16.09
N LEU B 90 -43.37 -31.57 15.70
CA LEU B 90 -44.36 -30.96 16.57
C LEU B 90 -45.74 -31.04 15.93
N LYS B 91 -46.72 -31.42 16.75
CA LYS B 91 -48.11 -31.55 16.29
C LYS B 91 -49.02 -31.10 17.42
N GLY B 92 -50.32 -31.33 17.26
CA GLY B 92 -51.29 -30.96 18.27
C GLY B 92 -52.62 -31.67 18.07
N THR B 93 -53.19 -32.20 19.15
CA THR B 93 -54.48 -32.92 19.08
C THR B 93 -55.43 -32.30 20.11
N THR B 94 -56.11 -31.22 19.71
CA THR B 94 -57.10 -30.46 20.47
C THR B 94 -56.55 -29.78 21.72
N LYS B 95 -55.26 -29.95 22.01
CA LYS B 95 -54.64 -29.34 23.17
C LYS B 95 -53.20 -28.99 22.83
N LEU B 96 -52.70 -27.94 23.48
CA LEU B 96 -51.33 -27.49 23.27
C LEU B 96 -50.78 -26.94 24.58
N SER B 97 -49.49 -27.14 24.78
CA SER B 97 -48.78 -26.69 25.99
C SER B 97 -47.76 -25.62 25.62
N THR B 98 -47.55 -24.68 26.54
CA THR B 98 -46.58 -23.62 26.30
C THR B 98 -45.14 -24.12 26.48
N LEU B 99 -44.97 -25.34 26.96
CA LEU B 99 -43.65 -25.91 27.22
C LEU B 99 -42.79 -26.12 25.96
N TRP B 100 -43.39 -26.42 24.80
CA TRP B 100 -42.56 -26.61 23.60
C TRP B 100 -41.86 -25.33 23.18
N TYR B 101 -42.42 -24.16 23.48
CA TYR B 101 -41.77 -22.92 23.11
C TYR B 101 -40.51 -22.71 23.95
N GLN B 102 -39.58 -21.93 23.39
CA GLN B 102 -38.27 -21.61 23.98
C GLN B 102 -37.53 -22.93 24.10
N LYS B 103 -36.99 -23.29 25.27
CA LYS B 103 -36.28 -24.55 25.40
C LYS B 103 -37.26 -25.72 25.37
N PRO B 104 -36.92 -26.83 24.70
CA PRO B 104 -35.66 -27.04 23.97
C PRO B 104 -35.77 -27.04 22.44
N PHE B 105 -36.98 -27.02 21.88
CA PHE B 105 -37.12 -27.05 20.42
C PHE B 105 -36.71 -25.73 19.79
N LEU B 106 -37.14 -24.60 20.35
CA LEU B 106 -36.76 -23.31 19.77
C LEU B 106 -35.32 -23.01 20.16
N SER B 107 -34.44 -23.01 19.18
CA SER B 107 -33.02 -22.74 19.38
C SER B 107 -32.67 -21.42 18.72
N ASP B 108 -31.50 -20.90 19.08
CA ASP B 108 -31.03 -19.64 18.55
C ASP B 108 -30.49 -19.83 17.14
N PHE B 109 -31.24 -19.35 16.14
CA PHE B 109 -30.83 -19.43 14.75
C PHE B 109 -29.70 -18.44 14.59
N ASN B 110 -28.46 -18.93 14.68
CA ASN B 110 -27.31 -18.02 14.60
C ASN B 110 -27.01 -17.55 13.18
N ASN B 111 -26.58 -18.44 12.28
CA ASN B 111 -26.25 -17.95 10.95
C ASN B 111 -27.00 -18.70 9.85
N GLY B 112 -27.00 -20.03 9.87
CA GLY B 112 -27.69 -20.77 8.83
C GLY B 112 -28.16 -22.13 9.28
N ILE B 113 -29.11 -22.70 8.53
CA ILE B 113 -29.69 -24.00 8.81
C ILE B 113 -29.88 -24.81 7.54
N PHE B 114 -30.17 -26.10 7.73
CA PHE B 114 -30.42 -27.07 6.66
C PHE B 114 -31.54 -27.99 7.14
N SER B 115 -32.61 -28.07 6.37
CA SER B 115 -33.75 -28.91 6.74
C SER B 115 -34.14 -29.82 5.58
N ARG B 116 -34.42 -31.09 5.88
CA ARG B 116 -34.84 -32.05 4.87
C ARG B 116 -36.23 -32.55 5.23
N VAL B 117 -37.07 -32.75 4.22
CA VAL B 117 -38.45 -33.18 4.40
C VAL B 117 -38.66 -34.48 3.64
N LYS B 118 -39.21 -35.48 4.33
CA LYS B 118 -39.52 -36.76 3.71
C LYS B 118 -41.02 -36.73 3.40
N ASN B 119 -41.38 -37.08 2.17
CA ASN B 119 -42.77 -37.06 1.74
C ASN B 119 -43.60 -38.07 2.51
N THR B 120 -44.69 -37.58 3.12
CA THR B 120 -45.61 -38.42 3.89
C THR B 120 -46.77 -38.77 2.96
N LYS B 121 -46.64 -39.89 2.27
CA LYS B 121 -47.65 -40.35 1.33
C LYS B 121 -48.85 -40.89 2.10
N LEU B 122 -49.73 -39.99 2.52
CA LEU B 122 -50.93 -40.35 3.25
C LEU B 122 -52.06 -40.60 2.25
N TYR B 123 -52.80 -41.68 2.45
CA TYR B 123 -53.88 -42.06 1.55
C TYR B 123 -55.24 -41.68 2.14
N VAL B 124 -56.07 -41.04 1.32
CA VAL B 124 -57.41 -40.61 1.68
C VAL B 124 -58.30 -41.46 0.76
N ASN B 125 -59.62 -41.43 0.95
CA ASN B 125 -60.53 -42.21 0.11
C ASN B 125 -60.44 -41.80 -1.36
N LYS B 126 -59.90 -42.70 -2.17
CA LYS B 126 -59.69 -42.56 -3.62
C LYS B 126 -58.77 -41.40 -4.00
N THR B 127 -58.04 -40.83 -3.04
CA THR B 127 -57.13 -39.72 -3.32
C THR B 127 -55.85 -39.92 -2.52
N LEU B 128 -54.74 -39.47 -3.09
CA LEU B 128 -53.42 -39.59 -2.46
C LEU B 128 -52.84 -38.19 -2.31
N TYR B 129 -52.67 -37.75 -1.07
CA TYR B 129 -52.13 -36.43 -0.75
C TYR B 129 -50.85 -36.58 0.07
N SER B 130 -50.19 -35.44 0.32
CA SER B 130 -48.96 -35.42 1.10
C SER B 130 -48.76 -34.02 1.65
N GLU B 131 -48.83 -33.89 2.97
CA GLU B 131 -48.66 -32.61 3.64
C GLU B 131 -47.73 -32.77 4.84
N PHE B 132 -46.89 -31.77 5.07
CA PHE B 132 -45.94 -31.80 6.18
C PHE B 132 -46.08 -30.52 7.00
N SER B 133 -45.12 -30.30 7.91
CA SER B 133 -45.13 -29.15 8.81
C SER B 133 -44.89 -27.84 8.06
N THR B 134 -45.01 -26.75 8.81
CA THR B 134 -44.84 -25.38 8.31
C THR B 134 -43.61 -24.78 8.99
N ILE B 135 -42.72 -24.19 8.20
CA ILE B 135 -41.50 -23.57 8.70
C ILE B 135 -41.64 -22.06 8.69
N VAL B 136 -41.21 -21.42 9.78
CA VAL B 136 -41.26 -19.98 9.95
C VAL B 136 -39.89 -19.51 10.41
N ILE B 137 -39.49 -18.32 9.97
CA ILE B 137 -38.21 -17.73 10.33
C ILE B 137 -38.46 -16.31 10.84
N GLY B 138 -37.63 -15.87 11.77
CA GLY B 138 -37.79 -14.53 12.32
C GLY B 138 -36.70 -14.26 13.33
N SER B 139 -36.76 -13.06 13.90
CA SER B 139 -35.78 -12.64 14.90
C SER B 139 -36.42 -12.23 16.21
N VAL B 140 -37.54 -11.50 16.16
CA VAL B 140 -38.25 -11.05 17.35
C VAL B 140 -39.75 -11.35 17.30
N PHE B 141 -40.32 -11.61 16.12
CA PHE B 141 -41.73 -11.94 15.90
C PHE B 141 -42.67 -10.85 16.42
N ILE B 142 -42.55 -9.68 15.81
CA ILE B 142 -43.39 -8.51 16.10
C ILE B 142 -43.79 -7.94 14.75
N ASN B 143 -44.40 -6.75 14.74
CA ASN B 143 -44.83 -6.10 13.50
C ASN B 143 -43.66 -5.67 12.60
N ASN B 144 -42.42 -5.99 12.95
CA ASN B 144 -41.22 -5.67 12.18
C ASN B 144 -40.37 -6.93 12.01
N SER B 145 -39.12 -6.75 11.59
CA SER B 145 -38.07 -7.74 11.35
C SER B 145 -38.27 -8.56 10.08
N TYR B 146 -39.34 -8.33 9.32
CA TYR B 146 -39.64 -9.02 8.06
C TYR B 146 -39.72 -10.55 8.23
N THR B 147 -40.72 -10.97 8.98
CA THR B 147 -40.92 -12.39 9.21
C THR B 147 -41.39 -13.08 7.92
N ILE B 148 -40.96 -14.33 7.74
CA ILE B 148 -41.30 -15.12 6.55
C ILE B 148 -41.85 -16.46 6.99
N VAL B 149 -43.03 -16.82 6.47
CA VAL B 149 -43.70 -18.07 6.78
C VAL B 149 -43.91 -18.83 5.47
N VAL B 150 -43.51 -20.10 5.43
CA VAL B 150 -43.64 -20.95 4.25
C VAL B 150 -44.51 -22.14 4.63
N GLN B 151 -45.67 -22.26 3.98
CA GLN B 151 -46.58 -23.36 4.26
C GLN B 151 -47.13 -23.97 2.98
N PRO B 152 -47.25 -25.30 2.94
CA PRO B 152 -47.80 -25.95 1.74
C PRO B 152 -49.30 -26.19 1.88
N HIS B 153 -49.99 -26.17 0.73
CA HIS B 153 -51.44 -26.40 0.68
C HIS B 153 -51.73 -27.50 -0.34
N ASN B 154 -51.57 -28.76 0.09
CA ASN B 154 -51.82 -29.96 -0.69
C ASN B 154 -51.11 -29.96 -2.05
N GLY B 155 -49.79 -29.90 -2.01
CA GLY B 155 -48.98 -29.94 -3.22
C GLY B 155 -48.44 -28.63 -3.73
N VAL B 156 -48.94 -27.49 -3.25
CA VAL B 156 -48.45 -26.18 -3.69
C VAL B 156 -47.90 -25.44 -2.49
N LEU B 157 -46.74 -24.81 -2.67
CA LEU B 157 -46.08 -24.06 -1.61
C LEU B 157 -46.55 -22.62 -1.59
N GLU B 158 -46.85 -22.12 -0.39
CA GLU B 158 -47.29 -20.74 -0.19
C GLU B 158 -46.32 -20.07 0.75
N ILE B 159 -45.84 -18.90 0.37
CA ILE B 159 -44.88 -18.14 1.17
C ILE B 159 -45.46 -16.75 1.47
N THR B 160 -45.38 -16.36 2.74
CA THR B 160 -45.88 -15.06 3.20
C THR B 160 -44.70 -14.34 3.86
N ALA B 161 -44.12 -13.38 3.15
CA ALA B 161 -42.99 -12.62 3.64
C ALA B 161 -43.39 -11.37 4.42
N CYS B 162 -44.69 -11.18 4.64
CA CYS B 162 -45.16 -10.01 5.37
C CYS B 162 -44.75 -10.10 6.85
N GLN B 163 -44.59 -8.93 7.46
CA GLN B 163 -44.18 -8.81 8.86
C GLN B 163 -45.36 -8.60 9.79
N TYR B 164 -46.49 -9.24 9.53
CA TYR B 164 -47.66 -9.08 10.37
C TYR B 164 -47.46 -9.75 11.73
N THR B 165 -48.37 -9.44 12.65
CA THR B 165 -48.32 -10.01 13.99
C THR B 165 -48.86 -11.44 13.97
N MET B 166 -48.56 -12.18 15.03
CA MET B 166 -49.02 -13.57 15.15
C MET B 166 -49.53 -13.81 16.56
N CYS B 167 -50.38 -14.82 16.69
CA CYS B 167 -50.97 -15.16 17.97
C CYS B 167 -49.92 -15.79 18.89
N GLU B 168 -50.22 -15.76 20.18
CA GLU B 168 -49.33 -16.32 21.19
C GLU B 168 -49.22 -17.83 21.06
N TYR B 169 -50.28 -18.49 20.59
CA TYR B 169 -50.33 -19.93 20.40
C TYR B 169 -50.65 -20.23 18.94
N PRO B 170 -49.66 -20.25 18.06
CA PRO B 170 -49.91 -20.52 16.64
C PRO B 170 -50.08 -22.01 16.38
N HIS B 171 -50.82 -22.31 15.31
CA HIS B 171 -51.11 -23.67 14.86
C HIS B 171 -51.74 -23.62 13.47
N THR B 172 -51.55 -24.71 12.70
CA THR B 172 -52.07 -24.82 11.35
C THR B 172 -52.94 -26.06 11.21
N ILE B 173 -53.88 -26.00 10.25
CA ILE B 173 -54.82 -27.08 9.98
C ILE B 173 -54.43 -27.90 8.76
N CYS B 174 -55.07 -29.07 8.60
CA CYS B 174 -54.84 -29.97 7.48
C CYS B 174 -56.02 -29.92 6.53
N LYS B 175 -55.80 -30.40 5.30
CA LYS B 175 -56.85 -30.46 4.30
C LYS B 175 -57.51 -31.83 4.25
N SER B 176 -56.88 -32.84 4.84
CA SER B 176 -57.43 -34.19 4.85
C SER B 176 -58.32 -34.39 6.06
N ILE B 177 -59.53 -34.90 5.82
CA ILE B 177 -60.57 -35.18 6.81
C ILE B 177 -60.87 -33.91 7.60
N GLY B 178 -60.64 -33.93 8.92
CA GLY B 178 -60.91 -32.76 9.73
C GLY B 178 -59.71 -32.20 10.47
N SER B 179 -59.94 -31.18 11.29
CA SER B 179 -58.91 -30.53 12.07
C SER B 179 -59.44 -30.25 13.47
N SER B 180 -58.51 -30.11 14.42
CA SER B 180 -58.90 -29.84 15.80
C SER B 180 -59.43 -28.41 15.95
N ARG B 181 -58.74 -27.45 15.37
CA ARG B 181 -59.15 -26.04 15.44
C ARG B 181 -59.21 -25.49 14.02
N ASN B 182 -59.34 -24.17 13.91
CA ASN B 182 -59.42 -23.49 12.63
C ASN B 182 -58.10 -22.78 12.31
N GLU B 183 -57.93 -22.44 11.04
CA GLU B 183 -56.73 -21.76 10.55
C GLU B 183 -56.77 -20.30 11.00
N SER B 184 -56.37 -20.07 12.24
CA SER B 184 -56.36 -18.72 12.81
C SER B 184 -55.22 -18.64 13.82
N TRP B 185 -54.06 -18.17 13.37
CA TRP B 185 -52.89 -18.01 14.22
C TRP B 185 -52.36 -16.58 14.19
N HIS B 186 -53.15 -15.64 13.68
CA HIS B 186 -52.75 -14.24 13.58
C HIS B 186 -54.02 -13.39 13.63
N PHE B 187 -53.89 -12.11 13.28
CA PHE B 187 -55.00 -11.18 13.26
C PHE B 187 -54.97 -10.38 11.97
N ASP B 188 -54.77 -11.08 10.85
CA ASP B 188 -54.69 -10.45 9.53
C ASP B 188 -56.09 -10.18 9.00
N LYS B 189 -56.65 -9.04 9.38
CA LYS B 189 -57.97 -8.64 8.93
C LYS B 189 -57.91 -7.84 7.63
N SER B 190 -56.71 -7.51 7.16
CA SER B 190 -56.50 -6.77 5.93
C SER B 190 -55.29 -7.37 5.21
N GLU B 191 -54.88 -6.73 4.11
CA GLU B 191 -53.73 -7.25 3.38
C GLU B 191 -52.45 -6.56 3.83
N PRO B 192 -51.45 -7.30 4.29
CA PRO B 192 -50.19 -6.66 4.72
C PRO B 192 -49.23 -6.49 3.55
N LEU B 193 -48.05 -5.93 3.81
CA LEU B 193 -47.04 -5.72 2.77
C LEU B 193 -45.97 -6.80 2.87
N CYS B 194 -45.77 -7.51 1.77
CA CYS B 194 -44.81 -8.59 1.65
C CYS B 194 -43.73 -8.24 0.65
N LEU B 195 -42.55 -8.84 0.82
CA LEU B 195 -41.44 -8.63 -0.10
C LEU B 195 -41.35 -9.74 -1.14
N PHE B 196 -42.06 -10.84 -0.91
CA PHE B 196 -42.07 -11.97 -1.83
C PHE B 196 -43.37 -12.73 -1.54
N LYS B 197 -44.35 -12.63 -2.43
CA LYS B 197 -45.64 -13.29 -2.25
C LYS B 197 -46.07 -13.93 -3.55
N LYS B 198 -45.94 -15.26 -3.63
CA LYS B 198 -46.34 -16.03 -4.81
C LYS B 198 -46.45 -17.49 -4.38
N ASN B 199 -47.06 -18.28 -5.25
CA ASN B 199 -47.27 -19.71 -5.02
C ASN B 199 -46.69 -20.58 -6.12
N PHE B 200 -45.91 -21.58 -5.72
CA PHE B 200 -45.24 -22.51 -6.62
C PHE B 200 -45.64 -23.93 -6.26
N THR B 201 -45.86 -24.75 -7.29
CA THR B 201 -46.26 -26.14 -7.13
C THR B 201 -45.08 -27.07 -7.37
N TYR B 202 -44.91 -28.05 -6.49
CA TYR B 202 -43.85 -29.04 -6.57
C TYR B 202 -44.44 -30.42 -6.84
N ASN B 203 -43.58 -31.34 -7.28
CA ASN B 203 -44.00 -32.71 -7.59
C ASN B 203 -44.27 -33.43 -6.27
N VAL B 204 -45.56 -33.58 -5.94
CA VAL B 204 -45.99 -34.23 -4.70
C VAL B 204 -45.71 -35.73 -4.72
N SER B 205 -45.51 -36.33 -5.89
CA SER B 205 -45.26 -37.76 -5.99
C SER B 205 -43.85 -38.15 -5.58
N THR B 206 -42.97 -37.19 -5.28
CA THR B 206 -41.60 -37.49 -4.89
C THR B 206 -41.56 -38.13 -3.49
N ASP B 207 -40.33 -38.42 -3.03
CA ASP B 207 -40.13 -39.05 -1.73
C ASP B 207 -39.40 -38.17 -0.73
N TRP B 208 -38.53 -37.26 -1.18
CA TRP B 208 -37.79 -36.39 -0.29
C TRP B 208 -37.90 -34.94 -0.76
N LEU B 209 -37.47 -34.04 0.12
CA LEU B 209 -37.49 -32.60 -0.15
C LEU B 209 -36.45 -31.96 0.76
N TYR B 210 -35.47 -31.28 0.17
CA TYR B 210 -34.40 -30.64 0.92
C TYR B 210 -34.55 -29.13 0.87
N PHE B 211 -34.32 -28.47 2.01
CA PHE B 211 -34.43 -27.03 2.13
C PHE B 211 -33.05 -26.43 2.46
N HIS B 212 -32.96 -25.11 2.34
CA HIS B 212 -31.73 -24.37 2.63
C HIS B 212 -32.11 -22.92 2.88
N PHE B 213 -31.71 -22.39 4.04
CA PHE B 213 -32.02 -21.00 4.38
C PHE B 213 -30.83 -20.41 5.14
N TYR B 214 -30.09 -19.52 4.47
CA TYR B 214 -28.93 -18.86 5.07
C TYR B 214 -28.99 -17.38 4.73
N GLN B 215 -28.50 -16.55 5.64
CA GLN B 215 -28.50 -15.11 5.48
C GLN B 215 -27.08 -14.56 5.38
N GLU B 216 -26.86 -13.68 4.41
CA GLU B 216 -25.56 -13.06 4.17
C GLU B 216 -25.78 -11.60 3.80
N ARG B 217 -25.19 -10.70 4.60
CA ARG B 217 -25.28 -9.25 4.41
C ARG B 217 -26.73 -8.77 4.40
N GLY B 218 -27.56 -9.38 5.25
CA GLY B 218 -28.96 -9.01 5.32
C GLY B 218 -29.80 -9.45 4.15
N THR B 219 -29.30 -10.40 3.35
CA THR B 219 -30.03 -10.90 2.18
C THR B 219 -30.46 -12.33 2.45
N PHE B 220 -31.75 -12.59 2.36
CA PHE B 220 -32.29 -13.92 2.59
C PHE B 220 -32.10 -14.81 1.36
N TYR B 221 -32.17 -16.11 1.59
CA TYR B 221 -32.01 -17.08 0.53
C TYR B 221 -32.98 -18.23 0.77
N ALA B 222 -33.30 -18.96 -0.30
CA ALA B 222 -34.21 -20.09 -0.21
C ALA B 222 -33.86 -21.06 -1.32
N TYR B 223 -33.86 -22.36 -0.98
CA TYR B 223 -33.52 -23.39 -1.94
C TYR B 223 -34.33 -24.65 -1.64
N TYR B 224 -35.06 -25.18 -2.63
CA TYR B 224 -35.79 -26.41 -2.40
C TYR B 224 -35.63 -27.30 -3.63
N ALA B 225 -35.75 -28.60 -3.42
CA ALA B 225 -35.61 -29.54 -4.52
C ALA B 225 -36.47 -30.77 -4.25
N ASP B 226 -37.47 -30.97 -5.11
CA ASP B 226 -38.35 -32.12 -4.97
C ASP B 226 -37.68 -33.40 -5.45
N SER B 227 -36.84 -33.31 -6.48
CA SER B 227 -36.13 -34.45 -7.04
C SER B 227 -34.64 -34.13 -7.08
N GLY B 228 -33.81 -35.17 -6.94
CA GLY B 228 -32.39 -35.01 -6.96
C GLY B 228 -31.82 -34.76 -5.57
N MET B 229 -30.51 -34.99 -5.44
CA MET B 229 -29.86 -34.78 -4.15
C MET B 229 -29.53 -33.31 -3.88
N PRO B 230 -28.92 -32.54 -4.80
CA PRO B 230 -28.67 -31.11 -4.48
C PRO B 230 -29.97 -30.32 -4.58
N THR B 231 -29.86 -29.00 -4.39
CA THR B 231 -31.01 -28.12 -4.45
C THR B 231 -30.74 -26.91 -5.33
N THR B 232 -31.81 -26.41 -5.95
CA THR B 232 -31.76 -25.27 -6.86
C THR B 232 -32.16 -23.97 -6.17
N PHE B 233 -31.92 -22.86 -6.89
CA PHE B 233 -32.21 -21.52 -6.40
C PHE B 233 -33.67 -21.13 -6.57
N LEU B 234 -34.19 -20.38 -5.58
CA LEU B 234 -35.58 -19.94 -5.61
C LEU B 234 -35.70 -18.42 -5.69
N PHE B 235 -35.17 -17.66 -4.72
CA PHE B 235 -35.25 -16.20 -4.75
C PHE B 235 -34.21 -15.62 -3.81
N SER B 236 -34.14 -14.29 -3.79
CA SER B 236 -33.22 -13.54 -2.93
C SER B 236 -33.77 -12.14 -2.74
N LEU B 237 -33.88 -11.71 -1.48
CA LEU B 237 -34.39 -10.39 -1.14
C LEU B 237 -33.33 -9.62 -0.36
N TYR B 238 -33.73 -8.45 0.13
CA TYR B 238 -32.86 -7.57 0.92
C TYR B 238 -33.65 -7.18 2.16
N LEU B 239 -33.32 -7.80 3.29
CA LEU B 239 -34.00 -7.52 4.56
C LEU B 239 -33.24 -6.55 5.43
N GLY B 240 -31.97 -6.82 5.70
CA GLY B 240 -31.14 -5.97 6.55
C GLY B 240 -31.17 -6.38 8.00
N THR B 241 -32.34 -6.77 8.49
CA THR B 241 -32.49 -7.20 9.88
C THR B 241 -31.86 -8.57 10.07
N LEU B 242 -31.02 -8.70 11.10
CA LEU B 242 -30.36 -9.97 11.38
C LEU B 242 -31.36 -10.96 11.95
N LEU B 243 -31.49 -12.11 11.29
CA LEU B 243 -32.41 -13.15 11.74
C LEU B 243 -31.82 -13.84 12.97
N SER B 244 -32.68 -14.24 13.91
CA SER B 244 -32.20 -14.89 15.12
C SER B 244 -32.93 -16.16 15.54
N HIS B 245 -34.16 -16.40 15.09
CA HIS B 245 -34.89 -17.60 15.50
C HIS B 245 -35.52 -18.28 14.30
N TYR B 246 -36.21 -19.39 14.59
CA TYR B 246 -36.92 -20.23 13.64
C TYR B 246 -37.78 -21.20 14.44
N TYR B 247 -38.96 -21.52 13.92
CA TYR B 247 -39.88 -22.41 14.61
C TYR B 247 -40.65 -23.27 13.61
N VAL B 248 -41.32 -24.28 14.16
CA VAL B 248 -42.14 -25.22 13.41
C VAL B 248 -43.55 -25.07 13.97
N LEU B 249 -44.48 -24.62 13.14
CA LEU B 249 -45.86 -24.43 13.59
C LEU B 249 -46.51 -25.76 13.93
N PRO B 250 -47.18 -25.87 15.08
CA PRO B 250 -47.85 -27.13 15.43
C PRO B 250 -49.02 -27.37 14.48
N LEU B 251 -49.35 -28.64 14.31
CA LEU B 251 -50.43 -29.03 13.40
C LEU B 251 -51.60 -29.57 14.21
N THR B 252 -52.68 -28.79 14.29
CA THR B 252 -53.91 -29.21 14.97
C THR B 252 -54.70 -30.02 13.95
N CYS B 253 -54.15 -31.18 13.62
CA CYS B 253 -54.68 -32.09 12.62
C CYS B 253 -55.33 -33.28 13.30
N ASN B 254 -56.52 -33.65 12.83
CA ASN B 254 -57.25 -34.77 13.41
C ASN B 254 -56.67 -36.12 13.04
N ALA B 255 -56.02 -36.25 11.88
CA ALA B 255 -55.44 -37.52 11.44
C ALA B 255 -53.96 -37.37 11.12
N ILE B 256 -53.12 -37.74 12.08
CA ILE B 256 -51.68 -37.70 11.93
C ILE B 256 -51.07 -39.09 11.99
N SER B 257 -51.42 -39.87 13.00
CA SER B 257 -50.96 -41.24 13.18
C SER B 257 -52.07 -42.25 12.99
N SER B 258 -53.27 -41.95 13.52
CA SER B 258 -54.46 -42.79 13.43
C SER B 258 -54.19 -44.20 13.94
N ASN B 259 -53.76 -44.28 15.20
CA ASN B 259 -53.44 -45.54 15.89
C ASN B 259 -52.35 -46.32 15.13
N THR B 260 -51.24 -45.62 14.84
CA THR B 260 -50.07 -46.15 14.14
C THR B 260 -50.43 -46.74 12.78
N ASP B 261 -51.27 -46.04 12.01
CA ASP B 261 -51.68 -46.49 10.69
C ASP B 261 -51.38 -45.48 9.60
N ASN B 262 -50.69 -44.38 9.90
CA ASN B 262 -50.35 -43.36 8.92
C ASN B 262 -48.95 -42.84 9.20
N GLU B 263 -48.42 -42.09 8.23
CA GLU B 263 -47.08 -41.53 8.35
C GLU B 263 -47.03 -40.44 9.41
N THR B 264 -45.98 -40.49 10.23
CA THR B 264 -45.75 -39.54 11.31
C THR B 264 -44.99 -38.33 10.77
N LEU B 265 -44.46 -37.52 11.67
CA LEU B 265 -43.68 -36.33 11.31
C LEU B 265 -42.20 -36.61 11.54
N GLN B 266 -41.39 -36.28 10.54
CA GLN B 266 -39.94 -36.49 10.55
C GLN B 266 -39.18 -35.25 10.07
N TYR B 267 -39.53 -34.10 10.63
CA TYR B 267 -38.87 -32.85 10.26
C TYR B 267 -37.51 -32.77 10.94
N TRP B 268 -36.45 -32.61 10.15
CA TRP B 268 -35.09 -32.51 10.65
C TRP B 268 -34.50 -31.14 10.35
N VAL B 269 -33.60 -30.68 11.21
CA VAL B 269 -32.92 -29.39 11.10
C VAL B 269 -31.44 -29.64 11.34
N THR B 270 -30.57 -28.80 10.76
CA THR B 270 -29.12 -28.92 10.91
C THR B 270 -28.48 -27.56 10.73
N PRO B 271 -27.69 -27.07 11.69
CA PRO B 271 -27.07 -25.75 11.54
C PRO B 271 -25.94 -25.74 10.51
N LEU B 272 -25.63 -24.53 10.05
CA LEU B 272 -24.61 -24.29 9.04
C LEU B 272 -23.51 -23.38 9.60
N SER B 273 -22.43 -23.26 8.82
CA SER B 273 -21.29 -22.44 9.20
C SER B 273 -20.51 -22.09 7.94
N LYS B 274 -19.63 -21.10 8.06
CA LYS B 274 -18.80 -20.64 6.95
C LYS B 274 -17.70 -21.65 6.63
N ARG B 275 -17.95 -22.53 5.67
CA ARG B 275 -17.00 -23.56 5.25
C ARG B 275 -16.77 -23.47 3.74
N GLN B 276 -15.89 -24.34 3.24
CA GLN B 276 -15.58 -24.39 1.82
C GLN B 276 -15.55 -25.84 1.37
N TYR B 277 -16.06 -26.08 0.16
CA TYR B 277 -16.11 -27.44 -0.39
C TYR B 277 -15.38 -27.54 -1.73
N LEU B 278 -15.42 -28.73 -2.31
CA LEU B 278 -14.82 -29.03 -3.62
C LEU B 278 -15.93 -29.72 -4.40
N LEU B 279 -16.74 -28.93 -5.09
CA LEU B 279 -17.86 -29.45 -5.85
C LEU B 279 -17.42 -29.94 -7.22
N LYS B 280 -17.82 -31.16 -7.57
CA LYS B 280 -17.49 -31.75 -8.86
C LYS B 280 -18.74 -31.75 -9.75
N PHE B 281 -18.59 -31.24 -10.97
CA PHE B 281 -19.69 -31.15 -11.91
C PHE B 281 -19.46 -32.10 -13.09
N ASP B 282 -20.53 -32.70 -13.57
CA ASP B 282 -20.46 -33.63 -14.70
C ASP B 282 -20.48 -32.84 -16.02
N ASP B 283 -20.68 -33.57 -17.12
CA ASP B 283 -20.75 -32.92 -18.43
C ASP B 283 -22.05 -32.13 -18.56
N ARG B 284 -23.06 -32.48 -17.77
CA ARG B 284 -24.35 -31.79 -17.76
C ARG B 284 -24.50 -30.86 -16.57
N GLY B 285 -23.43 -30.65 -15.81
CA GLY B 285 -23.48 -29.77 -14.65
C GLY B 285 -24.28 -30.30 -13.47
N VAL B 286 -24.07 -31.56 -13.11
CA VAL B 286 -24.77 -32.20 -12.00
C VAL B 286 -23.74 -32.55 -10.93
N ILE B 287 -24.02 -32.13 -9.69
CA ILE B 287 -23.11 -32.41 -8.58
C ILE B 287 -23.21 -33.88 -8.18
N THR B 288 -22.06 -34.55 -8.07
CA THR B 288 -21.98 -35.95 -7.68
C THR B 288 -21.22 -36.16 -6.39
N ASN B 289 -20.01 -35.60 -6.28
CA ASN B 289 -19.20 -35.77 -5.09
C ASN B 289 -18.74 -34.40 -4.59
N ALA B 290 -18.70 -34.26 -3.27
CA ALA B 290 -18.28 -33.01 -2.63
C ALA B 290 -17.36 -33.34 -1.47
N VAL B 291 -16.33 -32.53 -1.30
CA VAL B 291 -15.34 -32.71 -0.24
C VAL B 291 -15.67 -31.74 0.89
N ASP B 292 -15.66 -32.24 2.13
CA ASP B 292 -16.00 -31.41 3.28
C ASP B 292 -14.93 -30.34 3.56
N CYS B 293 -13.65 -30.69 3.42
CA CYS B 293 -12.44 -29.91 3.65
C CYS B 293 -12.15 -29.73 5.13
N SER B 294 -13.05 -30.13 6.03
CA SER B 294 -12.83 -29.97 7.46
C SER B 294 -13.27 -31.16 8.29
N SER B 295 -13.83 -32.22 7.69
CA SER B 295 -14.24 -33.38 8.45
C SER B 295 -13.06 -34.09 9.07
N SER B 296 -11.97 -34.22 8.31
CA SER B 296 -10.75 -34.86 8.78
C SER B 296 -9.61 -34.35 7.91
N PHE B 297 -8.43 -34.92 8.10
CA PHE B 297 -7.27 -34.52 7.31
C PHE B 297 -7.38 -35.03 5.87
N PHE B 298 -8.12 -36.12 5.68
CA PHE B 298 -8.33 -36.68 4.35
C PHE B 298 -9.04 -35.70 3.45
N SER B 299 -10.07 -35.02 3.98
CA SER B 299 -10.81 -34.04 3.18
C SER B 299 -9.92 -32.85 2.84
N GLU B 300 -9.03 -32.47 3.76
CA GLU B 300 -8.12 -31.35 3.49
C GLU B 300 -7.16 -31.69 2.37
N ILE B 301 -6.57 -32.90 2.41
CA ILE B 301 -5.67 -33.30 1.34
C ILE B 301 -6.43 -33.46 0.02
N GLN B 302 -7.68 -33.91 0.09
CA GLN B 302 -8.49 -34.08 -1.12
C GLN B 302 -8.76 -32.74 -1.79
N CYS B 303 -9.24 -31.75 -1.03
CA CYS B 303 -9.54 -30.47 -1.63
C CYS B 303 -8.35 -29.53 -1.72
N LYS B 304 -7.15 -29.97 -1.30
CA LYS B 304 -5.99 -29.09 -1.42
C LYS B 304 -5.49 -29.01 -2.86
N THR B 305 -5.61 -30.10 -3.63
CA THR B 305 -5.16 -30.13 -5.02
C THR B 305 -6.31 -30.17 -6.02
N LYS B 306 -7.54 -29.88 -5.56
CA LYS B 306 -8.75 -29.85 -6.40
C LYS B 306 -8.98 -31.17 -7.15
N SER B 307 -8.76 -32.29 -6.46
CA SER B 307 -8.95 -33.60 -7.08
C SER B 307 -9.46 -34.58 -6.03
N LEU B 308 -10.40 -35.43 -6.44
CA LEU B 308 -10.95 -36.41 -5.51
C LEU B 308 -9.91 -37.44 -5.09
N LEU B 309 -8.95 -37.74 -5.97
CA LEU B 309 -7.87 -38.67 -5.70
C LEU B 309 -6.56 -37.93 -5.94
N PRO B 310 -6.06 -37.20 -4.95
CA PRO B 310 -4.81 -36.45 -5.13
C PRO B 310 -3.60 -37.36 -5.29
N ASN B 311 -2.57 -36.81 -5.90
CA ASN B 311 -1.34 -37.54 -6.15
C ASN B 311 -0.59 -37.83 -4.85
N THR B 312 0.36 -38.76 -4.94
CA THR B 312 1.15 -39.16 -3.79
C THR B 312 2.13 -38.06 -3.39
N GLY B 313 2.60 -38.15 -2.16
CA GLY B 313 3.55 -37.20 -1.60
C GLY B 313 3.11 -36.72 -0.23
N VAL B 314 3.99 -35.92 0.37
CA VAL B 314 3.72 -35.36 1.69
C VAL B 314 2.88 -34.10 1.54
N TYR B 315 1.91 -33.92 2.43
CA TYR B 315 1.01 -32.76 2.40
C TYR B 315 1.06 -32.06 3.74
N ASP B 316 1.68 -30.89 3.79
CA ASP B 316 1.74 -30.12 5.03
C ASP B 316 0.42 -29.38 5.17
N LEU B 317 -0.44 -29.86 6.08
CA LEU B 317 -1.75 -29.25 6.27
C LEU B 317 -1.68 -27.88 6.94
N SER B 318 -1.68 -26.83 6.13
CA SER B 318 -1.64 -25.46 6.63
C SER B 318 -3.03 -25.09 7.12
N GLY B 319 -3.19 -24.94 8.44
CA GLY B 319 -4.47 -24.61 9.01
C GLY B 319 -5.01 -25.70 9.90
N PHE B 320 -4.11 -26.44 10.53
CA PHE B 320 -4.49 -27.53 11.42
C PHE B 320 -5.17 -26.98 12.67
N THR B 321 -6.24 -27.65 13.09
CA THR B 321 -6.99 -27.23 14.27
C THR B 321 -6.14 -27.43 15.52
N VAL B 322 -6.08 -26.39 16.36
CA VAL B 322 -5.30 -26.46 17.58
C VAL B 322 -6.21 -26.34 18.80
N LYS B 323 -7.42 -25.78 18.59
CA LYS B 323 -8.45 -25.56 19.62
C LYS B 323 -7.89 -24.76 20.78
N PRO B 324 -7.64 -23.45 20.61
CA PRO B 324 -7.09 -22.65 21.71
C PRO B 324 -8.16 -22.09 22.63
N VAL B 325 -7.71 -21.30 23.62
CA VAL B 325 -8.61 -20.67 24.57
C VAL B 325 -8.75 -19.19 24.21
N ALA B 326 -9.81 -18.58 24.74
CA ALA B 326 -10.11 -17.18 24.48
C ALA B 326 -9.52 -16.30 25.58
N THR B 327 -8.88 -15.20 25.18
CA THR B 327 -8.28 -14.25 26.11
C THR B 327 -8.84 -12.86 25.87
N VAL B 328 -9.38 -12.25 26.92
CA VAL B 328 -9.99 -10.92 26.88
C VAL B 328 -9.75 -10.22 28.22
N HIS B 329 -10.26 -8.98 28.31
CA HIS B 329 -10.23 -8.08 29.47
C HIS B 329 -8.83 -7.95 30.11
N ARG B 330 -7.93 -7.33 29.34
CA ARG B 330 -6.57 -7.11 29.85
C ARG B 330 -6.60 -6.16 31.03
N ARG B 331 -5.82 -6.46 32.06
CA ARG B 331 -5.77 -5.65 33.27
C ARG B 331 -4.42 -4.95 33.42
N ILE B 332 -4.49 -3.69 33.83
CA ILE B 332 -3.33 -2.84 34.08
C ILE B 332 -2.93 -3.09 35.53
N PRO B 333 -1.79 -2.59 36.04
CA PRO B 333 -1.44 -2.84 37.45
C PRO B 333 -2.47 -2.25 38.41
N ASP B 334 -2.69 -2.95 39.52
CA ASP B 334 -3.67 -2.56 40.52
C ASP B 334 -3.29 -1.25 41.21
N LEU B 335 -4.31 -0.62 41.79
CA LEU B 335 -4.37 0.62 42.55
C LEU B 335 -4.65 0.32 44.02
N PRO B 336 -4.18 1.17 44.95
CA PRO B 336 -4.45 0.91 46.37
C PRO B 336 -5.93 0.98 46.70
N ASP B 337 -6.35 0.16 47.66
CA ASP B 337 -7.73 0.09 48.08
C ASP B 337 -8.08 1.16 49.11
N CYS B 338 -9.38 1.35 49.32
CA CYS B 338 -9.89 2.34 50.27
C CYS B 338 -9.86 1.85 51.72
N ASP B 339 -9.65 0.54 51.94
CA ASP B 339 -9.61 -0.07 53.28
C ASP B 339 -10.90 0.18 54.05
N ILE B 340 -12.03 0.02 53.36
CA ILE B 340 -13.34 0.23 54.01
C ILE B 340 -13.62 -0.86 55.03
N ASP B 341 -13.27 -2.11 54.69
CA ASP B 341 -13.51 -3.23 55.60
C ASP B 341 -12.73 -3.10 56.91
N LYS B 342 -11.57 -2.44 56.86
CA LYS B 342 -10.80 -2.25 58.08
C LYS B 342 -11.43 -1.19 58.98
N TRP B 343 -12.21 -0.28 58.39
CA TRP B 343 -12.86 0.77 59.18
C TRP B 343 -14.21 0.32 59.71
N LEU B 344 -14.97 -0.45 58.92
CA LEU B 344 -16.29 -0.91 59.38
C LEU B 344 -16.16 -1.95 60.48
N ASN B 345 -15.09 -2.75 60.46
CA ASN B 345 -14.86 -3.77 61.48
C ASN B 345 -14.02 -3.25 62.64
N ASN B 346 -14.00 -1.94 62.86
CA ASN B 346 -13.22 -1.37 63.95
C ASN B 346 -13.84 -1.72 65.29
N PHE B 347 -12.98 -2.04 66.26
CA PHE B 347 -13.44 -2.38 67.60
C PHE B 347 -13.88 -1.18 68.41
N ASN B 348 -13.48 0.03 68.01
CA ASN B 348 -13.85 1.25 68.73
C ASN B 348 -15.12 1.82 68.10
N VAL B 349 -16.25 1.23 68.47
CA VAL B 349 -17.54 1.68 67.94
C VAL B 349 -17.92 3.01 68.60
N PRO B 350 -18.47 3.97 67.87
CA PRO B 350 -18.84 5.25 68.46
C PRO B 350 -20.30 5.30 68.90
N SER B 351 -20.61 6.30 69.71
CA SER B 351 -21.95 6.51 70.21
C SER B 351 -22.80 7.21 69.15
N PRO B 352 -24.14 7.08 69.23
CA PRO B 352 -24.99 7.75 68.24
C PRO B 352 -24.91 9.27 68.27
N LEU B 353 -24.48 9.86 69.39
CA LEU B 353 -24.37 11.32 69.46
C LEU B 353 -23.22 11.84 68.62
N ASN B 354 -22.13 11.07 68.51
CA ASN B 354 -20.95 11.46 67.73
C ASN B 354 -20.58 10.34 66.75
N TRP B 355 -21.19 10.39 65.57
CA TRP B 355 -20.91 9.38 64.56
C TRP B 355 -19.59 9.69 63.85
N GLU B 356 -18.84 8.64 63.53
CA GLU B 356 -17.56 8.81 62.85
C GLU B 356 -17.77 9.22 61.40
N ARG B 357 -17.03 10.23 60.96
CA ARG B 357 -17.10 10.73 59.59
C ARG B 357 -15.86 10.28 58.84
N LYS B 358 -16.06 9.57 57.73
CA LYS B 358 -14.95 9.09 56.91
C LYS B 358 -15.29 9.29 55.44
N ILE B 359 -14.37 9.90 54.70
CA ILE B 359 -14.53 10.17 53.28
C ILE B 359 -13.43 9.44 52.52
N PHE B 360 -13.82 8.66 51.51
CA PHE B 360 -12.89 7.90 50.69
C PHE B 360 -12.85 8.53 49.29
N SER B 361 -11.65 8.89 48.84
CA SER B 361 -11.47 9.50 47.54
C SER B 361 -10.23 8.97 46.85
N ASN B 362 -10.35 8.73 45.54
CA ASN B 362 -9.27 8.23 44.68
C ASN B 362 -8.71 6.90 45.17
N CYS B 363 -9.58 5.89 45.18
CA CYS B 363 -9.21 4.55 45.60
C CYS B 363 -10.21 3.57 44.99
N ASN B 364 -10.07 2.30 45.34
CA ASN B 364 -10.95 1.25 44.84
C ASN B 364 -11.40 0.34 45.98
N PHE B 365 -12.47 -0.40 45.73
CA PHE B 365 -13.01 -1.32 46.72
C PHE B 365 -13.84 -2.37 46.01
N ASN B 366 -14.09 -3.47 46.71
CA ASN B 366 -14.88 -4.58 46.20
C ASN B 366 -16.12 -4.75 47.07
N LEU B 367 -17.30 -4.71 46.45
CA LEU B 367 -18.54 -4.84 47.21
C LEU B 367 -18.80 -6.28 47.64
N SER B 368 -18.49 -7.25 46.76
CA SER B 368 -18.72 -8.66 47.10
C SER B 368 -17.87 -9.10 48.28
N THR B 369 -16.58 -8.77 48.25
CA THR B 369 -15.68 -9.15 49.35
C THR B 369 -16.05 -8.41 50.63
N LEU B 370 -16.51 -7.17 50.51
CA LEU B 370 -16.90 -6.40 51.69
C LEU B 370 -18.14 -7.02 52.33
N LEU B 371 -19.14 -7.37 51.53
CA LEU B 371 -20.35 -7.98 52.06
C LEU B 371 -20.08 -9.39 52.61
N ARG B 372 -19.16 -10.13 52.00
CA ARG B 372 -18.84 -11.46 52.49
C ARG B 372 -18.07 -11.40 53.79
N LEU B 373 -17.18 -10.40 53.93
CA LEU B 373 -16.39 -10.28 55.14
C LEU B 373 -17.18 -9.74 56.32
N VAL B 374 -18.15 -8.85 56.09
CA VAL B 374 -18.95 -8.29 57.17
C VAL B 374 -20.11 -9.21 57.45
N HIS B 375 -20.61 -9.18 58.68
CA HIS B 375 -21.75 -10.00 59.10
C HIS B 375 -23.04 -9.20 58.91
N THR B 376 -23.35 -8.95 57.64
CA THR B 376 -24.54 -8.19 57.30
C THR B 376 -25.81 -9.01 57.54
N ASP B 377 -26.91 -8.30 57.73
CA ASP B 377 -28.21 -8.91 57.96
C ASP B 377 -29.27 -8.42 57.00
N SER B 378 -29.22 -7.16 56.59
CA SER B 378 -30.19 -6.61 55.65
C SER B 378 -29.52 -5.51 54.85
N PHE B 379 -30.09 -5.21 53.68
CA PHE B 379 -29.55 -4.18 52.80
C PHE B 379 -30.71 -3.47 52.12
N SER B 380 -30.86 -2.18 52.39
CA SER B 380 -31.91 -1.37 51.81
C SER B 380 -31.31 -0.08 51.27
N CYS B 381 -31.97 0.49 50.26
CA CYS B 381 -31.49 1.73 49.65
C CYS B 381 -32.69 2.64 49.36
N ASN B 382 -32.41 3.94 49.30
CA ASN B 382 -33.42 4.95 49.02
C ASN B 382 -33.15 5.54 47.64
N ASN B 383 -34.13 5.39 46.74
CA ASN B 383 -34.05 5.87 45.35
C ASN B 383 -32.86 5.30 44.61
N PHE B 384 -32.46 4.07 44.96
CA PHE B 384 -31.34 3.40 44.34
C PHE B 384 -31.48 1.91 44.60
N ASP B 385 -30.72 1.12 43.85
CA ASP B 385 -30.74 -0.33 43.96
C ASP B 385 -29.32 -0.87 43.98
N GLU B 386 -29.14 -2.03 44.61
CA GLU B 386 -27.82 -2.64 44.68
C GLU B 386 -27.36 -3.19 43.34
N SER B 387 -28.27 -3.42 42.40
CA SER B 387 -27.91 -3.94 41.09
C SER B 387 -27.33 -2.86 40.18
N LYS B 388 -27.58 -1.59 40.48
CA LYS B 388 -27.05 -0.50 39.66
C LYS B 388 -25.68 -0.02 40.11
N ILE B 389 -25.15 -0.57 41.21
CA ILE B 389 -23.82 -0.20 41.67
C ILE B 389 -22.77 -0.71 40.70
N TYR B 390 -23.04 -1.85 40.08
CA TYR B 390 -22.12 -2.48 39.13
C TYR B 390 -22.20 -1.75 37.80
N GLY B 391 -21.14 -1.03 37.45
CA GLY B 391 -21.11 -0.29 36.20
C GLY B 391 -21.06 1.22 36.38
N SER B 392 -21.81 1.73 37.35
CA SER B 392 -21.84 3.16 37.64
C SER B 392 -20.73 3.50 38.62
N CYS B 393 -20.13 4.67 38.43
CA CYS B 393 -19.04 5.13 39.27
C CYS B 393 -19.44 6.42 39.98
N PHE B 394 -19.13 6.51 41.26
CA PHE B 394 -19.48 7.68 42.06
C PHE B 394 -18.28 8.60 42.27
N LYS B 395 -18.59 9.85 42.64
CA LYS B 395 -17.53 10.84 42.87
C LYS B 395 -16.76 10.54 44.15
N SER B 396 -17.47 10.26 45.24
CA SER B 396 -16.84 9.97 46.52
C SER B 396 -17.78 9.07 47.33
N ILE B 397 -17.22 8.49 48.39
CA ILE B 397 -17.96 7.59 49.27
C ILE B 397 -18.03 8.23 50.65
N VAL B 398 -19.26 8.39 51.16
CA VAL B 398 -19.51 8.95 52.48
C VAL B 398 -20.22 7.89 53.30
N LEU B 399 -19.71 7.61 54.49
CA LEU B 399 -20.29 6.58 55.35
C LEU B 399 -20.56 7.12 56.75
N ASP B 400 -21.48 6.44 57.44
CA ASP B 400 -21.87 6.77 58.80
C ASP B 400 -21.77 5.50 59.63
N LYS B 401 -21.50 5.68 60.93
CA LYS B 401 -21.38 4.52 61.82
C LYS B 401 -21.72 4.92 63.24
N PHE B 402 -22.67 4.21 63.84
CA PHE B 402 -23.09 4.46 65.22
C PHE B 402 -23.83 3.23 65.72
N ALA B 403 -23.79 3.03 67.04
CA ALA B 403 -24.42 1.88 67.67
C ALA B 403 -25.94 1.97 67.60
N ILE B 404 -26.57 0.80 67.58
CA ILE B 404 -28.03 0.66 67.51
C ILE B 404 -28.52 0.12 68.86
N PRO B 405 -29.35 0.86 69.57
CA PRO B 405 -29.86 0.34 70.85
C PRO B 405 -30.87 -0.77 70.63
N ASN B 406 -31.00 -1.63 71.66
CA ASN B 406 -31.93 -2.75 71.57
C ASN B 406 -33.39 -2.28 71.55
N SER B 407 -33.72 -1.29 72.38
CA SER B 407 -35.07 -0.76 72.44
C SER B 407 -35.36 0.31 71.40
N ARG B 408 -34.36 0.70 70.60
CA ARG B 408 -34.55 1.72 69.58
C ARG B 408 -34.25 1.17 68.19
N ARG B 409 -34.77 -0.03 67.90
CA ARG B 409 -34.57 -0.68 66.61
C ARG B 409 -35.77 -0.55 65.68
N SER B 410 -36.99 -0.60 66.23
CA SER B 410 -38.20 -0.51 65.42
C SER B 410 -38.47 0.90 64.88
N ASP B 411 -37.75 1.92 65.34
CA ASP B 411 -37.96 3.29 64.87
C ASP B 411 -36.81 3.79 64.01
N LEU B 412 -36.05 2.88 63.39
CA LEU B 412 -34.93 3.26 62.53
C LEU B 412 -35.32 3.45 61.07
N GLN B 413 -36.59 3.22 60.73
CA GLN B 413 -37.04 3.38 59.36
C GLN B 413 -37.09 4.85 58.98
N LEU B 414 -37.02 5.10 57.67
CA LEU B 414 -37.05 6.46 57.15
C LEU B 414 -38.44 7.08 57.35
N GLY B 415 -38.46 8.34 57.79
CA GLY B 415 -39.70 9.05 58.03
C GLY B 415 -40.29 8.87 59.40
N SER B 416 -39.70 8.02 60.24
CA SER B 416 -40.22 7.80 61.58
C SER B 416 -39.91 9.00 62.47
N SER B 417 -40.92 9.41 63.25
CA SER B 417 -40.78 10.55 64.15
C SER B 417 -40.35 10.11 65.56
N GLY B 418 -39.26 9.35 65.63
CA GLY B 418 -38.75 8.88 66.90
C GLY B 418 -37.81 9.87 67.56
N PHE B 419 -37.29 9.47 68.72
CA PHE B 419 -36.36 10.33 69.46
C PHE B 419 -35.01 10.40 68.78
N LEU B 420 -34.61 9.35 68.06
CA LEU B 420 -33.32 9.34 67.39
C LEU B 420 -33.30 10.31 66.22
N GLN B 421 -34.32 10.25 65.36
CA GLN B 421 -34.39 11.14 64.21
C GLN B 421 -34.73 12.58 64.57
N SER B 422 -35.10 12.85 65.82
CA SER B 422 -35.45 14.20 66.24
C SER B 422 -34.33 14.93 66.98
N SER B 423 -33.44 14.21 67.67
CA SER B 423 -32.36 14.88 68.38
C SER B 423 -31.02 14.16 68.34
N ASN B 424 -30.86 13.08 67.58
CA ASN B 424 -29.60 12.36 67.52
C ASN B 424 -28.96 12.42 66.14
N TYR B 425 -29.67 11.96 65.10
CA TYR B 425 -29.12 11.97 63.76
C TYR B 425 -30.27 12.00 62.75
N LYS B 426 -30.09 12.78 61.68
CA LYS B 426 -31.08 12.92 60.63
C LYS B 426 -30.62 12.17 59.39
N ILE B 427 -31.52 11.41 58.78
CA ILE B 427 -31.23 10.64 57.58
C ILE B 427 -31.77 11.40 56.37
N ASP B 428 -30.89 11.65 55.41
CA ASP B 428 -31.29 12.38 54.20
C ASP B 428 -32.17 11.50 53.33
N THR B 429 -33.22 12.11 52.76
CA THR B 429 -34.15 11.40 51.88
C THR B 429 -34.20 11.96 50.48
N THR B 430 -33.79 13.20 50.25
CA THR B 430 -33.82 13.80 48.91
C THR B 430 -32.64 13.36 48.05
N SER B 431 -31.65 12.68 48.62
CA SER B 431 -30.48 12.22 47.88
C SER B 431 -30.40 10.70 47.92
N SER B 432 -29.64 10.14 46.99
CA SER B 432 -29.49 8.70 46.92
C SER B 432 -28.63 8.20 48.08
N SER B 433 -29.16 7.23 48.82
CA SER B 433 -28.44 6.68 49.96
C SER B 433 -28.87 5.23 50.16
N CYS B 434 -28.02 4.47 50.85
CA CYS B 434 -28.27 3.07 51.13
C CYS B 434 -28.10 2.83 52.63
N GLN B 435 -28.89 1.88 53.14
CA GLN B 435 -28.87 1.52 54.55
C GLN B 435 -28.33 0.11 54.70
N LEU B 436 -27.29 -0.04 55.51
CA LEU B 436 -26.65 -1.34 55.76
C LEU B 436 -26.80 -1.68 57.23
N TYR B 437 -27.32 -2.88 57.51
CA TYR B 437 -27.52 -3.36 58.87
C TYR B 437 -26.60 -4.55 59.12
N TYR B 438 -25.49 -4.31 59.81
CA TYR B 438 -24.52 -5.35 60.13
C TYR B 438 -24.39 -5.46 61.64
N SER B 439 -23.88 -6.59 62.10
CA SER B 439 -23.70 -6.84 63.52
C SER B 439 -22.24 -7.20 63.81
N LEU B 440 -21.83 -6.93 65.05
CA LEU B 440 -20.50 -7.18 65.55
C LEU B 440 -20.59 -7.94 66.85
N PRO B 441 -19.60 -8.77 67.18
CA PRO B 441 -19.65 -9.52 68.44
C PRO B 441 -19.56 -8.61 69.65
N ALA B 442 -20.14 -9.09 70.76
CA ALA B 442 -20.15 -8.32 72.00
C ALA B 442 -18.74 -8.13 72.56
N ILE B 443 -17.86 -9.12 72.37
CA ILE B 443 -16.50 -8.99 72.87
C ILE B 443 -15.72 -7.99 72.03
N ASN B 444 -14.64 -7.46 72.63
CA ASN B 444 -13.75 -6.47 72.01
C ASN B 444 -14.51 -5.23 71.55
N VAL B 445 -15.40 -4.73 72.41
CA VAL B 445 -16.20 -3.55 72.11
C VAL B 445 -15.84 -2.47 73.12
N THR B 446 -15.42 -1.31 72.62
CA THR B 446 -15.04 -0.17 73.44
C THR B 446 -15.90 1.01 73.03
N ILE B 447 -16.72 1.51 73.96
CA ILE B 447 -17.59 2.63 73.67
C ILE B 447 -16.83 3.95 73.82
N ASN B 448 -17.35 4.98 73.16
CA ASN B 448 -16.76 6.32 73.20
C ASN B 448 -17.91 7.30 73.27
N ASN B 449 -18.09 7.94 74.42
CA ASN B 449 -19.17 8.89 74.63
C ASN B 449 -18.58 10.29 74.77
N TYR B 450 -19.04 11.21 73.91
CA TYR B 450 -18.57 12.59 73.93
C TYR B 450 -19.59 13.46 73.20
N ASN B 451 -20.03 14.52 73.86
CA ASN B 451 -21.01 15.42 73.25
C ASN B 451 -20.34 16.36 72.25
N PRO B 452 -20.81 16.42 71.00
CA PRO B 452 -20.20 17.31 70.00
C PRO B 452 -20.80 18.72 70.02
N SER B 453 -20.63 19.40 71.14
CA SER B 453 -21.14 20.76 71.31
C SER B 453 -20.07 21.61 71.98
N SER B 454 -20.17 22.93 71.75
CA SER B 454 -19.22 23.88 72.31
C SER B 454 -19.65 24.39 73.68
N TRP B 455 -20.85 24.96 73.77
CA TRP B 455 -21.34 25.51 75.04
C TRP B 455 -21.65 24.41 76.04
N ASN B 456 -22.01 23.21 75.58
CA ASN B 456 -22.30 22.12 76.51
C ASN B 456 -21.05 21.65 77.23
N ARG B 457 -19.94 21.50 76.50
CA ARG B 457 -18.70 21.05 77.11
C ARG B 457 -17.95 22.19 77.81
N ARG B 458 -18.05 23.42 77.29
CA ARG B 458 -17.34 24.54 77.91
C ARG B 458 -17.96 24.97 79.24
N TYR B 459 -19.27 24.76 79.42
CA TYR B 459 -19.93 25.16 80.66
C TYR B 459 -19.99 24.01 81.66
N GLY B 460 -18.82 23.68 82.21
CA GLY B 460 -18.66 22.65 83.20
C GLY B 460 -19.16 21.25 82.88
N PHE B 461 -18.51 20.56 81.96
CA PHE B 461 -18.90 19.21 81.58
C PHE B 461 -17.68 18.30 81.70
N ASN B 462 -17.78 17.27 82.54
CA ASN B 462 -16.69 16.33 82.75
C ASN B 462 -16.86 15.15 81.80
N ASN B 463 -16.09 14.08 82.04
CA ASN B 463 -16.18 12.90 81.19
C ASN B 463 -17.49 12.16 81.43
N PHE B 464 -17.94 11.45 80.40
CA PHE B 464 -19.19 10.69 80.47
C PHE B 464 -18.97 9.45 81.33
N ASN B 465 -19.35 9.55 82.61
CA ASN B 465 -19.20 8.44 83.55
C ASN B 465 -20.39 7.50 83.38
N LEU B 466 -20.27 6.57 82.44
CA LEU B 466 -21.30 5.59 82.15
C LEU B 466 -20.75 4.19 82.30
N SER B 467 -21.65 3.21 82.30
CA SER B 467 -21.28 1.81 82.43
C SER B 467 -20.74 1.28 81.10
N SER B 468 -20.23 0.05 81.15
CA SER B 468 -19.69 -0.59 79.95
C SER B 468 -20.82 -1.00 79.01
N HIS B 469 -20.55 -0.85 77.70
CA HIS B 469 -21.50 -1.18 76.63
C HIS B 469 -22.81 -0.42 76.78
N SER B 470 -22.72 0.85 77.15
CA SER B 470 -23.88 1.71 77.34
C SER B 470 -24.04 2.60 76.11
N VAL B 471 -25.17 2.45 75.41
CA VAL B 471 -25.47 3.23 74.23
C VAL B 471 -26.34 4.40 74.66
N VAL B 472 -25.74 5.58 74.74
CA VAL B 472 -26.45 6.78 75.16
C VAL B 472 -27.13 7.41 73.94
N TYR B 473 -28.34 7.91 74.15
CA TYR B 473 -29.12 8.55 73.10
C TYR B 473 -29.89 9.71 73.70
N SER B 474 -29.80 10.88 73.06
CA SER B 474 -30.48 12.05 73.56
C SER B 474 -31.94 12.07 73.11
N ARG B 475 -32.75 12.81 73.87
CA ARG B 475 -34.18 12.96 73.59
C ARG B 475 -34.54 14.37 73.15
N TYR B 476 -34.10 15.38 73.90
CA TYR B 476 -34.37 16.78 73.59
C TYR B 476 -33.05 17.53 73.52
N CYS B 477 -32.83 18.27 72.45
CA CYS B 477 -31.61 19.05 72.25
C CYS B 477 -31.97 20.52 72.14
N PHE B 478 -31.28 21.36 72.93
CA PHE B 478 -31.51 22.79 72.94
C PHE B 478 -30.27 23.52 72.46
N SER B 479 -30.48 24.72 71.93
CA SER B 479 -29.41 25.56 71.42
C SER B 479 -29.47 26.93 72.06
N VAL B 480 -28.29 27.52 72.27
CA VAL B 480 -28.16 28.84 72.88
C VAL B 480 -27.46 29.76 71.89
N ASN B 481 -27.54 31.06 72.17
CA ASN B 481 -26.90 32.05 71.32
C ASN B 481 -25.42 32.17 71.68
N ASN B 482 -24.68 32.97 70.91
CA ASN B 482 -23.27 33.18 71.15
C ASN B 482 -22.99 34.34 72.08
N THR B 483 -24.03 34.98 72.63
CA THR B 483 -23.87 36.11 73.53
C THR B 483 -24.70 35.95 74.79
N PHE B 484 -24.98 34.71 75.20
CA PHE B 484 -25.77 34.42 76.38
C PHE B 484 -25.00 33.49 77.31
N CYS B 485 -24.89 33.89 78.58
CA CYS B 485 -24.20 33.09 79.59
C CYS B 485 -25.22 32.58 80.59
N PRO B 486 -25.24 31.28 80.91
CA PRO B 486 -26.23 30.76 81.87
C PRO B 486 -25.96 31.16 83.31
N CYS B 487 -26.02 32.46 83.59
CA CYS B 487 -25.79 33.04 84.91
C CYS B 487 -26.29 34.47 84.87
N ALA B 488 -26.23 35.14 86.03
CA ALA B 488 -26.69 36.52 86.12
C ALA B 488 -25.71 37.38 86.90
N LYS B 489 -26.15 38.60 87.27
CA LYS B 489 -25.33 39.55 88.03
C LYS B 489 -25.40 39.25 89.52
N PRO B 490 -24.30 39.49 90.25
CA PRO B 490 -24.32 39.22 91.70
C PRO B 490 -25.07 40.26 92.53
N SER B 491 -25.52 41.36 91.92
CA SER B 491 -26.25 42.37 92.69
C SER B 491 -27.63 41.88 93.09
N PHE B 492 -28.29 41.12 92.22
CA PHE B 492 -29.62 40.60 92.51
C PHE B 492 -29.58 39.28 93.30
N ALA B 493 -28.43 38.60 93.32
CA ALA B 493 -28.35 37.34 94.04
C ALA B 493 -28.45 37.53 95.55
N SER B 494 -27.97 38.65 96.07
CA SER B 494 -28.02 38.95 97.49
C SER B 494 -29.30 39.67 97.90
N SER B 495 -30.20 39.95 96.96
CA SER B 495 -31.44 40.64 97.25
C SER B 495 -32.58 39.71 97.64
N CYS B 496 -32.39 38.39 97.53
CA CYS B 496 -33.41 37.41 97.86
C CYS B 496 -32.97 36.66 99.12
N LYS B 497 -33.81 36.68 100.16
CA LYS B 497 -33.47 35.99 101.40
C LYS B 497 -33.65 34.49 101.25
N SER B 498 -34.70 34.04 100.56
CA SER B 498 -34.97 32.63 100.34
C SER B 498 -35.09 32.35 98.86
N HIS B 499 -34.62 31.17 98.45
CA HIS B 499 -34.65 30.71 97.06
C HIS B 499 -33.92 31.69 96.13
N LYS B 500 -32.77 32.17 96.59
CA LYS B 500 -32.00 33.12 95.79
C LYS B 500 -31.37 32.40 94.59
N PRO B 501 -31.27 33.07 93.45
CA PRO B 501 -30.67 32.44 92.27
C PRO B 501 -29.16 32.60 92.26
N PRO B 502 -28.42 31.54 91.97
CA PRO B 502 -26.95 31.64 91.94
C PRO B 502 -26.49 32.46 90.74
N SER B 503 -25.33 33.10 90.91
CA SER B 503 -24.79 33.93 89.84
C SER B 503 -23.27 33.99 89.94
N ALA B 504 -22.64 34.34 88.83
CA ALA B 504 -21.19 34.46 88.72
C ALA B 504 -20.92 35.52 87.66
N SER B 505 -19.69 35.53 87.12
CA SER B 505 -19.30 36.51 86.10
C SER B 505 -18.87 35.79 84.83
N CYS B 506 -19.69 35.89 83.79
CA CYS B 506 -19.38 35.27 82.51
C CYS B 506 -18.40 36.16 81.74
N PRO B 507 -17.66 35.61 80.77
CA PRO B 507 -16.70 36.43 80.01
C PRO B 507 -17.37 37.52 79.18
N ILE B 508 -16.52 38.36 78.57
CA ILE B 508 -16.99 39.47 77.75
C ILE B 508 -17.74 38.94 76.52
N GLY B 509 -18.66 39.76 76.01
CA GLY B 509 -19.44 39.38 74.86
C GLY B 509 -20.66 38.55 75.17
N THR B 510 -21.09 38.50 76.43
CA THR B 510 -22.24 37.71 76.84
C THR B 510 -23.22 38.61 77.59
N ASN B 511 -24.49 38.18 77.59
CA ASN B 511 -25.57 38.90 78.26
C ASN B 511 -26.04 38.12 79.48
N TYR B 512 -26.36 38.83 80.55
CA TYR B 512 -26.82 38.21 81.78
C TYR B 512 -28.31 37.87 81.68
N ARG B 513 -28.90 37.47 82.80
CA ARG B 513 -30.31 37.10 82.86
C ARG B 513 -31.17 38.34 83.07
N SER B 514 -32.47 38.13 83.30
CA SER B 514 -33.44 39.19 83.53
C SER B 514 -34.31 38.84 84.73
N CYS B 515 -33.66 38.46 85.83
CA CYS B 515 -34.37 38.09 87.05
C CYS B 515 -35.08 39.29 87.67
N GLU B 516 -36.24 39.01 88.27
CA GLU B 516 -37.05 40.03 88.92
C GLU B 516 -37.81 39.39 90.08
N SER B 517 -38.22 40.23 91.02
CA SER B 517 -38.94 39.76 92.21
C SER B 517 -40.45 39.83 92.03
N THR B 518 -41.13 38.77 92.49
CA THR B 518 -42.59 38.62 92.43
C THR B 518 -43.10 38.15 93.79
N THR B 519 -42.68 38.83 94.85
CA THR B 519 -43.10 38.47 96.21
C THR B 519 -44.58 38.72 96.39
N VAL B 520 -45.32 37.67 96.78
CA VAL B 520 -46.76 37.75 97.00
C VAL B 520 -47.07 37.33 98.43
N LEU B 521 -46.14 37.63 99.34
CA LEU B 521 -46.19 37.36 100.78
C LEU B 521 -46.15 35.86 101.09
N ASP B 522 -45.84 35.02 100.10
CA ASP B 522 -45.76 33.58 100.36
C ASP B 522 -44.48 33.22 101.10
N HIS B 523 -43.37 33.88 100.75
CA HIS B 523 -42.09 33.64 101.40
C HIS B 523 -41.45 34.97 101.80
N THR B 524 -40.19 34.91 102.24
CA THR B 524 -39.51 36.14 102.63
C THR B 524 -39.19 37.02 101.42
N ASP B 525 -38.65 36.40 100.37
CA ASP B 525 -38.32 37.13 99.14
C ASP B 525 -38.44 36.15 97.98
N TRP B 526 -39.59 36.16 97.31
CA TRP B 526 -39.84 35.26 96.18
C TRP B 526 -39.42 35.96 94.89
N CYS B 527 -38.32 35.49 94.29
CA CYS B 527 -37.80 36.04 93.05
C CYS B 527 -37.61 34.91 92.05
N ARG B 528 -37.95 35.18 90.80
CA ARG B 528 -37.84 34.19 89.73
C ARG B 528 -37.17 34.81 88.51
N CYS B 529 -36.59 33.96 87.69
CA CYS B 529 -35.91 34.35 86.46
C CYS B 529 -36.61 33.72 85.27
N SER B 530 -36.02 33.90 84.09
CA SER B 530 -36.58 33.34 82.87
C SER B 530 -36.24 31.86 82.76
N CYS B 531 -36.99 31.17 81.88
CA CYS B 531 -36.84 29.75 81.60
C CYS B 531 -37.00 28.91 82.87
N LEU B 532 -38.16 29.08 83.54
CA LEU B 532 -38.46 28.37 84.76
C LEU B 532 -39.78 27.61 84.63
N PRO B 533 -39.90 26.41 85.22
CA PRO B 533 -38.86 25.72 85.99
C PRO B 533 -37.90 24.89 85.13
N ASP B 534 -38.20 24.82 83.84
CA ASP B 534 -37.38 24.08 82.89
C ASP B 534 -37.54 24.68 81.51
N PRO B 535 -36.52 24.61 80.65
CA PRO B 535 -36.64 25.21 79.31
C PRO B 535 -37.63 24.51 78.40
N ILE B 536 -37.94 23.23 78.63
CA ILE B 536 -38.89 22.53 77.77
C ILE B 536 -40.31 23.05 77.96
N THR B 537 -40.72 23.24 79.20
CA THR B 537 -42.06 23.73 79.52
C THR B 537 -41.91 25.09 80.20
N ALA B 538 -42.00 26.16 79.41
CA ALA B 538 -41.87 27.53 79.90
C ALA B 538 -43.13 28.30 79.55
N TYR B 539 -43.52 29.20 80.46
CA TYR B 539 -44.71 30.01 80.23
C TYR B 539 -44.49 31.03 79.12
N ASP B 540 -43.27 31.56 79.00
CA ASP B 540 -42.93 32.55 77.99
C ASP B 540 -41.70 32.04 77.23
N PRO B 541 -41.90 31.20 76.21
CA PRO B 541 -40.75 30.69 75.45
C PRO B 541 -40.03 31.74 74.62
N ARG B 542 -40.68 32.88 74.35
CA ARG B 542 -40.04 33.93 73.56
C ARG B 542 -38.89 34.58 74.33
N SER B 543 -39.06 34.75 75.64
CA SER B 543 -38.04 35.36 76.48
C SER B 543 -36.97 34.37 76.93
N CYS B 544 -37.13 33.08 76.63
CA CYS B 544 -36.15 32.08 77.03
C CYS B 544 -34.88 32.23 76.20
N SER B 545 -33.72 32.13 76.88
CA SER B 545 -32.44 32.25 76.18
C SER B 545 -32.13 31.04 75.31
N GLN B 546 -32.73 29.89 75.61
CA GLN B 546 -32.50 28.67 74.84
C GLN B 546 -33.83 28.11 74.35
N LYS B 547 -33.83 27.62 73.12
CA LYS B 547 -35.02 27.06 72.50
C LYS B 547 -34.72 25.69 71.92
N LYS B 548 -35.78 24.92 71.67
CA LYS B 548 -35.65 23.58 71.12
C LYS B 548 -35.27 23.67 69.64
N SER B 549 -34.12 23.10 69.29
CA SER B 549 -33.62 23.11 67.92
C SER B 549 -33.60 21.69 67.38
N LEU B 550 -34.22 21.50 66.23
CA LEU B 550 -34.28 20.19 65.59
C LEU B 550 -32.94 19.84 64.97
N VAL B 551 -32.62 18.54 64.96
CA VAL B 551 -31.37 18.07 64.40
C VAL B 551 -31.48 18.07 62.87
N GLY B 552 -30.33 18.25 62.21
CA GLY B 552 -30.28 18.27 60.76
C GLY B 552 -29.23 17.29 60.24
N VAL B 553 -29.17 17.19 58.91
CA VAL B 553 -28.22 16.30 58.28
C VAL B 553 -26.81 16.86 58.42
N GLY B 554 -25.87 16.00 58.80
CA GLY B 554 -24.48 16.42 58.99
C GLY B 554 -24.28 17.41 60.12
N GLU B 555 -25.07 17.29 61.19
CA GLU B 555 -24.97 18.20 62.32
C GLU B 555 -25.42 17.44 63.55
N HIS B 556 -24.59 17.42 64.59
CA HIS B 556 -24.87 16.68 65.82
C HIS B 556 -25.82 17.47 66.72
N CYS B 557 -25.97 17.03 67.97
CA CYS B 557 -26.85 17.71 68.91
C CYS B 557 -26.26 19.04 69.33
N ALA B 558 -27.14 20.02 69.54
CA ALA B 558 -26.72 21.36 69.95
C ALA B 558 -26.48 21.47 71.45
N GLY B 559 -26.86 20.46 72.23
CA GLY B 559 -26.67 20.50 73.67
C GLY B 559 -27.95 20.19 74.43
N PHE B 560 -27.79 19.63 75.63
CA PHE B 560 -28.92 19.28 76.46
C PHE B 560 -29.46 20.52 77.19
N GLY B 561 -30.72 20.43 77.61
CA GLY B 561 -31.34 21.54 78.31
C GLY B 561 -30.79 21.66 79.73
N VAL B 562 -30.49 22.90 80.12
CA VAL B 562 -29.97 23.20 81.44
C VAL B 562 -30.72 24.40 82.01
N ASP B 563 -31.04 24.33 83.30
CA ASP B 563 -31.75 25.40 83.99
C ASP B 563 -30.76 26.44 84.49
N GLU B 564 -31.09 27.71 84.29
CA GLU B 564 -30.22 28.80 84.73
C GLU B 564 -30.17 28.90 86.25
N GLU B 565 -31.30 28.68 86.92
CA GLU B 565 -31.35 28.76 88.37
C GLU B 565 -30.76 27.55 89.06
N LYS B 566 -30.62 26.42 88.35
CA LYS B 566 -30.07 25.21 88.94
C LYS B 566 -28.55 25.16 88.89
N CYS B 567 -27.90 26.13 88.27
CA CYS B 567 -26.44 26.13 88.17
C CYS B 567 -25.92 27.54 88.42
N GLY B 568 -24.68 27.61 88.89
CA GLY B 568 -24.03 28.87 89.19
C GLY B 568 -23.43 28.88 90.60
N VAL B 569 -22.67 29.95 90.85
CA VAL B 569 -22.01 30.13 92.14
C VAL B 569 -23.03 30.65 93.15
N LEU B 570 -23.16 29.94 94.27
CA LEU B 570 -24.11 30.35 95.31
C LEU B 570 -23.64 31.60 96.04
N ASP B 571 -24.59 32.48 96.32
CA ASP B 571 -24.44 33.75 97.03
C ASP B 571 -23.54 34.76 96.32
N GLY B 572 -23.07 34.47 95.11
CA GLY B 572 -22.21 35.37 94.38
C GLY B 572 -20.88 35.63 95.05
N SER B 573 -20.21 34.56 95.50
CA SER B 573 -18.93 34.68 96.18
C SER B 573 -17.79 35.13 95.27
N TYR B 574 -18.00 35.09 93.94
CA TYR B 574 -16.99 35.48 92.94
C TYR B 574 -15.70 34.68 93.08
N ASN B 575 -15.85 33.36 92.97
CA ASN B 575 -14.74 32.43 93.08
C ASN B 575 -14.27 31.92 91.72
N VAL B 576 -15.19 31.44 90.89
CA VAL B 576 -14.89 30.92 89.57
C VAL B 576 -15.79 31.62 88.56
N SER B 577 -15.71 31.18 87.30
CA SER B 577 -16.51 31.75 86.22
C SER B 577 -17.92 31.16 86.27
N CYS B 578 -18.72 31.45 85.25
CA CYS B 578 -20.09 30.95 85.17
C CYS B 578 -20.04 29.48 84.73
N LEU B 579 -19.75 28.62 85.70
CA LEU B 579 -19.65 27.18 85.48
C LEU B 579 -20.86 26.49 86.10
N CYS B 580 -21.41 25.52 85.36
CA CYS B 580 -22.57 24.77 85.81
C CYS B 580 -22.21 23.29 85.97
N SER B 581 -22.91 22.63 86.87
CA SER B 581 -22.68 21.21 87.14
C SER B 581 -23.20 20.35 86.00
N THR B 582 -22.64 19.14 85.90
CA THR B 582 -23.03 18.20 84.86
C THR B 582 -24.44 17.66 85.12
N ASP B 583 -24.80 17.49 86.39
CA ASP B 583 -26.12 16.97 86.74
C ASP B 583 -27.25 17.93 86.40
N ALA B 584 -26.94 19.21 86.15
CA ALA B 584 -28.00 20.16 85.82
C ALA B 584 -28.58 19.91 84.44
N PHE B 585 -27.79 19.32 83.53
CA PHE B 585 -28.27 19.03 82.20
C PHE B 585 -29.24 17.86 82.22
N LEU B 586 -30.26 17.93 81.36
CA LEU B 586 -31.26 16.88 81.29
C LEU B 586 -31.75 16.75 79.85
N GLY B 587 -32.32 15.59 79.54
CA GLY B 587 -32.82 15.33 78.21
C GLY B 587 -32.08 14.23 77.47
N TRP B 588 -31.57 13.25 78.22
CA TRP B 588 -30.84 12.15 77.62
C TRP B 588 -31.04 10.89 78.45
N SER B 589 -30.80 9.75 77.81
CA SER B 589 -30.94 8.44 78.44
C SER B 589 -29.94 7.49 77.78
N TYR B 590 -29.79 6.30 78.36
CA TYR B 590 -28.85 5.32 77.84
C TYR B 590 -29.53 3.96 77.73
N ASP B 591 -28.97 3.14 76.85
CA ASP B 591 -29.48 1.79 76.59
C ASP B 591 -28.27 0.90 76.31
N THR B 592 -28.53 -0.35 75.91
CA THR B 592 -27.47 -1.29 75.60
C THR B 592 -27.77 -2.01 74.29
N CYS B 593 -26.75 -2.66 73.74
CA CYS B 593 -26.88 -3.40 72.49
C CYS B 593 -26.71 -4.90 72.68
N VAL B 594 -26.79 -5.39 73.91
CA VAL B 594 -26.63 -6.82 74.18
C VAL B 594 -27.84 -7.57 73.64
N SER B 595 -27.65 -8.29 72.54
CA SER B 595 -28.72 -9.06 71.90
C SER B 595 -28.06 -10.23 71.20
N ASN B 596 -28.26 -11.44 71.74
CA ASN B 596 -27.69 -12.68 71.21
C ASN B 596 -26.17 -12.61 71.15
N ASN B 597 -25.58 -12.00 72.18
CA ASN B 597 -24.14 -11.80 72.34
C ASN B 597 -23.52 -11.01 71.18
N ARG B 598 -24.31 -10.15 70.53
CA ARG B 598 -23.83 -9.34 69.43
C ARG B 598 -24.47 -7.97 69.50
N CYS B 599 -23.81 -6.97 68.92
CA CYS B 599 -24.29 -5.60 68.89
C CYS B 599 -24.46 -5.14 67.46
N ASN B 600 -25.55 -4.43 67.19
CA ASN B 600 -25.85 -3.93 65.86
C ASN B 600 -25.33 -2.51 65.69
N ILE B 601 -24.76 -2.24 64.52
CA ILE B 601 -24.22 -0.92 64.20
C ILE B 601 -24.79 -0.49 62.85
N PHE B 602 -25.40 0.69 62.81
CA PHE B 602 -26.00 1.20 61.58
C PHE B 602 -24.92 1.74 60.65
N SER B 603 -25.15 1.59 59.35
CA SER B 603 -24.22 2.06 58.33
C SER B 603 -25.01 2.71 57.20
N ASN B 604 -24.79 4.01 56.99
CA ASN B 604 -25.46 4.76 55.95
C ASN B 604 -24.49 4.98 54.80
N PHE B 605 -24.85 4.50 53.62
CA PHE B 605 -24.01 4.63 52.42
C PHE B 605 -24.49 5.85 51.63
N ILE B 606 -23.91 7.00 51.95
CA ILE B 606 -24.26 8.26 51.28
C ILE B 606 -23.39 8.35 50.02
N LEU B 607 -24.01 8.27 48.85
CA LEU B 607 -23.32 8.32 47.58
C LEU B 607 -23.80 9.52 46.78
N ASN B 608 -22.86 10.19 46.12
CA ASN B 608 -23.14 11.36 45.30
C ASN B 608 -22.42 11.22 43.97
N GLY B 609 -22.92 11.94 42.96
CA GLY B 609 -22.32 11.89 41.65
C GLY B 609 -22.57 10.58 40.92
N ILE B 610 -23.83 10.37 40.49
CA ILE B 610 -24.20 9.16 39.77
C ILE B 610 -23.43 9.08 38.46
N ASN B 611 -23.02 7.86 38.09
CA ASN B 611 -22.25 7.40 36.92
C ASN B 611 -21.20 8.39 36.44
N SER B 612 -20.46 8.96 37.39
CA SER B 612 -19.41 9.93 37.11
C SER B 612 -18.56 10.06 38.37
N GLY B 613 -17.27 9.84 38.26
CA GLY B 613 -16.38 9.94 39.39
C GLY B 613 -15.12 9.12 39.17
N THR B 614 -14.30 9.07 40.21
CA THR B 614 -13.04 8.35 40.20
C THR B 614 -13.03 7.13 41.11
N THR B 615 -13.43 7.28 42.37
CA THR B 615 -13.45 6.16 43.30
C THR B 615 -14.82 5.48 43.32
N CYS B 616 -14.81 4.16 43.08
CA CYS B 616 -16.02 3.33 43.05
C CYS B 616 -15.59 1.87 43.06
N SER B 617 -16.59 0.99 43.03
CA SER B 617 -16.37 -0.45 43.04
C SER B 617 -15.79 -0.94 41.72
N ASN B 618 -15.06 -2.06 41.78
CA ASN B 618 -14.43 -2.68 40.62
C ASN B 618 -14.58 -4.19 40.68
N ASP B 619 -15.80 -4.65 40.94
CA ASP B 619 -16.15 -6.06 41.04
C ASP B 619 -16.24 -6.79 39.69
N LEU B 620 -15.79 -6.21 38.58
CA LEU B 620 -15.87 -6.89 37.29
C LEU B 620 -14.89 -8.05 37.23
N LEU B 621 -14.97 -8.82 36.16
CA LEU B 621 -14.10 -9.97 36.00
C LEU B 621 -12.69 -9.50 35.66
N GLN B 622 -11.72 -9.97 36.44
CA GLN B 622 -10.32 -9.63 36.28
C GLN B 622 -9.50 -10.91 36.16
N PRO B 623 -8.37 -10.89 35.44
CA PRO B 623 -7.56 -12.11 35.29
C PRO B 623 -6.75 -12.43 36.55
N ASN B 624 -7.44 -12.64 37.67
CA ASN B 624 -6.83 -12.96 38.95
C ASN B 624 -7.54 -14.20 39.50
N THR B 625 -7.08 -15.38 39.06
CA THR B 625 -7.63 -16.65 39.48
C THR B 625 -6.49 -17.58 39.89
N GLU B 626 -6.84 -18.82 40.21
CA GLU B 626 -5.85 -19.80 40.62
C GLU B 626 -5.08 -20.28 39.40
N VAL B 627 -3.92 -19.67 39.13
CA VAL B 627 -3.11 -20.05 37.98
C VAL B 627 -2.47 -21.41 38.21
N PHE B 628 -2.24 -22.13 37.12
CA PHE B 628 -1.62 -23.46 37.17
C PHE B 628 -0.95 -23.75 35.84
N THR B 629 -0.04 -24.73 35.88
CA THR B 629 0.74 -25.14 34.72
C THR B 629 0.05 -26.28 33.97
N ASP B 630 0.82 -26.92 33.07
CA ASP B 630 0.46 -28.05 32.20
C ASP B 630 -0.50 -27.69 31.07
N VAL B 631 -0.83 -26.42 30.91
CA VAL B 631 -1.73 -25.95 29.85
C VAL B 631 -1.49 -24.46 29.68
N CYS B 632 -1.52 -23.98 28.44
CA CYS B 632 -1.29 -22.56 28.17
C CYS B 632 -2.53 -21.77 28.56
N VAL B 633 -2.57 -21.41 29.84
CA VAL B 633 -3.68 -20.63 30.39
C VAL B 633 -3.54 -19.20 29.89
N ASP B 634 -4.66 -18.62 29.46
CA ASP B 634 -4.66 -17.26 28.95
C ASP B 634 -4.27 -16.27 30.04
N TYR B 635 -3.37 -15.34 29.70
CA TYR B 635 -2.90 -14.33 30.63
C TYR B 635 -3.19 -12.94 30.07
N ASP B 636 -3.72 -12.07 30.93
CA ASP B 636 -4.06 -10.70 30.58
C ASP B 636 -3.61 -9.74 31.68
N LEU B 637 -2.43 -9.95 32.23
CA LEU B 637 -1.91 -9.12 33.31
C LEU B 637 -0.96 -8.04 32.82
N TYR B 638 -0.95 -6.92 33.56
CA TYR B 638 -0.09 -5.76 33.33
C TYR B 638 -0.24 -5.19 31.91
N GLY B 639 -1.49 -5.17 31.42
CA GLY B 639 -1.77 -4.65 30.10
C GLY B 639 -1.16 -5.45 28.96
N ILE B 640 -0.83 -6.71 29.20
CA ILE B 640 -0.24 -7.59 28.21
C ILE B 640 -1.14 -8.80 28.02
N THR B 641 -1.52 -9.06 26.77
CA THR B 641 -2.37 -10.19 26.43
C THR B 641 -1.62 -11.14 25.51
N GLY B 642 -1.61 -12.42 25.87
CA GLY B 642 -0.92 -13.42 25.06
C GLY B 642 -1.35 -14.80 25.48
N GLN B 643 -0.72 -15.80 24.85
CA GLN B 643 -1.00 -17.21 25.13
C GLN B 643 0.31 -17.92 25.43
N GLY B 644 0.37 -18.60 26.57
CA GLY B 644 1.59 -19.31 26.94
C GLY B 644 1.40 -20.13 28.19
N ILE B 645 2.28 -21.12 28.34
CA ILE B 645 2.28 -22.02 29.48
C ILE B 645 3.11 -21.42 30.60
N PHE B 646 2.58 -21.45 31.82
CA PHE B 646 3.28 -20.91 32.97
C PHE B 646 4.18 -22.00 33.57
N LYS B 647 5.33 -21.59 34.07
CA LYS B 647 6.27 -22.50 34.69
C LYS B 647 6.76 -21.89 35.99
N GLU B 648 6.72 -22.69 37.06
CA GLU B 648 7.14 -22.23 38.38
C GLU B 648 8.67 -22.19 38.44
N VAL B 649 9.22 -20.99 38.42
CA VAL B 649 10.66 -20.76 38.50
C VAL B 649 10.90 -19.71 39.58
N SER B 650 11.76 -20.03 40.54
CA SER B 650 12.05 -19.10 41.63
C SER B 650 12.83 -17.89 41.11
N ALA B 651 12.35 -16.69 41.44
CA ALA B 651 13.00 -15.45 41.02
C ALA B 651 12.80 -14.43 42.14
N VAL B 652 13.80 -14.34 43.01
CA VAL B 652 13.75 -13.42 44.15
C VAL B 652 14.54 -12.14 43.85
N TYR B 653 15.48 -12.17 42.91
CA TYR B 653 16.31 -11.03 42.54
C TYR B 653 15.55 -9.88 41.88
N TYR B 654 14.24 -9.95 41.74
CA TYR B 654 13.50 -8.84 41.14
C TYR B 654 13.45 -7.66 42.09
N ASN B 655 13.21 -6.47 41.52
CA ASN B 655 13.15 -5.27 42.32
C ASN B 655 11.80 -5.16 43.03
N SER B 656 11.69 -4.16 43.92
CA SER B 656 10.47 -3.95 44.67
C SER B 656 9.31 -3.51 43.79
N TRP B 657 9.59 -2.81 42.69
CA TRP B 657 8.56 -2.35 41.77
C TRP B 657 8.55 -3.11 40.45
N GLN B 658 9.58 -3.90 40.19
CA GLN B 658 9.66 -4.65 38.94
C GLN B 658 8.63 -5.79 38.95
N ASN B 659 7.86 -5.90 37.87
CA ASN B 659 6.84 -6.93 37.75
C ASN B 659 7.07 -7.88 36.58
N LEU B 660 7.65 -7.42 35.48
CA LEU B 660 7.88 -8.30 34.34
C LEU B 660 9.36 -8.32 33.95
N LEU B 661 9.66 -8.98 32.84
CA LEU B 661 11.02 -9.07 32.32
C LEU B 661 10.92 -9.33 30.83
N TYR B 662 11.77 -8.68 30.05
CA TYR B 662 11.75 -8.79 28.60
C TYR B 662 13.04 -9.40 28.08
N ASP B 663 13.00 -9.82 26.81
CA ASP B 663 14.13 -10.44 26.15
C ASP B 663 14.89 -9.37 25.37
N PHE B 664 15.82 -9.80 24.51
CA PHE B 664 16.61 -8.86 23.70
C PHE B 664 15.76 -8.13 22.69
N ASN B 665 14.83 -8.84 22.03
CA ASN B 665 13.98 -8.21 21.03
C ASN B 665 12.98 -7.25 21.66
N GLY B 666 12.39 -7.63 22.79
CA GLY B 666 11.44 -6.77 23.45
C GLY B 666 10.07 -7.41 23.65
N ASN B 667 10.02 -8.73 23.74
CA ASN B 667 8.79 -9.46 23.95
C ASN B 667 8.69 -9.97 25.39
N ILE B 668 7.44 -10.14 25.83
CA ILE B 668 7.17 -10.61 27.19
C ILE B 668 7.56 -12.07 27.31
N ILE B 669 8.30 -12.40 28.37
CA ILE B 669 8.75 -13.78 28.60
C ILE B 669 8.31 -14.25 29.97
N GLY B 670 7.81 -13.34 30.79
CA GLY B 670 7.37 -13.71 32.12
C GLY B 670 6.75 -12.53 32.85
N PHE B 671 6.37 -12.79 34.10
CA PHE B 671 5.75 -11.77 34.95
C PHE B 671 5.98 -12.16 36.40
N LYS B 672 5.33 -11.44 37.32
CA LYS B 672 5.43 -11.70 38.75
C LYS B 672 4.16 -11.22 39.41
N ASP B 673 3.46 -12.13 40.08
CA ASP B 673 2.21 -11.77 40.76
C ASP B 673 2.47 -10.88 41.97
N PHE B 674 1.58 -9.92 42.18
CA PHE B 674 1.70 -8.98 43.29
C PHE B 674 0.84 -9.36 44.50
N VAL B 675 0.10 -10.47 44.44
CA VAL B 675 -0.72 -10.89 45.55
C VAL B 675 -0.17 -12.12 46.26
N THR B 676 0.58 -12.98 45.57
CA THR B 676 1.16 -14.17 46.18
C THR B 676 2.68 -14.17 46.14
N ASN B 677 3.30 -13.13 45.56
CA ASN B 677 4.75 -13.00 45.44
C ASN B 677 5.37 -14.18 44.69
N LYS B 678 4.65 -14.69 43.71
CA LYS B 678 5.09 -15.82 42.91
C LYS B 678 5.55 -15.36 41.53
N THR B 679 6.56 -16.02 41.00
CA THR B 679 7.13 -15.71 39.70
C THR B 679 6.87 -16.86 38.74
N TYR B 680 6.59 -16.52 37.48
CA TYR B 680 6.32 -17.51 36.45
C TYR B 680 7.05 -17.14 35.18
N ASN B 681 7.42 -18.16 34.40
CA ASN B 681 8.10 -17.99 33.13
C ASN B 681 7.12 -18.39 32.04
N ILE B 682 6.82 -17.46 31.15
CA ILE B 682 5.85 -17.71 30.08
C ILE B 682 6.53 -18.48 28.94
N PHE B 683 5.98 -19.64 28.62
CA PHE B 683 6.41 -20.52 27.55
C PHE B 683 5.27 -20.67 26.57
N PRO B 684 5.44 -20.30 25.29
CA PRO B 684 4.34 -20.44 24.33
C PRO B 684 3.94 -21.90 24.14
N CYS B 685 2.64 -22.13 24.00
CA CYS B 685 2.19 -23.51 23.83
C CYS B 685 2.21 -23.92 22.37
N TYR B 686 1.93 -25.20 22.15
CA TYR B 686 1.96 -25.77 20.80
C TYR B 686 0.87 -25.18 19.90
N ALA B 687 1.29 -24.75 18.72
CA ALA B 687 0.43 -24.19 17.69
C ALA B 687 0.91 -24.66 16.32
N GLY B 688 1.65 -25.75 16.26
CA GLY B 688 2.19 -26.25 15.01
C GLY B 688 1.19 -27.03 14.17
N ARG B 689 1.74 -27.71 13.18
CA ARG B 689 0.99 -28.50 12.22
C ARG B 689 1.24 -29.99 12.41
N VAL B 690 0.71 -30.77 11.49
CA VAL B 690 0.85 -32.23 11.47
C VAL B 690 1.01 -32.65 10.01
N SER B 691 1.99 -33.48 9.73
CA SER B 691 2.23 -33.94 8.36
C SER B 691 1.43 -35.21 8.12
N ALA B 692 0.70 -35.23 7.00
CA ALA B 692 -0.13 -36.38 6.64
C ALA B 692 0.21 -36.80 5.22
N ALA B 693 0.71 -38.03 5.07
CA ALA B 693 1.06 -38.55 3.77
C ALA B 693 -0.10 -39.38 3.21
N PHE B 694 -0.39 -39.19 1.92
CA PHE B 694 -1.49 -39.88 1.27
C PHE B 694 -1.03 -40.48 -0.04
N HIS B 695 -1.56 -41.65 -0.36
CA HIS B 695 -1.26 -42.38 -1.59
C HIS B 695 -2.56 -42.56 -2.38
N GLN B 696 -2.45 -42.50 -3.72
CA GLN B 696 -3.65 -42.65 -4.55
C GLN B 696 -4.26 -44.04 -4.44
N ASN B 697 -3.46 -45.05 -4.16
CA ASN B 697 -3.95 -46.42 -4.02
C ASN B 697 -4.30 -46.79 -2.59
N ALA B 698 -4.20 -45.85 -1.65
CA ALA B 698 -4.49 -46.08 -0.25
C ALA B 698 -5.83 -45.45 0.13
N SER B 699 -6.25 -45.69 1.37
CA SER B 699 -7.49 -45.18 1.90
C SER B 699 -7.32 -44.35 3.17
N SER B 700 -6.44 -44.77 4.07
CA SER B 700 -6.20 -44.05 5.31
C SER B 700 -5.11 -42.99 5.11
N LEU B 701 -4.69 -42.36 6.20
CA LEU B 701 -3.67 -41.33 6.18
C LEU B 701 -2.59 -41.64 7.21
N ALA B 702 -1.35 -41.30 6.87
CA ALA B 702 -0.20 -41.53 7.74
C ALA B 702 0.16 -40.20 8.42
N LEU B 703 -0.58 -39.88 9.48
CA LEU B 703 -0.33 -38.65 10.21
C LEU B 703 0.98 -38.71 10.97
N LEU B 704 1.71 -37.59 10.97
CA LEU B 704 2.99 -37.50 11.65
C LEU B 704 3.13 -36.12 12.29
N TYR B 705 3.31 -36.11 13.60
CA TYR B 705 3.47 -34.87 14.35
C TYR B 705 4.96 -34.62 14.52
N ARG B 706 5.48 -33.58 13.88
CA ARG B 706 6.90 -33.26 13.96
C ARG B 706 7.25 -32.67 15.32
N ASN B 707 8.32 -33.20 15.91
CA ASN B 707 8.87 -32.78 17.20
C ASN B 707 7.81 -32.81 18.31
N LEU B 708 7.34 -34.02 18.59
CA LEU B 708 6.33 -34.22 19.62
C LEU B 708 6.48 -35.61 20.22
N LYS B 709 5.84 -35.80 21.36
CA LYS B 709 5.82 -37.07 22.07
C LYS B 709 4.41 -37.64 22.01
N CYS B 710 4.32 -38.97 21.97
CA CYS B 710 3.02 -39.63 21.88
C CYS B 710 2.17 -39.37 23.11
N SER B 711 2.78 -39.21 24.28
CA SER B 711 2.02 -38.93 25.49
C SER B 711 1.33 -37.57 25.42
N TYR B 712 2.04 -36.57 24.89
CA TYR B 712 1.47 -35.23 24.75
C TYR B 712 0.31 -35.24 23.75
N VAL B 713 0.45 -35.96 22.64
CA VAL B 713 -0.60 -36.03 21.64
C VAL B 713 -1.82 -36.76 22.20
N LEU B 714 -1.61 -37.85 22.93
CA LEU B 714 -2.73 -38.58 23.50
C LEU B 714 -3.44 -37.79 24.59
N ASN B 715 -2.68 -37.04 25.40
CA ASN B 715 -3.28 -36.26 26.48
C ASN B 715 -3.76 -34.89 26.04
N ASN B 716 -3.54 -34.49 24.78
CA ASN B 716 -3.96 -33.18 24.32
C ASN B 716 -4.82 -33.17 23.07
N ILE B 717 -5.03 -34.31 22.39
CA ILE B 717 -5.85 -34.30 21.19
C ILE B 717 -7.06 -35.21 21.37
N SER B 718 -6.83 -36.51 21.49
CA SER B 718 -7.87 -37.52 21.66
C SER B 718 -7.20 -38.82 22.07
N LEU B 719 -8.00 -39.89 22.13
CA LEU B 719 -7.50 -41.21 22.48
C LEU B 719 -7.03 -41.95 21.24
N ALA B 720 -6.07 -42.85 21.43
CA ALA B 720 -5.53 -43.62 20.31
C ALA B 720 -6.56 -44.58 19.75
N THR B 721 -6.68 -44.60 18.41
CA THR B 721 -7.62 -45.46 17.72
C THR B 721 -7.01 -46.25 16.57
N GLN B 722 -5.78 -45.93 16.16
CA GLN B 722 -5.06 -46.57 15.08
C GLN B 722 -3.71 -47.05 15.58
N PRO B 723 -3.12 -48.09 14.96
CA PRO B 723 -1.81 -48.56 15.42
C PRO B 723 -0.74 -47.50 15.17
N TYR B 724 0.13 -47.32 16.17
CA TYR B 724 1.16 -46.30 16.08
C TYR B 724 2.34 -46.67 16.96
N PHE B 725 3.46 -46.01 16.70
CA PHE B 725 4.69 -46.21 17.46
C PHE B 725 5.50 -44.93 17.39
N ASP B 726 6.44 -44.78 18.32
CA ASP B 726 7.27 -43.59 18.37
C ASP B 726 8.29 -43.59 17.24
N SER B 727 8.89 -42.42 17.01
CA SER B 727 9.88 -42.26 15.95
C SER B 727 10.81 -41.11 16.32
N TYR B 728 11.92 -41.03 15.58
CA TYR B 728 12.90 -39.97 15.81
C TYR B 728 12.33 -38.59 15.47
N LEU B 729 11.56 -38.50 14.40
CA LEU B 729 10.97 -37.22 14.01
C LEU B 729 9.85 -36.81 14.96
N GLY B 730 9.05 -37.77 15.41
CA GLY B 730 7.95 -37.47 16.31
C GLY B 730 7.05 -38.67 16.45
N CYS B 731 5.80 -38.41 16.80
CA CYS B 731 4.81 -39.46 16.99
C CYS B 731 4.03 -39.64 15.69
N VAL B 732 4.30 -40.72 14.97
CA VAL B 732 3.63 -41.02 13.71
C VAL B 732 2.37 -41.82 14.01
N PHE B 733 1.29 -41.54 13.29
CA PHE B 733 0.01 -42.22 13.48
C PHE B 733 -0.38 -43.01 12.24
N ASN B 734 -1.04 -44.15 12.48
CA ASN B 734 -1.53 -45.05 11.43
C ASN B 734 -0.41 -45.51 10.49
N ALA B 735 0.75 -45.82 11.07
CA ALA B 735 1.88 -46.27 10.27
C ALA B 735 2.81 -47.10 11.15
N ASP B 736 2.90 -48.39 10.85
CA ASP B 736 3.78 -49.27 11.61
C ASP B 736 5.22 -48.96 11.25
N ASN B 737 6.08 -48.81 12.25
CA ASN B 737 7.47 -48.48 11.99
C ASN B 737 8.33 -49.71 11.78
N LEU B 738 9.22 -49.62 10.78
CA LEU B 738 10.16 -50.67 10.40
C LEU B 738 11.42 -49.96 9.91
N THR B 739 12.36 -49.73 10.83
CA THR B 739 13.60 -49.05 10.51
C THR B 739 14.58 -49.91 9.73
N ASP B 740 14.55 -51.24 9.93
CA ASP B 740 15.47 -52.14 9.25
C ASP B 740 15.26 -52.17 7.74
N TYR B 741 14.02 -52.01 7.27
CA TYR B 741 13.76 -52.04 5.84
C TYR B 741 14.29 -50.78 5.16
N SER B 742 14.81 -50.96 3.95
CA SER B 742 15.37 -49.85 3.18
C SER B 742 14.87 -49.90 1.74
N VAL B 743 14.47 -48.74 1.21
CA VAL B 743 13.98 -48.62 -0.15
C VAL B 743 14.86 -47.61 -0.90
N SER B 744 15.16 -47.91 -2.15
CA SER B 744 16.01 -47.04 -2.96
C SER B 744 15.23 -46.02 -3.78
N SER B 745 13.90 -46.02 -3.70
CA SER B 745 13.10 -45.06 -4.47
C SER B 745 11.80 -44.83 -3.72
N CYS B 746 11.63 -43.64 -3.16
CA CYS B 746 10.44 -43.28 -2.41
C CYS B 746 9.81 -42.02 -2.98
N ALA B 747 8.49 -41.93 -2.87
CA ALA B 747 7.73 -40.80 -3.36
C ALA B 747 7.16 -39.91 -2.25
N LEU B 748 7.16 -40.39 -1.01
CA LEU B 748 6.64 -39.64 0.13
C LEU B 748 7.77 -39.51 1.14
N ARG B 749 8.62 -38.51 0.94
CA ARG B 749 9.76 -38.26 1.82
C ARG B 749 9.34 -37.38 2.99
N MET B 750 9.74 -37.78 4.20
CA MET B 750 9.40 -37.04 5.40
C MET B 750 10.57 -36.28 6.02
N GLY B 751 11.80 -36.69 5.74
CA GLY B 751 12.95 -36.01 6.30
C GLY B 751 13.90 -36.93 7.04
N SER B 752 15.19 -36.58 7.04
CA SER B 752 16.25 -37.34 7.71
C SER B 752 16.35 -38.78 7.21
N GLY B 753 15.99 -39.02 5.95
CA GLY B 753 16.06 -40.35 5.40
C GLY B 753 14.94 -41.29 5.82
N PHE B 754 13.76 -40.77 6.09
CA PHE B 754 12.61 -41.59 6.51
C PHE B 754 11.50 -41.46 5.47
N CYS B 755 10.93 -42.59 5.09
CA CYS B 755 9.86 -42.63 4.10
C CYS B 755 8.72 -43.51 4.56
N VAL B 756 7.52 -43.21 4.04
CA VAL B 756 6.31 -43.96 4.34
C VAL B 756 5.63 -44.31 3.03
N ASP B 757 5.09 -45.53 2.95
CA ASP B 757 4.43 -45.97 1.72
C ASP B 757 3.37 -47.01 2.05
N TYR B 758 2.36 -47.09 1.19
CA TYR B 758 1.28 -48.06 1.37
C TYR B 758 1.74 -49.43 0.88
N ASN B 759 1.47 -50.46 1.69
CA ASN B 759 1.86 -51.82 1.35
C ASN B 759 0.94 -52.41 0.28
N SER B 776 -2.42 -50.31 5.15
CA SER B 776 -1.81 -49.43 6.13
C SER B 776 -0.38 -49.06 5.72
N TYR B 777 -0.02 -47.80 5.94
CA TYR B 777 1.32 -47.33 5.59
C TYR B 777 2.35 -47.92 6.54
N ARG B 778 3.59 -47.96 6.09
CA ARG B 778 4.69 -48.47 6.89
C ARG B 778 5.81 -47.43 6.94
N PHE B 779 6.36 -47.21 8.12
CA PHE B 779 7.44 -46.25 8.32
C PHE B 779 8.77 -46.96 8.09
N VAL B 780 9.48 -46.58 7.03
CA VAL B 780 10.74 -47.19 6.69
C VAL B 780 11.77 -46.09 6.43
N THR B 781 13.00 -46.51 6.19
CA THR B 781 14.11 -45.61 5.89
C THR B 781 14.45 -45.75 4.41
N PHE B 782 14.86 -44.64 3.79
CA PHE B 782 15.18 -44.69 2.37
C PHE B 782 16.57 -44.13 2.11
N GLU B 783 17.28 -44.80 1.21
CA GLU B 783 18.63 -44.41 0.79
C GLU B 783 18.58 -44.22 -0.71
N PRO B 784 18.76 -43.01 -1.22
CA PRO B 784 18.69 -42.79 -2.67
C PRO B 784 19.70 -43.60 -3.48
N PHE B 785 20.92 -43.78 -2.98
CA PHE B 785 21.91 -44.55 -3.70
C PHE B 785 22.78 -45.32 -2.72
N ASN B 786 23.11 -46.55 -3.08
CA ASN B 786 23.94 -47.41 -2.28
C ASN B 786 25.23 -47.71 -3.02
N VAL B 787 26.31 -47.92 -2.25
CA VAL B 787 27.60 -48.23 -2.86
C VAL B 787 27.58 -49.64 -3.42
N SER B 788 28.42 -49.87 -4.44
CA SER B 788 28.50 -51.18 -5.09
C SER B 788 29.48 -52.06 -4.30
N PHE B 789 28.94 -52.86 -3.40
CA PHE B 789 29.77 -53.75 -2.59
C PHE B 789 30.26 -54.93 -3.41
N VAL B 790 31.50 -55.36 -3.15
CA VAL B 790 32.11 -56.48 -3.83
C VAL B 790 32.65 -57.45 -2.78
N ASN B 791 32.94 -58.67 -3.24
CA ASN B 791 33.47 -59.74 -2.38
C ASN B 791 34.96 -59.90 -2.55
N ASP B 792 35.69 -58.82 -2.80
CA ASP B 792 37.13 -58.86 -3.00
C ASP B 792 37.84 -58.28 -1.77
N SER B 793 39.10 -58.70 -1.61
CA SER B 793 39.92 -58.25 -0.48
C SER B 793 40.31 -56.78 -0.63
N ILE B 794 40.69 -56.19 0.50
CA ILE B 794 41.12 -54.80 0.57
C ILE B 794 42.64 -54.68 0.46
N GLU B 795 43.36 -55.48 1.24
CA GLU B 795 44.82 -55.46 1.23
C GLU B 795 45.35 -56.08 -0.06
N SER B 796 46.68 -56.02 -0.20
CA SER B 796 47.37 -56.56 -1.37
C SER B 796 48.13 -57.80 -0.96
N VAL B 797 47.82 -58.93 -1.61
CA VAL B 797 48.48 -60.20 -1.34
C VAL B 797 49.52 -60.44 -2.44
N GLY B 798 50.77 -60.62 -2.04
CA GLY B 798 51.84 -60.84 -2.99
C GLY B 798 52.15 -59.66 -3.87
N GLY B 799 51.70 -58.46 -3.51
CA GLY B 799 51.94 -57.27 -4.29
C GLY B 799 50.93 -57.01 -5.38
N LEU B 800 49.79 -57.70 -5.37
CA LEU B 800 48.75 -57.53 -6.38
C LEU B 800 47.42 -57.25 -5.70
N TYR B 801 46.51 -56.62 -6.43
CA TYR B 801 45.20 -56.25 -5.93
C TYR B 801 44.10 -56.97 -6.71
N GLU B 802 42.85 -56.60 -6.42
CA GLU B 802 41.67 -57.16 -7.07
C GLU B 802 40.85 -56.01 -7.63
N ILE B 803 40.74 -55.93 -8.95
CA ILE B 803 40.00 -54.86 -9.61
C ILE B 803 38.99 -55.48 -10.57
N LYS B 804 37.75 -55.00 -10.49
CA LYS B 804 36.66 -55.47 -11.36
C LYS B 804 36.67 -54.66 -12.66
N ILE B 805 37.28 -55.21 -13.71
CA ILE B 805 37.30 -54.51 -15.00
C ILE B 805 36.25 -55.12 -15.91
N PRO B 806 35.64 -54.32 -16.79
CA PRO B 806 34.60 -54.87 -17.67
C PRO B 806 35.15 -55.74 -18.79
N THR B 807 34.22 -56.47 -19.41
CA THR B 807 34.50 -57.36 -20.54
C THR B 807 33.52 -57.15 -21.69
N ASN B 808 32.34 -56.59 -21.43
CA ASN B 808 31.32 -56.32 -22.44
C ASN B 808 30.85 -54.88 -22.24
N PHE B 809 30.50 -54.22 -23.34
CA PHE B 809 30.06 -52.84 -23.25
C PHE B 809 28.95 -52.56 -24.26
N THR B 810 28.05 -51.66 -23.87
CA THR B 810 26.93 -51.24 -24.71
C THR B 810 26.83 -49.72 -24.58
N ILE B 811 26.89 -49.02 -25.71
CA ILE B 811 26.81 -47.56 -25.69
C ILE B 811 25.38 -47.14 -25.40
N VAL B 812 25.18 -46.47 -24.28
CA VAL B 812 23.87 -46.01 -23.87
C VAL B 812 23.69 -44.55 -24.25
N GLY B 813 22.45 -44.08 -24.20
CA GLY B 813 22.15 -42.70 -24.53
C GLY B 813 21.36 -41.97 -23.46
N GLN B 814 21.93 -40.89 -22.94
CA GLN B 814 21.28 -40.09 -21.91
C GLN B 814 20.58 -38.89 -22.55
N GLU B 815 19.70 -38.27 -21.78
CA GLU B 815 18.95 -37.11 -22.24
C GLU B 815 19.13 -35.94 -21.29
N GLU B 816 19.10 -34.73 -21.85
CA GLU B 816 19.26 -33.52 -21.06
C GLU B 816 18.68 -32.35 -21.85
N PHE B 817 17.90 -31.52 -21.16
CA PHE B 817 17.27 -30.36 -21.75
C PHE B 817 17.71 -29.12 -20.97
N ILE B 818 18.22 -28.12 -21.67
CA ILE B 818 18.69 -26.88 -21.06
C ILE B 818 17.83 -25.75 -21.60
N GLN B 819 17.15 -25.04 -20.69
CA GLN B 819 16.28 -23.93 -21.08
C GLN B 819 17.13 -22.78 -21.58
N THR B 820 17.11 -22.55 -22.90
CA THR B 820 17.87 -21.48 -23.53
C THR B 820 17.01 -20.27 -23.84
N ASN B 821 15.85 -20.48 -24.47
CA ASN B 821 14.94 -19.40 -24.83
C ASN B 821 13.69 -19.49 -23.96
N SER B 822 13.06 -18.35 -23.75
CA SER B 822 11.86 -18.22 -22.96
C SER B 822 10.83 -17.42 -23.72
N PRO B 823 9.54 -17.61 -23.44
CA PRO B 823 8.50 -16.84 -24.16
C PRO B 823 8.59 -15.35 -23.85
N LYS B 824 8.76 -14.55 -24.91
CA LYS B 824 8.87 -13.11 -24.77
C LYS B 824 7.51 -12.49 -24.46
N VAL B 825 7.22 -12.28 -23.18
CA VAL B 825 5.94 -11.72 -22.76
C VAL B 825 6.00 -10.20 -22.81
N THR B 826 4.90 -9.58 -23.21
CA THR B 826 4.77 -8.13 -23.29
C THR B 826 3.49 -7.70 -22.60
N ILE B 827 3.58 -6.59 -21.87
CA ILE B 827 2.46 -6.02 -21.11
C ILE B 827 2.43 -4.53 -21.41
N ASP B 828 1.22 -3.99 -21.63
CA ASP B 828 1.04 -2.59 -21.94
C ASP B 828 0.69 -1.78 -20.70
N CYS B 829 0.82 -0.45 -20.85
CA CYS B 829 0.50 0.49 -19.79
C CYS B 829 -0.95 0.97 -19.86
N SER B 830 -1.64 0.70 -20.96
CA SER B 830 -3.03 1.10 -21.13
C SER B 830 -3.98 -0.06 -21.40
N LEU B 831 -3.50 -1.30 -21.36
CA LEU B 831 -4.35 -2.46 -21.60
C LEU B 831 -4.52 -3.32 -20.35
N PHE B 832 -3.42 -3.78 -19.75
CA PHE B 832 -3.52 -4.58 -18.54
C PHE B 832 -3.72 -3.72 -17.30
N VAL B 833 -3.17 -2.50 -17.33
CA VAL B 833 -3.30 -1.56 -16.21
C VAL B 833 -4.75 -1.17 -16.03
N CYS B 834 -5.44 -0.85 -17.12
CA CYS B 834 -6.85 -0.49 -17.10
C CYS B 834 -7.42 -0.83 -18.47
N SER B 835 -8.73 -1.05 -18.51
CA SER B 835 -9.39 -1.38 -19.77
C SER B 835 -9.51 -0.15 -20.67
N ASN B 836 -10.15 -0.35 -21.82
CA ASN B 836 -10.33 0.71 -22.82
C ASN B 836 -11.44 1.69 -22.40
N TYR B 837 -11.13 2.49 -21.39
CA TYR B 837 -12.03 3.51 -20.86
C TYR B 837 -11.33 4.87 -20.89
N ALA B 838 -12.07 5.90 -20.50
CA ALA B 838 -11.56 7.26 -20.46
C ALA B 838 -11.15 7.73 -19.07
N ALA B 839 -11.87 7.30 -18.02
CA ALA B 839 -11.53 7.72 -16.67
C ALA B 839 -10.18 7.15 -16.24
N CYS B 840 -9.90 5.90 -16.59
CA CYS B 840 -8.63 5.28 -16.22
C CYS B 840 -7.48 5.87 -17.02
N HIS B 841 -7.69 6.13 -18.30
CA HIS B 841 -6.63 6.69 -19.14
C HIS B 841 -6.35 8.15 -18.80
N ASP B 842 -7.38 8.89 -18.37
CA ASP B 842 -7.19 10.29 -18.01
C ASP B 842 -6.33 10.43 -16.76
N LEU B 843 -6.53 9.56 -15.78
CA LEU B 843 -5.73 9.61 -14.56
C LEU B 843 -4.32 9.11 -14.80
N LEU B 844 -4.10 8.34 -15.86
CA LEU B 844 -2.79 7.80 -16.20
C LEU B 844 -1.92 8.79 -16.98
N SER B 845 -2.31 10.06 -17.03
CA SER B 845 -1.50 11.05 -17.75
C SER B 845 -0.35 11.54 -16.89
N GLU B 846 -0.66 12.16 -15.75
CA GLU B 846 0.38 12.64 -14.85
C GLU B 846 1.00 11.49 -14.06
N TYR B 847 0.26 10.40 -13.86
CA TYR B 847 0.72 9.23 -13.13
C TYR B 847 1.32 8.18 -14.06
N GLY B 848 1.42 8.47 -15.36
CA GLY B 848 1.98 7.54 -16.32
C GLY B 848 3.47 7.34 -16.22
N THR B 849 4.18 8.21 -15.49
CA THR B 849 5.62 8.07 -15.35
C THR B 849 6.02 6.86 -14.51
N PHE B 850 5.08 6.24 -13.80
CA PHE B 850 5.41 5.08 -12.98
C PHE B 850 5.36 3.79 -13.79
N CYS B 851 4.90 3.84 -15.05
CA CYS B 851 4.86 2.66 -15.90
C CYS B 851 5.93 2.71 -16.99
N ASP B 852 6.59 3.85 -17.16
CA ASP B 852 7.66 3.97 -18.15
C ASP B 852 8.82 3.07 -17.78
N ASN B 853 9.12 2.96 -16.48
CA ASN B 853 10.21 2.07 -16.06
C ASN B 853 9.82 0.62 -16.29
N ILE B 854 8.52 0.30 -16.16
CA ILE B 854 8.06 -1.06 -16.42
C ILE B 854 8.23 -1.40 -17.89
N ASN B 855 7.86 -0.47 -18.77
CA ASN B 855 8.02 -0.71 -20.21
C ASN B 855 9.50 -0.79 -20.57
N SER B 856 10.34 0.04 -19.96
CA SER B 856 11.77 0.01 -20.25
C SER B 856 12.42 -1.29 -19.77
N ILE B 857 12.04 -1.76 -18.58
CA ILE B 857 12.62 -3.00 -18.09
C ILE B 857 12.11 -4.18 -18.90
N LEU B 858 10.87 -4.12 -19.41
CA LEU B 858 10.37 -5.20 -20.25
C LEU B 858 11.11 -5.21 -21.58
N ASP B 859 11.40 -4.02 -22.12
CA ASP B 859 12.16 -3.94 -23.36
C ASP B 859 13.57 -4.46 -23.15
N GLU B 860 14.12 -4.20 -21.95
CA GLU B 860 15.46 -4.70 -21.62
C GLU B 860 15.44 -6.22 -21.53
N VAL B 861 14.36 -6.78 -20.97
CA VAL B 861 14.21 -8.24 -20.87
C VAL B 861 14.17 -8.85 -22.26
N ASN B 862 13.38 -8.24 -23.17
CA ASN B 862 13.31 -8.73 -24.54
C ASN B 862 14.66 -8.58 -25.24
N GLY B 863 15.41 -7.54 -24.89
CA GLY B 863 16.73 -7.36 -25.46
C GLY B 863 17.68 -8.46 -25.03
N LEU B 864 17.62 -8.83 -23.75
CA LEU B 864 18.48 -9.93 -23.29
C LEU B 864 18.08 -11.23 -23.95
N LEU B 865 16.77 -11.45 -24.11
CA LEU B 865 16.28 -12.68 -24.73
C LEU B 865 16.70 -12.82 -26.19
N ASP B 866 16.45 -11.78 -27.01
CA ASP B 866 16.84 -11.94 -28.42
C ASP B 866 18.36 -11.85 -28.61
N THR B 867 19.09 -11.14 -27.74
CA THR B 867 20.54 -11.13 -27.89
C THR B 867 21.13 -12.49 -27.54
N THR B 868 20.59 -13.16 -26.51
CA THR B 868 21.08 -14.49 -26.18
C THR B 868 20.71 -15.48 -27.27
N GLN B 869 19.52 -15.31 -27.87
CA GLN B 869 19.12 -16.20 -28.97
C GLN B 869 20.04 -16.02 -30.16
N LEU B 870 20.42 -14.77 -30.45
CA LEU B 870 21.34 -14.50 -31.55
C LEU B 870 22.73 -15.06 -31.25
N HIS B 871 23.15 -14.99 -29.98
CA HIS B 871 24.45 -15.51 -29.61
C HIS B 871 24.46 -17.04 -29.71
N VAL B 872 23.32 -17.68 -29.40
CA VAL B 872 23.23 -19.13 -29.52
C VAL B 872 23.28 -19.52 -30.99
N ALA B 873 22.57 -18.78 -31.85
CA ALA B 873 22.59 -19.07 -33.27
C ALA B 873 23.98 -18.83 -33.85
N ASP B 874 24.73 -17.88 -33.27
CA ASP B 874 26.09 -17.60 -33.73
C ASP B 874 27.05 -18.69 -33.28
N THR B 875 26.89 -19.18 -32.05
CA THR B 875 27.80 -20.22 -31.57
C THR B 875 27.48 -21.59 -32.14
N LEU B 876 26.27 -21.80 -32.69
CA LEU B 876 25.98 -23.10 -33.30
C LEU B 876 26.65 -23.24 -34.65
N MET B 877 27.13 -22.15 -35.25
CA MET B 877 27.78 -22.16 -36.56
C MET B 877 29.06 -21.33 -36.51
N GLN B 878 29.92 -21.58 -35.51
CA GLN B 878 31.16 -20.82 -35.40
C GLN B 878 32.12 -21.09 -36.56
N GLY B 879 32.24 -22.34 -36.98
CA GLY B 879 33.14 -22.65 -38.08
C GLY B 879 32.60 -23.66 -39.06
N VAL B 880 31.29 -23.64 -39.29
CA VAL B 880 30.68 -24.58 -40.23
C VAL B 880 31.10 -24.25 -41.66
N THR B 881 31.18 -25.31 -42.48
CA THR B 881 31.55 -25.18 -43.88
C THR B 881 30.83 -26.30 -44.61
N LEU B 882 29.68 -25.98 -45.20
CA LEU B 882 28.90 -26.97 -45.90
C LEU B 882 29.25 -26.99 -47.39
N SER B 883 28.63 -27.90 -48.12
CA SER B 883 28.85 -28.06 -49.55
C SER B 883 27.60 -27.63 -50.32
N SER B 884 27.82 -27.04 -51.50
CA SER B 884 26.70 -26.59 -52.31
C SER B 884 25.93 -27.77 -52.90
N ASN B 885 26.61 -28.83 -53.29
CA ASN B 885 25.97 -30.02 -53.86
C ASN B 885 25.65 -31.03 -52.75
N LEU B 886 24.92 -30.56 -51.75
CA LEU B 886 24.52 -31.35 -50.60
C LEU B 886 23.01 -31.57 -50.64
N ASN B 887 22.61 -32.78 -51.02
CA ASN B 887 21.19 -33.13 -51.08
C ASN B 887 20.83 -33.77 -49.75
N THR B 888 20.21 -32.98 -48.87
CA THR B 888 19.83 -33.48 -47.55
C THR B 888 18.76 -34.56 -47.64
N ASN B 889 17.80 -34.39 -48.56
CA ASN B 889 16.74 -35.37 -48.71
C ASN B 889 17.22 -36.65 -49.39
N LEU B 890 18.27 -36.57 -50.20
CA LEU B 890 18.78 -37.75 -50.90
C LEU B 890 19.92 -38.43 -50.14
N HIS B 891 21.00 -37.70 -49.88
CA HIS B 891 22.16 -38.24 -49.17
C HIS B 891 22.05 -37.86 -47.70
N PHE B 892 21.61 -38.82 -46.87
CA PHE B 892 21.46 -38.58 -45.44
C PHE B 892 21.88 -39.77 -44.58
N ASP B 893 22.46 -40.82 -45.16
CA ASP B 893 22.86 -41.98 -44.39
C ASP B 893 24.15 -42.55 -44.99
N VAL B 894 25.14 -42.79 -44.13
CA VAL B 894 26.43 -43.32 -44.57
C VAL B 894 27.13 -43.93 -43.36
N ASP B 895 27.99 -44.92 -43.62
CA ASP B 895 28.80 -45.63 -42.62
C ASP B 895 27.98 -46.33 -41.54
N ASN B 896 26.93 -47.04 -41.99
CA ASN B 896 26.04 -47.86 -41.16
C ASN B 896 25.41 -47.13 -39.96
N ILE B 897 25.30 -45.81 -39.97
CA ILE B 897 24.69 -45.10 -38.86
C ILE B 897 23.49 -44.31 -39.39
N ASN B 898 22.36 -44.45 -38.74
CA ASN B 898 21.12 -43.79 -39.17
C ASN B 898 21.11 -42.32 -38.76
N PHE B 899 20.94 -41.44 -39.74
CA PHE B 899 20.88 -40.00 -39.53
C PHE B 899 19.60 -39.42 -40.12
N LYS B 900 18.56 -40.24 -40.28
CA LYS B 900 17.30 -39.76 -40.84
C LYS B 900 16.60 -38.79 -39.90
N SER B 901 16.71 -39.01 -38.59
CA SER B 901 16.07 -38.14 -37.61
C SER B 901 16.84 -36.85 -37.38
N LEU B 902 18.04 -36.72 -37.95
CA LEU B 902 18.86 -35.52 -37.78
C LEU B 902 18.95 -34.68 -39.06
N VAL B 903 18.07 -34.93 -40.01
CA VAL B 903 18.04 -34.20 -41.28
C VAL B 903 16.61 -33.74 -41.51
N GLY B 904 16.42 -32.43 -41.76
CA GLY B 904 15.09 -31.93 -41.97
C GLY B 904 14.84 -30.94 -43.10
N CYS B 905 15.57 -31.07 -44.21
CA CYS B 905 15.37 -30.16 -45.33
C CYS B 905 15.42 -30.95 -46.64
N LEU B 906 14.71 -30.43 -47.64
CA LEU B 906 14.65 -31.06 -48.96
C LEU B 906 14.77 -30.00 -50.05
N GLY B 907 15.47 -30.36 -51.12
CA GLY B 907 15.66 -29.47 -52.25
C GLY B 907 16.60 -28.32 -51.95
N PRO B 908 16.66 -27.35 -52.87
CA PRO B 908 17.54 -26.19 -52.62
C PRO B 908 17.03 -25.29 -51.52
N HIS B 909 15.73 -25.01 -51.49
CA HIS B 909 15.11 -24.19 -50.47
C HIS B 909 14.05 -25.03 -49.76
N CYS B 910 14.30 -25.35 -48.49
CA CYS B 910 13.37 -26.16 -47.71
C CYS B 910 12.33 -25.26 -47.05
N GLY B 911 11.26 -24.99 -47.80
CA GLY B 911 10.17 -24.16 -47.31
C GLY B 911 9.06 -25.00 -46.74
N SER B 912 8.70 -26.08 -47.45
CA SER B 912 7.65 -26.97 -46.99
C SER B 912 8.10 -27.77 -45.77
N SER B 913 9.35 -28.22 -45.77
CA SER B 913 9.91 -28.97 -44.66
C SER B 913 10.72 -28.02 -43.79
N SER B 914 10.39 -27.97 -42.50
CA SER B 914 11.07 -27.09 -41.56
C SER B 914 11.91 -27.84 -40.55
N ARG B 915 11.32 -28.80 -39.83
CA ARG B 915 12.01 -29.57 -38.82
C ARG B 915 12.28 -30.99 -39.32
N SER B 916 13.05 -31.73 -38.52
CA SER B 916 13.40 -33.11 -38.85
C SER B 916 12.39 -34.05 -38.23
N PHE B 917 12.66 -35.36 -38.30
CA PHE B 917 11.75 -36.35 -37.73
C PHE B 917 11.82 -36.33 -36.21
N PHE B 918 13.03 -36.27 -35.65
CA PHE B 918 13.21 -36.25 -34.20
C PHE B 918 12.60 -34.98 -33.62
N GLU B 919 12.79 -33.84 -34.29
CA GLU B 919 12.19 -32.60 -33.83
C GLU B 919 10.68 -32.66 -33.95
N ASP B 920 10.17 -33.38 -34.96
CA ASP B 920 8.72 -33.52 -35.10
C ASP B 920 8.15 -34.33 -33.95
N LEU B 921 8.86 -35.38 -33.53
CA LEU B 921 8.40 -36.18 -32.40
C LEU B 921 8.48 -35.38 -31.11
N LEU B 922 9.47 -34.49 -31.00
CA LEU B 922 9.59 -33.67 -29.79
C LEU B 922 8.50 -32.60 -29.74
N PHE B 923 8.19 -31.99 -30.88
CA PHE B 923 7.19 -30.94 -30.95
C PHE B 923 5.76 -31.46 -31.01
N ASP B 924 5.57 -32.76 -31.26
CA ASP B 924 4.22 -33.31 -31.31
C ASP B 924 3.56 -33.28 -29.94
N LYS B 925 4.31 -33.61 -28.89
CA LYS B 925 3.78 -33.61 -27.53
C LYS B 925 3.77 -32.23 -26.89
N VAL B 926 4.46 -31.26 -27.46
CA VAL B 926 4.50 -29.90 -26.93
C VAL B 926 3.87 -29.01 -27.99
N LYS B 927 2.57 -28.79 -27.89
CA LYS B 927 1.86 -27.97 -28.85
C LYS B 927 1.97 -26.48 -28.58
N LEU B 928 2.52 -26.06 -27.45
CA LEU B 928 2.65 -24.64 -27.13
C LEU B 928 4.03 -24.12 -27.51
N SER B 929 4.35 -24.25 -28.79
CA SER B 929 5.60 -23.79 -29.36
C SER B 929 5.34 -22.49 -30.10
N ASP B 930 6.34 -22.01 -30.87
CA ASP B 930 6.18 -20.78 -31.63
C ASP B 930 5.06 -20.92 -32.66
N VAL B 931 5.06 -22.04 -33.39
CA VAL B 931 4.00 -22.27 -34.37
C VAL B 931 2.69 -22.49 -33.65
N GLY B 932 2.72 -23.14 -32.48
CA GLY B 932 1.50 -23.35 -31.72
C GLY B 932 0.95 -22.05 -31.18
N PHE B 933 1.82 -21.16 -30.71
CA PHE B 933 1.37 -19.87 -30.21
C PHE B 933 0.79 -19.02 -31.32
N VAL B 934 1.46 -18.98 -32.48
CA VAL B 934 0.94 -18.18 -33.58
C VAL B 934 -0.35 -18.79 -34.13
N GLU B 935 -0.52 -20.12 -34.05
CA GLU B 935 -1.74 -20.74 -34.52
C GLU B 935 -2.89 -20.45 -33.56
N ALA B 936 -2.61 -20.48 -32.25
CA ALA B 936 -3.65 -20.19 -31.28
C ALA B 936 -4.06 -18.72 -31.33
N TYR B 937 -3.10 -17.82 -31.59
CA TYR B 937 -3.42 -16.42 -31.68
C TYR B 937 -4.13 -16.08 -32.99
N ASN B 938 -3.77 -16.78 -34.08
CA ASN B 938 -4.40 -16.54 -35.37
C ASN B 938 -5.84 -17.02 -35.37
N ASN B 939 -6.09 -18.21 -34.81
CA ASN B 939 -7.43 -18.79 -34.77
C ASN B 939 -8.16 -18.33 -33.50
N CYS B 940 -8.38 -17.02 -33.42
CA CYS B 940 -9.07 -16.41 -32.30
C CYS B 940 -10.26 -15.60 -32.80
N THR B 941 -10.14 -15.04 -34.01
CA THR B 941 -11.20 -14.25 -34.62
C THR B 941 -11.74 -14.86 -35.91
N GLY B 942 -11.08 -15.87 -36.48
CA GLY B 942 -11.53 -16.49 -37.71
C GLY B 942 -12.64 -17.51 -37.55
N GLY B 943 -13.01 -17.87 -36.32
CA GLY B 943 -14.07 -18.84 -36.10
C GLY B 943 -13.62 -20.16 -35.53
N SER B 944 -13.85 -20.36 -34.24
CA SER B 944 -13.48 -21.60 -33.54
C SER B 944 -14.32 -21.68 -32.26
N GLU B 945 -13.91 -22.57 -31.36
CA GLU B 945 -14.57 -22.76 -30.08
C GLU B 945 -13.66 -22.23 -28.98
N ILE B 946 -14.24 -21.55 -28.01
CA ILE B 946 -13.48 -20.97 -26.90
C ILE B 946 -13.18 -22.07 -25.88
N ARG B 947 -11.97 -22.60 -25.94
CA ARG B 947 -11.53 -23.65 -25.03
C ARG B 947 -10.13 -23.41 -24.48
N ASP B 948 -9.51 -22.27 -24.79
CA ASP B 948 -8.18 -21.94 -24.33
C ASP B 948 -8.18 -20.53 -23.71
N LEU B 949 -7.19 -20.29 -22.86
CA LEU B 949 -7.04 -19.00 -22.18
C LEU B 949 -6.14 -18.05 -22.94
N LEU B 950 -5.61 -18.45 -24.10
CA LEU B 950 -4.73 -17.56 -24.85
C LEU B 950 -5.51 -16.40 -25.46
N CYS B 951 -6.78 -16.61 -25.82
CA CYS B 951 -7.56 -15.51 -26.37
C CYS B 951 -7.90 -14.47 -25.30
N VAL B 952 -8.20 -14.91 -24.08
CA VAL B 952 -8.49 -13.94 -23.04
C VAL B 952 -7.19 -13.31 -22.55
N GLN B 953 -6.06 -14.02 -22.67
CA GLN B 953 -4.78 -13.46 -22.24
C GLN B 953 -4.31 -12.39 -23.22
N SER B 954 -4.37 -12.70 -24.53
CA SER B 954 -3.92 -11.78 -25.55
C SER B 954 -4.80 -10.54 -25.69
N PHE B 955 -6.04 -10.60 -25.24
CA PHE B 955 -6.92 -9.44 -25.36
C PHE B 955 -6.89 -8.53 -24.14
N ASN B 956 -6.08 -8.87 -23.13
CA ASN B 956 -5.93 -8.04 -21.94
C ASN B 956 -4.55 -7.40 -21.88
N GLY B 957 -3.82 -7.38 -22.99
CA GLY B 957 -2.51 -6.79 -23.05
C GLY B 957 -1.37 -7.72 -22.73
N ILE B 958 -1.64 -8.93 -22.25
CA ILE B 958 -0.60 -9.89 -21.92
C ILE B 958 -0.48 -10.84 -23.11
N LYS B 959 0.35 -10.45 -24.07
CA LYS B 959 0.58 -11.24 -25.27
C LYS B 959 1.99 -11.81 -25.25
N VAL B 960 2.21 -12.83 -26.09
CA VAL B 960 3.50 -13.49 -26.21
C VAL B 960 3.97 -13.31 -27.65
N LEU B 961 4.89 -12.38 -27.87
CA LEU B 961 5.39 -12.13 -29.21
C LEU B 961 6.30 -13.27 -29.65
N PRO B 962 6.29 -13.61 -30.95
CA PRO B 962 7.16 -14.67 -31.43
C PRO B 962 8.61 -14.25 -31.37
N PRO B 963 9.55 -15.20 -31.26
CA PRO B 963 10.97 -14.83 -31.22
C PRO B 963 11.45 -14.28 -32.55
N ILE B 964 12.58 -13.57 -32.50
CA ILE B 964 13.15 -13.00 -33.71
C ILE B 964 13.58 -14.09 -34.69
N LEU B 965 13.93 -15.26 -34.18
CA LEU B 965 14.32 -16.40 -35.00
C LEU B 965 13.29 -17.49 -34.76
N SER B 966 12.61 -17.92 -35.81
CA SER B 966 11.59 -18.95 -35.70
C SER B 966 12.24 -20.29 -35.38
N GLU B 967 11.40 -21.25 -34.95
CA GLU B 967 11.91 -22.58 -34.63
C GLU B 967 12.42 -23.29 -35.88
N SER B 968 11.91 -22.92 -37.05
CA SER B 968 12.38 -23.53 -38.29
C SER B 968 13.81 -23.12 -38.59
N GLN B 969 14.15 -21.85 -38.34
CA GLN B 969 15.52 -21.37 -38.58
C GLN B 969 16.51 -22.03 -37.63
N ILE B 970 16.16 -22.13 -36.35
CA ILE B 970 17.05 -22.78 -35.39
C ILE B 970 17.15 -24.27 -35.69
N SER B 971 16.06 -24.89 -36.15
CA SER B 971 16.09 -26.30 -36.51
C SER B 971 16.99 -26.50 -37.72
N GLY B 972 16.96 -25.56 -38.67
CA GLY B 972 17.83 -25.65 -39.82
C GLY B 972 19.28 -25.46 -39.45
N TYR B 973 19.55 -24.59 -38.47
CA TYR B 973 20.92 -24.39 -38.00
C TYR B 973 21.45 -25.65 -37.34
N THR B 974 20.62 -26.28 -36.51
CA THR B 974 21.00 -27.51 -35.84
C THR B 974 21.22 -28.64 -36.85
N THR B 975 20.35 -28.69 -37.88
CA THR B 975 20.48 -29.70 -38.93
C THR B 975 21.77 -29.50 -39.71
N ALA B 976 22.10 -28.23 -40.01
CA ALA B 976 23.33 -27.93 -40.74
C ALA B 976 24.55 -28.32 -39.92
N ALA B 977 24.52 -28.05 -38.62
CA ALA B 977 25.65 -28.42 -37.76
C ALA B 977 25.81 -29.93 -37.68
N THR B 978 24.69 -30.65 -37.51
CA THR B 978 24.74 -32.11 -37.42
C THR B 978 25.22 -32.73 -38.72
N VAL B 979 24.79 -32.20 -39.86
CA VAL B 979 25.22 -32.73 -41.15
C VAL B 979 26.69 -32.40 -41.40
N ALA B 980 27.12 -31.18 -41.03
CA ALA B 980 28.51 -30.79 -41.20
C ALA B 980 29.44 -31.58 -40.30
N ALA B 981 28.93 -32.12 -39.19
CA ALA B 981 29.77 -32.92 -38.30
C ALA B 981 30.17 -34.25 -38.92
N MET B 982 29.44 -34.73 -39.93
CA MET B 982 29.75 -36.00 -40.58
C MET B 982 30.18 -35.84 -42.04
N PHE B 983 29.44 -35.05 -42.83
CA PHE B 983 29.87 -34.93 -44.22
C PHE B 983 31.00 -33.92 -44.34
N PRO B 984 31.93 -34.16 -45.27
CA PRO B 984 33.07 -33.26 -45.45
C PRO B 984 32.67 -31.91 -46.02
N PRO B 985 33.32 -30.81 -45.59
CA PRO B 985 34.36 -30.80 -44.57
C PRO B 985 33.78 -30.80 -43.16
N TRP B 986 34.41 -31.58 -42.27
CA TRP B 986 33.96 -31.70 -40.90
C TRP B 986 34.23 -30.43 -40.11
N SER B 987 33.21 -29.97 -39.39
CA SER B 987 33.29 -28.77 -38.55
C SER B 987 33.05 -29.05 -37.09
N ALA B 988 31.95 -29.72 -36.75
CA ALA B 988 31.62 -30.04 -35.37
C ALA B 988 32.18 -31.38 -34.92
N ALA B 989 33.23 -31.87 -35.56
CA ALA B 989 33.83 -33.14 -35.19
C ALA B 989 35.35 -33.06 -35.21
N ALA B 990 35.89 -31.85 -35.04
CA ALA B 990 37.33 -31.58 -35.02
C ALA B 990 38.04 -32.06 -36.28
N GLY B 991 37.37 -31.95 -37.43
CA GLY B 991 37.94 -32.37 -38.69
C GLY B 991 38.23 -33.85 -38.83
N ILE B 992 37.27 -34.70 -38.48
CA ILE B 992 37.45 -36.14 -38.57
C ILE B 992 36.07 -36.75 -38.77
N PRO B 993 35.93 -37.91 -39.42
CA PRO B 993 34.60 -38.50 -39.60
C PRO B 993 33.98 -38.92 -38.28
N PHE B 994 32.66 -39.14 -38.30
CA PHE B 994 31.94 -39.53 -37.10
C PHE B 994 32.41 -40.87 -36.55
N SER B 995 32.61 -41.86 -37.42
CA SER B 995 33.09 -43.16 -36.97
C SER B 995 34.50 -43.05 -36.42
N LEU B 996 35.35 -42.27 -37.09
CA LEU B 996 36.71 -42.08 -36.58
C LEU B 996 36.68 -41.26 -35.30
N ASN B 997 35.71 -40.35 -35.16
CA ASN B 997 35.60 -39.55 -33.95
C ASN B 997 35.23 -40.41 -32.75
N VAL B 998 34.24 -41.30 -32.92
CA VAL B 998 33.85 -42.15 -31.80
C VAL B 998 34.94 -43.17 -31.51
N GLN B 999 35.65 -43.66 -32.54
CA GLN B 999 36.73 -44.63 -32.31
C GLN B 999 37.90 -43.99 -31.58
N TYR B 1000 38.23 -42.73 -31.92
CA TYR B 1000 39.33 -42.06 -31.24
C TYR B 1000 38.94 -41.56 -29.86
N ARG B 1001 37.67 -41.21 -29.66
CA ARG B 1001 37.22 -40.71 -28.37
C ARG B 1001 37.06 -41.85 -27.36
N ILE B 1002 36.63 -43.03 -27.82
CA ILE B 1002 36.46 -44.15 -26.91
C ILE B 1002 37.81 -44.66 -26.40
N ASN B 1003 38.90 -44.34 -27.10
CA ASN B 1003 40.23 -44.76 -26.66
C ASN B 1003 40.64 -44.04 -25.38
N GLY B 1004 40.12 -42.83 -25.15
CA GLY B 1004 40.45 -42.09 -23.96
C GLY B 1004 39.92 -42.72 -22.69
N LEU B 1005 38.88 -43.55 -22.81
CA LEU B 1005 38.32 -44.22 -21.65
C LEU B 1005 39.18 -45.38 -21.19
N GLY B 1006 39.93 -46.00 -22.11
CA GLY B 1006 40.79 -47.11 -21.75
C GLY B 1006 40.83 -48.26 -22.74
N VAL B 1007 39.73 -48.48 -23.48
CA VAL B 1007 39.70 -49.58 -24.44
C VAL B 1007 40.55 -49.24 -25.65
N THR B 1008 41.33 -50.22 -26.12
CA THR B 1008 42.21 -50.04 -27.26
C THR B 1008 41.44 -50.18 -28.57
N MET B 1009 42.11 -49.83 -29.67
CA MET B 1009 41.50 -49.92 -30.99
C MET B 1009 41.52 -51.33 -31.57
N ASP B 1010 42.18 -52.29 -30.90
CA ASP B 1010 42.21 -53.65 -31.44
C ASP B 1010 40.82 -54.29 -31.38
N VAL B 1011 40.01 -53.89 -30.41
CA VAL B 1011 38.66 -54.42 -30.28
C VAL B 1011 37.67 -53.57 -31.08
N LEU B 1012 37.87 -52.25 -31.08
CA LEU B 1012 36.97 -51.34 -31.79
C LEU B 1012 37.06 -51.52 -33.30
N ASN B 1013 38.25 -51.83 -33.82
CA ASN B 1013 38.40 -52.01 -35.26
C ASN B 1013 37.66 -53.25 -35.76
N LYS B 1014 37.63 -54.32 -34.97
CA LYS B 1014 36.95 -55.54 -35.35
C LYS B 1014 35.46 -55.54 -35.01
N ASN B 1015 34.99 -54.56 -34.24
CA ASN B 1015 33.59 -54.50 -33.84
C ASN B 1015 32.95 -53.17 -34.23
N GLN B 1016 33.23 -52.68 -35.45
CA GLN B 1016 32.63 -51.42 -35.88
C GLN B 1016 31.13 -51.57 -36.12
N LYS B 1017 30.71 -52.76 -36.59
CA LYS B 1017 29.28 -53.00 -36.82
C LYS B 1017 28.51 -52.98 -35.50
N LEU B 1018 29.13 -53.46 -34.43
CA LEU B 1018 28.49 -53.44 -33.12
C LEU B 1018 28.31 -52.01 -32.64
N ILE B 1019 29.28 -51.14 -32.91
CA ILE B 1019 29.17 -49.75 -32.53
C ILE B 1019 28.07 -49.07 -33.33
N ALA B 1020 27.98 -49.41 -34.63
CA ALA B 1020 26.95 -48.83 -35.48
C ALA B 1020 25.55 -49.24 -35.01
N THR B 1021 25.37 -50.53 -34.73
CA THR B 1021 24.06 -50.97 -34.25
C THR B 1021 23.78 -50.47 -32.85
N ALA B 1022 24.82 -50.22 -32.04
CA ALA B 1022 24.61 -49.66 -30.71
C ALA B 1022 24.12 -48.23 -30.82
N PHE B 1023 24.68 -47.47 -31.76
CA PHE B 1023 24.24 -46.10 -31.98
C PHE B 1023 22.81 -46.08 -32.49
N ASN B 1024 22.48 -46.99 -33.42
CA ASN B 1024 21.11 -47.06 -33.94
C ASN B 1024 20.12 -47.41 -32.83
N ASN B 1025 20.49 -48.36 -31.97
CA ASN B 1025 19.62 -48.75 -30.87
C ASN B 1025 19.48 -47.60 -29.87
N ALA B 1026 20.55 -46.83 -29.66
CA ALA B 1026 20.49 -45.70 -28.75
C ALA B 1026 19.54 -44.64 -29.29
N LEU B 1027 19.62 -44.36 -30.59
CA LEU B 1027 18.71 -43.38 -31.19
C LEU B 1027 17.27 -43.86 -31.14
N LEU B 1028 17.05 -45.17 -31.36
CA LEU B 1028 15.69 -45.71 -31.31
C LEU B 1028 15.13 -45.62 -29.89
N SER B 1029 15.95 -45.94 -28.89
CA SER B 1029 15.51 -45.86 -27.50
C SER B 1029 15.26 -44.41 -27.09
N ILE B 1030 16.05 -43.48 -27.61
CA ILE B 1030 15.87 -42.07 -27.30
C ILE B 1030 14.58 -41.56 -27.91
N GLN B 1031 14.31 -41.93 -29.18
CA GLN B 1031 13.10 -41.51 -29.86
C GLN B 1031 11.85 -42.11 -29.21
N ASN B 1032 11.92 -43.37 -28.80
CA ASN B 1032 10.78 -44.02 -28.17
C ASN B 1032 10.69 -43.73 -26.68
N GLY B 1033 11.66 -43.01 -26.10
CA GLY B 1033 11.64 -42.72 -24.69
C GLY B 1033 10.72 -41.58 -24.27
N PHE B 1034 10.26 -40.77 -25.22
CA PHE B 1034 9.39 -39.66 -24.88
C PHE B 1034 7.95 -40.08 -24.62
N SER B 1035 7.58 -41.32 -25.00
CA SER B 1035 6.21 -41.79 -24.77
C SER B 1035 5.92 -41.97 -23.29
N ALA B 1036 6.94 -42.34 -22.51
CA ALA B 1036 6.78 -42.54 -21.07
C ALA B 1036 7.03 -41.21 -20.35
N THR B 1037 7.17 -41.27 -19.03
CA THR B 1037 7.41 -40.08 -18.21
C THR B 1037 8.91 -39.74 -18.16
N ASN B 1038 9.44 -39.41 -19.34
CA ASN B 1038 10.84 -39.06 -19.47
C ASN B 1038 11.13 -37.73 -18.79
N SER B 1039 12.39 -37.55 -18.38
CA SER B 1039 12.79 -36.33 -17.70
C SER B 1039 12.84 -35.12 -18.63
N ALA B 1040 13.06 -35.33 -19.93
CA ALA B 1040 13.11 -34.21 -20.86
C ALA B 1040 11.74 -33.55 -21.01
N LEU B 1041 10.70 -34.36 -21.27
CA LEU B 1041 9.36 -33.81 -21.40
C LEU B 1041 8.86 -33.25 -20.07
N ALA B 1042 9.36 -33.79 -18.95
CA ALA B 1042 8.95 -33.30 -17.64
C ALA B 1042 9.38 -31.84 -17.46
N LYS B 1043 10.65 -31.54 -17.72
CA LYS B 1043 11.12 -30.17 -17.56
C LYS B 1043 10.59 -29.27 -18.67
N ILE B 1044 10.41 -29.80 -19.90
CA ILE B 1044 9.89 -28.97 -20.99
C ILE B 1044 8.46 -28.54 -20.68
N GLN B 1045 7.62 -29.49 -20.29
CA GLN B 1045 6.25 -29.18 -19.93
C GLN B 1045 6.21 -28.36 -18.64
N SER B 1046 7.20 -28.52 -17.77
CA SER B 1046 7.24 -27.74 -16.54
C SER B 1046 7.52 -26.27 -16.87
N VAL B 1047 8.41 -26.01 -17.83
CA VAL B 1047 8.70 -24.64 -18.22
C VAL B 1047 7.50 -24.00 -18.91
N VAL B 1048 6.87 -24.75 -19.83
CA VAL B 1048 5.70 -24.23 -20.54
C VAL B 1048 4.55 -23.99 -19.57
N ASN B 1049 4.30 -24.95 -18.67
CA ASN B 1049 3.24 -24.82 -17.69
C ASN B 1049 3.56 -23.71 -16.69
N SER B 1050 4.84 -23.50 -16.38
CA SER B 1050 5.22 -22.43 -15.46
C SER B 1050 4.94 -21.07 -16.09
N ASN B 1051 5.24 -20.93 -17.38
CA ASN B 1051 4.96 -19.67 -18.06
C ASN B 1051 3.47 -19.43 -18.15
N ALA B 1052 2.71 -20.48 -18.48
CA ALA B 1052 1.25 -20.36 -18.58
C ALA B 1052 0.65 -20.05 -17.21
N GLN B 1053 1.17 -20.68 -16.15
CA GLN B 1053 0.67 -20.44 -14.80
C GLN B 1053 1.00 -19.02 -14.35
N ALA B 1054 2.18 -18.51 -14.72
CA ALA B 1054 2.55 -17.15 -14.36
C ALA B 1054 1.63 -16.15 -15.06
N LEU B 1055 1.35 -16.39 -16.35
CA LEU B 1055 0.46 -15.50 -17.09
C LEU B 1055 -0.96 -15.57 -16.53
N ASN B 1056 -1.41 -16.77 -16.16
CA ASN B 1056 -2.75 -16.93 -15.60
C ASN B 1056 -2.86 -16.25 -14.24
N SER B 1057 -1.83 -16.38 -13.41
CA SER B 1057 -1.82 -15.75 -12.10
C SER B 1057 -1.78 -14.23 -12.24
N LEU B 1058 -1.07 -13.74 -13.26
CA LEU B 1058 -1.02 -12.30 -13.49
C LEU B 1058 -2.38 -11.80 -13.96
N LEU B 1059 -3.06 -12.59 -14.80
CA LEU B 1059 -4.39 -12.18 -15.26
C LEU B 1059 -5.40 -12.24 -14.13
N GLN B 1060 -5.23 -13.21 -13.20
CA GLN B 1060 -6.13 -13.31 -12.06
C GLN B 1060 -5.95 -12.16 -11.09
N GLN B 1061 -4.81 -11.46 -11.16
CA GLN B 1061 -4.59 -10.32 -10.28
C GLN B 1061 -5.52 -9.18 -10.64
N LEU B 1062 -5.95 -9.12 -11.90
CA LEU B 1062 -6.88 -8.08 -12.33
C LEU B 1062 -8.26 -8.34 -11.74
N PHE B 1063 -8.60 -9.61 -11.51
CA PHE B 1063 -9.88 -9.98 -10.93
C PHE B 1063 -9.88 -9.87 -9.41
N ASN B 1064 -8.74 -9.58 -8.80
CA ASN B 1064 -8.67 -9.44 -7.35
C ASN B 1064 -9.38 -8.17 -6.92
N LYS B 1065 -10.03 -8.25 -5.75
CA LYS B 1065 -10.76 -7.10 -5.23
C LYS B 1065 -9.83 -5.99 -4.77
N PHE B 1066 -8.69 -6.37 -4.16
CA PHE B 1066 -7.69 -5.44 -3.63
C PHE B 1066 -8.29 -4.46 -2.62
N GLY B 1067 -9.26 -4.93 -1.84
CA GLY B 1067 -9.92 -4.11 -0.86
C GLY B 1067 -11.04 -3.24 -1.40
N ALA B 1068 -11.28 -3.27 -2.71
CA ALA B 1068 -12.33 -2.47 -3.32
C ALA B 1068 -13.65 -3.24 -3.31
N ILE B 1069 -14.72 -2.57 -3.76
CA ILE B 1069 -16.03 -3.21 -3.79
C ILE B 1069 -16.10 -4.26 -4.90
N SER B 1070 -15.41 -4.03 -6.01
CA SER B 1070 -15.42 -4.98 -7.12
C SER B 1070 -14.10 -4.89 -7.88
N SER B 1071 -13.98 -5.71 -8.92
CA SER B 1071 -12.78 -5.75 -9.75
C SER B 1071 -12.99 -5.19 -11.14
N SER B 1072 -14.21 -5.22 -11.66
CA SER B 1072 -14.48 -4.69 -12.99
C SER B 1072 -14.42 -3.17 -12.97
N LEU B 1073 -13.87 -2.59 -14.04
CA LEU B 1073 -13.77 -1.14 -14.13
C LEU B 1073 -15.12 -0.48 -14.39
N GLN B 1074 -15.99 -1.15 -15.14
CA GLN B 1074 -17.30 -0.57 -15.45
C GLN B 1074 -18.13 -0.39 -14.18
N GLU B 1075 -18.09 -1.37 -13.28
CA GLU B 1075 -18.87 -1.28 -12.04
C GLU B 1075 -18.37 -0.15 -11.15
N ILE B 1076 -17.05 -0.01 -11.00
CA ILE B 1076 -16.52 1.03 -10.12
C ILE B 1076 -16.71 2.42 -10.73
N LEU B 1077 -16.66 2.56 -12.06
CA LEU B 1077 -16.85 3.86 -12.67
C LEU B 1077 -18.31 4.17 -13.00
N SER B 1078 -19.22 3.23 -12.79
CA SER B 1078 -20.63 3.44 -13.07
C SER B 1078 -21.49 3.54 -11.82
N ARG B 1079 -21.27 2.65 -10.84
CA ARG B 1079 -22.06 2.71 -9.61
C ARG B 1079 -21.66 3.88 -8.74
N LEU B 1080 -20.36 4.16 -8.65
CA LEU B 1080 -19.88 5.27 -7.84
C LEU B 1080 -19.78 6.54 -8.67
N ASP B 1081 -19.81 7.67 -7.99
CA ASP B 1081 -19.73 8.97 -8.64
C ASP B 1081 -18.32 9.18 -9.19
N ALA B 1082 -18.24 9.93 -10.29
CA ALA B 1082 -16.96 10.21 -10.92
C ALA B 1082 -16.08 11.18 -10.14
N LEU B 1083 -16.60 11.80 -9.09
CA LEU B 1083 -15.82 12.75 -8.29
C LEU B 1083 -15.28 12.17 -7.00
N GLU B 1084 -16.05 11.30 -6.33
CA GLU B 1084 -15.63 10.70 -5.07
C GLU B 1084 -14.93 9.36 -5.23
N ALA B 1085 -14.82 8.84 -6.45
CA ALA B 1085 -14.17 7.55 -6.67
C ALA B 1085 -12.71 7.68 -7.07
N GLN B 1086 -12.16 8.90 -7.13
CA GLN B 1086 -10.76 9.06 -7.50
C GLN B 1086 -9.84 8.55 -6.41
N VAL B 1087 -10.08 8.95 -5.15
CA VAL B 1087 -9.25 8.49 -4.05
C VAL B 1087 -9.47 7.00 -3.80
N GLN B 1088 -10.66 6.49 -4.13
CA GLN B 1088 -10.92 5.07 -3.93
C GLN B 1088 -10.27 4.22 -5.02
N ILE B 1089 -10.18 4.75 -6.24
CA ILE B 1089 -9.55 4.01 -7.33
C ILE B 1089 -8.04 4.18 -7.32
N ASP B 1090 -7.52 5.18 -6.59
CA ASP B 1090 -6.07 5.37 -6.53
C ASP B 1090 -5.37 4.19 -5.87
N ARG B 1091 -5.96 3.65 -4.80
CA ARG B 1091 -5.34 2.50 -4.13
C ARG B 1091 -5.39 1.27 -5.02
N LEU B 1092 -6.48 1.08 -5.77
CA LEU B 1092 -6.58 -0.07 -6.66
C LEU B 1092 -5.58 0.04 -7.81
N ILE B 1093 -5.43 1.25 -8.37
CA ILE B 1093 -4.51 1.40 -9.49
C ILE B 1093 -3.06 1.26 -9.02
N ASN B 1094 -2.71 1.79 -7.83
CA ASN B 1094 -1.33 1.61 -7.41
C ASN B 1094 -1.08 0.16 -6.98
N GLY B 1095 -2.13 -0.55 -6.55
CA GLY B 1095 -1.96 -1.95 -6.22
C GLY B 1095 -1.68 -2.76 -7.46
N ARG B 1096 -2.40 -2.47 -8.55
CA ARG B 1096 -2.13 -3.17 -9.81
C ARG B 1096 -0.74 -2.82 -10.34
N LEU B 1097 -0.33 -1.56 -10.20
CA LEU B 1097 0.99 -1.16 -10.66
C LEU B 1097 2.10 -1.82 -9.85
N THR B 1098 1.93 -1.95 -8.53
CA THR B 1098 2.97 -2.61 -7.75
C THR B 1098 2.97 -4.12 -8.03
N ALA B 1099 1.81 -4.68 -8.38
CA ALA B 1099 1.76 -6.09 -8.74
C ALA B 1099 2.50 -6.31 -10.04
N LEU B 1100 2.34 -5.37 -10.99
CA LEU B 1100 3.04 -5.45 -12.26
C LEU B 1100 4.54 -5.28 -12.05
N ASN B 1101 4.93 -4.41 -11.12
CA ASN B 1101 6.35 -4.20 -10.83
C ASN B 1101 6.96 -5.46 -10.23
N ALA B 1102 6.22 -6.12 -9.34
CA ALA B 1102 6.72 -7.37 -8.75
C ALA B 1102 6.84 -8.44 -9.81
N TYR B 1103 5.87 -8.49 -10.74
CA TYR B 1103 5.90 -9.48 -11.81
C TYR B 1103 7.08 -9.24 -12.74
N VAL B 1104 7.34 -7.98 -13.11
CA VAL B 1104 8.47 -7.73 -14.02
C VAL B 1104 9.79 -7.96 -13.29
N SER B 1105 9.84 -7.74 -11.97
CA SER B 1105 11.07 -8.01 -11.23
C SER B 1105 11.35 -9.51 -11.23
N GLN B 1106 10.32 -10.32 -10.96
CA GLN B 1106 10.47 -11.76 -10.98
C GLN B 1106 10.79 -12.25 -12.38
N GLN B 1107 10.22 -11.58 -13.40
CA GLN B 1107 10.50 -11.92 -14.79
C GLN B 1107 11.95 -11.65 -15.13
N LEU B 1108 12.49 -10.52 -14.63
CA LEU B 1108 13.90 -10.20 -14.88
C LEU B 1108 14.81 -11.22 -14.22
N SER B 1109 14.47 -11.62 -13.00
CA SER B 1109 15.29 -12.63 -12.31
C SER B 1109 15.26 -13.96 -13.04
N ASP B 1110 14.06 -14.38 -13.48
CA ASP B 1110 13.92 -15.64 -14.21
C ASP B 1110 14.65 -15.57 -15.54
N ILE B 1111 14.59 -14.43 -16.24
CA ILE B 1111 15.26 -14.27 -17.52
C ILE B 1111 16.76 -14.28 -17.32
N SER B 1112 17.26 -13.74 -16.20
CA SER B 1112 18.70 -13.79 -15.93
C SER B 1112 19.13 -15.23 -15.68
N LEU B 1113 18.29 -16.01 -15.00
CA LEU B 1113 18.59 -17.42 -14.78
C LEU B 1113 18.59 -18.16 -16.11
N VAL B 1114 17.67 -17.79 -17.00
CA VAL B 1114 17.59 -18.39 -18.33
C VAL B 1114 18.84 -18.04 -19.12
N LYS B 1115 19.35 -16.81 -18.95
CA LYS B 1115 20.57 -16.39 -19.62
C LYS B 1115 21.76 -17.20 -19.14
N LEU B 1116 21.82 -17.47 -17.83
CA LEU B 1116 22.91 -18.29 -17.30
C LEU B 1116 22.80 -19.72 -17.83
N GLY B 1117 21.57 -20.24 -17.91
CA GLY B 1117 21.38 -21.58 -18.45
C GLY B 1117 21.76 -21.63 -19.92
N ALA B 1118 21.51 -20.53 -20.63
CA ALA B 1118 21.88 -20.45 -22.04
C ALA B 1118 23.40 -20.40 -22.18
N ALA B 1119 24.07 -19.76 -21.21
CA ALA B 1119 25.52 -19.71 -21.23
C ALA B 1119 26.08 -21.11 -21.03
N LEU B 1120 25.48 -21.88 -20.12
CA LEU B 1120 25.91 -23.26 -19.91
C LEU B 1120 25.62 -24.11 -21.14
N ALA B 1121 24.48 -23.85 -21.80
CA ALA B 1121 24.12 -24.58 -23.01
C ALA B 1121 25.11 -24.30 -24.13
N MET B 1122 25.51 -23.04 -24.29
CA MET B 1122 26.48 -22.69 -25.32
C MET B 1122 27.83 -23.30 -24.99
N GLU B 1123 28.17 -23.35 -23.70
CA GLU B 1123 29.43 -23.98 -23.29
C GLU B 1123 29.43 -25.45 -23.64
N LYS B 1124 28.30 -26.13 -23.42
CA LYS B 1124 28.23 -27.54 -23.78
C LYS B 1124 28.25 -27.72 -25.30
N VAL B 1125 27.61 -26.81 -26.04
CA VAL B 1125 27.57 -26.91 -27.50
C VAL B 1125 28.98 -26.80 -28.08
N ASN B 1126 29.76 -25.82 -27.63
CA ASN B 1126 31.11 -25.65 -28.16
C ASN B 1126 32.19 -26.35 -27.34
N GLU B 1127 31.80 -27.16 -26.36
CA GLU B 1127 32.75 -27.87 -25.51
C GLU B 1127 32.63 -29.38 -25.61
N CYS B 1128 31.42 -29.92 -25.80
CA CYS B 1128 31.19 -31.35 -25.88
C CYS B 1128 30.64 -31.80 -27.23
N VAL B 1129 29.90 -30.94 -27.93
CA VAL B 1129 29.32 -31.30 -29.22
C VAL B 1129 30.33 -31.09 -30.34
N LYS B 1130 30.83 -29.85 -30.48
CA LYS B 1130 31.78 -29.52 -31.54
C LYS B 1130 33.12 -30.20 -31.31
N SER B 1131 33.64 -30.15 -30.08
CA SER B 1131 34.92 -30.76 -29.78
C SER B 1131 34.86 -31.49 -28.44
N GLN B 1132 36.00 -31.95 -27.94
CA GLN B 1132 36.05 -32.66 -26.67
C GLN B 1132 37.33 -32.29 -25.92
N SER B 1133 37.20 -32.09 -24.61
CA SER B 1133 38.29 -31.72 -23.72
C SER B 1133 38.30 -32.67 -22.54
N PRO B 1134 39.47 -32.84 -21.88
CA PRO B 1134 39.51 -33.77 -20.73
C PRO B 1134 38.81 -33.25 -19.48
N ARG B 1135 37.48 -33.34 -19.46
CA ARG B 1135 36.67 -32.94 -18.32
C ARG B 1135 35.87 -34.15 -17.88
N ILE B 1136 35.77 -34.35 -16.58
CA ILE B 1136 35.09 -35.51 -16.01
C ILE B 1136 33.72 -35.13 -15.48
N ASN B 1137 32.73 -35.97 -15.81
CA ASN B 1137 31.33 -35.83 -15.37
C ASN B 1137 30.73 -34.47 -15.73
N PHE B 1138 31.02 -33.99 -16.94
CA PHE B 1138 30.48 -32.73 -17.41
C PHE B 1138 29.56 -32.94 -18.61
N CYS B 1139 30.05 -33.60 -19.66
CA CYS B 1139 29.23 -33.84 -20.84
C CYS B 1139 28.34 -35.07 -20.68
N GLY B 1140 28.43 -35.78 -19.57
CA GLY B 1140 27.63 -36.96 -19.34
C GLY B 1140 27.96 -37.64 -18.03
N ASN B 1141 26.94 -38.09 -17.29
CA ASN B 1141 27.13 -38.76 -16.01
C ASN B 1141 27.67 -40.16 -16.25
N GLY B 1142 28.97 -40.23 -16.44
CA GLY B 1142 29.67 -41.48 -16.69
C GLY B 1142 30.74 -41.28 -17.74
N ASN B 1143 31.11 -42.36 -18.40
CA ASN B 1143 32.12 -42.32 -19.45
C ASN B 1143 31.49 -41.74 -20.70
N HIS B 1144 31.57 -40.43 -20.83
CA HIS B 1144 30.99 -39.74 -21.99
C HIS B 1144 31.82 -39.98 -23.25
N ILE B 1145 31.13 -40.09 -24.39
CA ILE B 1145 31.79 -40.31 -25.66
C ILE B 1145 31.47 -39.17 -26.62
N LEU B 1146 30.20 -39.04 -27.00
CA LEU B 1146 29.77 -37.99 -27.90
C LEU B 1146 28.54 -37.31 -27.33
N SER B 1147 28.11 -36.23 -27.97
CA SER B 1147 26.93 -35.50 -27.50
C SER B 1147 26.33 -34.78 -28.71
N LEU B 1148 25.25 -35.33 -29.25
CA LEU B 1148 24.60 -34.70 -30.38
C LEU B 1148 23.70 -33.57 -29.88
N VAL B 1149 23.24 -32.73 -30.81
CA VAL B 1149 22.38 -31.61 -30.47
C VAL B 1149 21.17 -31.60 -31.39
N GLN B 1150 20.00 -31.35 -30.80
CA GLN B 1150 18.73 -31.29 -31.53
C GLN B 1150 17.88 -30.21 -30.90
N ASN B 1151 17.17 -29.46 -31.73
CA ASN B 1151 16.33 -28.37 -31.25
C ASN B 1151 15.15 -28.90 -30.44
N ALA B 1152 14.81 -28.17 -29.39
CA ALA B 1152 13.72 -28.50 -28.48
C ALA B 1152 12.91 -27.24 -28.26
N PRO B 1153 11.63 -27.38 -27.88
CA PRO B 1153 10.80 -26.18 -27.63
C PRO B 1153 11.31 -25.38 -26.44
N TYR B 1154 11.70 -24.13 -26.71
CA TYR B 1154 12.23 -23.19 -25.73
C TYR B 1154 13.45 -23.76 -24.99
N GLY B 1155 14.47 -24.07 -25.78
CA GLY B 1155 15.70 -24.62 -25.25
C GLY B 1155 16.36 -25.50 -26.28
N LEU B 1156 17.25 -26.37 -25.80
CA LEU B 1156 17.98 -27.30 -26.65
C LEU B 1156 17.97 -28.67 -25.99
N LEU B 1157 18.15 -29.70 -26.80
CA LEU B 1157 18.19 -31.08 -26.34
C LEU B 1157 19.51 -31.71 -26.75
N PHE B 1158 20.13 -32.44 -25.83
CA PHE B 1158 21.41 -33.09 -26.07
C PHE B 1158 21.28 -34.60 -25.89
N MET B 1159 22.08 -35.34 -26.65
CA MET B 1159 22.10 -36.79 -26.61
C MET B 1159 23.48 -37.19 -26.08
N HIS B 1160 23.60 -37.24 -24.76
CA HIS B 1160 24.87 -37.60 -24.11
C HIS B 1160 25.10 -39.10 -24.25
N PHE B 1161 25.79 -39.49 -25.32
CA PHE B 1161 26.09 -40.89 -25.57
C PHE B 1161 27.19 -41.33 -24.61
N SER B 1162 26.79 -41.95 -23.50
CA SER B 1162 27.72 -42.40 -22.49
C SER B 1162 28.30 -43.77 -22.89
N TYR B 1163 29.02 -44.38 -21.96
CA TYR B 1163 29.64 -45.69 -22.17
C TYR B 1163 29.40 -46.48 -20.90
N LYS B 1164 28.51 -47.47 -20.95
CA LYS B 1164 28.17 -48.28 -19.79
C LYS B 1164 28.50 -49.74 -20.04
N PRO B 1165 29.21 -50.40 -19.14
CA PRO B 1165 29.54 -51.82 -19.32
C PRO B 1165 28.39 -52.71 -18.87
N ILE B 1166 28.57 -54.01 -19.09
CA ILE B 1166 27.54 -54.99 -18.72
C ILE B 1166 28.10 -56.02 -17.75
N SER B 1167 29.12 -56.77 -18.17
CA SER B 1167 29.72 -57.81 -17.34
C SER B 1167 31.15 -57.45 -16.95
N PHE B 1168 31.53 -57.85 -15.75
CA PHE B 1168 32.86 -57.62 -15.20
C PHE B 1168 33.60 -58.94 -15.06
N LYS B 1169 34.86 -58.87 -14.63
CA LYS B 1169 35.67 -60.07 -14.49
C LYS B 1169 36.75 -59.87 -13.43
N THR B 1170 36.85 -60.81 -12.50
CA THR B 1170 37.86 -60.76 -11.46
C THR B 1170 39.23 -61.04 -12.05
N VAL B 1171 40.22 -60.23 -11.67
CA VAL B 1171 41.57 -60.39 -12.20
C VAL B 1171 42.55 -59.76 -11.20
N LEU B 1172 43.82 -60.17 -11.29
CA LEU B 1172 44.87 -59.66 -10.41
C LEU B 1172 45.59 -58.50 -11.12
N VAL B 1173 45.52 -57.32 -10.52
CA VAL B 1173 46.15 -56.14 -11.09
C VAL B 1173 47.34 -55.77 -10.23
N SER B 1174 48.15 -54.81 -10.71
CA SER B 1174 49.32 -54.35 -9.98
C SER B 1174 49.71 -52.96 -10.46
N PRO B 1175 49.17 -51.90 -9.86
CA PRO B 1175 49.53 -50.53 -10.28
C PRO B 1175 50.99 -50.24 -10.02
N GLY B 1176 51.75 -50.03 -11.10
CA GLY B 1176 53.17 -49.74 -10.99
C GLY B 1176 54.01 -50.99 -10.95
N LEU B 1177 55.21 -50.91 -11.55
CA LEU B 1177 56.15 -52.02 -11.60
C LEU B 1177 57.50 -51.41 -11.90
N CYS B 1178 58.58 -52.16 -11.63
CA CYS B 1178 59.90 -51.61 -11.89
C CYS B 1178 60.91 -52.71 -12.19
N ILE B 1179 61.85 -52.39 -13.09
CA ILE B 1179 62.90 -53.34 -13.44
C ILE B 1179 63.94 -53.35 -12.33
N SER B 1180 64.68 -54.45 -12.21
CA SER B 1180 65.71 -54.59 -11.19
C SER B 1180 66.90 -53.66 -11.41
N GLY B 1181 66.99 -53.00 -12.57
CA GLY B 1181 68.08 -52.08 -12.85
C GLY B 1181 67.85 -50.67 -12.35
N ASP B 1182 67.06 -50.54 -11.27
CA ASP B 1182 66.73 -49.27 -10.61
C ASP B 1182 66.08 -48.27 -11.57
N VAL B 1183 64.94 -48.68 -12.12
CA VAL B 1183 64.14 -47.87 -13.04
C VAL B 1183 62.70 -48.38 -12.99
N GLY B 1184 61.74 -47.46 -12.92
CA GLY B 1184 60.35 -47.82 -12.78
C GLY B 1184 59.50 -47.73 -14.06
N ILE B 1185 58.31 -48.30 -13.94
CA ILE B 1185 57.30 -48.35 -15.00
C ILE B 1185 55.97 -47.92 -14.40
N ALA B 1186 55.25 -47.05 -15.10
CA ALA B 1186 53.95 -46.58 -14.63
C ALA B 1186 52.91 -46.81 -15.71
N PRO B 1187 51.70 -47.21 -15.34
CA PRO B 1187 50.65 -47.45 -16.34
C PRO B 1187 50.09 -46.13 -16.85
N LYS B 1188 49.96 -46.02 -18.18
CA LYS B 1188 49.41 -44.81 -18.76
C LYS B 1188 47.92 -44.68 -18.46
N GLN B 1189 47.12 -45.64 -18.94
CA GLN B 1189 45.69 -45.68 -18.69
C GLN B 1189 45.31 -47.15 -18.55
N GLY B 1190 45.38 -47.65 -17.33
CA GLY B 1190 45.05 -49.04 -17.09
C GLY B 1190 45.84 -49.58 -15.90
N TYR B 1191 46.01 -50.90 -15.89
CA TYR B 1191 46.72 -51.60 -14.83
C TYR B 1191 47.60 -52.68 -15.43
N PHE B 1192 48.47 -53.25 -14.60
CA PHE B 1192 49.37 -54.31 -15.00
C PHE B 1192 48.83 -55.62 -14.43
N ILE B 1193 48.66 -56.62 -15.29
CA ILE B 1193 48.11 -57.91 -14.90
C ILE B 1193 49.09 -59.01 -15.25
N LYS B 1194 49.37 -59.87 -14.28
CA LYS B 1194 50.26 -61.01 -14.49
C LYS B 1194 49.46 -62.11 -15.18
N HIS B 1195 50.05 -62.72 -16.22
CA HIS B 1195 49.34 -63.75 -16.95
C HIS B 1195 50.34 -64.82 -17.39
N ASN B 1196 50.38 -65.94 -16.64
CA ASN B 1196 51.24 -67.09 -16.90
C ASN B 1196 52.72 -66.68 -16.96
N ASP B 1197 53.21 -66.18 -15.83
CA ASP B 1197 54.60 -65.72 -15.66
C ASP B 1197 54.97 -64.64 -16.67
N HIS B 1198 54.01 -63.79 -17.03
CA HIS B 1198 54.22 -62.72 -17.98
C HIS B 1198 53.41 -61.52 -17.53
N TRP B 1199 54.00 -60.33 -17.64
CA TRP B 1199 53.36 -59.09 -17.24
C TRP B 1199 52.73 -58.44 -18.46
N MET B 1200 51.41 -58.21 -18.40
CA MET B 1200 50.67 -57.60 -19.49
C MET B 1200 49.87 -56.42 -18.96
N PHE B 1201 49.54 -55.51 -19.87
CA PHE B 1201 48.79 -54.31 -19.54
C PHE B 1201 47.41 -54.37 -20.18
N THR B 1202 46.39 -53.95 -19.43
CA THR B 1202 45.01 -53.93 -19.90
C THR B 1202 44.43 -52.55 -19.71
N GLY B 1203 43.35 -52.28 -20.44
CA GLY B 1203 42.71 -50.98 -20.35
C GLY B 1203 41.95 -50.80 -19.05
N SER B 1204 41.54 -49.55 -18.81
CA SER B 1204 40.80 -49.21 -17.61
C SER B 1204 39.31 -49.55 -17.70
N SER B 1205 38.81 -49.90 -18.88
CA SER B 1205 37.39 -50.22 -19.02
C SER B 1205 37.14 -51.43 -19.90
N TYR B 1206 38.16 -52.22 -20.24
CA TYR B 1206 37.97 -53.40 -21.08
C TYR B 1206 39.13 -54.35 -20.84
N TYR B 1207 38.82 -55.56 -20.36
CA TYR B 1207 39.84 -56.55 -20.09
C TYR B 1207 40.38 -57.11 -21.41
N TYR B 1208 41.59 -56.71 -21.78
CA TYR B 1208 42.22 -57.17 -23.01
C TYR B 1208 43.72 -57.18 -22.79
N PRO B 1209 44.31 -58.34 -22.56
CA PRO B 1209 45.76 -58.41 -22.33
C PRO B 1209 46.59 -58.19 -23.58
N GLU B 1210 47.25 -57.03 -23.65
CA GLU B 1210 48.10 -56.67 -24.78
C GLU B 1210 49.55 -56.50 -24.30
N PRO B 1211 50.53 -56.74 -25.16
CA PRO B 1211 51.93 -56.62 -24.73
C PRO B 1211 52.33 -55.19 -24.37
N ILE B 1212 53.42 -55.10 -23.63
CA ILE B 1212 53.95 -53.82 -23.17
C ILE B 1212 54.63 -53.11 -24.33
N SER B 1213 54.34 -51.82 -24.49
CA SER B 1213 54.91 -51.00 -25.54
C SER B 1213 55.34 -49.68 -24.93
N ASP B 1214 55.63 -48.69 -25.77
CA ASP B 1214 56.06 -47.38 -25.29
C ASP B 1214 54.93 -46.37 -25.24
N LYS B 1215 53.82 -46.60 -25.91
CA LYS B 1215 52.68 -45.68 -25.92
C LYS B 1215 51.75 -45.89 -24.74
N ASN B 1216 52.02 -46.89 -23.90
CA ASN B 1216 51.20 -47.18 -22.73
C ASN B 1216 52.00 -47.24 -21.44
N VAL B 1217 53.22 -46.71 -21.44
CA VAL B 1217 54.11 -46.73 -20.29
C VAL B 1217 54.65 -45.32 -19.99
N VAL B 1218 54.51 -44.90 -18.74
CA VAL B 1218 55.04 -43.62 -18.29
C VAL B 1218 56.38 -43.96 -17.65
N PHE B 1219 57.47 -43.63 -18.34
CA PHE B 1219 58.80 -43.96 -17.87
C PHE B 1219 59.16 -43.22 -16.58
N MET B 1220 60.03 -43.86 -15.80
CA MET B 1220 60.50 -43.34 -14.53
C MET B 1220 62.02 -43.27 -14.53
N ASN B 1221 62.60 -42.94 -13.38
CA ASN B 1221 64.04 -42.87 -13.21
C ASN B 1221 64.55 -43.87 -12.18
N THR B 1222 63.88 -43.95 -11.03
CA THR B 1222 64.23 -44.88 -9.95
C THR B 1222 62.96 -45.59 -9.50
N CYS B 1223 63.11 -46.85 -9.07
CA CYS B 1223 61.95 -47.60 -8.60
C CYS B 1223 61.58 -47.17 -7.18
N SER B 1224 60.29 -47.30 -6.87
CA SER B 1224 59.78 -46.94 -5.55
C SER B 1224 59.98 -48.12 -4.59
N VAL B 1225 59.34 -48.06 -3.43
CA VAL B 1225 59.44 -49.13 -2.44
C VAL B 1225 58.28 -50.11 -2.54
N ASN B 1226 57.06 -49.62 -2.77
CA ASN B 1226 55.89 -50.50 -2.85
C ASN B 1226 55.52 -50.81 -4.30
N PHE B 1227 56.49 -51.36 -5.03
CA PHE B 1227 56.34 -51.77 -6.42
C PHE B 1227 56.72 -53.24 -6.53
N THR B 1228 56.07 -53.93 -7.46
CA THR B 1228 56.34 -55.36 -7.66
C THR B 1228 57.68 -55.51 -8.39
N LYS B 1229 58.69 -56.01 -7.69
CA LYS B 1229 60.00 -56.20 -8.27
C LYS B 1229 59.97 -57.41 -9.20
N ALA B 1230 60.25 -57.19 -10.48
CA ALA B 1230 60.24 -58.29 -11.44
C ALA B 1230 61.18 -58.02 -12.60
N PRO B 1231 62.22 -58.82 -12.78
CA PRO B 1231 63.14 -58.61 -13.90
C PRO B 1231 62.63 -59.24 -15.19
N LEU B 1232 63.46 -59.19 -16.24
CA LEU B 1232 63.15 -59.74 -17.57
C LEU B 1232 61.86 -59.12 -18.13
N VAL B 1233 61.73 -57.80 -17.94
CA VAL B 1233 60.57 -57.07 -18.42
C VAL B 1233 61.10 -55.85 -19.18
N TYR B 1234 62.31 -56.00 -19.72
CA TYR B 1234 62.96 -54.94 -20.48
C TYR B 1234 62.17 -54.58 -21.73
N LEU B 1235 62.18 -53.30 -22.08
CA LEU B 1235 61.46 -52.82 -23.27
C LEU B 1235 62.42 -52.64 -24.44
N VAL C 25 2.18 37.74 38.55
CA VAL C 25 1.47 37.61 37.27
C VAL C 25 1.04 36.16 37.09
N ILE C 26 1.67 35.25 37.85
CA ILE C 26 1.34 33.83 37.76
C ILE C 26 -0.03 33.56 38.37
N GLY C 27 -0.37 34.23 39.47
CA GLY C 27 -1.65 34.02 40.11
C GLY C 27 -2.78 34.77 39.44
N ASP C 28 -4.00 34.40 39.83
CA ASP C 28 -5.22 35.01 39.32
C ASP C 28 -6.14 35.45 40.46
N PHE C 29 -5.62 35.53 41.67
CA PHE C 29 -6.40 35.94 42.83
C PHE C 29 -5.53 36.81 43.72
N ASN C 30 -6.18 37.73 44.44
CA ASN C 30 -5.51 38.65 45.35
C ASN C 30 -5.64 38.19 46.79
N CYS C 31 -4.50 37.97 47.44
CA CYS C 31 -4.46 37.52 48.83
C CYS C 31 -3.79 38.52 49.77
N THR C 32 -2.57 38.96 49.44
CA THR C 32 -1.85 39.91 50.28
C THR C 32 -1.65 41.23 49.54
N ASN C 33 -1.65 42.32 50.31
CA ASN C 33 -1.46 43.66 49.75
C ASN C 33 -0.51 44.50 50.58
N PHE C 34 0.40 43.89 51.33
CA PHE C 34 1.34 44.62 52.17
C PHE C 34 2.74 44.04 52.02
N ALA C 35 3.74 44.89 52.27
CA ALA C 35 5.17 44.56 52.19
C ALA C 35 5.55 43.99 50.82
N ILE C 36 5.11 44.68 49.77
CA ILE C 36 5.38 44.29 48.39
C ILE C 36 6.16 45.41 47.72
N ASN C 37 7.32 45.06 47.14
CA ASN C 37 8.15 46.04 46.46
C ASN C 37 8.56 45.53 45.08
N ASP C 38 9.41 46.28 44.39
CA ASP C 38 9.88 45.90 43.06
C ASP C 38 11.38 46.09 42.95
N LEU C 39 12.12 45.75 44.01
CA LEU C 39 13.56 45.88 44.00
C LEU C 39 14.19 44.79 43.15
N ASN C 40 15.18 45.17 42.35
CA ASN C 40 15.87 44.22 41.47
C ASN C 40 16.80 43.37 42.30
N THR C 41 16.36 42.16 42.66
CA THR C 41 17.14 41.23 43.44
C THR C 41 17.33 39.90 42.74
N THR C 42 16.77 39.72 41.55
CA THR C 42 16.91 38.47 40.81
C THR C 42 18.34 38.29 40.29
N ILE C 43 18.83 37.06 40.38
CA ILE C 43 20.18 36.73 39.91
C ILE C 43 20.10 35.40 39.15
N PRO C 44 20.18 35.43 37.82
CA PRO C 44 20.13 34.17 37.04
C PRO C 44 21.45 33.41 37.11
N ARG C 45 21.66 32.71 38.23
CA ARG C 45 22.89 31.97 38.44
C ARG C 45 22.85 30.69 37.61
N ILE C 46 23.86 30.51 36.75
CA ILE C 46 23.97 29.34 35.89
C ILE C 46 25.10 28.48 36.41
N SER C 47 24.81 27.20 36.67
CA SER C 47 25.82 26.28 37.18
C SER C 47 26.86 25.97 36.12
N GLU C 48 28.06 25.60 36.59
CA GLU C 48 29.18 25.27 35.73
C GLU C 48 29.32 23.78 35.50
N TYR C 49 28.37 22.98 35.97
CA TYR C 49 28.39 21.53 35.82
C TYR C 49 27.44 21.14 34.70
N VAL C 50 27.98 20.52 33.65
CA VAL C 50 27.19 20.09 32.50
C VAL C 50 26.52 18.75 32.79
N VAL C 51 25.60 18.35 31.93
CA VAL C 51 24.88 17.08 32.12
C VAL C 51 25.83 15.92 31.81
N ASP C 52 25.92 14.97 32.75
CA ASP C 52 26.76 13.79 32.60
C ASP C 52 25.86 12.58 32.75
N VAL C 53 25.55 11.92 31.63
CA VAL C 53 24.66 10.76 31.63
C VAL C 53 25.46 9.45 31.54
N SER C 54 26.79 9.55 31.44
CA SER C 54 27.65 8.37 31.34
C SER C 54 27.59 7.46 32.56
N TYR C 55 27.07 7.94 33.70
CA TYR C 55 26.98 7.11 34.90
C TYR C 55 25.53 6.89 35.34
N GLY C 56 24.57 7.05 34.43
CA GLY C 56 23.17 6.83 34.75
C GLY C 56 22.41 8.06 35.22
N LEU C 57 23.05 9.20 35.36
CA LEU C 57 22.37 10.40 35.81
C LEU C 57 21.42 10.91 34.73
N GLY C 58 20.18 11.17 35.09
CA GLY C 58 19.17 11.65 34.18
C GLY C 58 18.38 10.54 33.50
N THR C 59 18.88 9.31 33.53
CA THR C 59 18.17 8.20 32.91
C THR C 59 17.06 7.72 33.83
N TYR C 60 15.87 7.52 33.27
CA TYR C 60 14.72 7.06 34.04
C TYR C 60 14.31 5.66 33.63
N TYR C 61 13.89 4.86 34.61
CA TYR C 61 13.46 3.50 34.36
C TYR C 61 12.16 3.51 33.57
N ILE C 62 11.96 2.46 32.77
CA ILE C 62 10.75 2.36 31.95
C ILE C 62 9.56 2.17 32.89
N LEU C 63 8.38 2.60 32.44
CA LEU C 63 7.16 2.56 33.24
C LEU C 63 6.81 1.16 33.78
N ASP C 64 6.79 0.15 32.93
CA ASP C 64 6.45 -1.17 33.43
C ASP C 64 7.42 -2.19 32.85
N ARG C 65 7.97 -1.88 31.69
CA ARG C 65 8.92 -2.78 31.03
C ARG C 65 10.22 -2.84 31.83
N VAL C 66 10.72 -4.05 32.02
CA VAL C 66 11.98 -4.29 32.74
C VAL C 66 12.83 -5.21 31.89
N TYR C 67 14.09 -4.84 31.69
CA TYR C 67 15.01 -5.62 30.88
C TYR C 67 16.16 -6.10 31.75
N LEU C 68 16.64 -7.31 31.47
CA LEU C 68 17.73 -7.92 32.22
C LEU C 68 18.84 -8.32 31.26
N ASN C 69 20.04 -7.77 31.50
CA ASN C 69 21.25 -8.06 30.69
C ASN C 69 21.00 -7.76 29.22
N THR C 70 20.37 -6.62 28.94
CA THR C 70 20.04 -6.22 27.57
C THR C 70 20.39 -4.76 27.35
N THR C 71 21.00 -4.48 26.19
CA THR C 71 21.38 -3.14 25.78
C THR C 71 20.47 -2.80 24.61
N ILE C 72 19.29 -2.26 24.92
CA ILE C 72 18.29 -1.92 23.90
C ILE C 72 18.09 -0.40 23.88
N LEU C 73 17.72 0.10 22.71
CA LEU C 73 17.48 1.53 22.54
C LEU C 73 16.14 1.91 23.17
N PHE C 74 15.97 3.22 23.37
CA PHE C 74 14.73 3.73 23.96
C PHE C 74 14.59 5.18 23.53
N THR C 75 13.61 5.44 22.66
CA THR C 75 13.36 6.80 22.16
C THR C 75 12.44 7.51 23.15
N GLY C 76 12.95 7.69 24.36
CA GLY C 76 12.25 8.34 25.43
C GLY C 76 12.62 9.81 25.55
N TYR C 77 12.54 10.34 26.76
CA TYR C 77 12.86 11.73 27.03
C TYR C 77 14.01 11.80 28.01
N PHE C 78 15.12 12.39 27.57
CA PHE C 78 16.34 12.52 28.36
C PHE C 78 16.92 13.92 28.17
N PRO C 79 17.62 14.44 29.17
CA PRO C 79 18.21 15.79 29.02
C PRO C 79 19.46 15.74 28.16
N LYS C 80 19.60 16.76 27.31
CA LYS C 80 20.76 16.85 26.42
C LYS C 80 22.04 17.13 27.20
N SER C 81 23.06 16.33 26.95
CA SER C 81 24.34 16.49 27.62
C SER C 81 25.09 17.69 27.04
N GLY C 82 26.12 18.13 27.77
CA GLY C 82 26.89 19.26 27.32
C GLY C 82 26.21 20.60 27.52
N ALA C 83 25.11 20.62 28.27
CA ALA C 83 24.35 21.85 28.54
C ALA C 83 24.47 22.14 30.04
N ASN C 84 24.91 23.34 30.36
CA ASN C 84 25.07 23.73 31.76
C ASN C 84 23.72 23.86 32.47
N PHE C 85 23.73 23.52 33.75
CA PHE C 85 22.52 23.58 34.56
C PHE C 85 22.12 25.02 34.84
N ARG C 86 20.81 25.27 34.85
CA ARG C 86 20.26 26.58 35.14
C ARG C 86 19.65 26.48 36.55
N ASP C 87 20.28 27.16 37.51
CA ASP C 87 19.84 27.13 38.89
C ASP C 87 18.66 28.07 39.12
N LEU C 88 17.70 27.59 39.92
CA LEU C 88 16.49 28.36 40.26
C LEU C 88 16.38 28.35 41.79
N SER C 89 17.08 29.27 42.44
CA SER C 89 17.06 29.41 43.88
C SER C 89 16.36 30.72 44.22
N LEU C 90 15.11 30.61 44.66
CA LEU C 90 14.32 31.78 45.02
C LEU C 90 13.85 31.64 46.45
N LYS C 91 13.95 32.73 47.21
CA LYS C 91 13.55 32.73 48.61
C LYS C 91 12.90 34.08 48.91
N GLY C 92 12.60 34.31 50.18
CA GLY C 92 11.97 35.55 50.62
C GLY C 92 12.14 35.77 52.11
N THR C 93 12.52 36.99 52.51
CA THR C 93 12.72 37.33 53.91
C THR C 93 11.87 38.56 54.22
N THR C 94 10.59 38.31 54.57
CA THR C 94 9.56 39.29 54.91
C THR C 94 9.16 40.22 53.77
N LYS C 95 9.80 40.06 52.60
CA LYS C 95 9.52 40.89 51.44
C LYS C 95 9.74 40.05 50.19
N LEU C 96 9.00 40.37 49.13
CA LEU C 96 9.12 39.66 47.86
C LEU C 96 9.04 40.67 46.72
N SER C 97 9.77 40.39 45.65
CA SER C 97 9.83 41.25 44.48
C SER C 97 8.99 40.67 43.35
N THR C 98 8.21 41.51 42.70
CA THR C 98 7.37 41.05 41.59
C THR C 98 8.20 40.82 40.32
N LEU C 99 9.44 41.35 40.31
CA LEU C 99 10.34 41.20 39.18
C LEU C 99 10.76 39.74 38.98
N TRP C 100 10.67 38.94 40.04
CA TRP C 100 11.04 37.53 39.96
C TRP C 100 10.16 36.76 38.99
N TYR C 101 8.88 37.13 38.90
CA TYR C 101 7.97 36.46 37.99
C TYR C 101 8.28 36.86 36.54
N GLN C 102 7.81 36.02 35.61
CA GLN C 102 8.00 36.16 34.16
C GLN C 102 9.50 36.12 33.91
N LYS C 103 10.08 37.07 33.18
CA LYS C 103 11.51 37.05 32.93
C LYS C 103 12.27 37.44 34.21
N PRO C 104 13.38 36.76 34.51
CA PRO C 104 13.96 35.67 33.73
C PRO C 104 13.82 34.26 34.36
N PHE C 105 13.32 34.18 35.60
CA PHE C 105 13.18 32.87 36.24
C PHE C 105 12.08 32.04 35.61
N LEU C 106 10.90 32.62 35.39
CA LEU C 106 9.80 31.88 34.78
C LEU C 106 10.06 31.78 33.28
N SER C 107 10.33 30.57 32.82
CA SER C 107 10.60 30.30 31.42
C SER C 107 9.45 29.50 30.83
N ASP C 108 9.44 29.41 29.50
CA ASP C 108 8.39 28.70 28.79
C ASP C 108 8.69 27.20 28.81
N PHE C 109 7.94 26.46 29.62
CA PHE C 109 8.09 25.01 29.72
C PHE C 109 7.57 24.44 28.40
N ASN C 110 8.48 24.11 27.49
CA ASN C 110 8.05 23.61 26.18
C ASN C 110 7.60 22.16 26.21
N ASN C 111 8.50 21.21 26.46
CA ASN C 111 8.05 19.83 26.43
C ASN C 111 8.36 19.05 27.71
N GLY C 112 9.60 19.10 28.20
CA GLY C 112 9.94 18.36 29.41
C GLY C 112 11.06 18.99 30.20
N ILE C 113 11.12 18.63 31.50
CA ILE C 113 12.13 19.13 32.42
C ILE C 113 12.67 17.99 33.29
N PHE C 114 13.88 18.23 33.81
CA PHE C 114 14.60 17.31 34.69
C PHE C 114 15.17 18.16 35.82
N SER C 115 14.82 17.84 37.06
CA SER C 115 15.28 18.60 38.20
C SER C 115 15.96 17.73 39.23
N ARG C 116 17.14 18.15 39.66
CA ARG C 116 17.90 17.46 40.69
C ARG C 116 17.94 18.37 41.91
N VAL C 117 17.71 17.79 43.09
CA VAL C 117 17.68 18.55 44.34
C VAL C 117 18.71 17.98 45.29
N LYS C 118 19.59 18.84 45.80
CA LYS C 118 20.60 18.42 46.76
C LYS C 118 20.04 18.62 48.16
N ASN C 119 20.16 17.59 49.00
CA ASN C 119 19.63 17.65 50.36
C ASN C 119 20.38 18.68 51.19
N THR C 120 19.64 19.58 51.82
CA THR C 120 20.20 20.63 52.66
C THR C 120 20.07 20.14 54.10
N LYS C 121 21.14 19.49 54.59
CA LYS C 121 21.15 18.96 55.94
C LYS C 121 21.29 20.07 56.97
N LEU C 122 20.17 20.73 57.29
CA LEU C 122 20.17 21.81 58.28
C LEU C 122 19.95 21.21 59.65
N TYR C 123 20.73 21.67 60.62
CA TYR C 123 20.66 21.15 61.99
C TYR C 123 19.86 22.10 62.88
N VAL C 124 18.93 21.53 63.65
CA VAL C 124 18.09 22.28 64.58
C VAL C 124 18.52 21.74 65.94
N ASN C 125 17.99 22.29 67.04
CA ASN C 125 18.34 21.85 68.38
C ASN C 125 17.93 20.40 68.59
N LYS C 126 18.92 19.51 68.75
CA LYS C 126 18.85 18.07 68.95
C LYS C 126 18.08 17.32 67.86
N THR C 127 17.78 17.98 66.73
CA THR C 127 17.06 17.36 65.63
C THR C 127 17.72 17.75 64.31
N LEU C 128 17.75 16.81 63.38
CA LEU C 128 18.34 17.03 62.07
C LEU C 128 17.26 16.87 61.00
N TYR C 129 16.96 17.96 60.30
CA TYR C 129 15.94 17.99 59.26
C TYR C 129 16.57 18.38 57.92
N SER C 130 15.76 18.31 56.86
CA SER C 130 16.22 18.67 55.53
C SER C 130 14.99 19.01 54.69
N GLU C 131 14.87 20.28 54.30
CA GLU C 131 13.75 20.75 53.50
C GLU C 131 14.26 21.60 52.36
N PHE C 132 13.59 21.52 51.21
CA PHE C 132 13.96 22.29 50.03
C PHE C 132 12.75 23.03 49.49
N SER C 133 12.89 23.57 48.28
CA SER C 133 11.84 24.36 47.63
C SER C 133 10.67 23.48 47.19
N THR C 134 9.68 24.14 46.58
CA THR C 134 8.45 23.53 46.09
C THR C 134 8.36 23.71 44.57
N ILE C 135 8.07 22.61 43.86
CA ILE C 135 7.94 22.62 42.41
C ILE C 135 6.45 22.68 42.05
N VAL C 136 6.13 23.51 41.06
CA VAL C 136 4.77 23.68 40.57
C VAL C 136 4.81 23.63 39.04
N ILE C 137 3.78 23.03 38.44
CA ILE C 137 3.68 22.92 36.99
C ILE C 137 2.29 23.40 36.57
N GLY C 138 2.20 23.97 35.38
CA GLY C 138 0.93 24.45 34.88
C GLY C 138 1.10 25.04 33.49
N SER C 139 -0.01 25.55 32.97
CA SER C 139 -0.02 26.16 31.65
C SER C 139 -0.55 27.58 31.66
N VAL C 140 -1.62 27.82 32.42
CA VAL C 140 -2.23 29.15 32.52
C VAL C 140 -2.47 29.58 33.96
N PHE C 141 -2.49 28.65 34.92
CA PHE C 141 -2.68 28.90 36.35
C PHE C 141 -4.00 29.61 36.67
N ILE C 142 -5.09 28.91 36.34
CA ILE C 142 -6.46 29.37 36.58
C ILE C 142 -7.20 28.16 37.16
N ASN C 143 -8.52 28.27 37.30
CA ASN C 143 -9.34 27.18 37.84
C ASN C 143 -9.37 25.93 36.94
N ASN C 144 -8.61 25.90 35.84
CA ASN C 144 -8.54 24.79 34.91
C ASN C 144 -7.08 24.45 34.64
N SER C 145 -6.82 23.65 33.60
CA SER C 145 -5.53 23.17 33.09
C SER C 145 -4.89 22.08 33.94
N TYR C 146 -5.51 21.68 35.06
CA TYR C 146 -5.05 20.62 35.96
C TYR C 146 -3.64 20.91 36.49
N THR C 147 -3.54 21.98 37.26
CA THR C 147 -2.26 22.35 37.86
C THR C 147 -1.87 21.34 38.93
N ILE C 148 -0.56 21.09 39.05
CA ILE C 148 -0.03 20.15 40.01
C ILE C 148 1.07 20.84 40.83
N VAL C 149 0.94 20.80 42.15
CA VAL C 149 1.89 21.39 43.07
C VAL C 149 2.44 20.26 43.95
N VAL C 150 3.77 20.16 44.01
CA VAL C 150 4.44 19.12 44.81
C VAL C 150 5.28 19.82 45.87
N GLN C 151 4.96 19.59 47.14
CA GLN C 151 5.69 20.22 48.22
C GLN C 151 6.01 19.25 49.35
N PRO C 152 7.22 19.29 49.89
CA PRO C 152 7.58 18.39 50.98
C PRO C 152 7.28 18.98 52.35
N HIS C 153 7.06 18.09 53.33
CA HIS C 153 6.78 18.49 54.71
C HIS C 153 7.66 17.69 55.66
N ASN C 154 8.90 18.13 55.83
CA ASN C 154 9.90 17.53 56.72
C ASN C 154 10.09 16.03 56.51
N GLY C 155 10.49 15.66 55.29
CA GLY C 155 10.76 14.27 54.97
C GLY C 155 9.69 13.53 54.19
N VAL C 156 8.50 14.10 54.01
CA VAL C 156 7.43 13.43 53.27
C VAL C 156 6.91 14.37 52.19
N LEU C 157 6.69 13.83 50.99
CA LEU C 157 6.19 14.61 49.86
C LEU C 157 4.67 14.70 49.88
N GLU C 158 4.17 15.89 49.56
CA GLU C 158 2.73 16.14 49.46
C GLU C 158 2.48 16.73 48.09
N ILE C 159 1.60 16.09 47.33
CA ILE C 159 1.27 16.50 45.98
C ILE C 159 -0.22 16.86 45.90
N THR C 160 -0.50 18.00 45.29
CA THR C 160 -1.86 18.49 45.12
C THR C 160 -2.09 18.68 43.61
N ALA C 161 -2.77 17.72 43.00
CA ALA C 161 -3.05 17.76 41.57
C ALA C 161 -4.33 18.52 41.25
N CYS C 162 -4.97 19.12 42.26
CA CYS C 162 -6.19 19.88 42.05
C CYS C 162 -5.90 21.14 41.26
N GLN C 163 -6.90 21.59 40.51
CA GLN C 163 -6.81 22.78 39.67
C GLN C 163 -7.38 24.02 40.35
N TYR C 164 -7.18 24.17 41.65
CA TYR C 164 -7.70 25.33 42.36
C TYR C 164 -6.94 26.60 41.98
N THR C 165 -7.50 27.74 42.39
CA THR C 165 -6.88 29.03 42.12
C THR C 165 -5.74 29.27 43.10
N MET C 166 -4.89 30.25 42.76
CA MET C 166 -3.76 30.60 43.60
C MET C 166 -3.65 32.11 43.69
N CYS C 167 -3.00 32.57 44.76
CA CYS C 167 -2.82 33.99 44.98
C CYS C 167 -1.81 34.58 43.99
N GLU C 168 -1.89 35.90 43.84
CA GLU C 168 -0.99 36.62 42.94
C GLU C 168 0.46 36.55 43.41
N TYR C 169 0.67 36.50 44.73
CA TYR C 169 2.00 36.44 45.33
C TYR C 169 2.07 35.20 46.22
N PRO C 170 2.37 34.03 45.65
CA PRO C 170 2.45 32.81 46.44
C PRO C 170 3.76 32.67 47.18
N HIS C 171 3.72 31.91 48.28
CA HIS C 171 4.88 31.67 49.13
C HIS C 171 4.60 30.48 50.04
N THR C 172 5.66 29.83 50.51
CA THR C 172 5.56 28.68 51.40
C THR C 172 6.40 28.90 52.64
N ILE C 173 6.00 28.25 53.74
CA ILE C 173 6.68 28.36 55.03
C ILE C 173 7.55 27.15 55.35
N CYS C 174 8.39 27.29 56.37
CA CYS C 174 9.27 26.23 56.84
C CYS C 174 8.78 25.69 58.18
N LYS C 175 9.22 24.49 58.52
CA LYS C 175 8.87 23.88 59.79
C LYS C 175 9.91 24.13 60.86
N SER C 176 11.11 24.59 60.47
CA SER C 176 12.19 24.86 61.41
C SER C 176 12.11 26.31 61.88
N ILE C 177 12.15 26.49 63.21
CA ILE C 177 12.10 27.79 63.89
C ILE C 177 10.84 28.54 63.46
N GLY C 178 10.99 29.70 62.84
CA GLY C 178 9.84 30.49 62.42
C GLY C 178 9.77 30.77 60.94
N SER C 179 8.77 31.55 60.53
CA SER C 179 8.58 31.92 59.14
C SER C 179 8.18 33.39 59.06
N SER C 180 8.43 33.99 57.90
CA SER C 180 8.10 35.40 57.71
C SER C 180 6.59 35.60 57.62
N ARG C 181 5.91 34.77 56.84
CA ARG C 181 4.47 34.86 56.68
C ARG C 181 3.87 33.50 56.99
N ASN C 182 2.58 33.34 56.70
CA ASN C 182 1.86 32.10 56.94
C ASN C 182 1.64 31.35 55.63
N GLU C 183 1.31 30.07 55.76
CA GLU C 183 1.07 29.20 54.61
C GLU C 183 -0.30 29.52 54.02
N SER C 184 -0.33 30.61 53.23
CA SER C 184 -1.57 31.05 52.59
C SER C 184 -1.20 31.63 51.22
N TRP C 185 -1.27 30.78 50.20
CA TRP C 185 -0.96 31.17 48.83
C TRP C 185 -2.12 30.90 47.89
N HIS C 186 -3.28 30.56 48.42
CA HIS C 186 -4.47 30.27 47.62
C HIS C 186 -5.70 30.65 48.45
N PHE C 187 -6.87 30.20 48.00
CA PHE C 187 -8.14 30.47 48.67
C PHE C 187 -8.92 29.17 48.78
N ASP C 188 -8.26 28.10 49.19
CA ASP C 188 -8.88 26.77 49.32
C ASP C 188 -9.65 26.68 50.63
N LYS C 189 -10.89 27.16 50.61
CA LYS C 189 -11.74 27.10 51.79
C LYS C 189 -12.52 25.80 51.87
N SER C 190 -12.44 24.96 50.84
CA SER C 190 -13.13 23.68 50.79
C SER C 190 -12.18 22.66 50.16
N GLU C 191 -12.68 21.45 49.94
CA GLU C 191 -11.81 20.44 49.35
C GLU C 191 -12.01 20.40 47.83
N PRO C 192 -10.95 20.58 47.04
CA PRO C 192 -11.10 20.53 45.59
C PRO C 192 -10.97 19.10 45.07
N LEU C 193 -11.06 18.91 43.75
CA LEU C 193 -10.96 17.59 43.15
C LEU C 193 -9.56 17.41 42.57
N CYS C 194 -8.86 16.37 43.02
CA CYS C 194 -7.52 16.03 42.60
C CYS C 194 -7.50 14.67 41.91
N LEU C 195 -6.71 14.58 40.84
CA LEU C 195 -6.56 13.34 40.12
C LEU C 195 -5.53 12.43 40.79
N PHE C 196 -4.77 12.97 41.73
CA PHE C 196 -3.74 12.24 42.49
C PHE C 196 -3.46 13.01 43.76
N LYS C 197 -3.87 12.47 44.90
CA LYS C 197 -3.69 13.11 46.19
C LYS C 197 -3.29 12.06 47.23
N LYS C 198 -1.99 11.96 47.51
CA LYS C 198 -1.49 11.02 48.51
C LYS C 198 -0.09 11.48 48.91
N ASN C 199 0.41 10.89 49.99
CA ASN C 199 1.70 11.24 50.56
C ASN C 199 2.65 10.06 50.74
N PHE C 200 3.86 10.19 50.21
CA PHE C 200 4.93 9.19 50.29
C PHE C 200 6.13 9.81 50.98
N THR C 201 6.78 9.01 51.84
CA THR C 201 7.94 9.44 52.61
C THR C 201 9.22 8.89 51.98
N TYR C 202 10.27 9.71 51.94
CA TYR C 202 11.55 9.34 51.37
C TYR C 202 12.60 9.26 52.46
N ASN C 203 13.77 8.73 52.11
CA ASN C 203 14.91 8.64 53.01
C ASN C 203 15.53 10.02 53.08
N VAL C 204 15.27 10.75 54.17
CA VAL C 204 15.79 12.09 54.34
C VAL C 204 17.29 12.13 54.60
N SER C 205 17.89 11.00 54.99
CA SER C 205 19.32 10.96 55.27
C SER C 205 20.20 10.95 54.03
N THR C 206 19.63 10.82 52.84
CA THR C 206 20.45 10.79 51.62
C THR C 206 20.99 12.19 51.31
N ASP C 207 21.84 12.27 50.28
CA ASP C 207 22.46 13.53 49.89
C ASP C 207 21.87 14.16 48.64
N TRP C 208 21.36 13.37 47.69
CA TRP C 208 20.79 13.92 46.46
C TRP C 208 19.39 13.38 46.26
N LEU C 209 18.69 13.99 45.29
CA LEU C 209 17.32 13.61 44.95
C LEU C 209 17.08 14.05 43.51
N TYR C 210 16.74 13.09 42.64
CA TYR C 210 16.52 13.35 41.23
C TYR C 210 15.04 13.21 40.90
N PHE C 211 14.52 14.12 40.08
CA PHE C 211 13.12 14.14 39.67
C PHE C 211 13.04 14.00 38.15
N HIS C 212 11.81 13.84 37.65
CA HIS C 212 11.56 13.69 36.21
C HIS C 212 10.10 14.00 35.92
N PHE C 213 9.85 14.93 34.98
CA PHE C 213 8.48 15.29 34.62
C PHE C 213 8.46 15.60 33.12
N TYR C 214 7.76 14.75 32.35
CA TYR C 214 7.62 14.94 30.91
C TYR C 214 6.20 14.56 30.53
N GLN C 215 5.66 15.27 29.55
CA GLN C 215 4.29 15.05 29.07
C GLN C 215 4.30 14.48 27.66
N GLU C 216 3.51 13.43 27.45
CA GLU C 216 3.39 12.77 26.16
C GLU C 216 1.93 12.40 25.94
N ARG C 217 1.35 12.90 24.85
CA ARG C 217 -0.05 12.66 24.47
C ARG C 217 -1.01 13.08 25.58
N GLY C 218 -0.68 14.17 26.26
CA GLY C 218 -1.52 14.65 27.35
C GLY C 218 -1.48 13.81 28.60
N THR C 219 -0.47 12.95 28.75
CA THR C 219 -0.33 12.08 29.90
C THR C 219 0.86 12.55 30.72
N PHE C 220 0.63 12.86 32.00
CA PHE C 220 1.69 13.32 32.87
C PHE C 220 2.52 12.15 33.38
N TYR C 221 3.74 12.46 33.83
CA TYR C 221 4.64 11.45 34.36
C TYR C 221 5.38 12.04 35.55
N ALA C 222 5.85 11.14 36.42
CA ALA C 222 6.59 11.55 37.61
C ALA C 222 7.54 10.43 38.00
N TYR C 223 8.76 10.79 38.36
CA TYR C 223 9.79 9.83 38.73
C TYR C 223 10.69 10.46 39.79
N TYR C 224 10.98 9.73 40.87
CA TYR C 224 11.88 10.27 41.90
C TYR C 224 12.71 9.11 42.45
N ALA C 225 13.91 9.46 42.94
CA ALA C 225 14.81 8.45 43.50
C ALA C 225 15.67 9.11 44.57
N ASP C 226 15.50 8.63 45.81
CA ASP C 226 16.27 9.16 46.92
C ASP C 226 17.72 8.67 46.91
N SER C 227 17.94 7.42 46.51
CA SER C 227 19.27 6.83 46.46
C SER C 227 19.52 6.25 45.08
N GLY C 228 20.76 6.33 44.63
CA GLY C 228 21.14 5.81 43.32
C GLY C 228 21.12 6.88 42.25
N MET C 229 21.79 6.58 41.14
CA MET C 229 21.88 7.50 40.01
C MET C 229 20.60 7.55 39.16
N PRO C 230 20.02 6.44 38.66
CA PRO C 230 18.79 6.57 37.87
C PRO C 230 17.58 6.77 38.78
N THR C 231 16.39 6.82 38.17
CA THR C 231 15.16 7.01 38.91
C THR C 231 14.11 6.00 38.50
N THR C 232 13.22 5.69 39.45
CA THR C 232 12.14 4.73 39.29
C THR C 232 10.80 5.42 39.03
N PHE C 233 9.82 4.60 38.66
CA PHE C 233 8.47 5.07 38.34
C PHE C 233 7.65 5.37 39.59
N LEU C 234 6.86 6.43 39.51
CA LEU C 234 6.00 6.84 40.62
C LEU C 234 4.53 6.63 40.31
N PHE C 235 3.93 7.37 39.36
CA PHE C 235 2.51 7.25 38.99
C PHE C 235 2.32 8.01 37.68
N SER C 236 1.19 7.77 37.00
CA SER C 236 0.89 8.45 35.73
C SER C 236 -0.59 8.80 35.62
N LEU C 237 -0.89 9.89 34.90
CA LEU C 237 -2.23 10.43 34.64
C LEU C 237 -2.51 10.60 33.15
N TYR C 238 -3.65 11.25 32.89
CA TYR C 238 -4.17 11.60 31.58
C TYR C 238 -4.83 12.97 31.71
N LEU C 239 -4.14 14.01 31.25
CA LEU C 239 -4.65 15.38 31.36
C LEU C 239 -5.26 15.89 30.05
N GLY C 240 -4.51 15.84 28.96
CA GLY C 240 -4.97 16.32 27.67
C GLY C 240 -4.57 17.76 27.44
N THR C 241 -4.56 18.56 28.51
CA THR C 241 -4.17 19.95 28.41
C THR C 241 -2.66 20.06 28.27
N LEU C 242 -2.21 20.81 27.27
CA LEU C 242 -0.78 20.97 27.03
C LEU C 242 -0.17 21.89 28.07
N LEU C 243 0.79 21.37 28.82
CA LEU C 243 1.46 22.16 29.85
C LEU C 243 2.38 23.18 29.18
N SER C 244 2.49 24.36 29.78
CA SER C 244 3.33 25.41 29.19
C SER C 244 4.29 26.12 30.14
N HIS C 245 4.06 26.10 31.45
CA HIS C 245 4.94 26.79 32.37
C HIS C 245 5.29 25.91 33.56
N TYR C 246 6.10 26.47 34.46
CA TYR C 246 6.59 25.87 35.69
C TYR C 246 7.27 26.98 36.48
N TYR C 247 7.14 26.95 37.81
CA TYR C 247 7.72 27.98 38.65
C TYR C 247 8.28 27.37 39.92
N VAL C 248 8.98 28.21 40.69
CA VAL C 248 9.59 27.85 41.95
C VAL C 248 8.96 28.75 43.01
N LEU C 249 8.26 28.15 43.95
CA LEU C 249 7.62 28.94 45.01
C LEU C 249 8.65 29.51 45.95
N PRO C 250 8.65 30.82 46.21
CA PRO C 250 9.62 31.40 47.14
C PRO C 250 9.30 30.95 48.56
N LEU C 251 10.35 30.88 49.37
CA LEU C 251 10.22 30.42 50.75
C LEU C 251 10.35 31.60 51.71
N THR C 252 9.24 31.95 52.37
CA THR C 252 9.23 33.01 53.38
C THR C 252 9.67 32.36 54.69
N CYS C 253 10.93 31.94 54.69
CA CYS C 253 11.54 31.21 55.79
C CYS C 253 12.46 32.14 56.57
N ASN C 254 12.37 32.09 57.90
CA ASN C 254 13.18 32.95 58.74
C ASN C 254 14.64 32.50 58.82
N ALA C 255 14.93 31.22 58.62
CA ALA C 255 16.30 30.70 58.70
C ALA C 255 16.66 29.94 57.43
N ILE C 256 17.35 30.61 56.52
CA ILE C 256 17.81 30.01 55.28
C ILE C 256 19.33 29.97 55.22
N SER C 257 19.97 31.11 55.46
CA SER C 257 21.43 31.23 55.48
C SER C 257 21.97 31.48 56.87
N SER C 258 21.30 32.36 57.64
CA SER C 258 21.66 32.71 59.01
C SER C 258 23.12 33.18 59.11
N ASN C 259 23.42 34.26 58.39
CA ASN C 259 24.75 34.88 58.34
C ASN C 259 25.80 33.88 57.87
N THR C 260 25.50 33.21 56.74
CA THR C 260 26.35 32.20 56.09
C THR C 260 26.74 31.07 57.04
N ASP C 261 25.75 30.57 57.80
CA ASP C 261 25.98 29.46 58.72
C ASP C 261 25.09 28.26 58.47
N ASN C 262 24.30 28.28 57.39
CA ASN C 262 23.41 27.17 57.06
C ASN C 262 23.44 26.95 55.55
N GLU C 263 22.87 25.81 55.13
CA GLU C 263 22.84 25.47 53.72
C GLU C 263 21.88 26.37 52.95
N THR C 264 22.33 26.82 51.78
CA THR C 264 21.57 27.69 50.89
C THR C 264 20.69 26.83 49.98
N LEU C 265 20.15 27.42 48.92
CA LEU C 265 19.32 26.73 47.97
C LEU C 265 20.09 26.49 46.68
N GLN C 266 20.09 25.24 46.19
CA GLN C 266 20.78 24.86 44.96
C GLN C 266 19.85 24.04 44.06
N TYR C 267 18.65 24.56 43.84
CA TYR C 267 17.67 23.87 43.02
C TYR C 267 18.00 24.07 41.54
N TRP C 268 18.09 22.97 40.78
CA TRP C 268 18.42 23.03 39.36
C TRP C 268 17.31 22.44 38.49
N VAL C 269 17.20 22.95 37.26
CA VAL C 269 16.22 22.51 36.27
C VAL C 269 16.96 22.34 34.95
N THR C 270 16.51 21.36 34.13
CA THR C 270 17.15 21.12 32.83
C THR C 270 16.13 20.69 31.78
N PRO C 271 16.07 21.37 30.63
CA PRO C 271 15.11 21.00 29.59
C PRO C 271 15.48 19.70 28.87
N LEU C 272 14.47 19.10 28.25
CA LEU C 272 14.60 17.85 27.50
C LEU C 272 14.10 17.99 26.06
N SER C 273 14.29 16.92 25.30
CA SER C 273 13.87 16.85 23.91
C SER C 273 13.75 15.37 23.52
N LYS C 274 13.11 15.13 22.37
CA LYS C 274 12.92 13.78 21.87
C LYS C 274 14.25 13.19 21.37
N ARG C 275 14.91 12.42 22.24
CA ARG C 275 16.19 11.79 21.93
C ARG C 275 16.10 10.29 22.15
N GLN C 276 17.18 9.59 21.84
CA GLN C 276 17.26 8.15 21.99
C GLN C 276 18.61 7.77 22.60
N TYR C 277 18.59 6.77 23.48
CA TYR C 277 19.82 6.32 24.14
C TYR C 277 20.10 4.84 23.91
N LEU C 278 21.15 4.36 24.58
CA LEU C 278 21.58 2.96 24.55
C LEU C 278 21.77 2.61 26.02
N LEU C 279 20.70 2.16 26.66
CA LEU C 279 20.75 1.82 28.07
C LEU C 279 21.32 0.42 28.28
N LYS C 280 22.33 0.32 29.13
CA LYS C 280 22.97 -0.95 29.44
C LYS C 280 22.50 -1.43 30.81
N PHE C 281 21.95 -2.63 30.86
CA PHE C 281 21.44 -3.22 32.09
C PHE C 281 22.41 -4.27 32.61
N ASP C 282 22.60 -4.29 33.93
CA ASP C 282 23.50 -5.25 34.56
C ASP C 282 22.75 -6.55 34.83
N ASP C 283 23.36 -7.43 35.63
CA ASP C 283 22.74 -8.72 35.96
C ASP C 283 21.49 -8.54 36.81
N ARG C 284 21.46 -7.50 37.65
CA ARG C 284 20.32 -7.21 38.50
C ARG C 284 19.33 -6.29 37.79
N GLY C 285 19.76 -5.59 36.75
CA GLY C 285 18.92 -4.67 36.02
C GLY C 285 19.11 -3.24 36.47
N VAL C 286 20.35 -2.85 36.72
CA VAL C 286 20.69 -1.50 37.16
C VAL C 286 21.44 -0.82 36.04
N ILE C 287 20.99 0.38 35.68
CA ILE C 287 21.62 1.13 34.60
C ILE C 287 22.99 1.62 35.07
N THR C 288 24.03 1.31 34.29
CA THR C 288 25.40 1.70 34.62
C THR C 288 25.96 2.73 33.65
N ASN C 289 25.86 2.46 32.34
CA ASN C 289 26.36 3.38 31.32
C ASN C 289 25.27 3.63 30.29
N ALA C 290 25.25 4.86 29.77
CA ALA C 290 24.27 5.27 28.79
C ALA C 290 24.96 6.07 27.70
N VAL C 291 24.56 5.85 26.44
CA VAL C 291 25.12 6.54 25.28
C VAL C 291 24.15 7.65 24.90
N ASP C 292 24.68 8.87 24.73
CA ASP C 292 23.86 10.02 24.39
C ASP C 292 23.22 9.92 23.01
N CYS C 293 23.97 9.43 22.02
CA CYS C 293 23.67 9.25 20.59
C CYS C 293 23.65 10.58 19.83
N SER C 294 23.77 11.72 20.51
CA SER C 294 23.76 13.00 19.83
C SER C 294 24.78 14.00 20.36
N SER C 295 25.57 13.63 21.37
CA SER C 295 26.57 14.56 21.90
C SER C 295 27.64 14.87 20.86
N SER C 296 28.11 13.85 20.16
CA SER C 296 29.12 13.97 19.12
C SER C 296 29.03 12.74 18.23
N PHE C 297 30.02 12.58 17.36
CA PHE C 297 30.04 11.43 16.46
C PHE C 297 30.39 10.15 17.23
N PHE C 298 31.09 10.30 18.36
CA PHE C 298 31.48 9.17 19.19
C PHE C 298 30.25 8.45 19.73
N SER C 299 29.28 9.20 20.23
CA SER C 299 28.06 8.59 20.76
C SER C 299 27.25 7.93 19.65
N GLU C 300 27.26 8.52 18.44
CA GLU C 300 26.53 7.92 17.32
C GLU C 300 27.13 6.58 16.94
N ILE C 301 28.46 6.50 16.85
CA ILE C 301 29.10 5.23 16.51
C ILE C 301 28.91 4.23 17.65
N GLN C 302 28.91 4.72 18.89
CA GLN C 302 28.72 3.83 20.04
C GLN C 302 27.34 3.18 20.03
N CYS C 303 26.29 3.98 19.87
CA CYS C 303 24.95 3.40 19.88
C CYS C 303 24.49 2.90 18.51
N LYS C 304 25.33 2.97 17.48
CA LYS C 304 24.92 2.45 16.18
C LYS C 304 24.98 0.93 16.15
N THR C 305 25.92 0.31 16.86
CA THR C 305 26.06 -1.14 16.89
C THR C 305 25.66 -1.76 18.22
N LYS C 306 24.96 -0.99 19.08
CA LYS C 306 24.48 -1.45 20.40
C LYS C 306 25.62 -1.99 21.28
N SER C 307 26.76 -1.31 21.27
CA SER C 307 27.90 -1.74 22.08
C SER C 307 28.67 -0.52 22.56
N LEU C 308 29.13 -0.56 23.81
CA LEU C 308 29.88 0.56 24.36
C LEU C 308 31.22 0.72 23.65
N LEU C 309 31.80 -0.37 23.17
CA LEU C 309 33.07 -0.36 22.44
C LEU C 309 32.82 -1.04 21.11
N PRO C 310 32.37 -0.30 20.10
CA PRO C 310 32.09 -0.91 18.79
C PRO C 310 33.37 -1.38 18.10
N ASN C 311 33.17 -2.28 17.14
CA ASN C 311 34.29 -2.85 16.39
C ASN C 311 34.89 -1.82 15.44
N THR C 312 36.08 -2.13 14.96
CA THR C 312 36.80 -1.25 14.04
C THR C 312 36.13 -1.25 12.67
N GLY C 313 36.42 -0.20 11.90
CA GLY C 313 35.90 -0.03 10.56
C GLY C 313 35.33 1.36 10.36
N VAL C 314 34.89 1.60 9.13
CA VAL C 314 34.32 2.88 8.77
C VAL C 314 32.84 2.91 9.15
N TYR C 315 32.39 4.04 9.67
CA TYR C 315 31.01 4.21 10.11
C TYR C 315 30.43 5.44 9.42
N ASP C 316 29.56 5.22 8.43
CA ASP C 316 28.93 6.32 7.71
C ASP C 316 27.78 6.82 8.57
N LEU C 317 27.97 7.97 9.22
CA LEU C 317 26.94 8.51 10.10
C LEU C 317 25.74 9.07 9.34
N SER C 318 24.70 8.26 9.19
CA SER C 318 23.49 8.67 8.50
C SER C 318 22.66 9.52 9.45
N GLY C 319 22.53 10.80 9.14
CA GLY C 319 21.79 11.72 9.99
C GLY C 319 22.67 12.80 10.57
N PHE C 320 23.71 13.17 9.83
CA PHE C 320 24.64 14.20 10.27
C PHE C 320 23.95 15.56 10.29
N THR C 321 24.22 16.34 11.34
CA THR C 321 23.63 17.66 11.49
C THR C 321 24.14 18.60 10.40
N VAL C 322 23.23 19.32 9.75
CA VAL C 322 23.60 20.23 8.67
C VAL C 322 23.27 21.66 9.04
N LYS C 323 22.32 21.84 9.98
CA LYS C 323 21.83 23.13 10.48
C LYS C 323 21.30 23.97 9.30
N PRO C 324 20.13 23.62 8.76
CA PRO C 324 19.60 24.39 7.62
C PRO C 324 18.75 25.58 8.06
N VAL C 325 18.19 26.29 7.08
CA VAL C 325 17.35 27.44 7.33
C VAL C 325 15.89 27.07 7.05
N ALA C 326 14.98 27.85 7.63
CA ALA C 326 13.55 27.61 7.48
C ALA C 326 13.01 28.37 6.26
N THR C 327 12.15 27.71 5.50
CA THR C 327 11.53 28.27 4.30
C THR C 327 10.02 28.13 4.38
N VAL C 328 9.31 29.26 4.42
CA VAL C 328 7.84 29.30 4.52
C VAL C 328 7.31 30.46 3.69
N HIS C 329 5.98 30.55 3.64
CA HIS C 329 5.17 31.57 2.93
C HIS C 329 5.62 31.78 1.48
N ARG C 330 5.39 30.75 0.68
CA ARG C 330 5.72 30.81 -0.75
C ARG C 330 4.86 31.87 -1.43
N ARG C 331 5.47 32.65 -2.33
CA ARG C 331 4.77 33.71 -3.02
C ARG C 331 4.60 33.41 -4.50
N ILE C 332 3.41 33.75 -5.02
CA ILE C 332 3.03 33.58 -6.42
C ILE C 332 3.45 34.87 -7.13
N PRO C 333 3.42 34.97 -8.47
CA PRO C 333 3.81 36.23 -9.12
C PRO C 333 2.93 37.40 -8.70
N ASP C 334 3.56 38.57 -8.62
CA ASP C 334 2.89 39.79 -8.18
C ASP C 334 1.83 40.25 -9.20
N LEU C 335 0.90 41.07 -8.69
CA LEU C 335 -0.24 41.72 -9.32
C LEU C 335 0.02 43.22 -9.44
N PRO C 336 -0.55 43.89 -10.44
CA PRO C 336 -0.34 45.34 -10.56
C PRO C 336 -0.92 46.12 -9.39
N ASP C 337 -0.26 47.22 -9.05
CA ASP C 337 -0.66 48.06 -7.94
C ASP C 337 -1.75 49.06 -8.34
N CYS C 338 -2.37 49.66 -7.32
CA CYS C 338 -3.42 50.65 -7.53
C CYS C 338 -2.90 52.04 -7.83
N ASP C 339 -1.59 52.28 -7.64
CA ASP C 339 -0.94 53.58 -7.88
C ASP C 339 -1.60 54.69 -7.07
N ILE C 340 -1.86 54.41 -5.78
CA ILE C 340 -2.49 55.40 -4.91
C ILE C 340 -1.52 56.53 -4.60
N ASP C 341 -0.24 56.20 -4.39
CA ASP C 341 0.76 57.22 -4.07
C ASP C 341 0.95 58.20 -5.21
N LYS C 342 0.74 57.76 -6.45
CA LYS C 342 0.88 58.67 -7.59
C LYS C 342 -0.30 59.63 -7.67
N TRP C 343 -1.44 59.25 -7.10
CA TRP C 343 -2.62 60.11 -7.12
C TRP C 343 -2.64 61.07 -5.94
N LEU C 344 -2.23 60.61 -4.76
CA LEU C 344 -2.23 61.49 -3.58
C LEU C 344 -1.17 62.56 -3.69
N ASN C 345 -0.05 62.27 -4.36
CA ASN C 345 1.03 63.24 -4.53
C ASN C 345 0.89 64.04 -5.82
N ASN C 346 -0.32 64.16 -6.35
CA ASN C 346 -0.54 64.91 -7.58
C ASN C 346 -0.37 66.41 -7.34
N PHE C 347 0.28 67.08 -8.30
CA PHE C 347 0.51 68.51 -8.18
C PHE C 347 -0.74 69.33 -8.48
N ASN C 348 -1.76 68.75 -9.12
CA ASN C 348 -2.99 69.46 -9.44
C ASN C 348 -4.00 69.22 -8.32
N VAL C 349 -3.81 69.95 -7.22
CA VAL C 349 -4.72 69.81 -6.07
C VAL C 349 -6.05 70.47 -6.41
N PRO C 350 -7.18 69.88 -6.02
CA PRO C 350 -8.49 70.47 -6.32
C PRO C 350 -9.01 71.33 -5.17
N SER C 351 -10.02 72.12 -5.50
CA SER C 351 -10.67 73.01 -4.54
C SER C 351 -11.66 72.22 -3.70
N PRO C 352 -12.01 72.71 -2.50
CA PRO C 352 -12.98 71.98 -1.66
C PRO C 352 -14.37 71.88 -2.27
N LEU C 353 -14.73 72.76 -3.20
CA LEU C 353 -16.04 72.70 -3.82
C LEU C 353 -16.18 71.51 -4.76
N ASN C 354 -15.08 71.13 -5.42
CA ASN C 354 -15.07 70.00 -6.37
C ASN C 354 -13.94 69.03 -5.99
N TRP C 355 -14.24 68.09 -5.09
CA TRP C 355 -13.24 67.12 -4.69
C TRP C 355 -13.11 66.02 -5.74
N GLU C 356 -11.89 65.55 -5.94
CA GLU C 356 -11.63 64.51 -6.92
C GLU C 356 -12.14 63.16 -6.42
N ARG C 357 -12.85 62.45 -7.28
CA ARG C 357 -13.40 61.13 -6.95
C ARG C 357 -12.58 60.06 -7.66
N LYS C 358 -12.03 59.13 -6.89
CA LYS C 358 -11.22 58.04 -7.43
C LYS C 358 -11.60 56.74 -6.75
N ILE C 359 -11.87 55.71 -7.55
CA ILE C 359 -12.25 54.39 -7.05
C ILE C 359 -11.22 53.38 -7.53
N PHE C 360 -10.69 52.58 -6.61
CA PHE C 360 -9.70 51.56 -6.91
C PHE C 360 -10.33 50.19 -6.72
N SER C 361 -10.26 49.36 -7.76
CA SER C 361 -10.85 48.03 -7.70
C SER C 361 -9.94 47.01 -8.36
N ASN C 362 -9.83 45.84 -7.75
CA ASN C 362 -9.03 44.70 -8.21
C ASN C 362 -7.56 45.09 -8.44
N CYS C 363 -6.91 45.47 -7.35
CA CYS C 363 -5.50 45.84 -7.37
C CYS C 363 -4.95 45.66 -5.96
N ASN C 364 -3.68 46.03 -5.77
CA ASN C 364 -3.02 45.90 -4.49
C ASN C 364 -2.28 47.19 -4.14
N PHE C 365 -1.98 47.34 -2.85
CA PHE C 365 -1.25 48.51 -2.38
C PHE C 365 -0.59 48.16 -1.05
N ASN C 366 0.38 48.99 -0.68
CA ASN C 366 1.12 48.83 0.57
C ASN C 366 0.89 50.04 1.44
N LEU C 367 0.41 49.83 2.67
CA LEU C 367 0.13 50.93 3.58
C LEU C 367 1.41 51.52 4.17
N SER C 368 2.39 50.67 4.50
CA SER C 368 3.64 51.16 5.09
C SER C 368 4.41 52.04 4.11
N THR C 369 4.54 51.59 2.86
CA THR C 369 5.26 52.38 1.86
C THR C 369 4.51 53.66 1.53
N LEU C 370 3.16 53.60 1.54
CA LEU C 370 2.36 54.78 1.26
C LEU C 370 2.54 55.82 2.36
N LEU C 371 2.49 55.39 3.62
CA LEU C 371 2.66 56.32 4.73
C LEU C 371 4.09 56.85 4.81
N ARG C 372 5.08 56.04 4.44
CA ARG C 372 6.46 56.50 4.47
C ARG C 372 6.73 57.48 3.34
N LEU C 373 6.11 57.28 2.18
CA LEU C 373 6.33 58.17 1.04
C LEU C 373 5.60 59.50 1.19
N VAL C 374 4.42 59.51 1.82
CA VAL C 374 3.66 60.74 1.97
C VAL C 374 4.13 61.44 3.25
N HIS C 375 3.98 62.76 3.28
CA HIS C 375 4.38 63.56 4.44
C HIS C 375 3.17 63.72 5.36
N THR C 376 2.78 62.60 5.96
CA THR C 376 1.64 62.58 6.86
C THR C 376 1.98 63.26 8.19
N ASP C 377 0.94 63.73 8.86
CA ASP C 377 1.07 64.41 10.15
C ASP C 377 0.20 63.79 11.22
N SER C 378 -0.99 63.29 10.87
CA SER C 378 -1.88 62.67 11.83
C SER C 378 -2.72 61.62 11.12
N PHE C 379 -3.25 60.68 11.90
CA PHE C 379 -4.07 59.60 11.35
C PHE C 379 -5.16 59.26 12.35
N SER C 380 -6.41 59.45 11.93
CA SER C 380 -7.57 59.17 12.77
C SER C 380 -8.60 58.39 11.96
N CYS C 381 -9.41 57.59 12.65
CA CYS C 381 -10.43 56.78 12.01
C CYS C 381 -11.69 56.81 12.84
N ASN C 382 -12.82 56.58 12.18
CA ASN C 382 -14.14 56.56 12.80
C ASN C 382 -14.66 55.13 12.80
N ASN C 383 -14.89 54.58 13.99
CA ASN C 383 -15.38 53.21 14.20
C ASN C 383 -14.46 52.17 13.57
N PHE C 384 -13.17 52.48 13.53
CA PHE C 384 -12.16 51.59 12.96
C PHE C 384 -10.81 51.98 13.52
N ASP C 385 -9.84 51.08 13.35
CA ASP C 385 -8.49 51.31 13.84
C ASP C 385 -7.49 50.92 12.76
N GLU C 386 -6.31 51.54 12.80
CA GLU C 386 -5.27 51.25 11.83
C GLU C 386 -4.66 49.87 12.02
N SER C 387 -4.80 49.28 13.21
CA SER C 387 -4.25 47.96 13.47
C SER C 387 -5.10 46.85 12.88
N LYS C 388 -6.36 47.11 12.55
CA LYS C 388 -7.24 46.10 11.98
C LYS C 388 -7.18 46.06 10.46
N ILE C 389 -6.43 46.98 9.84
CA ILE C 389 -6.30 46.98 8.39
C ILE C 389 -5.50 45.77 7.95
N TYR C 390 -4.54 45.34 8.77
CA TYR C 390 -3.67 44.21 8.48
C TYR C 390 -4.46 42.92 8.71
N GLY C 391 -4.78 42.21 7.62
CA GLY C 391 -5.51 40.95 7.74
C GLY C 391 -6.90 41.01 7.11
N SER C 392 -7.60 42.13 7.30
CA SER C 392 -8.93 42.30 6.74
C SER C 392 -8.83 42.87 5.34
N CYS C 393 -9.72 42.42 4.45
CA CYS C 393 -9.72 42.86 3.07
C CYS C 393 -11.05 43.55 2.76
N PHE C 394 -10.97 44.68 2.06
CA PHE C 394 -12.15 45.47 1.71
C PHE C 394 -12.58 45.22 0.28
N LYS C 395 -13.84 45.58 0.00
CA LYS C 395 -14.39 45.41 -1.35
C LYS C 395 -13.79 46.39 -2.34
N SER C 396 -13.72 47.67 -1.95
CA SER C 396 -13.17 48.71 -2.81
C SER C 396 -12.62 49.83 -1.94
N ILE C 397 -11.83 50.71 -2.56
CA ILE C 397 -11.20 51.83 -1.88
C ILE C 397 -11.76 53.12 -2.46
N VAL C 398 -12.31 53.98 -1.60
CA VAL C 398 -12.87 55.27 -1.98
C VAL C 398 -12.08 56.34 -1.25
N LEU C 399 -11.59 57.33 -1.99
CA LEU C 399 -10.79 58.40 -1.39
C LEU C 399 -11.33 59.76 -1.78
N ASP C 400 -10.99 60.74 -0.94
CA ASP C 400 -11.38 62.14 -1.12
C ASP C 400 -10.12 63.00 -1.04
N LYS C 401 -10.13 64.13 -1.74
CA LYS C 401 -8.98 65.01 -1.74
C LYS C 401 -9.41 66.44 -2.03
N PHE C 402 -9.05 67.35 -1.12
CA PHE C 402 -9.38 68.77 -1.26
C PHE C 402 -8.45 69.56 -0.35
N ALA C 403 -8.19 70.82 -0.74
CA ALA C 403 -7.32 71.68 0.03
C ALA C 403 -7.92 72.08 1.37
N ILE C 404 -7.06 72.34 2.33
CA ILE C 404 -7.43 72.73 3.69
C ILE C 404 -7.04 74.18 3.89
N PRO C 405 -7.98 75.09 4.16
CA PRO C 405 -7.62 76.50 4.38
C PRO C 405 -6.93 76.67 5.72
N ASN C 406 -6.15 77.74 5.81
CA ASN C 406 -5.42 78.02 7.05
C ASN C 406 -6.36 78.42 8.18
N SER C 407 -7.37 79.23 7.87
CA SER C 407 -8.33 79.69 8.87
C SER C 407 -9.48 78.71 9.08
N ARG C 408 -9.53 77.62 8.31
CA ARG C 408 -10.59 76.64 8.46
C ARG C 408 -10.03 75.27 8.82
N ARG C 409 -9.12 75.24 9.78
CA ARG C 409 -8.49 73.99 10.23
C ARG C 409 -9.07 73.47 11.53
N SER C 410 -9.42 74.37 12.46
CA SER C 410 -9.97 73.97 13.75
C SER C 410 -11.39 73.45 13.68
N ASP C 411 -12.08 73.59 12.54
CA ASP C 411 -13.46 73.11 12.42
C ASP C 411 -13.57 71.90 11.49
N LEU C 412 -12.48 71.15 11.32
CA LEU C 412 -12.48 69.96 10.47
C LEU C 412 -12.87 68.70 11.22
N GLN C 413 -13.10 68.77 12.52
CA GLN C 413 -13.47 67.59 13.30
C GLN C 413 -14.89 67.14 12.96
N LEU C 414 -15.15 65.86 13.21
CA LEU C 414 -16.47 65.29 12.94
C LEU C 414 -17.51 65.86 13.89
N GLY C 415 -18.68 66.19 13.34
CA GLY C 415 -19.77 66.74 14.12
C GLY C 415 -19.74 68.26 14.28
N SER C 416 -18.70 68.92 13.78
CA SER C 416 -18.62 70.37 13.90
C SER C 416 -19.60 71.04 12.94
N SER C 417 -20.30 72.06 13.44
CA SER C 417 -21.28 72.80 12.64
C SER C 417 -20.64 74.02 11.97
N GLY C 418 -19.56 73.80 11.23
CA GLY C 418 -18.88 74.87 10.55
C GLY C 418 -19.45 75.14 9.17
N PHE C 419 -18.85 76.11 8.48
CA PHE C 419 -19.30 76.46 7.14
C PHE C 419 -18.93 75.40 6.12
N LEU C 420 -17.83 74.67 6.37
CA LEU C 420 -17.40 73.64 5.43
C LEU C 420 -18.36 72.45 5.44
N GLN C 421 -18.70 71.95 6.63
CA GLN C 421 -19.60 70.82 6.75
C GLN C 421 -21.05 71.17 6.44
N SER C 422 -21.38 72.45 6.29
CA SER C 422 -22.74 72.86 6.00
C SER C 422 -23.00 73.16 4.53
N SER C 423 -21.99 73.59 3.77
CA SER C 423 -22.22 73.90 2.36
C SER C 423 -21.08 73.49 1.43
N ASN C 424 -20.04 72.79 1.91
CA ASN C 424 -18.93 72.40 1.05
C ASN C 424 -18.82 70.89 0.90
N TYR C 425 -18.69 70.15 2.00
CA TYR C 425 -18.56 68.70 1.95
C TYR C 425 -19.04 68.11 3.26
N LYS C 426 -19.74 66.99 3.17
CA LYS C 426 -20.27 66.29 4.34
C LYS C 426 -19.47 65.02 4.58
N ILE C 427 -19.09 64.77 5.82
CA ILE C 427 -18.32 63.60 6.21
C ILE C 427 -19.27 62.57 6.80
N ASP C 428 -19.25 61.36 6.25
CA ASP C 428 -20.12 60.29 6.73
C ASP C 428 -19.65 59.78 8.09
N THR C 429 -20.60 59.54 8.98
CA THR C 429 -20.31 59.05 10.32
C THR C 429 -20.90 57.68 10.62
N THR C 430 -21.94 57.25 9.90
CA THR C 430 -22.56 55.95 10.14
C THR C 430 -21.78 54.80 9.52
N SER C 431 -20.76 55.08 8.70
CA SER C 431 -19.97 54.06 8.06
C SER C 431 -18.51 54.19 8.50
N SER C 432 -17.76 53.10 8.35
CA SER C 432 -16.36 53.09 8.73
C SER C 432 -15.54 53.95 7.77
N SER C 433 -14.79 54.89 8.33
CA SER C 433 -13.96 55.78 7.51
C SER C 433 -12.75 56.20 8.32
N CYS C 434 -11.71 56.65 7.61
CA CYS C 434 -10.48 57.10 8.23
C CYS C 434 -10.13 58.48 7.70
N GLN C 435 -9.49 59.28 8.55
CA GLN C 435 -9.09 60.63 8.21
C GLN C 435 -7.57 60.71 8.18
N LEU C 436 -7.03 61.17 7.05
CA LEU C 436 -5.59 61.31 6.85
C LEU C 436 -5.25 62.77 6.65
N TYR C 437 -4.29 63.28 7.41
CA TYR C 437 -3.86 64.67 7.34
C TYR C 437 -2.41 64.71 6.85
N TYR C 438 -2.22 64.99 5.57
CA TYR C 438 -0.90 65.08 4.97
C TYR C 438 -0.69 66.47 4.42
N SER C 439 0.57 66.83 4.21
CA SER C 439 0.94 68.14 3.69
C SER C 439 1.79 68.00 2.44
N LEU C 440 1.72 69.02 1.59
CA LEU C 440 2.46 69.09 0.34
C LEU C 440 3.20 70.43 0.28
N PRO C 441 4.33 70.47 -0.42
CA PRO C 441 5.07 71.74 -0.51
C PRO C 441 4.31 72.80 -1.28
N ALA C 442 4.60 74.06 -0.96
CA ALA C 442 3.93 75.18 -1.61
C ALA C 442 4.27 75.28 -3.09
N ILE C 443 5.49 74.88 -3.48
CA ILE C 443 5.87 74.93 -4.88
C ILE C 443 5.16 73.82 -5.65
N ASN C 444 5.07 74.02 -6.97
CA ASN C 444 4.42 73.07 -7.91
C ASN C 444 2.97 72.78 -7.51
N VAL C 445 2.24 73.84 -7.17
CA VAL C 445 0.84 73.73 -6.77
C VAL C 445 -0.01 74.50 -7.78
N THR C 446 -0.97 73.81 -8.39
CA THR C 446 -1.87 74.39 -9.37
C THR C 446 -3.29 74.18 -8.88
N ILE C 447 -4.00 75.28 -8.63
CA ILE C 447 -5.36 75.19 -8.15
C ILE C 447 -6.33 75.02 -9.33
N ASN C 448 -7.51 74.48 -9.02
CA ASN C 448 -8.55 74.24 -10.01
C ASN C 448 -9.87 74.59 -9.35
N ASN C 449 -10.48 75.70 -9.77
CA ASN C 449 -11.74 76.16 -9.21
C ASN C 449 -12.84 76.01 -10.26
N TYR C 450 -13.90 75.28 -9.90
CA TYR C 450 -15.02 75.05 -10.79
C TYR C 450 -16.22 74.62 -9.97
N ASN C 451 -17.34 75.30 -10.15
CA ASN C 451 -18.55 74.96 -9.41
C ASN C 451 -19.25 73.74 -10.00
N PRO C 452 -19.52 72.70 -9.21
CA PRO C 452 -20.18 71.49 -9.75
C PRO C 452 -21.71 71.60 -9.71
N SER C 453 -22.24 72.56 -10.45
CA SER C 453 -23.68 72.79 -10.51
C SER C 453 -24.09 73.03 -11.96
N SER C 454 -25.36 72.75 -12.25
CA SER C 454 -25.89 72.92 -13.60
C SER C 454 -26.46 74.32 -13.82
N TRP C 455 -27.42 74.73 -12.98
CA TRP C 455 -28.03 76.05 -13.14
C TRP C 455 -27.06 77.18 -12.80
N ASN C 456 -26.09 76.93 -11.93
CA ASN C 456 -25.13 77.98 -11.57
C ASN C 456 -24.22 78.30 -12.75
N ARG C 457 -23.75 77.28 -13.47
CA ARG C 457 -22.87 77.51 -14.60
C ARG C 457 -23.64 77.87 -15.87
N ARG C 458 -24.84 77.32 -16.05
CA ARG C 458 -25.62 77.61 -17.25
C ARG C 458 -26.18 79.02 -17.27
N TYR C 459 -26.41 79.62 -16.10
CA TYR C 459 -26.98 80.98 -16.04
C TYR C 459 -25.87 82.02 -15.90
N GLY C 460 -25.13 82.19 -17.00
CA GLY C 460 -24.06 83.17 -17.10
C GLY C 460 -22.94 83.12 -16.08
N PHE C 461 -22.11 82.09 -16.11
CA PHE C 461 -20.99 81.95 -15.20
C PHE C 461 -19.71 81.74 -16.00
N ASN C 462 -18.76 82.65 -15.82
CA ASN C 462 -17.48 82.58 -16.52
C ASN C 462 -16.47 81.80 -15.66
N ASN C 463 -15.20 81.86 -16.04
CA ASN C 463 -14.16 81.17 -15.31
C ASN C 463 -13.92 81.86 -13.97
N PHE C 464 -13.45 81.07 -12.99
CA PHE C 464 -13.16 81.58 -11.65
C PHE C 464 -11.90 82.42 -11.69
N ASN C 465 -12.06 83.74 -11.78
CA ASN C 465 -10.93 84.67 -11.84
C ASN C 465 -10.47 84.94 -10.41
N LEU C 466 -9.60 84.08 -9.90
CA LEU C 466 -9.06 84.19 -8.55
C LEU C 466 -7.54 84.25 -8.61
N SER C 467 -6.94 84.60 -7.48
CA SER C 467 -5.50 84.71 -7.38
C SER C 467 -4.86 83.32 -7.24
N SER C 468 -3.53 83.29 -7.29
CA SER C 468 -2.81 82.04 -7.17
C SER C 468 -2.87 81.52 -5.74
N HIS C 469 -2.96 80.18 -5.62
CA HIS C 469 -3.03 79.48 -4.33
C HIS C 469 -4.19 79.98 -3.47
N SER C 470 -5.33 80.22 -4.11
CA SER C 470 -6.53 80.70 -3.43
C SER C 470 -7.48 79.52 -3.20
N VAL C 471 -7.75 79.21 -1.94
CA VAL C 471 -8.63 78.12 -1.56
C VAL C 471 -10.02 78.73 -1.34
N VAL C 472 -10.91 78.54 -2.31
CA VAL C 472 -12.26 79.07 -2.22
C VAL C 472 -13.14 78.09 -1.45
N TYR C 473 -14.04 78.62 -0.63
CA TYR C 473 -14.95 77.81 0.17
C TYR C 473 -16.28 78.54 0.27
N SER C 474 -17.36 77.83 -0.02
CA SER C 474 -18.69 78.43 0.02
C SER C 474 -19.22 78.46 1.45
N ARG C 475 -20.17 79.37 1.68
CA ARG C 475 -20.81 79.54 2.98
C ARG C 475 -22.27 79.14 2.95
N TYR C 476 -23.04 79.63 1.99
CA TYR C 476 -24.46 79.31 1.85
C TYR C 476 -24.69 78.79 0.44
N CYS C 477 -25.37 77.66 0.33
CA CYS C 477 -25.68 77.03 -0.95
C CYS C 477 -27.20 76.95 -1.10
N PHE C 478 -27.70 77.41 -2.26
CA PHE C 478 -29.12 77.39 -2.55
C PHE C 478 -29.39 76.50 -3.75
N SER C 479 -30.62 75.98 -3.80
CA SER C 479 -31.04 75.10 -4.88
C SER C 479 -32.33 75.64 -5.51
N VAL C 480 -32.46 75.43 -6.81
CA VAL C 480 -33.62 75.88 -7.57
C VAL C 480 -34.29 74.65 -8.20
N ASN C 481 -35.52 74.85 -8.66
CA ASN C 481 -36.27 73.78 -9.29
C ASN C 481 -35.85 73.66 -10.76
N ASN C 482 -36.36 72.65 -11.44
CA ASN C 482 -36.06 72.41 -12.84
C ASN C 482 -37.01 73.13 -13.79
N THR C 483 -37.94 73.92 -13.26
CA THR C 483 -38.91 74.65 -14.06
C THR C 483 -39.00 76.12 -13.66
N PHE C 484 -37.91 76.67 -13.13
CA PHE C 484 -37.86 78.06 -12.70
C PHE C 484 -36.69 78.77 -13.35
N CYS C 485 -36.97 79.92 -13.98
CA CYS C 485 -35.94 80.72 -14.64
C CYS C 485 -35.78 82.02 -13.87
N PRO C 486 -34.54 82.42 -13.52
CA PRO C 486 -34.36 83.67 -12.76
C PRO C 486 -34.57 84.92 -13.59
N CYS C 487 -35.80 85.12 -14.06
CA CYS C 487 -36.19 86.25 -14.88
C CYS C 487 -37.72 86.27 -14.93
N ALA C 488 -38.27 87.31 -15.57
CA ALA C 488 -39.71 87.45 -15.67
C ALA C 488 -40.15 87.82 -17.07
N LYS C 489 -41.43 88.21 -17.24
CA LYS C 489 -42.01 88.61 -18.51
C LYS C 489 -41.68 90.07 -18.82
N PRO C 490 -41.49 90.41 -20.10
CA PRO C 490 -41.17 91.81 -20.46
C PRO C 490 -42.38 92.74 -20.40
N SER C 491 -43.59 92.23 -20.20
CA SER C 491 -44.76 93.11 -20.14
C SER C 491 -44.76 93.96 -18.87
N PHE C 492 -44.31 93.40 -17.75
CA PHE C 492 -44.28 94.12 -16.49
C PHE C 492 -43.00 94.94 -16.32
N ALA C 493 -41.96 94.66 -17.11
CA ALA C 493 -40.71 95.40 -16.98
C ALA C 493 -40.86 96.86 -17.43
N SER C 494 -41.73 97.11 -18.40
CA SER C 494 -41.95 98.46 -18.91
C SER C 494 -43.06 99.20 -18.15
N SER C 495 -43.67 98.56 -17.15
CA SER C 495 -44.75 99.18 -16.38
C SER C 495 -44.24 99.96 -15.18
N CYS C 496 -42.95 99.89 -14.86
CA CYS C 496 -42.37 100.59 -13.72
C CYS C 496 -41.46 101.69 -14.25
N LYS C 497 -41.74 102.93 -13.83
CA LYS C 497 -40.91 104.05 -14.29
C LYS C 497 -39.57 104.08 -13.57
N SER C 498 -39.55 103.77 -12.28
CA SER C 498 -38.34 103.77 -11.48
C SER C 498 -38.18 102.41 -10.81
N HIS C 499 -36.93 101.97 -10.67
CA HIS C 499 -36.56 100.69 -10.06
C HIS C 499 -37.26 99.52 -10.75
N LYS C 500 -37.29 99.55 -12.08
CA LYS C 500 -37.94 98.49 -12.83
C LYS C 500 -37.11 97.21 -12.77
N PRO C 501 -37.76 96.05 -12.74
CA PRO C 501 -37.02 94.79 -12.69
C PRO C 501 -36.65 94.31 -14.06
N PRO C 502 -35.40 93.87 -14.26
CA PRO C 502 -35.00 93.38 -15.59
C PRO C 502 -35.65 92.04 -15.91
N SER C 503 -35.84 91.80 -17.20
CA SER C 503 -36.47 90.57 -17.64
C SER C 503 -36.00 90.18 -19.03
N ALA C 504 -36.15 88.91 -19.35
CA ALA C 504 -35.76 88.34 -20.64
C ALA C 504 -36.71 87.17 -20.93
N SER C 505 -36.31 86.29 -21.84
CA SER C 505 -37.14 85.14 -22.20
C SER C 505 -36.37 83.84 -21.93
N CYS C 506 -36.79 83.10 -20.91
CA CYS C 506 -36.16 81.83 -20.57
C CYS C 506 -36.70 80.75 -21.50
N PRO C 507 -35.96 79.63 -21.66
CA PRO C 507 -36.43 78.55 -22.56
C PRO C 507 -37.73 77.91 -22.08
N ILE C 508 -38.23 77.00 -22.92
CA ILE C 508 -39.47 76.30 -22.64
C ILE C 508 -39.30 75.40 -21.41
N GLY C 509 -40.40 75.14 -20.72
CA GLY C 509 -40.38 74.32 -19.53
C GLY C 509 -40.00 75.05 -18.27
N THR C 510 -40.05 76.38 -18.27
CA THR C 510 -39.71 77.18 -17.10
C THR C 510 -40.84 78.13 -16.77
N ASN C 511 -40.88 78.56 -15.52
CA ASN C 511 -41.91 79.47 -15.01
C ASN C 511 -41.28 80.82 -14.70
N TYR C 512 -42.02 81.89 -15.01
CA TYR C 512 -41.54 83.25 -14.77
C TYR C 512 -41.75 83.63 -13.31
N ARG C 513 -41.53 84.90 -13.00
CA ARG C 513 -41.66 85.42 -11.64
C ARG C 513 -43.12 85.81 -11.37
N SER C 514 -43.36 86.44 -10.22
CA SER C 514 -44.69 86.88 -9.80
C SER C 514 -44.61 88.32 -9.29
N CYS C 515 -43.97 89.19 -10.08
CA CYS C 515 -43.83 90.59 -9.71
C CYS C 515 -45.17 91.31 -9.68
N GLU C 516 -45.28 92.26 -8.76
CA GLU C 516 -46.50 93.06 -8.59
C GLU C 516 -46.10 94.43 -8.06
N SER C 517 -46.99 95.39 -8.28
CA SER C 517 -46.76 96.78 -7.87
C SER C 517 -47.35 97.07 -6.49
N THR C 518 -46.58 97.78 -5.68
CA THR C 518 -46.94 98.20 -4.32
C THR C 518 -46.62 99.67 -4.12
N THR C 519 -47.06 100.51 -5.06
CA THR C 519 -46.81 101.94 -4.99
C THR C 519 -47.56 102.56 -3.82
N VAL C 520 -46.81 103.23 -2.93
CA VAL C 520 -47.38 103.87 -1.75
C VAL C 520 -47.02 105.36 -1.79
N LEU C 521 -46.96 105.92 -3.00
CA LEU C 521 -46.64 107.32 -3.31
C LEU C 521 -45.21 107.70 -2.94
N ASP C 522 -44.36 106.73 -2.60
CA ASP C 522 -42.98 107.05 -2.26
C ASP C 522 -42.16 107.38 -3.51
N HIS C 523 -42.41 106.67 -4.60
CA HIS C 523 -41.71 106.89 -5.86
C HIS C 523 -42.70 106.98 -7.00
N THR C 524 -42.21 107.01 -8.24
CA THR C 524 -43.11 107.09 -9.40
C THR C 524 -43.86 105.78 -9.59
N ASP C 525 -43.16 104.65 -9.52
CA ASP C 525 -43.77 103.34 -9.69
C ASP C 525 -42.94 102.34 -8.88
N TRP C 526 -43.38 102.06 -7.65
CA TRP C 526 -42.68 101.14 -6.76
C TRP C 526 -43.24 99.73 -6.97
N CYS C 527 -42.44 98.86 -7.59
CA CYS C 527 -42.83 97.49 -7.86
C CYS C 527 -41.75 96.56 -7.32
N ARG C 528 -42.18 95.45 -6.71
CA ARG C 528 -41.26 94.48 -6.14
C ARG C 528 -41.67 93.08 -6.56
N CYS C 529 -40.70 92.17 -6.52
CA CYS C 529 -40.89 90.77 -6.88
C CYS C 529 -40.58 89.89 -5.67
N SER C 530 -40.61 88.58 -5.88
CA SER C 530 -40.34 87.63 -4.81
C SER C 530 -38.83 87.53 -4.56
N CYS C 531 -38.49 86.98 -3.38
CA CYS C 531 -37.11 86.77 -2.94
C CYS C 531 -36.33 88.09 -2.91
N LEU C 532 -36.86 89.05 -2.16
CA LEU C 532 -36.24 90.37 -2.02
C LEU C 532 -36.00 90.70 -0.55
N PRO C 533 -34.89 91.38 -0.23
CA PRO C 533 -33.84 91.85 -1.15
C PRO C 533 -32.79 90.79 -1.45
N ASP C 534 -32.86 89.66 -0.74
CA ASP C 534 -31.93 88.56 -0.93
C ASP C 534 -32.62 87.25 -0.55
N PRO C 535 -32.23 86.13 -1.17
CA PRO C 535 -32.89 84.86 -0.84
C PRO C 535 -32.62 84.35 0.57
N ILE C 536 -31.52 84.75 1.21
CA ILE C 536 -31.23 84.28 2.56
C ILE C 536 -32.20 84.86 3.57
N THR C 537 -32.47 86.15 3.49
CA THR C 537 -33.38 86.84 4.40
C THR C 537 -34.58 87.34 3.58
N ALA C 538 -35.64 86.53 3.55
CA ALA C 538 -36.85 86.87 2.81
C ALA C 538 -38.03 86.88 3.76
N TYR C 539 -38.98 87.79 3.53
CA TYR C 539 -40.16 87.89 4.37
C TYR C 539 -41.09 86.70 4.17
N ASP C 540 -41.17 86.17 2.94
CA ASP C 540 -42.02 85.02 2.62
C ASP C 540 -41.15 83.97 1.93
N PRO C 541 -40.47 83.13 2.72
CA PRO C 541 -39.62 82.08 2.11
C PRO C 541 -40.40 80.99 1.39
N ARG C 542 -41.70 80.86 1.65
CA ARG C 542 -42.49 79.83 0.97
C ARG C 542 -42.68 80.17 -0.50
N SER C 543 -42.83 81.45 -0.83
CA SER C 543 -43.01 81.89 -2.21
C SER C 543 -41.69 82.07 -2.95
N CYS C 544 -40.55 81.91 -2.27
CA CYS C 544 -39.26 82.06 -2.92
C CYS C 544 -38.99 80.87 -3.83
N SER C 545 -38.47 81.15 -5.03
CA SER C 545 -38.16 80.11 -5.99
C SER C 545 -36.96 79.27 -5.58
N GLN C 546 -36.08 79.80 -4.75
CA GLN C 546 -34.89 79.09 -4.29
C GLN C 546 -34.85 79.09 -2.76
N LYS C 547 -34.44 77.95 -2.20
CA LYS C 547 -34.37 77.76 -0.76
C LYS C 547 -33.00 77.22 -0.37
N LYS C 548 -32.66 77.39 0.90
CA LYS C 548 -31.38 76.90 1.42
C LYS C 548 -31.40 75.39 1.52
N SER C 549 -30.49 74.73 0.80
CA SER C 549 -30.38 73.28 0.79
C SER C 549 -29.07 72.85 1.44
N LEU C 550 -29.16 71.97 2.42
CA LEU C 550 -27.97 71.48 3.11
C LEU C 550 -27.21 70.49 2.24
N VAL C 551 -25.89 70.47 2.41
CA VAL C 551 -25.03 69.58 1.64
C VAL C 551 -25.14 68.17 2.21
N GLY C 552 -24.93 67.17 1.35
CA GLY C 552 -25.00 65.78 1.75
C GLY C 552 -23.74 65.03 1.32
N VAL C 553 -23.69 63.76 1.72
CA VAL C 553 -22.55 62.93 1.38
C VAL C 553 -22.58 62.58 -0.11
N GLY C 554 -21.43 62.72 -0.77
CA GLY C 554 -21.32 62.45 -2.19
C GLY C 554 -22.12 63.39 -3.06
N GLU C 555 -22.25 64.64 -2.66
CA GLU C 555 -23.02 65.62 -3.42
C GLU C 555 -22.41 66.99 -3.14
N HIS C 556 -22.05 67.71 -4.20
CA HIS C 556 -21.41 69.02 -4.08
C HIS C 556 -22.44 70.11 -3.79
N CYS C 557 -22.02 71.37 -3.91
CA CYS C 557 -22.92 72.49 -3.65
C CYS C 557 -23.94 72.62 -4.76
N ALA C 558 -25.16 73.02 -4.39
CA ALA C 558 -26.24 73.18 -5.35
C ALA C 558 -26.20 74.53 -6.07
N GLY C 559 -25.36 75.46 -5.64
CA GLY C 559 -25.26 76.75 -6.27
C GLY C 559 -25.39 77.89 -5.27
N PHE C 560 -24.74 79.02 -5.59
CA PHE C 560 -24.78 80.18 -4.73
C PHE C 560 -26.09 80.95 -4.91
N GLY C 561 -26.43 81.75 -3.90
CA GLY C 561 -27.64 82.53 -3.96
C GLY C 561 -27.52 83.70 -4.93
N VAL C 562 -28.55 83.89 -5.73
CA VAL C 562 -28.59 84.96 -6.72
C VAL C 562 -29.95 85.64 -6.66
N ASP C 563 -29.95 86.97 -6.74
CA ASP C 563 -31.17 87.76 -6.70
C ASP C 563 -31.77 87.86 -8.10
N GLU C 564 -33.09 87.68 -8.17
CA GLU C 564 -33.78 87.75 -9.46
C GLU C 564 -33.79 89.18 -10.01
N GLU C 565 -33.95 90.18 -9.14
CA GLU C 565 -33.98 91.56 -9.58
C GLU C 565 -32.59 92.11 -9.91
N LYS C 566 -31.54 91.48 -9.41
CA LYS C 566 -30.19 91.96 -9.68
C LYS C 566 -29.61 91.45 -10.99
N CYS C 567 -30.32 90.58 -11.70
CA CYS C 567 -29.83 90.03 -12.96
C CYS C 567 -30.95 90.02 -13.99
N GLY C 568 -30.56 90.07 -15.26
CA GLY C 568 -31.50 90.06 -16.37
C GLY C 568 -31.24 91.20 -17.34
N VAL C 569 -31.96 91.14 -18.45
CA VAL C 569 -31.84 92.15 -19.50
C VAL C 569 -32.63 93.38 -19.09
N LEU C 570 -31.97 94.54 -19.10
CA LEU C 570 -32.62 95.78 -18.72
C LEU C 570 -33.60 96.25 -19.79
N ASP C 571 -34.76 96.75 -19.34
CA ASP C 571 -35.87 97.29 -20.14
C ASP C 571 -36.53 96.26 -21.06
N GLY C 572 -36.14 94.99 -20.99
CA GLY C 572 -36.72 93.96 -21.83
C GLY C 572 -36.47 94.17 -23.32
N SER C 573 -35.23 94.46 -23.67
CA SER C 573 -34.86 94.71 -25.07
C SER C 573 -34.92 93.45 -25.94
N TYR C 574 -35.01 92.26 -25.34
CA TYR C 574 -35.08 90.97 -26.04
C TYR C 574 -33.87 90.77 -26.94
N ASN C 575 -32.69 90.80 -26.32
CA ASN C 575 -31.42 90.63 -27.03
C ASN C 575 -30.84 89.23 -26.84
N VAL C 576 -30.76 88.76 -25.60
CA VAL C 576 -30.22 87.44 -25.27
C VAL C 576 -31.24 86.72 -24.40
N SER C 577 -30.85 85.53 -23.94
CA SER C 577 -31.71 84.72 -23.08
C SER C 577 -31.64 85.23 -21.64
N CYS C 578 -32.24 84.49 -20.72
CA CYS C 578 -32.25 84.88 -19.30
C CYS C 578 -30.88 84.55 -18.71
N LEU C 579 -29.94 85.45 -18.95
CA LEU C 579 -28.57 85.31 -18.49
C LEU C 579 -28.31 86.31 -17.37
N CYS C 580 -27.62 85.86 -16.32
CA CYS C 580 -27.30 86.70 -15.18
C CYS C 580 -25.79 86.84 -15.05
N SER C 581 -25.37 87.96 -14.47
CA SER C 581 -23.96 88.24 -14.28
C SER C 581 -23.37 87.38 -13.17
N THR C 582 -22.05 87.21 -13.22
CA THR C 582 -21.35 86.41 -12.21
C THR C 582 -21.32 87.12 -10.86
N ASP C 583 -21.22 88.45 -10.88
CA ASP C 583 -21.17 89.23 -9.64
C ASP C 583 -22.50 89.20 -8.87
N ALA C 584 -23.59 88.77 -9.50
CA ALA C 584 -24.87 88.71 -8.80
C ALA C 584 -24.89 87.60 -7.76
N PHE C 585 -24.11 86.54 -7.98
CA PHE C 585 -24.07 85.43 -7.03
C PHE C 585 -23.31 85.84 -5.77
N LEU C 586 -23.76 85.34 -4.63
CA LEU C 586 -23.13 85.66 -3.36
C LEU C 586 -23.25 84.45 -2.42
N GLY C 587 -22.37 84.42 -1.43
CA GLY C 587 -22.36 83.33 -0.46
C GLY C 587 -21.11 82.48 -0.52
N TRP C 588 -19.98 83.11 -0.86
CA TRP C 588 -18.71 82.38 -0.94
C TRP C 588 -17.58 83.31 -0.60
N SER C 589 -16.44 82.71 -0.21
CA SER C 589 -15.24 83.45 0.16
C SER C 589 -14.04 82.58 -0.20
N TYR C 590 -12.85 83.17 -0.11
CA TYR C 590 -11.62 82.46 -0.42
C TYR C 590 -10.59 82.66 0.67
N ASP C 591 -9.66 81.71 0.74
CA ASP C 591 -8.58 81.72 1.72
C ASP C 591 -7.35 81.13 1.06
N THR C 592 -6.29 80.92 1.83
CA THR C 592 -5.04 80.36 1.32
C THR C 592 -4.55 79.27 2.26
N CYS C 593 -3.60 78.48 1.75
CA CYS C 593 -3.01 77.38 2.51
C CYS C 593 -1.53 77.62 2.81
N VAL C 594 -1.05 78.85 2.67
CA VAL C 594 0.36 79.15 2.93
C VAL C 594 0.61 79.06 4.43
N SER C 595 1.30 78.00 4.86
CA SER C 595 1.63 77.79 6.27
C SER C 595 2.92 77.01 6.31
N ASN C 596 4.01 77.67 6.73
CA ASN C 596 5.35 77.08 6.82
C ASN C 596 5.80 76.54 5.46
N ASN C 597 5.48 77.29 4.41
CA ASN C 597 5.80 76.98 3.01
C ASN C 597 5.23 75.65 2.56
N ARG C 598 4.13 75.20 3.17
CA ARG C 598 3.49 73.95 2.81
C ARG C 598 1.98 74.13 2.89
N CYS C 599 1.26 73.30 2.14
CA CYS C 599 -0.19 73.32 2.10
C CYS C 599 -0.75 71.97 2.54
N ASN C 600 -1.80 72.02 3.35
CA ASN C 600 -2.44 70.81 3.87
C ASN C 600 -3.60 70.39 2.97
N ILE C 601 -3.71 69.09 2.74
CA ILE C 601 -4.76 68.51 1.90
C ILE C 601 -5.43 67.39 2.69
N PHE C 602 -6.75 67.46 2.83
CA PHE C 602 -7.49 66.44 3.56
C PHE C 602 -7.67 65.19 2.70
N SER C 603 -7.65 64.03 3.37
CA SER C 603 -7.82 62.74 2.71
C SER C 603 -8.75 61.89 3.54
N ASN C 604 -9.89 61.52 2.97
CA ASN C 604 -10.88 60.68 3.63
C ASN C 604 -10.80 59.28 3.05
N PHE C 605 -10.53 58.30 3.91
CA PHE C 605 -10.41 56.90 3.50
C PHE C 605 -11.75 56.21 3.76
N ILE C 606 -12.63 56.25 2.75
CA ILE C 606 -13.95 55.63 2.84
C ILE C 606 -13.78 54.17 2.43
N LEU C 607 -13.97 53.26 3.39
CA LEU C 607 -13.84 51.83 3.16
C LEU C 607 -15.17 51.13 3.42
N ASN C 608 -15.49 50.17 2.57
CA ASN C 608 -16.73 49.40 2.67
C ASN C 608 -16.40 47.92 2.49
N GLY C 609 -17.29 47.07 3.00
CA GLY C 609 -17.09 45.65 2.90
C GLY C 609 -16.00 45.12 3.81
N ILE C 610 -16.25 45.12 5.12
CA ILE C 610 -15.28 44.65 6.10
C ILE C 610 -15.01 43.16 5.85
N ASN C 611 -13.72 42.77 6.02
CA ASN C 611 -13.08 41.45 5.88
C ASN C 611 -13.66 40.61 4.75
N SER C 612 -13.90 41.24 3.60
CA SER C 612 -14.44 40.58 2.42
C SER C 612 -14.21 41.51 1.24
N GLY C 613 -13.57 41.01 0.20
CA GLY C 613 -13.30 41.80 -0.98
C GLY C 613 -12.11 41.27 -1.73
N THR C 614 -11.72 42.01 -2.77
CA THR C 614 -10.60 41.66 -3.63
C THR C 614 -9.42 42.60 -3.49
N THR C 615 -9.64 43.91 -3.58
CA THR C 615 -8.56 44.88 -3.46
C THR C 615 -8.39 45.36 -2.03
N CYS C 616 -7.18 45.23 -1.51
CA CYS C 616 -6.82 45.63 -0.15
C CYS C 616 -5.30 45.61 -0.02
N SER C 617 -4.82 45.95 1.17
CA SER C 617 -3.40 46.00 1.45
C SER C 617 -2.80 44.60 1.53
N ASN C 618 -1.50 44.51 1.26
CA ASN C 618 -0.75 43.25 1.29
C ASN C 618 0.61 43.47 1.93
N ASP C 619 0.63 44.13 3.08
CA ASP C 619 1.83 44.44 3.85
C ASP C 619 2.42 43.25 4.62
N LEU C 620 2.00 42.01 4.36
CA LEU C 620 2.54 40.86 5.07
C LEU C 620 3.99 40.60 4.63
N LEU C 621 4.58 39.57 5.23
CA LEU C 621 5.96 39.22 4.90
C LEU C 621 6.01 38.42 3.61
N GLN C 622 6.78 38.90 2.64
CA GLN C 622 6.98 38.26 1.35
C GLN C 622 8.47 38.04 1.15
N PRO C 623 8.86 36.99 0.42
CA PRO C 623 10.29 36.73 0.19
C PRO C 623 10.91 37.69 -0.82
N ASN C 624 10.90 38.99 -0.49
CA ASN C 624 11.46 40.04 -1.33
C ASN C 624 12.39 40.87 -0.45
N THR C 625 13.63 40.40 -0.31
CA THR C 625 14.66 41.06 0.49
C THR C 625 15.93 41.16 -0.32
N GLU C 626 16.98 41.67 0.30
CA GLU C 626 18.27 41.82 -0.35
C GLU C 626 18.94 40.47 -0.48
N VAL C 627 18.76 39.81 -1.63
CA VAL C 627 19.35 38.49 -1.85
C VAL C 627 20.86 38.61 -2.04
N PHE C 628 21.57 37.56 -1.64
CA PHE C 628 23.02 37.52 -1.76
C PHE C 628 23.48 36.07 -1.83
N THR C 629 24.72 35.90 -2.30
CA THR C 629 25.34 34.60 -2.48
C THR C 629 26.11 34.15 -1.24
N ASP C 630 26.95 33.12 -1.42
CA ASP C 630 27.83 32.47 -0.44
C ASP C 630 27.11 31.69 0.65
N VAL C 631 25.79 31.55 0.56
CA VAL C 631 25.01 30.80 1.54
C VAL C 631 23.68 30.42 0.89
N CYS C 632 23.19 29.23 1.18
CA CYS C 632 21.93 28.76 0.59
C CYS C 632 20.75 29.46 1.28
N VAL C 633 20.44 30.65 0.78
CA VAL C 633 19.32 31.45 1.28
C VAL C 633 18.03 30.81 0.79
N ASP C 634 17.05 30.69 1.69
CA ASP C 634 15.77 30.10 1.34
C ASP C 634 15.05 30.93 0.27
N TYR C 635 14.55 30.25 -0.75
CA TYR C 635 13.84 30.90 -1.85
C TYR C 635 12.43 30.34 -1.92
N ASP C 636 11.46 31.25 -2.03
CA ASP C 636 10.04 30.92 -2.12
C ASP C 636 9.35 31.76 -3.17
N LEU C 637 10.04 32.05 -4.27
CA LEU C 637 9.49 32.87 -5.33
C LEU C 637 8.77 32.02 -6.37
N TYR C 638 7.73 32.63 -6.97
CA TYR C 638 6.91 32.02 -8.03
C TYR C 638 6.27 30.70 -7.60
N GLY C 639 5.85 30.64 -6.34
CA GLY C 639 5.20 29.45 -5.81
C GLY C 639 6.03 28.19 -5.73
N ILE C 640 7.35 28.31 -5.73
CA ILE C 640 8.24 27.15 -5.66
C ILE C 640 9.06 27.26 -4.38
N THR C 641 9.05 26.18 -3.59
CA THR C 641 9.77 26.13 -2.32
C THR C 641 10.98 25.22 -2.46
N GLY C 642 12.14 25.71 -2.04
CA GLY C 642 13.36 24.93 -2.11
C GLY C 642 14.48 25.62 -1.34
N GLN C 643 15.63 24.95 -1.31
CA GLN C 643 16.82 25.43 -0.62
C GLN C 643 17.99 25.38 -1.59
N GLY C 644 18.68 26.51 -1.74
CA GLY C 644 19.82 26.52 -2.65
C GLY C 644 20.61 27.81 -2.61
N ILE C 645 21.84 27.73 -3.10
CA ILE C 645 22.77 28.85 -3.16
C ILE C 645 22.52 29.62 -4.45
N PHE C 646 22.47 30.95 -4.35
CA PHE C 646 22.28 31.79 -5.52
C PHE C 646 23.62 32.17 -6.11
N LYS C 647 23.66 32.33 -7.43
CA LYS C 647 24.87 32.72 -8.14
C LYS C 647 24.50 33.73 -9.21
N GLU C 648 25.29 34.80 -9.30
CA GLU C 648 25.03 35.85 -10.27
C GLU C 648 25.52 35.43 -11.65
N VAL C 649 24.59 35.19 -12.57
CA VAL C 649 24.89 34.78 -13.94
C VAL C 649 24.06 35.67 -14.85
N SER C 650 24.71 36.32 -15.82
CA SER C 650 24.01 37.21 -16.74
C SER C 650 23.11 36.40 -17.68
N ALA C 651 21.85 36.82 -17.79
CA ALA C 651 20.88 36.15 -18.65
C ALA C 651 19.91 37.22 -19.16
N VAL C 652 20.20 37.75 -20.35
CA VAL C 652 19.35 38.77 -20.96
C VAL C 652 18.44 38.18 -22.03
N TYR C 653 18.74 36.97 -22.53
CA TYR C 653 17.94 36.31 -23.56
C TYR C 653 16.56 35.86 -23.07
N TYR C 654 16.18 36.10 -21.82
CA TYR C 654 14.87 35.70 -21.35
C TYR C 654 13.78 36.55 -21.98
N ASN C 655 12.57 36.01 -22.02
CA ASN C 655 11.45 36.73 -22.60
C ASN C 655 10.96 37.81 -21.64
N SER C 656 10.07 38.67 -22.14
CA SER C 656 9.51 39.75 -21.32
C SER C 656 8.61 39.23 -20.22
N TRP C 657 8.11 38.00 -20.35
CA TRP C 657 7.25 37.37 -19.36
C TRP C 657 7.90 36.21 -18.65
N GLN C 658 9.01 35.71 -19.18
CA GLN C 658 9.72 34.57 -18.57
C GLN C 658 10.43 35.00 -17.31
N ASN C 659 10.23 34.24 -16.23
CA ASN C 659 10.84 34.51 -14.95
C ASN C 659 11.75 33.40 -14.44
N LEU C 660 11.52 32.16 -14.86
CA LEU C 660 12.36 31.05 -14.40
C LEU C 660 12.88 30.21 -15.55
N LEU C 661 13.48 29.07 -15.22
CA LEU C 661 14.01 28.13 -16.21
C LEU C 661 14.12 26.79 -15.52
N TYR C 662 13.77 25.71 -16.24
CA TYR C 662 13.80 24.37 -15.68
C TYR C 662 14.77 23.48 -16.45
N ASP C 663 15.06 22.33 -15.86
CA ASP C 663 15.98 21.34 -16.40
C ASP C 663 15.15 20.33 -17.20
N PHE C 664 15.78 19.28 -17.73
CA PHE C 664 15.07 18.26 -18.51
C PHE C 664 14.02 17.54 -17.69
N ASN C 665 14.37 17.20 -16.44
CA ASN C 665 13.43 16.50 -15.57
C ASN C 665 12.24 17.36 -15.19
N GLY C 666 12.46 18.64 -14.90
CA GLY C 666 11.36 19.51 -14.54
C GLY C 666 11.47 20.14 -13.17
N ASN C 667 12.70 20.31 -12.68
CA ASN C 667 12.94 20.91 -11.38
C ASN C 667 13.52 22.31 -11.53
N ILE C 668 13.33 23.14 -10.50
CA ILE C 668 13.82 24.51 -10.53
C ILE C 668 15.34 24.53 -10.48
N ILE C 669 15.94 25.43 -11.27
CA ILE C 669 17.40 25.54 -11.32
C ILE C 669 17.78 27.02 -11.21
N GLY C 670 16.80 27.90 -11.34
CA GLY C 670 17.08 29.32 -11.26
C GLY C 670 15.80 30.13 -11.39
N PHE C 671 15.96 31.44 -11.34
CA PHE C 671 14.82 32.36 -11.46
C PHE C 671 15.34 33.70 -11.95
N LYS C 672 14.45 34.70 -11.96
CA LYS C 672 14.79 36.06 -12.39
C LYS C 672 13.87 37.02 -11.65
N ASP C 673 14.46 37.97 -10.93
CA ASP C 673 13.67 38.94 -10.17
C ASP C 673 12.94 39.89 -11.11
N PHE C 674 11.74 40.30 -10.71
CA PHE C 674 10.92 41.21 -11.49
C PHE C 674 11.01 42.65 -11.03
N VAL C 675 11.80 42.95 -10.00
CA VAL C 675 11.94 44.31 -9.50
C VAL C 675 13.31 44.91 -9.80
N THR C 676 14.35 44.08 -9.95
CA THR C 676 15.70 44.57 -10.23
C THR C 676 16.24 44.05 -11.56
N ASN C 677 15.47 43.23 -12.28
CA ASN C 677 15.87 42.65 -13.57
C ASN C 677 17.16 41.85 -13.46
N LYS C 678 17.34 41.18 -12.32
CA LYS C 678 18.52 40.37 -12.06
C LYS C 678 18.19 38.90 -12.20
N THR C 679 19.18 38.14 -12.69
CA THR C 679 19.04 36.71 -12.88
C THR C 679 19.97 35.96 -11.94
N TYR C 680 19.50 34.83 -11.42
CA TYR C 680 20.28 34.02 -10.50
C TYR C 680 20.15 32.54 -10.87
N ASN C 681 21.19 31.79 -10.58
CA ASN C 681 21.24 30.36 -10.83
C ASN C 681 21.23 29.67 -9.47
N ILE C 682 20.23 28.84 -9.23
CA ILE C 682 20.10 28.15 -7.95
C ILE C 682 20.97 26.90 -7.94
N PHE C 683 21.87 26.83 -6.96
CA PHE C 683 22.78 25.72 -6.73
C PHE C 683 22.46 25.12 -5.38
N PRO C 684 22.19 23.81 -5.28
CA PRO C 684 21.88 23.22 -3.97
C PRO C 684 23.07 23.33 -3.03
N CYS C 685 22.80 23.62 -1.76
CA CYS C 685 23.90 23.75 -0.81
C CYS C 685 24.24 22.40 -0.20
N TYR C 686 25.33 22.40 0.58
CA TYR C 686 25.83 21.18 1.20
C TYR C 686 24.84 20.61 2.20
N ALA C 687 24.52 19.33 2.00
CA ALA C 687 23.63 18.56 2.86
C ALA C 687 24.13 17.12 3.00
N GLY C 688 25.41 16.90 2.76
CA GLY C 688 25.98 15.57 2.82
C GLY C 688 26.28 15.09 4.23
N ARG C 689 27.03 13.99 4.28
CA ARG C 689 27.43 13.31 5.51
C ARG C 689 28.92 13.53 5.78
N VAL C 690 29.39 12.82 6.81
CA VAL C 690 30.79 12.84 7.23
C VAL C 690 31.12 11.43 7.73
N SER C 691 32.28 10.93 7.33
CA SER C 691 32.70 9.59 7.73
C SER C 691 33.63 9.70 8.93
N ALA C 692 33.39 8.86 9.94
CA ALA C 692 34.18 8.85 11.16
C ALA C 692 34.67 7.43 11.45
N ALA C 693 35.97 7.23 11.37
CA ALA C 693 36.57 5.93 11.64
C ALA C 693 36.85 5.80 13.13
N PHE C 694 36.54 4.63 13.69
CA PHE C 694 36.75 4.38 15.10
C PHE C 694 37.41 3.02 15.33
N HIS C 695 38.32 2.97 16.31
CA HIS C 695 39.03 1.76 16.68
C HIS C 695 38.69 1.44 18.13
N GLN C 696 38.67 0.14 18.45
CA GLN C 696 38.33 -0.28 19.81
C GLN C 696 39.40 0.12 20.81
N ASN C 697 40.65 0.26 20.38
CA ASN C 697 41.75 0.63 21.26
C ASN C 697 42.03 2.13 21.29
N ALA C 698 41.27 2.93 20.56
CA ALA C 698 41.46 4.37 20.50
C ALA C 698 40.38 5.08 21.30
N SER C 699 40.54 6.41 21.40
CA SER C 699 39.61 7.27 22.11
C SER C 699 39.03 8.37 21.23
N SER C 700 39.83 8.95 20.35
CA SER C 700 39.36 9.99 19.45
C SER C 700 38.74 9.37 18.20
N LEU C 701 38.32 10.24 17.27
CA LEU C 701 37.70 9.80 16.03
C LEU C 701 38.38 10.48 14.85
N ALA C 702 38.46 9.76 13.74
CA ALA C 702 39.08 10.27 12.52
C ALA C 702 37.97 10.73 11.56
N LEU C 703 37.48 11.95 11.80
CA LEU C 703 36.44 12.52 10.96
C LEU C 703 36.98 12.83 9.57
N LEU C 704 36.20 12.49 8.55
CA LEU C 704 36.59 12.73 7.16
C LEU C 704 35.39 13.20 6.38
N TYR C 705 35.46 14.42 5.86
CA TYR C 705 34.39 15.01 5.06
C TYR C 705 34.70 14.69 3.60
N ARG C 706 33.92 13.79 3.00
CA ARG C 706 34.14 13.41 1.62
C ARG C 706 33.75 14.53 0.65
N ASN C 707 34.64 14.79 -0.30
CA ASN C 707 34.47 15.81 -1.35
C ASN C 707 34.18 17.20 -0.77
N LEU C 708 35.13 17.69 0.00
CA LEU C 708 35.00 19.01 0.62
C LEU C 708 36.38 19.62 0.82
N LYS C 709 36.40 20.93 1.02
CA LYS C 709 37.61 21.68 1.26
C LYS C 709 37.65 22.12 2.72
N CYS C 710 38.86 22.20 3.27
CA CYS C 710 39.02 22.59 4.67
C CYS C 710 38.55 24.01 4.93
N SER C 711 38.69 24.90 3.95
CA SER C 711 38.25 26.29 4.13
C SER C 711 36.73 26.35 4.29
N TYR C 712 36.00 25.58 3.48
CA TYR C 712 34.54 25.55 3.55
C TYR C 712 34.07 25.00 4.89
N VAL C 713 34.73 23.94 5.37
CA VAL C 713 34.36 23.34 6.65
C VAL C 713 34.64 24.30 7.81
N LEU C 714 35.79 24.99 7.76
CA LEU C 714 36.12 25.93 8.83
C LEU C 714 35.20 27.14 8.81
N ASN C 715 34.81 27.60 7.63
CA ASN C 715 33.94 28.77 7.52
C ASN C 715 32.46 28.42 7.59
N ASN C 716 32.10 27.13 7.69
CA ASN C 716 30.69 26.75 7.75
C ASN C 716 30.32 25.82 8.89
N ILE C 717 31.28 25.29 9.66
CA ILE C 717 30.93 24.40 10.76
C ILE C 717 31.38 24.98 12.09
N SER C 718 32.68 25.11 12.28
CA SER C 718 33.29 25.63 13.51
C SER C 718 34.76 25.92 13.22
N LEU C 719 35.50 26.28 14.27
CA LEU C 719 36.92 26.56 14.16
C LEU C 719 37.73 25.30 14.40
N ALA C 720 38.91 25.25 13.81
CA ALA C 720 39.78 24.09 13.95
C ALA C 720 40.31 23.96 15.38
N THR C 721 40.22 22.74 15.91
CA THR C 721 40.68 22.45 17.27
C THR C 721 41.57 21.22 17.37
N GLN C 722 41.66 20.40 16.32
CA GLN C 722 42.46 19.19 16.25
C GLN C 722 43.39 19.27 15.03
N PRO C 723 44.53 18.56 15.05
CA PRO C 723 45.43 18.62 13.89
C PRO C 723 44.77 17.99 12.67
N TYR C 724 44.95 18.65 11.52
CA TYR C 724 44.34 18.19 10.28
C TYR C 724 45.15 18.66 9.09
N PHE C 725 44.89 18.02 7.96
CA PHE C 725 45.56 18.35 6.70
C PHE C 725 44.63 17.97 5.55
N ASP C 726 44.86 18.59 4.40
CA ASP C 726 44.04 18.29 3.23
C ASP C 726 44.37 16.91 2.68
N SER C 727 43.45 16.39 1.87
CA SER C 727 43.63 15.07 1.28
C SER C 727 42.89 15.00 -0.04
N TYR C 728 43.18 13.95 -0.80
CA TYR C 728 42.55 13.74 -2.10
C TYR C 728 41.05 13.47 -1.95
N LEU C 729 40.66 12.73 -0.91
CA LEU C 729 39.25 12.43 -0.70
C LEU C 729 38.51 13.65 -0.15
N GLY C 730 39.14 14.40 0.74
CA GLY C 730 38.51 15.57 1.32
C GLY C 730 39.33 16.08 2.48
N CYS C 731 38.65 16.79 3.39
CA CYS C 731 39.30 17.35 4.56
C CYS C 731 39.11 16.40 5.73
N VAL C 732 40.19 15.72 6.12
CA VAL C 732 40.16 14.76 7.22
C VAL C 732 40.55 15.48 8.51
N PHE C 733 39.87 15.13 9.60
CA PHE C 733 40.12 15.72 10.91
C PHE C 733 40.67 14.69 11.88
N ASN C 734 41.51 15.18 12.80
CA ASN C 734 42.15 14.37 13.86
C ASN C 734 42.91 13.18 13.29
N ALA C 735 43.64 13.41 12.19
CA ALA C 735 44.41 12.35 11.55
C ALA C 735 45.55 12.98 10.76
N ASP C 736 46.78 12.77 11.21
CA ASP C 736 47.92 13.30 10.50
C ASP C 736 48.13 12.50 9.23
N ASN C 737 48.30 13.19 8.10
CA ASN C 737 48.47 12.50 6.82
C ASN C 737 49.92 12.12 6.57
N LEU C 738 50.10 10.90 6.06
CA LEU C 738 51.41 10.31 5.72
C LEU C 738 51.16 9.41 4.51
N THR C 739 51.32 9.99 3.32
CA THR C 739 51.09 9.24 2.08
C THR C 739 52.22 8.27 1.76
N ASP C 740 53.45 8.57 2.16
CA ASP C 740 54.59 7.69 1.88
C ASP C 740 54.49 6.34 2.57
N TYR C 741 53.86 6.28 3.74
CA TYR C 741 53.74 5.01 4.45
C TYR C 741 52.73 4.10 3.77
N SER C 742 53.03 2.79 3.76
CA SER C 742 52.16 1.80 3.13
C SER C 742 52.00 0.60 4.04
N VAL C 743 50.76 0.13 4.16
CA VAL C 743 50.43 -1.04 4.98
C VAL C 743 49.76 -2.08 4.10
N SER C 744 50.09 -3.35 4.33
CA SER C 744 49.55 -4.45 3.54
C SER C 744 48.27 -5.04 4.12
N SER C 745 47.80 -4.54 5.26
CA SER C 745 46.57 -5.08 5.85
C SER C 745 45.93 -3.97 6.69
N CYS C 746 44.77 -3.50 6.25
CA CYS C 746 44.07 -2.43 6.95
C CYS C 746 42.64 -2.88 7.27
N ALA C 747 42.11 -2.37 8.39
CA ALA C 747 40.77 -2.70 8.83
C ALA C 747 39.78 -1.56 8.67
N LEU C 748 40.25 -0.33 8.46
CA LEU C 748 39.41 0.84 8.28
C LEU C 748 39.72 1.44 6.91
N ARG C 749 39.10 0.89 5.88
CA ARG C 749 39.33 1.36 4.52
C ARG C 749 38.40 2.52 4.23
N MET C 750 38.95 3.58 3.63
CA MET C 750 38.18 4.77 3.32
C MET C 750 37.91 4.94 1.82
N GLY C 751 38.73 4.36 0.96
CA GLY C 751 38.53 4.48 -0.47
C GLY C 751 39.74 5.05 -1.18
N SER C 752 39.88 4.70 -2.46
CA SER C 752 40.99 5.16 -3.33
C SER C 752 42.36 4.78 -2.77
N GLY C 753 42.43 3.65 -2.06
CA GLY C 753 43.70 3.21 -1.50
C GLY C 753 44.19 3.99 -0.31
N PHE C 754 43.30 4.55 0.50
CA PHE C 754 43.65 5.32 1.68
C PHE C 754 43.08 4.65 2.92
N CYS C 755 43.91 4.51 3.96
CA CYS C 755 43.50 3.89 5.20
C CYS C 755 43.94 4.72 6.40
N VAL C 756 43.21 4.56 7.50
CA VAL C 756 43.48 5.25 8.75
C VAL C 756 43.52 4.21 9.86
N ASP C 757 44.46 4.36 10.79
CA ASP C 757 44.60 3.42 11.89
C ASP C 757 45.25 4.10 13.09
N TYR C 758 44.99 3.55 14.27
CA TYR C 758 45.54 4.09 15.50
C TYR C 758 47.02 3.71 15.62
N ASN C 759 47.84 4.70 15.98
CA ASN C 759 49.27 4.47 16.13
C ASN C 759 49.62 3.72 17.41
N SER C 776 46.28 9.38 18.41
CA SER C 776 45.73 9.96 17.19
C SER C 776 45.96 9.05 15.98
N TYR C 777 44.96 8.99 15.11
CA TYR C 777 45.07 8.15 13.92
C TYR C 777 46.00 8.80 12.90
N ARG C 778 46.47 7.99 11.96
CA ARG C 778 47.35 8.47 10.91
C ARG C 778 46.78 8.10 9.55
N PHE C 779 46.69 9.09 8.67
CA PHE C 779 46.18 8.89 7.31
C PHE C 779 47.31 8.33 6.46
N VAL C 780 47.20 7.06 6.07
CA VAL C 780 48.20 6.39 5.28
C VAL C 780 47.53 5.75 4.07
N THR C 781 48.35 5.16 3.21
CA THR C 781 47.88 4.47 2.01
C THR C 781 48.06 2.98 2.23
N PHE C 782 47.15 2.17 1.68
CA PHE C 782 47.24 0.74 1.85
C PHE C 782 47.20 0.03 0.51
N GLU C 783 48.06 -0.97 0.38
CA GLU C 783 48.18 -1.79 -0.83
C GLU C 783 47.91 -3.22 -0.40
N PRO C 784 46.81 -3.84 -0.87
CA PRO C 784 46.51 -5.22 -0.44
C PRO C 784 47.59 -6.24 -0.79
N PHE C 785 48.21 -6.12 -1.95
CA PHE C 785 49.26 -7.06 -2.33
C PHE C 785 50.32 -6.35 -3.17
N ASN C 786 51.57 -6.67 -2.90
CA ASN C 786 52.70 -6.08 -3.61
C ASN C 786 53.42 -7.19 -4.40
N VAL C 787 54.03 -6.79 -5.51
CA VAL C 787 54.75 -7.75 -6.33
C VAL C 787 56.04 -8.15 -5.64
N SER C 788 56.53 -9.34 -5.96
CA SER C 788 57.76 -9.88 -5.37
C SER C 788 58.95 -9.37 -6.16
N PHE C 789 59.57 -8.29 -5.68
CA PHE C 789 60.72 -7.71 -6.35
C PHE C 789 61.97 -8.55 -6.10
N VAL C 790 62.80 -8.68 -7.14
CA VAL C 790 64.05 -9.43 -7.06
C VAL C 790 65.18 -8.54 -7.59
N ASN C 791 66.40 -8.95 -7.29
CA ASN C 791 67.60 -8.22 -7.71
C ASN C 791 68.29 -8.87 -8.90
N ASP C 792 67.52 -9.40 -9.84
CA ASP C 792 68.07 -10.05 -11.03
C ASP C 792 67.92 -9.14 -12.24
N SER C 793 68.76 -9.42 -13.25
CA SER C 793 68.75 -8.63 -14.47
C SER C 793 67.49 -8.92 -15.30
N ILE C 794 67.18 -7.97 -16.18
CA ILE C 794 66.02 -8.06 -17.06
C ILE C 794 66.41 -8.59 -18.44
N GLU C 795 67.44 -8.01 -19.03
CA GLU C 795 67.90 -8.44 -20.34
C GLU C 795 68.62 -9.79 -20.24
N SER C 796 68.95 -10.34 -21.41
CA SER C 796 69.64 -11.63 -21.50
C SER C 796 71.09 -11.39 -21.91
N VAL C 797 72.02 -11.89 -21.09
CA VAL C 797 73.44 -11.77 -21.37
C VAL C 797 73.94 -13.12 -21.87
N GLY C 798 74.53 -13.10 -23.07
CA GLY C 798 75.03 -14.33 -23.67
C GLY C 798 73.97 -15.34 -24.03
N GLY C 799 72.70 -14.92 -24.10
CA GLY C 799 71.61 -15.82 -24.41
C GLY C 799 71.01 -16.53 -23.22
N LEU C 800 71.31 -16.09 -22.00
CA LEU C 800 70.80 -16.71 -20.79
C LEU C 800 70.08 -15.67 -19.93
N TYR C 801 69.13 -16.14 -19.13
CA TYR C 801 68.33 -15.29 -18.26
C TYR C 801 68.55 -15.68 -16.79
N GLU C 802 67.77 -15.06 -15.90
CA GLU C 802 67.85 -15.31 -14.47
C GLU C 802 66.45 -15.63 -13.93
N ILE C 803 66.27 -16.84 -13.41
CA ILE C 803 65.00 -17.29 -12.88
C ILE C 803 65.20 -17.86 -11.48
N LYS C 804 64.34 -17.46 -10.54
CA LYS C 804 64.38 -17.93 -9.16
C LYS C 804 63.58 -19.23 -9.08
N ILE C 805 64.25 -20.37 -9.14
CA ILE C 805 63.54 -21.65 -9.05
C ILE C 805 63.69 -22.18 -7.62
N PRO C 806 62.69 -22.86 -7.09
CA PRO C 806 62.77 -23.37 -5.72
C PRO C 806 63.72 -24.55 -5.56
N THR C 807 64.04 -24.82 -4.29
CA THR C 807 64.90 -25.93 -3.88
C THR C 807 64.31 -26.74 -2.74
N ASN C 808 63.35 -26.19 -1.98
CA ASN C 808 62.69 -26.85 -0.87
C ASN C 808 61.20 -26.63 -1.02
N PHE C 809 60.41 -27.62 -0.61
CA PHE C 809 58.96 -27.52 -0.72
C PHE C 809 58.26 -28.17 0.46
N THR C 810 57.12 -27.59 0.82
CA THR C 810 56.28 -28.08 1.91
C THR C 810 54.84 -28.04 1.44
N ILE C 811 54.16 -29.17 1.49
CA ILE C 811 52.76 -29.23 1.04
C ILE C 811 51.88 -28.54 2.07
N VAL C 812 51.20 -27.48 1.65
CA VAL C 812 50.33 -26.72 2.52
C VAL C 812 48.89 -27.14 2.28
N GLY C 813 48.01 -26.76 3.20
CA GLY C 813 46.60 -27.09 3.07
C GLY C 813 45.69 -25.89 3.19
N GLN C 814 44.90 -25.63 2.15
CA GLN C 814 43.97 -24.51 2.13
C GLN C 814 42.57 -24.99 2.53
N GLU C 815 41.71 -24.05 2.86
CA GLU C 815 40.35 -24.33 3.25
C GLU C 815 39.36 -23.57 2.38
N GLU C 816 38.20 -24.18 2.16
CA GLU C 816 37.16 -23.56 1.34
C GLU C 816 35.82 -24.19 1.69
N PHE C 817 34.80 -23.35 1.84
CA PHE C 817 33.45 -23.79 2.17
C PHE C 817 32.51 -23.24 1.11
N ILE C 818 31.73 -24.12 0.49
CA ILE C 818 30.77 -23.74 -0.54
C ILE C 818 29.38 -24.09 -0.04
N GLN C 819 28.50 -23.09 0.03
CA GLN C 819 27.15 -23.31 0.52
C GLN C 819 26.35 -24.10 -0.51
N THR C 820 26.01 -25.34 -0.16
CA THR C 820 25.24 -26.24 -1.02
C THR C 820 23.80 -26.37 -0.56
N ASN C 821 23.58 -26.61 0.73
CA ASN C 821 22.26 -26.76 1.29
C ASN C 821 21.94 -25.55 2.17
N SER C 822 20.65 -25.24 2.28
CA SER C 822 20.17 -24.12 3.06
C SER C 822 19.02 -24.59 3.93
N PRO C 823 18.76 -23.92 5.05
CA PRO C 823 17.65 -24.32 5.93
C PRO C 823 16.30 -24.14 5.24
N LYS C 824 15.55 -25.25 5.12
CA LYS C 824 14.25 -25.23 4.48
C LYS C 824 13.21 -24.58 5.38
N VAL C 825 12.94 -23.31 5.16
CA VAL C 825 11.97 -22.57 5.98
C VAL C 825 10.58 -22.66 5.35
N THR C 826 9.57 -22.83 6.20
CA THR C 826 8.18 -22.90 5.77
C THR C 826 7.36 -21.91 6.57
N ILE C 827 6.39 -21.27 5.90
CA ILE C 827 5.51 -20.28 6.50
C ILE C 827 4.08 -20.64 6.14
N ASP C 828 3.17 -20.54 7.10
CA ASP C 828 1.78 -20.87 6.90
C ASP C 828 0.94 -19.66 6.55
N CYS C 829 -0.32 -19.93 6.16
CA CYS C 829 -1.27 -18.90 5.78
C CYS C 829 -2.20 -18.53 6.94
N SER C 830 -2.30 -19.38 7.96
CA SER C 830 -3.16 -19.13 9.11
C SER C 830 -2.38 -19.03 10.42
N LEU C 831 -1.05 -19.08 10.37
CA LEU C 831 -0.24 -19.00 11.58
C LEU C 831 0.61 -17.73 11.66
N PHE C 832 1.40 -17.43 10.63
CA PHE C 832 2.23 -16.23 10.71
C PHE C 832 1.47 -14.99 10.24
N VAL C 833 0.42 -15.18 9.44
CA VAL C 833 -0.38 -14.05 8.96
C VAL C 833 -1.02 -13.33 10.15
N CYS C 834 -1.42 -14.10 11.16
CA CYS C 834 -1.98 -13.65 12.42
C CYS C 834 -2.15 -14.91 13.27
N SER C 835 -2.30 -14.73 14.57
CA SER C 835 -2.43 -15.87 15.47
C SER C 835 -3.80 -16.53 15.33
N ASN C 836 -4.04 -17.54 16.18
CA ASN C 836 -5.24 -18.35 16.16
C ASN C 836 -6.47 -17.61 16.71
N TYR C 837 -7.13 -16.88 15.81
CA TYR C 837 -8.37 -16.16 16.08
C TYR C 837 -9.39 -16.49 14.99
N ALA C 838 -10.63 -16.06 15.20
CA ALA C 838 -11.72 -16.32 14.26
C ALA C 838 -11.94 -15.20 13.26
N ALA C 839 -11.67 -13.94 13.66
CA ALA C 839 -11.85 -12.82 12.74
C ALA C 839 -10.91 -12.93 11.55
N CYS C 840 -9.70 -13.43 11.77
CA CYS C 840 -8.76 -13.62 10.66
C CYS C 840 -9.23 -14.69 9.69
N HIS C 841 -9.55 -15.87 10.22
CA HIS C 841 -9.95 -17.00 9.39
C HIS C 841 -11.25 -16.73 8.66
N ASP C 842 -12.15 -15.93 9.23
CA ASP C 842 -13.38 -15.62 8.54
C ASP C 842 -13.12 -14.67 7.37
N LEU C 843 -12.20 -13.72 7.55
CA LEU C 843 -11.87 -12.78 6.49
C LEU C 843 -10.88 -13.37 5.50
N LEU C 844 -10.09 -14.37 5.91
CA LEU C 844 -9.12 -15.00 5.02
C LEU C 844 -9.74 -16.08 4.13
N SER C 845 -11.07 -16.20 4.09
CA SER C 845 -11.69 -17.19 3.24
C SER C 845 -11.70 -16.73 1.79
N GLU C 846 -12.34 -15.59 1.53
CA GLU C 846 -12.38 -15.05 0.17
C GLU C 846 -11.05 -14.41 -0.23
N TYR C 847 -10.27 -13.96 0.75
CA TYR C 847 -8.98 -13.34 0.51
C TYR C 847 -7.83 -14.33 0.62
N GLY C 848 -8.12 -15.62 0.76
CA GLY C 848 -7.10 -16.65 0.87
C GLY C 848 -6.35 -16.95 -0.41
N THR C 849 -6.83 -16.46 -1.55
CA THR C 849 -6.14 -16.70 -2.81
C THR C 849 -4.85 -15.92 -2.93
N PHE C 850 -4.60 -14.96 -2.04
CA PHE C 850 -3.38 -14.16 -2.08
C PHE C 850 -2.23 -14.88 -1.39
N CYS C 851 -2.52 -15.93 -0.60
CA CYS C 851 -1.49 -16.70 0.07
C CYS C 851 -1.24 -18.05 -0.58
N ASP C 852 -2.11 -18.48 -1.50
CA ASP C 852 -1.92 -19.75 -2.18
C ASP C 852 -0.66 -19.72 -3.04
N ASN C 853 -0.40 -18.59 -3.69
CA ASN C 853 0.82 -18.48 -4.50
C ASN C 853 2.05 -18.47 -3.60
N ILE C 854 1.92 -17.94 -2.39
CA ILE C 854 3.04 -17.94 -1.44
C ILE C 854 3.35 -19.37 -1.02
N ASN C 855 2.32 -20.15 -0.70
CA ASN C 855 2.55 -21.54 -0.32
C ASN C 855 3.12 -22.35 -1.49
N SER C 856 2.62 -22.08 -2.72
CA SER C 856 3.12 -22.80 -3.89
C SER C 856 4.57 -22.45 -4.20
N ILE C 857 4.93 -21.17 -4.09
CA ILE C 857 6.31 -20.77 -4.37
C ILE C 857 7.23 -21.30 -3.27
N LEU C 858 6.74 -21.40 -2.03
CA LEU C 858 7.57 -21.94 -0.97
C LEU C 858 7.77 -23.43 -1.16
N ASP C 859 6.73 -24.13 -1.65
CA ASP C 859 6.87 -25.55 -1.93
C ASP C 859 7.82 -25.76 -3.09
N GLU C 860 7.83 -24.82 -4.05
CA GLU C 860 8.76 -24.91 -5.17
C GLU C 860 10.19 -24.72 -4.68
N VAL C 861 10.39 -23.79 -3.73
CA VAL C 861 11.72 -23.57 -3.16
C VAL C 861 12.19 -24.81 -2.41
N ASN C 862 11.29 -25.43 -1.63
CA ASN C 862 11.64 -26.65 -0.91
C ASN C 862 11.95 -27.79 -1.87
N GLY C 863 11.21 -27.87 -2.97
CA GLY C 863 11.47 -28.89 -3.97
C GLY C 863 12.81 -28.67 -4.63
N LEU C 864 13.16 -27.40 -4.86
CA LEU C 864 14.45 -27.08 -5.45
C LEU C 864 15.57 -27.48 -4.50
N LEU C 865 15.37 -27.22 -3.20
CA LEU C 865 16.38 -27.55 -2.19
C LEU C 865 16.59 -29.05 -2.05
N ASP C 866 15.52 -29.83 -1.90
CA ASP C 866 15.77 -31.27 -1.73
C ASP C 866 16.19 -31.92 -3.04
N THR C 867 15.80 -31.37 -4.21
CA THR C 867 16.28 -31.96 -5.45
C THR C 867 17.76 -31.66 -5.64
N THR C 868 18.22 -30.46 -5.23
CA THR C 868 19.64 -30.16 -5.33
C THR C 868 20.43 -31.02 -4.36
N GLN C 869 19.87 -31.27 -3.16
CA GLN C 869 20.53 -32.12 -2.18
C GLN C 869 20.64 -33.55 -2.71
N LEU C 870 19.57 -34.03 -3.36
CA LEU C 870 19.59 -35.37 -3.93
C LEU C 870 20.57 -35.46 -5.08
N HIS C 871 20.69 -34.39 -5.88
CA HIS C 871 21.62 -34.43 -7.00
C HIS C 871 23.07 -34.41 -6.50
N VAL C 872 23.32 -33.68 -5.41
CA VAL C 872 24.67 -33.66 -4.83
C VAL C 872 25.00 -35.02 -4.23
N ALA C 873 24.02 -35.64 -3.55
CA ALA C 873 24.24 -36.95 -2.98
C ALA C 873 24.42 -37.99 -4.09
N ASP C 874 23.79 -37.78 -5.25
CA ASP C 874 23.94 -38.73 -6.34
C ASP C 874 25.30 -38.55 -7.02
N THR C 875 25.76 -37.30 -7.15
CA THR C 875 27.06 -37.08 -7.78
C THR C 875 28.22 -37.43 -6.85
N LEU C 876 27.98 -37.57 -5.55
CA LEU C 876 29.06 -37.93 -4.64
C LEU C 876 29.44 -39.40 -4.77
N MET C 877 28.61 -40.22 -5.42
CA MET C 877 28.87 -41.64 -5.62
C MET C 877 28.58 -42.04 -7.08
N GLN C 878 29.14 -41.27 -8.03
CA GLN C 878 28.90 -41.57 -9.44
C GLN C 878 29.52 -42.89 -9.87
N GLY C 879 30.69 -43.25 -9.33
CA GLY C 879 31.34 -44.48 -9.73
C GLY C 879 31.99 -45.24 -8.60
N VAL C 880 31.48 -45.07 -7.37
CA VAL C 880 32.09 -45.75 -6.23
C VAL C 880 31.87 -47.25 -6.31
N THR C 881 32.75 -47.98 -5.64
CA THR C 881 32.71 -49.44 -5.58
C THR C 881 33.43 -49.80 -4.28
N LEU C 882 32.67 -50.15 -3.25
CA LEU C 882 33.27 -50.48 -1.98
C LEU C 882 33.38 -51.99 -1.82
N SER C 883 33.98 -52.42 -0.72
CA SER C 883 34.17 -53.83 -0.42
C SER C 883 33.31 -54.22 0.78
N SER C 884 32.79 -55.46 0.74
CA SER C 884 31.95 -55.94 1.84
C SER C 884 32.75 -56.14 3.11
N ASN C 885 33.99 -56.61 2.99
CA ASN C 885 34.86 -56.85 4.14
C ASN C 885 35.72 -55.61 4.42
N LEU C 886 35.03 -54.51 4.70
CA LEU C 886 35.66 -53.23 5.00
C LEU C 886 35.32 -52.83 6.43
N ASN C 887 36.29 -52.98 7.33
CA ASN C 887 36.12 -52.61 8.72
C ASN C 887 36.63 -51.18 8.89
N THR C 888 35.70 -50.23 8.93
CA THR C 888 36.07 -48.82 9.06
C THR C 888 36.70 -48.52 10.41
N ASN C 889 36.18 -49.13 11.48
CA ASN C 889 36.73 -48.88 12.82
C ASN C 889 38.06 -49.59 13.03
N LEU C 890 38.32 -50.67 12.31
CA LEU C 890 39.57 -51.42 12.49
C LEU C 890 40.63 -50.98 11.48
N HIS C 891 40.35 -51.11 10.19
CA HIS C 891 41.30 -50.74 9.14
C HIS C 891 40.98 -49.33 8.67
N PHE C 892 41.77 -48.36 9.16
CA PHE C 892 41.57 -46.97 8.80
C PHE C 892 42.87 -46.20 8.58
N ASP C 893 44.03 -46.86 8.60
CA ASP C 893 45.29 -46.17 8.41
C ASP C 893 46.27 -47.08 7.68
N VAL C 894 46.87 -46.55 6.61
CA VAL C 894 47.83 -47.32 5.82
C VAL C 894 48.66 -46.34 5.00
N ASP C 895 49.89 -46.77 4.66
CA ASP C 895 50.86 -46.01 3.84
C ASP C 895 51.29 -44.69 4.50
N ASN C 896 51.59 -44.77 5.79
CA ASN C 896 52.11 -43.68 6.62
C ASN C 896 51.29 -42.38 6.58
N ILE C 897 50.01 -42.42 6.22
CA ILE C 897 49.18 -41.22 6.17
C ILE C 897 47.97 -41.45 7.09
N ASN C 898 47.72 -40.48 7.97
CA ASN C 898 46.62 -40.58 8.93
C ASN C 898 45.28 -40.31 8.25
N PHE C 899 44.35 -41.26 8.41
CA PHE C 899 43.01 -41.16 7.86
C PHE C 899 41.96 -41.35 8.96
N LYS C 900 42.33 -41.11 10.22
CA LYS C 900 41.40 -41.27 11.34
C LYS C 900 40.28 -40.24 11.28
N SER C 901 40.59 -39.01 10.87
CA SER C 901 39.58 -37.96 10.81
C SER C 901 38.66 -38.09 9.60
N LEU C 902 38.96 -39.01 8.67
CA LEU C 902 38.14 -39.21 7.47
C LEU C 902 37.33 -40.50 7.52
N VAL C 903 37.18 -41.09 8.70
CA VAL C 903 36.44 -42.34 8.89
C VAL C 903 35.50 -42.13 10.08
N GLY C 904 34.21 -42.41 9.89
CA GLY C 904 33.26 -42.22 10.97
C GLY C 904 32.21 -43.28 11.22
N CYS C 905 32.52 -44.55 11.00
CA CYS C 905 31.56 -45.62 11.23
C CYS C 905 32.25 -46.80 11.89
N LEU C 906 31.49 -47.57 12.66
CA LEU C 906 32.01 -48.73 13.37
C LEU C 906 31.02 -49.88 13.25
N GLY C 907 31.56 -51.09 13.08
CA GLY C 907 30.75 -52.28 12.97
C GLY C 907 30.00 -52.37 11.65
N PRO C 908 29.07 -53.33 11.55
CA PRO C 908 28.31 -53.46 10.29
C PRO C 908 27.33 -52.32 10.09
N HIS C 909 26.62 -51.90 11.15
CA HIS C 909 25.67 -50.80 11.08
C HIS C 909 26.11 -49.74 12.10
N CYS C 910 26.54 -48.59 11.58
CA CYS C 910 27.01 -47.49 12.43
C CYS C 910 25.83 -46.63 12.84
N GLY C 911 25.18 -47.02 13.92
CA GLY C 911 24.05 -46.28 14.45
C GLY C 911 24.47 -45.33 15.55
N SER C 912 25.31 -45.82 16.46
CA SER C 912 25.79 -44.97 17.55
C SER C 912 26.74 -43.91 17.03
N SER C 913 27.59 -44.26 16.08
CA SER C 913 28.54 -43.33 15.47
C SER C 913 27.99 -42.90 14.13
N SER C 914 27.86 -41.58 13.95
CA SER C 914 27.32 -41.01 12.71
C SER C 914 28.36 -40.27 11.90
N ARG C 915 29.07 -39.32 12.50
CA ARG C 915 30.08 -38.52 11.82
C ARG C 915 31.48 -38.96 12.22
N SER C 916 32.47 -38.37 11.56
CA SER C 916 33.86 -38.68 11.83
C SER C 916 34.43 -37.69 12.85
N PHE C 917 35.73 -37.78 13.11
CA PHE C 917 36.36 -36.87 14.08
C PHE C 917 36.42 -35.45 13.52
N PHE C 918 36.76 -35.33 12.23
CA PHE C 918 36.82 -34.02 11.60
C PHE C 918 35.46 -33.36 11.57
N GLU C 919 34.41 -34.14 11.24
CA GLU C 919 33.06 -33.58 11.23
C GLU C 919 32.63 -33.24 12.65
N ASP C 920 33.10 -34.00 13.65
CA ASP C 920 32.76 -33.69 15.03
C ASP C 920 33.37 -32.36 15.44
N LEU C 921 34.63 -32.12 15.07
CA LEU C 921 35.27 -30.85 15.39
C LEU C 921 34.62 -29.70 14.64
N LEU C 922 34.11 -29.96 13.43
CA LEU C 922 33.44 -28.92 12.66
C LEU C 922 32.06 -28.60 13.23
N PHE C 923 31.37 -29.61 13.75
CA PHE C 923 30.02 -29.42 14.29
C PHE C 923 30.00 -28.98 15.75
N ASP C 924 31.13 -29.09 16.47
CA ASP C 924 31.11 -28.63 17.86
C ASP C 924 30.96 -27.12 17.95
N LYS C 925 31.55 -26.37 17.01
CA LYS C 925 31.46 -24.92 17.01
C LYS C 925 30.20 -24.42 16.34
N VAL C 926 29.47 -25.27 15.63
CA VAL C 926 28.23 -24.89 14.94
C VAL C 926 27.13 -25.76 15.55
N LYS C 927 26.46 -25.23 16.57
CA LYS C 927 25.39 -25.97 17.23
C LYS C 927 24.04 -25.85 16.54
N LEU C 928 23.90 -24.97 15.55
CA LEU C 928 22.64 -24.79 14.85
C LEU C 928 22.61 -25.61 13.55
N SER C 929 22.80 -26.91 13.71
CA SER C 929 22.80 -27.86 12.61
C SER C 929 21.45 -28.60 12.61
N ASP C 930 21.35 -29.65 11.78
CA ASP C 930 20.11 -30.42 11.72
C ASP C 930 19.81 -31.06 13.06
N VAL C 931 20.82 -31.68 13.69
CA VAL C 931 20.62 -32.28 15.00
C VAL C 931 20.39 -31.17 16.02
N GLY C 932 21.05 -30.02 15.84
CA GLY C 932 20.84 -28.91 16.76
C GLY C 932 19.44 -28.34 16.61
N PHE C 933 18.93 -28.26 15.38
CA PHE C 933 17.59 -27.76 15.16
C PHE C 933 16.55 -28.70 15.74
N VAL C 934 16.70 -30.01 15.53
CA VAL C 934 15.73 -30.94 16.09
C VAL C 934 15.83 -30.99 17.61
N GLU C 935 17.02 -30.77 18.18
CA GLU C 935 17.15 -30.77 19.63
C GLU C 935 16.54 -29.51 20.22
N ALA C 936 16.69 -28.38 19.53
CA ALA C 936 16.10 -27.13 20.00
C ALA C 936 14.59 -27.16 19.89
N TYR C 937 14.06 -27.83 18.85
CA TYR C 937 12.61 -27.93 18.70
C TYR C 937 12.03 -28.92 19.70
N ASN C 938 12.78 -29.98 20.04
CA ASN C 938 12.30 -30.96 20.99
C ASN C 938 12.32 -30.41 22.42
N ASN C 939 13.38 -29.69 22.78
CA ASN C 939 13.53 -29.12 24.12
C ASN C 939 12.82 -27.76 24.21
N CYS C 940 11.51 -27.79 24.00
CA CYS C 940 10.67 -26.60 24.07
C CYS C 940 9.47 -26.81 24.97
N THR C 941 8.99 -28.04 25.04
CA THR C 941 7.84 -28.38 25.88
C THR C 941 8.13 -29.43 26.95
N GLY C 942 9.27 -30.12 26.88
CA GLY C 942 9.61 -31.13 27.86
C GLY C 942 10.14 -30.61 29.17
N GLY C 943 10.44 -29.31 29.26
CA GLY C 943 10.95 -28.73 30.48
C GLY C 943 12.39 -28.27 30.38
N SER C 944 12.59 -26.97 30.19
CA SER C 944 13.92 -26.39 30.06
C SER C 944 13.80 -24.90 30.38
N GLU C 945 14.87 -24.16 30.13
CA GLU C 945 14.91 -22.72 30.36
C GLU C 945 14.79 -22.00 29.03
N ILE C 946 13.88 -21.03 28.96
CA ILE C 946 13.65 -20.28 27.73
C ILE C 946 14.74 -19.23 27.59
N ARG C 947 15.67 -19.48 26.66
CA ARG C 947 16.76 -18.58 26.37
C ARG C 947 17.04 -18.48 24.87
N ASP C 948 16.23 -19.12 24.04
CA ASP C 948 16.40 -19.11 22.60
C ASP C 948 15.15 -18.55 21.93
N LEU C 949 15.33 -18.09 20.69
CA LEU C 949 14.28 -17.50 19.89
C LEU C 949 13.55 -18.53 19.02
N LEU C 950 14.07 -19.76 18.96
CA LEU C 950 13.47 -20.80 18.13
C LEU C 950 12.10 -21.25 18.63
N CYS C 951 11.87 -21.22 19.95
CA CYS C 951 10.55 -21.63 20.45
C CYS C 951 9.46 -20.66 20.01
N VAL C 952 9.74 -19.35 20.05
CA VAL C 952 8.72 -18.42 19.60
C VAL C 952 8.71 -18.37 18.08
N GLN C 953 9.82 -18.72 17.42
CA GLN C 953 9.86 -18.73 15.96
C GLN C 953 9.01 -19.87 15.41
N SER C 954 9.20 -21.08 15.93
CA SER C 954 8.45 -22.24 15.45
C SER C 954 6.98 -22.21 15.82
N PHE C 955 6.60 -21.51 16.89
CA PHE C 955 5.20 -21.47 17.28
C PHE C 955 4.43 -20.36 16.58
N ASN C 956 5.08 -19.57 15.73
CA ASN C 956 4.43 -18.51 14.98
C ASN C 956 4.34 -18.84 13.50
N GLY C 957 4.49 -20.11 13.13
CA GLY C 957 4.42 -20.52 11.74
C GLY C 957 5.72 -20.53 10.98
N ILE C 958 6.76 -19.89 11.49
CA ILE C 958 8.06 -19.85 10.81
C ILE C 958 8.89 -20.99 11.39
N LYS C 959 8.76 -22.16 10.78
CA LYS C 959 9.47 -23.36 11.22
C LYS C 959 10.46 -23.79 10.13
N VAL C 960 11.56 -24.39 10.56
CA VAL C 960 12.60 -24.88 9.66
C VAL C 960 12.51 -26.39 9.67
N LEU C 961 11.98 -26.97 8.59
CA LEU C 961 11.86 -28.41 8.50
C LEU C 961 13.22 -29.06 8.25
N PRO C 962 13.45 -30.26 8.78
CA PRO C 962 14.73 -30.92 8.55
C PRO C 962 14.85 -31.36 7.10
N PRO C 963 16.07 -31.50 6.59
CA PRO C 963 16.23 -31.94 5.20
C PRO C 963 15.83 -33.39 5.02
N ILE C 964 15.61 -33.76 3.76
CA ILE C 964 15.21 -35.13 3.44
C ILE C 964 16.34 -36.10 3.77
N LEU C 965 17.58 -35.65 3.68
CA LEU C 965 18.75 -36.46 4.00
C LEU C 965 19.41 -35.82 5.20
N SER C 966 19.52 -36.57 6.30
CA SER C 966 20.13 -36.06 7.51
C SER C 966 21.63 -35.86 7.32
N GLU C 967 22.23 -35.11 8.24
CA GLU C 967 23.67 -34.86 8.16
C GLU C 967 24.46 -36.15 8.36
N SER C 968 23.89 -37.13 9.07
CA SER C 968 24.57 -38.40 9.27
C SER C 968 24.68 -39.16 7.95
N GLN C 969 23.62 -39.13 7.14
CA GLN C 969 23.64 -39.83 5.85
C GLN C 969 24.65 -39.20 4.91
N ILE C 970 24.67 -37.87 4.81
CA ILE C 970 25.62 -37.20 3.93
C ILE C 970 27.05 -37.38 4.46
N SER C 971 27.21 -37.41 5.78
CA SER C 971 28.53 -37.64 6.36
C SER C 971 29.01 -39.05 6.03
N GLY C 972 28.10 -40.03 6.07
CA GLY C 972 28.47 -41.38 5.71
C GLY C 972 28.80 -41.49 4.24
N TYR C 973 28.10 -40.72 3.40
CA TYR C 973 28.38 -40.70 1.97
C TYR C 973 29.78 -40.15 1.70
N THR C 974 30.13 -39.03 2.36
CA THR C 974 31.44 -38.44 2.19
C THR C 974 32.52 -39.38 2.73
N THR C 975 32.24 -40.05 3.84
CA THR C 975 33.19 -40.99 4.42
C THR C 975 33.42 -42.17 3.48
N ALA C 976 32.34 -42.68 2.88
CA ALA C 976 32.46 -43.79 1.94
C ALA C 976 33.26 -43.39 0.72
N ALA C 977 33.04 -42.16 0.22
CA ALA C 977 33.81 -41.69 -0.94
C ALA C 977 35.28 -41.53 -0.60
N THR C 978 35.59 -40.99 0.58
CA THR C 978 36.97 -40.80 0.99
C THR C 978 37.67 -42.14 1.19
N VAL C 979 36.99 -43.13 1.76
CA VAL C 979 37.59 -44.44 1.96
C VAL C 979 37.77 -45.15 0.62
N ALA C 980 36.80 -45.01 -0.29
CA ALA C 980 36.91 -45.63 -1.60
C ALA C 980 38.00 -44.99 -2.45
N ALA C 981 38.35 -43.73 -2.14
CA ALA C 981 39.41 -43.07 -2.90
C ALA C 981 40.78 -43.68 -2.65
N MET C 982 40.98 -44.36 -1.53
CA MET C 982 42.26 -44.98 -1.21
C MET C 982 42.23 -46.49 -1.16
N PHE C 983 41.22 -47.09 -0.54
CA PHE C 983 41.23 -48.54 -0.52
C PHE C 983 40.68 -49.11 -1.83
N PRO C 984 41.21 -50.24 -2.29
CA PRO C 984 40.75 -50.82 -3.55
C PRO C 984 39.34 -51.36 -3.44
N PRO C 985 38.51 -51.21 -4.48
CA PRO C 985 38.83 -50.53 -5.75
C PRO C 985 38.73 -49.00 -5.66
N TRP C 986 39.70 -48.33 -6.29
CA TRP C 986 39.76 -46.88 -6.27
C TRP C 986 38.71 -46.27 -7.18
N SER C 987 37.97 -45.29 -6.66
CA SER C 987 36.93 -44.60 -7.41
C SER C 987 37.18 -43.10 -7.54
N ALA C 988 37.37 -42.41 -6.42
CA ALA C 988 37.60 -40.97 -6.42
C ALA C 988 39.07 -40.60 -6.57
N ALA C 989 39.87 -41.48 -7.17
CA ALA C 989 41.29 -41.20 -7.37
C ALA C 989 41.76 -41.67 -8.73
N ALA C 990 40.82 -41.80 -9.69
CA ALA C 990 41.09 -42.21 -11.06
C ALA C 990 41.76 -43.59 -11.14
N GLY C 991 41.41 -44.49 -10.23
CA GLY C 991 41.97 -45.83 -10.23
C GLY C 991 43.46 -45.97 -9.96
N ILE C 992 43.96 -45.28 -8.94
CA ILE C 992 45.39 -45.37 -8.59
C ILE C 992 45.45 -45.08 -7.10
N PRO C 993 46.40 -45.64 -6.34
CA PRO C 993 46.45 -45.35 -4.90
C PRO C 993 46.72 -43.88 -4.60
N PHE C 994 46.42 -43.49 -3.36
CA PHE C 994 46.59 -42.09 -2.94
C PHE C 994 48.04 -41.64 -3.03
N SER C 995 48.98 -42.48 -2.58
CA SER C 995 50.40 -42.10 -2.66
C SER C 995 50.84 -42.00 -4.10
N LEU C 996 50.40 -42.95 -4.94
CA LEU C 996 50.75 -42.89 -6.35
C LEU C 996 50.04 -41.73 -7.02
N ASN C 997 48.84 -41.38 -6.54
CA ASN C 997 48.11 -40.25 -7.12
C ASN C 997 48.81 -38.93 -6.83
N VAL C 998 49.26 -38.72 -5.59
CA VAL C 998 49.96 -37.48 -5.27
C VAL C 998 51.32 -37.45 -5.96
N GLN C 999 51.98 -38.60 -6.09
CA GLN C 999 53.29 -38.65 -6.76
C GLN C 999 53.15 -38.34 -8.25
N TYR C 1000 52.08 -38.83 -8.89
CA TYR C 1000 51.88 -38.57 -10.31
C TYR C 1000 51.34 -37.17 -10.56
N ARG C 1001 50.55 -36.64 -9.63
CA ARG C 1001 49.98 -35.30 -9.79
C ARG C 1001 51.02 -34.22 -9.56
N ILE C 1002 51.94 -34.43 -8.62
CA ILE C 1002 52.96 -33.43 -8.35
C ILE C 1002 53.94 -33.29 -9.52
N ASN C 1003 53.97 -34.28 -10.43
CA ASN C 1003 54.85 -34.20 -11.59
C ASN C 1003 54.41 -33.13 -12.57
N GLY C 1004 53.12 -32.83 -12.63
CA GLY C 1004 52.63 -31.80 -13.54
C GLY C 1004 53.09 -30.41 -13.18
N LEU C 1005 53.48 -30.18 -11.92
CA LEU C 1005 53.96 -28.87 -11.49
C LEU C 1005 55.38 -28.61 -11.98
N GLY C 1006 56.17 -29.66 -12.17
CA GLY C 1006 57.53 -29.50 -12.64
C GLY C 1006 58.56 -30.39 -11.97
N VAL C 1007 58.34 -30.74 -10.70
CA VAL C 1007 59.28 -31.58 -9.97
C VAL C 1007 59.24 -33.01 -10.51
N THR C 1008 60.43 -33.61 -10.64
CA THR C 1008 60.55 -34.96 -11.14
C THR C 1008 60.32 -35.98 -10.02
N MET C 1009 60.14 -37.23 -10.42
CA MET C 1009 59.91 -38.31 -9.45
C MET C 1009 61.20 -38.84 -8.84
N ASP C 1010 62.37 -38.35 -9.27
CA ASP C 1010 63.62 -38.82 -8.68
C ASP C 1010 63.73 -38.36 -7.23
N VAL C 1011 63.19 -37.19 -6.92
CA VAL C 1011 63.23 -36.67 -5.56
C VAL C 1011 62.03 -37.17 -4.76
N LEU C 1012 60.87 -37.27 -5.42
CA LEU C 1012 59.65 -37.73 -4.75
C LEU C 1012 59.75 -39.19 -4.31
N ASN C 1013 60.42 -40.03 -5.10
CA ASN C 1013 60.55 -41.44 -4.73
C ASN C 1013 61.43 -41.63 -3.50
N LYS C 1014 62.45 -40.80 -3.34
CA LYS C 1014 63.35 -40.89 -2.21
C LYS C 1014 62.85 -40.13 -0.99
N ASN C 1015 61.80 -39.32 -1.12
CA ASN C 1015 61.26 -38.53 -0.02
C ASN C 1015 59.78 -38.80 0.20
N GLN C 1016 59.38 -40.08 0.15
CA GLN C 1016 57.97 -40.41 0.37
C GLN C 1016 57.57 -40.18 1.83
N LYS C 1017 58.51 -40.42 2.76
CA LYS C 1017 58.23 -40.21 4.18
C LYS C 1017 57.99 -38.73 4.45
N LEU C 1018 58.72 -37.85 3.76
CA LEU C 1018 58.53 -36.42 3.93
C LEU C 1018 57.16 -36.00 3.42
N ILE C 1019 56.68 -36.62 2.34
CA ILE C 1019 55.35 -36.31 1.82
C ILE C 1019 54.29 -36.79 2.80
N ALA C 1020 54.50 -37.97 3.39
CA ALA C 1020 53.55 -38.50 4.37
C ALA C 1020 53.46 -37.60 5.60
N THR C 1021 54.62 -37.20 6.14
CA THR C 1021 54.59 -36.32 7.30
C THR C 1021 54.09 -34.93 6.94
N ALA C 1022 54.26 -34.49 5.69
CA ALA C 1022 53.74 -33.20 5.27
C ALA C 1022 52.22 -33.25 5.23
N PHE C 1023 51.67 -34.37 4.75
CA PHE C 1023 50.22 -34.53 4.73
C PHE C 1023 49.66 -34.58 6.15
N ASN C 1024 50.35 -35.30 7.04
CA ASN C 1024 49.90 -35.40 8.43
C ASN C 1024 49.94 -34.02 9.11
N ASN C 1025 51.01 -33.25 8.85
CA ASN C 1025 51.11 -31.92 9.42
C ASN C 1025 50.05 -30.99 8.84
N ALA C 1026 49.73 -31.16 7.56
CA ALA C 1026 48.69 -30.35 6.92
C ALA C 1026 47.34 -30.63 7.56
N LEU C 1027 47.03 -31.91 7.78
CA LEU C 1027 45.76 -32.27 8.42
C LEU C 1027 45.71 -31.76 9.86
N LEU C 1028 46.82 -31.84 10.58
CA LEU C 1028 46.85 -31.35 11.96
C LEU C 1028 46.66 -29.84 12.01
N SER C 1029 47.32 -29.09 11.12
CA SER C 1029 47.17 -27.65 11.08
C SER C 1029 45.77 -27.25 10.63
N ILE C 1030 45.16 -28.05 9.76
CA ILE C 1030 43.81 -27.76 9.30
C ILE C 1030 42.82 -27.99 10.42
N GLN C 1031 43.00 -29.09 11.18
CA GLN C 1031 42.10 -29.39 12.30
C GLN C 1031 42.25 -28.36 13.40
N ASN C 1032 43.47 -27.90 13.68
CA ASN C 1032 43.69 -26.92 14.72
C ASN C 1032 43.45 -25.49 14.24
N GLY C 1033 43.15 -25.30 12.95
CA GLY C 1033 42.90 -23.96 12.43
C GLY C 1033 41.52 -23.42 12.69
N PHE C 1034 40.57 -24.26 13.10
CA PHE C 1034 39.22 -23.77 13.37
C PHE C 1034 39.11 -23.04 14.69
N SER C 1035 40.09 -23.21 15.58
CA SER C 1035 40.05 -22.53 16.88
C SER C 1035 40.20 -21.02 16.74
N ALA C 1036 40.96 -20.56 15.75
CA ALA C 1036 41.17 -19.14 15.53
C ALA C 1036 40.06 -18.61 14.63
N THR C 1037 40.23 -17.39 14.12
CA THR C 1037 39.25 -16.75 13.25
C THR C 1037 39.45 -17.19 11.78
N ASN C 1038 39.25 -18.48 11.57
CA ASN C 1038 39.39 -19.08 10.26
C ASN C 1038 38.29 -18.59 9.32
N SER C 1039 38.59 -18.61 8.02
CA SER C 1039 37.62 -18.17 7.02
C SER C 1039 36.46 -19.15 6.86
N ALA C 1040 36.69 -20.44 7.12
CA ALA C 1040 35.63 -21.43 6.98
C ALA C 1040 34.53 -21.20 8.00
N LEU C 1041 34.90 -21.09 9.28
CA LEU C 1041 33.90 -20.84 10.32
C LEU C 1041 33.27 -19.47 10.16
N ALA C 1042 34.00 -18.52 9.58
CA ALA C 1042 33.45 -17.18 9.37
C ALA C 1042 32.26 -17.23 8.43
N LYS C 1043 32.42 -17.87 7.26
CA LYS C 1043 31.31 -17.95 6.32
C LYS C 1043 30.23 -18.91 6.80
N ILE C 1044 30.59 -19.99 7.52
CA ILE C 1044 29.57 -20.92 8.02
C ILE C 1044 28.69 -20.22 9.04
N GLN C 1045 29.31 -19.54 10.01
CA GLN C 1045 28.55 -18.82 11.01
C GLN C 1045 27.83 -17.63 10.38
N SER C 1046 28.38 -17.08 9.29
CA SER C 1046 27.71 -15.97 8.62
C SER C 1046 26.43 -16.46 7.97
N VAL C 1047 26.45 -17.65 7.37
CA VAL C 1047 25.25 -18.21 6.75
C VAL C 1047 24.20 -18.55 7.81
N VAL C 1048 24.65 -19.17 8.91
CA VAL C 1048 23.73 -19.53 9.99
C VAL C 1048 23.12 -18.28 10.62
N ASN C 1049 23.95 -17.28 10.91
CA ASN C 1049 23.46 -16.04 11.50
C ASN C 1049 22.63 -15.25 10.50
N SER C 1050 22.89 -15.40 9.20
CA SER C 1050 22.08 -14.70 8.20
C SER C 1050 20.70 -15.29 8.16
N ASN C 1051 20.60 -16.62 8.24
CA ASN C 1051 19.29 -17.27 8.27
C ASN C 1051 18.54 -16.91 9.55
N ALA C 1052 19.24 -16.91 10.68
CA ALA C 1052 18.61 -16.54 11.95
C ALA C 1052 18.19 -15.08 11.95
N GLN C 1053 19.01 -14.21 11.38
CA GLN C 1053 18.68 -12.79 11.31
C GLN C 1053 17.48 -12.56 10.39
N ALA C 1054 17.41 -13.31 9.29
CA ALA C 1054 16.28 -13.19 8.38
C ALA C 1054 14.99 -13.63 9.06
N LEU C 1055 15.05 -14.74 9.81
CA LEU C 1055 13.87 -15.22 10.51
C LEU C 1055 13.47 -14.26 11.62
N ASN C 1056 14.46 -13.67 12.32
CA ASN C 1056 14.16 -12.72 13.38
C ASN C 1056 13.56 -11.43 12.82
N SER C 1057 14.10 -10.96 11.68
CA SER C 1057 13.56 -9.76 11.05
C SER C 1057 12.16 -10.01 10.52
N LEU C 1058 11.91 -11.23 10.04
CA LEU C 1058 10.56 -11.57 9.56
C LEU C 1058 9.59 -11.62 10.73
N LEU C 1059 10.03 -12.19 11.87
CA LEU C 1059 9.17 -12.25 13.04
C LEU C 1059 8.97 -10.86 13.62
N GLN C 1060 9.98 -9.99 13.48
CA GLN C 1060 9.86 -8.63 13.97
C GLN C 1060 8.87 -7.83 13.13
N GLN C 1061 8.59 -8.29 11.91
CA GLN C 1061 7.63 -7.61 11.05
C GLN C 1061 6.21 -7.76 11.62
N LEU C 1062 5.97 -8.83 12.38
CA LEU C 1062 4.65 -9.04 12.98
C LEU C 1062 4.41 -8.03 14.09
N PHE C 1063 5.47 -7.62 14.80
CA PHE C 1063 5.32 -6.65 15.88
C PHE C 1063 5.28 -5.22 15.37
N ASN C 1064 5.48 -5.01 14.07
CA ASN C 1064 5.44 -3.66 13.51
C ASN C 1064 4.01 -3.11 13.53
N LYS C 1065 3.91 -1.80 13.69
CA LYS C 1065 2.61 -1.14 13.76
C LYS C 1065 1.91 -1.06 12.40
N PHE C 1066 2.68 -0.80 11.33
CA PHE C 1066 2.14 -0.64 9.97
C PHE C 1066 1.09 0.46 9.90
N GLY C 1067 1.29 1.53 10.67
CA GLY C 1067 0.35 2.63 10.68
C GLY C 1067 -0.84 2.45 11.60
N ALA C 1068 -0.97 1.28 12.23
CA ALA C 1068 -2.09 1.01 13.14
C ALA C 1068 -1.73 1.45 14.55
N ILE C 1069 -2.73 1.39 15.45
CA ILE C 1069 -2.50 1.79 16.84
C ILE C 1069 -1.61 0.77 17.55
N SER C 1070 -1.83 -0.52 17.29
CA SER C 1070 -1.04 -1.57 17.92
C SER C 1070 -0.83 -2.69 16.91
N SER C 1071 -0.04 -3.69 17.31
CA SER C 1071 0.26 -4.84 16.48
C SER C 1071 -0.38 -6.13 16.95
N SER C 1072 -0.78 -6.21 18.22
CA SER C 1072 -1.42 -7.42 18.72
C SER C 1072 -2.81 -7.56 18.12
N LEU C 1073 -3.14 -8.78 17.70
CA LEU C 1073 -4.45 -9.03 17.10
C LEU C 1073 -5.57 -8.93 18.12
N GLN C 1074 -5.35 -9.43 19.34
CA GLN C 1074 -6.41 -9.37 20.35
C GLN C 1074 -6.71 -7.93 20.74
N GLU C 1075 -5.68 -7.07 20.78
CA GLU C 1075 -5.90 -5.67 21.14
C GLU C 1075 -6.74 -4.95 20.09
N ILE C 1076 -6.41 -5.13 18.80
CA ILE C 1076 -7.16 -4.46 17.74
C ILE C 1076 -8.56 -5.06 17.61
N LEU C 1077 -8.74 -6.34 17.95
CA LEU C 1077 -10.05 -6.96 17.86
C LEU C 1077 -10.86 -6.80 19.14
N SER C 1078 -10.26 -6.24 20.19
CA SER C 1078 -10.96 -6.04 21.45
C SER C 1078 -11.31 -4.57 21.73
N ARG C 1079 -10.38 -3.64 21.59
CA ARG C 1079 -10.72 -2.25 21.86
C ARG C 1079 -11.59 -1.65 20.75
N LEU C 1080 -11.39 -2.08 19.51
CA LEU C 1080 -12.19 -1.60 18.39
C LEU C 1080 -13.40 -2.50 18.19
N ASP C 1081 -14.46 -1.92 17.62
CA ASP C 1081 -15.68 -2.66 17.36
C ASP C 1081 -15.44 -3.64 16.22
N ALA C 1082 -16.18 -4.76 16.24
CA ALA C 1082 -16.04 -5.79 15.22
C ALA C 1082 -16.60 -5.38 13.86
N LEU C 1083 -17.31 -4.26 13.77
CA LEU C 1083 -17.89 -3.82 12.50
C LEU C 1083 -17.10 -2.70 11.83
N GLU C 1084 -16.57 -1.75 12.59
CA GLU C 1084 -15.83 -0.63 12.02
C GLU C 1084 -14.33 -0.89 11.91
N ALA C 1085 -13.83 -2.04 12.35
CA ALA C 1085 -12.41 -2.32 12.28
C ALA C 1085 -12.01 -3.15 11.08
N GLN C 1086 -12.96 -3.51 10.20
CA GLN C 1086 -12.63 -4.32 9.03
C GLN C 1086 -11.76 -3.54 8.03
N VAL C 1087 -12.18 -2.31 7.71
CA VAL C 1087 -11.42 -1.49 6.77
C VAL C 1087 -10.08 -1.08 7.38
N GLN C 1088 -10.00 -1.03 8.71
CA GLN C 1088 -8.75 -0.66 9.36
C GLN C 1088 -7.80 -1.86 9.47
N ILE C 1089 -8.34 -3.08 9.57
CA ILE C 1089 -7.46 -4.25 9.66
C ILE C 1089 -7.08 -4.72 8.26
N ASP C 1090 -7.80 -4.28 7.22
CA ASP C 1090 -7.47 -4.68 5.86
C ASP C 1090 -6.09 -4.18 5.45
N ARG C 1091 -5.74 -2.95 5.82
CA ARG C 1091 -4.42 -2.42 5.46
C ARG C 1091 -3.31 -3.18 6.20
N LEU C 1092 -3.56 -3.56 7.46
CA LEU C 1092 -2.56 -4.32 8.20
C LEU C 1092 -2.38 -5.71 7.62
N ILE C 1093 -3.49 -6.36 7.23
CA ILE C 1093 -3.40 -7.71 6.67
C ILE C 1093 -2.72 -7.68 5.30
N ASN C 1094 -2.99 -6.65 4.46
CA ASN C 1094 -2.30 -6.65 3.17
C ASN C 1094 -0.85 -6.23 3.34
N GLY C 1095 -0.53 -5.45 4.38
CA GLY C 1095 0.87 -5.11 4.62
C GLY C 1095 1.64 -6.34 5.04
N ARG C 1096 1.04 -7.19 5.88
CA ARG C 1096 1.71 -8.42 6.28
C ARG C 1096 1.84 -9.37 5.09
N LEU C 1097 0.82 -9.40 4.24
CA LEU C 1097 0.87 -10.27 3.05
C LEU C 1097 1.94 -9.81 2.06
N THR C 1098 2.07 -8.50 1.85
CA THR C 1098 3.11 -8.04 0.94
C THR C 1098 4.48 -8.23 1.57
N ALA C 1099 4.57 -8.21 2.90
CA ALA C 1099 5.84 -8.49 3.55
C ALA C 1099 6.22 -9.94 3.30
N LEU C 1100 5.23 -10.84 3.35
CA LEU C 1100 5.47 -12.25 3.06
C LEU C 1100 5.90 -12.44 1.62
N ASN C 1101 5.27 -11.71 0.69
CA ASN C 1101 5.63 -11.81 -0.72
C ASN C 1101 7.07 -11.34 -0.95
N ALA C 1102 7.46 -10.23 -0.33
CA ALA C 1102 8.83 -9.74 -0.48
C ALA C 1102 9.82 -10.73 0.12
N TYR C 1103 9.47 -11.31 1.27
CA TYR C 1103 10.37 -12.27 1.91
C TYR C 1103 10.53 -13.54 1.07
N VAL C 1104 9.43 -14.06 0.49
CA VAL C 1104 9.56 -15.26 -0.31
C VAL C 1104 10.29 -14.94 -1.63
N SER C 1105 10.17 -13.72 -2.15
CA SER C 1105 10.90 -13.37 -3.36
C SER C 1105 12.39 -13.33 -3.09
N GLN C 1106 12.78 -12.71 -1.97
CA GLN C 1106 14.19 -12.66 -1.59
C GLN C 1106 14.69 -14.07 -1.26
N GLN C 1107 13.81 -14.90 -0.68
CA GLN C 1107 14.18 -16.27 -0.37
C GLN C 1107 14.43 -17.07 -1.64
N LEU C 1108 13.60 -16.90 -2.67
CA LEU C 1108 13.81 -17.62 -3.92
C LEU C 1108 15.10 -17.15 -4.59
N SER C 1109 15.39 -15.85 -4.52
CA SER C 1109 16.62 -15.35 -5.12
C SER C 1109 17.84 -15.93 -4.40
N ASP C 1110 17.80 -15.95 -3.06
CA ASP C 1110 18.90 -16.50 -2.28
C ASP C 1110 19.06 -18.00 -2.53
N ILE C 1111 17.94 -18.72 -2.65
CA ILE C 1111 18.00 -20.16 -2.89
C ILE C 1111 18.54 -20.43 -4.30
N SER C 1112 18.23 -19.55 -5.27
CA SER C 1112 18.78 -19.73 -6.61
C SER C 1112 20.29 -19.53 -6.57
N LEU C 1113 20.75 -18.56 -5.77
CA LEU C 1113 22.18 -18.35 -5.63
C LEU C 1113 22.82 -19.55 -4.94
N VAL C 1114 22.09 -20.17 -4.00
CA VAL C 1114 22.57 -21.36 -3.31
C VAL C 1114 22.68 -22.51 -4.30
N LYS C 1115 21.73 -22.60 -5.24
CA LYS C 1115 21.78 -23.64 -6.26
C LYS C 1115 22.99 -23.44 -7.17
N LEU C 1116 23.29 -22.18 -7.50
CA LEU C 1116 24.46 -21.90 -8.32
C LEU C 1116 25.74 -22.29 -7.58
N GLY C 1117 25.79 -21.99 -6.29
CA GLY C 1117 26.94 -22.38 -5.49
C GLY C 1117 27.05 -23.89 -5.37
N ALA C 1118 25.90 -24.56 -5.32
CA ALA C 1118 25.87 -26.02 -5.27
C ALA C 1118 26.38 -26.60 -6.57
N ALA C 1119 26.07 -25.94 -7.68
CA ALA C 1119 26.56 -26.39 -8.99
C ALA C 1119 28.07 -26.25 -9.06
N LEU C 1120 28.60 -25.15 -8.51
CA LEU C 1120 30.05 -24.95 -8.48
C LEU C 1120 30.71 -25.98 -7.57
N ALA C 1121 30.09 -26.26 -6.43
CA ALA C 1121 30.63 -27.26 -5.50
C ALA C 1121 30.60 -28.64 -6.14
N MET C 1122 29.54 -28.94 -6.88
CA MET C 1122 29.42 -30.22 -7.57
C MET C 1122 30.49 -30.36 -8.63
N GLU C 1123 30.76 -29.26 -9.36
CA GLU C 1123 31.81 -29.26 -10.36
C GLU C 1123 33.16 -29.50 -9.71
N LYS C 1124 33.40 -28.90 -8.55
CA LYS C 1124 34.66 -29.14 -7.86
C LYS C 1124 34.75 -30.56 -7.34
N VAL C 1125 33.62 -31.13 -6.87
CA VAL C 1125 33.61 -32.50 -6.35
C VAL C 1125 33.98 -33.50 -7.45
N ASN C 1126 33.38 -33.36 -8.64
CA ASN C 1126 33.69 -34.30 -9.70
C ASN C 1126 34.78 -33.81 -10.65
N GLU C 1127 35.45 -32.72 -10.31
CA GLU C 1127 36.49 -32.16 -11.16
C GLU C 1127 37.86 -32.12 -10.47
N CYS C 1128 37.90 -31.90 -9.16
CA CYS C 1128 39.15 -31.82 -8.40
C CYS C 1128 39.30 -32.94 -7.38
N VAL C 1129 38.21 -33.43 -6.80
CA VAL C 1129 38.29 -34.49 -5.80
C VAL C 1129 38.40 -35.85 -6.46
N LYS C 1130 37.42 -36.20 -7.31
CA LYS C 1130 37.42 -37.50 -7.97
C LYS C 1130 38.54 -37.62 -8.99
N SER C 1131 38.70 -36.61 -9.85
CA SER C 1131 39.75 -36.67 -10.86
C SER C 1131 40.49 -35.34 -10.93
N GLN C 1132 41.35 -35.17 -11.93
CA GLN C 1132 42.13 -33.95 -12.10
C GLN C 1132 42.27 -33.63 -13.58
N SER C 1133 42.06 -32.36 -13.93
CA SER C 1133 42.15 -31.86 -15.29
C SER C 1133 43.10 -30.67 -15.33
N PRO C 1134 43.69 -30.37 -16.51
CA PRO C 1134 44.61 -29.23 -16.58
C PRO C 1134 43.93 -27.86 -16.52
N ARG C 1135 43.55 -27.44 -15.32
CA ARG C 1135 42.94 -26.13 -15.10
C ARG C 1135 43.83 -25.39 -14.11
N ILE C 1136 44.06 -24.11 -14.37
CA ILE C 1136 44.94 -23.29 -13.55
C ILE C 1136 44.15 -22.40 -12.61
N ASN C 1137 44.56 -22.39 -11.33
CA ASN C 1137 43.98 -21.59 -10.26
C ASN C 1137 42.48 -21.80 -10.08
N PHE C 1138 42.04 -23.05 -10.21
CA PHE C 1138 40.64 -23.40 -10.03
C PHE C 1138 40.45 -24.30 -8.83
N CYS C 1139 41.20 -25.41 -8.76
CA CYS C 1139 41.11 -26.34 -7.66
C CYS C 1139 41.86 -25.86 -6.42
N GLY C 1140 42.61 -24.76 -6.53
CA GLY C 1140 43.38 -24.21 -5.43
C GLY C 1140 44.18 -23.00 -5.84
N ASN C 1141 44.27 -21.99 -4.97
CA ASN C 1141 45.01 -20.77 -5.26
C ASN C 1141 46.51 -21.06 -5.15
N GLY C 1142 47.06 -21.61 -6.23
CA GLY C 1142 48.46 -21.96 -6.31
C GLY C 1142 48.62 -23.27 -7.03
N ASN C 1143 49.74 -23.94 -6.75
CA ASN C 1143 50.04 -25.23 -7.37
C ASN C 1143 49.21 -26.28 -6.64
N HIS C 1144 48.00 -26.50 -7.13
CA HIS C 1144 47.10 -27.47 -6.52
C HIS C 1144 47.57 -28.90 -6.79
N ILE C 1145 47.38 -29.78 -5.81
CA ILE C 1145 47.75 -31.19 -5.94
C ILE C 1145 46.54 -32.08 -5.77
N LEU C 1146 45.94 -32.06 -4.58
CA LEU C 1146 44.77 -32.88 -4.30
C LEU C 1146 43.70 -32.01 -3.64
N SER C 1147 42.52 -32.59 -3.44
CA SER C 1147 41.42 -31.86 -2.82
C SER C 1147 40.49 -32.87 -2.17
N LEU C 1148 40.56 -32.98 -0.85
CA LEU C 1148 39.69 -33.91 -0.14
C LEU C 1148 38.34 -33.24 0.09
N VAL C 1149 37.37 -34.02 0.57
CA VAL C 1149 36.04 -33.52 0.83
C VAL C 1149 35.56 -34.04 2.18
N GLN C 1150 34.88 -33.17 2.94
CA GLN C 1150 34.33 -33.48 4.25
C GLN C 1150 33.03 -32.71 4.40
N ASN C 1151 32.04 -33.35 5.03
CA ASN C 1151 30.74 -32.70 5.22
C ASN C 1151 30.86 -31.53 6.20
N ALA C 1152 30.11 -30.48 5.91
CA ALA C 1152 30.08 -29.25 6.70
C ALA C 1152 28.63 -28.87 6.93
N PRO C 1153 28.34 -28.12 7.99
CA PRO C 1153 26.94 -27.71 8.24
C PRO C 1153 26.43 -26.79 7.15
N TYR C 1154 25.42 -27.27 6.41
CA TYR C 1154 24.77 -26.55 5.30
C TYR C 1154 25.79 -26.16 4.23
N GLY C 1155 26.43 -27.16 3.67
CA GLY C 1155 27.42 -26.97 2.64
C GLY C 1155 28.43 -28.10 2.65
N LEU C 1156 29.58 -27.84 2.02
CA LEU C 1156 30.65 -28.81 1.94
C LEU C 1156 31.97 -28.11 2.24
N LEU C 1157 32.96 -28.90 2.63
CA LEU C 1157 34.29 -28.40 2.96
C LEU C 1157 35.33 -29.13 2.11
N PHE C 1158 36.29 -28.38 1.57
CA PHE C 1158 37.33 -28.94 0.72
C PHE C 1158 38.69 -28.65 1.33
N MET C 1159 39.63 -29.58 1.11
CA MET C 1159 41.01 -29.46 1.60
C MET C 1159 41.90 -29.30 0.38
N HIS C 1160 42.04 -28.07 -0.10
CA HIS C 1160 42.86 -27.79 -1.27
C HIS C 1160 44.32 -27.88 -0.89
N PHE C 1161 44.88 -29.08 -1.02
CA PHE C 1161 46.29 -29.33 -0.71
C PHE C 1161 47.13 -28.72 -1.81
N SER C 1162 47.59 -27.49 -1.60
CA SER C 1162 48.40 -26.79 -2.58
C SER C 1162 49.87 -27.25 -2.47
N TYR C 1163 50.75 -26.55 -3.17
CA TYR C 1163 52.18 -26.84 -3.19
C TYR C 1163 52.90 -25.50 -3.07
N LYS C 1164 53.50 -25.23 -1.92
CA LYS C 1164 54.19 -23.98 -1.69
C LYS C 1164 55.66 -24.20 -1.41
N PRO C 1165 56.55 -23.51 -2.09
CA PRO C 1165 57.99 -23.68 -1.85
C PRO C 1165 58.45 -22.85 -0.65
N ILE C 1166 59.72 -23.02 -0.29
CA ILE C 1166 60.28 -22.29 0.84
C ILE C 1166 61.50 -21.47 0.42
N SER C 1167 62.54 -22.12 -0.06
CA SER C 1167 63.77 -21.45 -0.47
C SER C 1167 63.97 -21.52 -1.97
N PHE C 1168 64.54 -20.45 -2.53
CA PHE C 1168 64.83 -20.33 -3.95
C PHE C 1168 66.33 -20.33 -4.17
N LYS C 1169 66.73 -20.30 -5.45
CA LYS C 1169 68.15 -20.33 -5.78
C LYS C 1169 68.40 -19.67 -7.14
N THR C 1170 69.37 -18.76 -7.19
CA THR C 1170 69.71 -18.09 -8.43
C THR C 1170 70.44 -19.05 -9.36
N VAL C 1171 70.07 -19.05 -10.64
CA VAL C 1171 70.67 -19.95 -11.61
C VAL C 1171 70.50 -19.35 -12.99
N LEU C 1172 71.33 -19.79 -13.94
CA LEU C 1172 71.29 -19.31 -15.32
C LEU C 1172 70.42 -20.24 -16.16
N VAL C 1173 69.32 -19.71 -16.69
CA VAL C 1173 68.40 -20.50 -17.50
C VAL C 1173 68.56 -20.08 -18.96
N SER C 1174 67.93 -20.84 -19.86
CA SER C 1174 68.00 -20.55 -21.28
C SER C 1174 66.80 -21.19 -22.00
N PRO C 1175 65.67 -20.48 -22.10
CA PRO C 1175 64.50 -21.06 -22.78
C PRO C 1175 64.76 -21.29 -24.26
N GLY C 1176 64.82 -22.56 -24.64
CA GLY C 1176 65.08 -22.91 -26.02
C GLY C 1176 66.54 -23.09 -26.35
N LEU C 1177 66.83 -24.00 -27.27
CA LEU C 1177 68.18 -24.31 -27.71
C LEU C 1177 68.02 -25.10 -29.01
N CYS C 1178 69.10 -25.20 -29.79
CA CYS C 1178 69.00 -25.94 -31.04
C CYS C 1178 70.35 -26.47 -31.50
N ILE C 1179 70.31 -27.64 -32.15
CA ILE C 1179 71.52 -28.25 -32.68
C ILE C 1179 71.88 -27.52 -33.97
N SER C 1180 73.17 -27.58 -34.34
CA SER C 1180 73.65 -26.94 -35.56
C SER C 1180 73.11 -27.60 -36.83
N GLY C 1181 72.47 -28.76 -36.73
CA GLY C 1181 71.93 -29.46 -37.88
C GLY C 1181 70.54 -29.01 -38.31
N ASP C 1182 70.22 -27.74 -38.04
CA ASP C 1182 68.95 -27.10 -38.39
C ASP C 1182 67.74 -27.84 -37.80
N VAL C 1183 67.75 -27.96 -36.47
CA VAL C 1183 66.67 -28.59 -35.72
C VAL C 1183 66.67 -28.01 -34.31
N GLY C 1184 65.49 -27.65 -33.80
CA GLY C 1184 65.35 -27.04 -32.51
C GLY C 1184 64.98 -27.96 -31.36
N ILE C 1185 65.13 -27.42 -30.15
CA ILE C 1185 64.84 -28.09 -28.89
C ILE C 1185 64.02 -27.13 -28.04
N ALA C 1186 62.94 -27.63 -27.45
CA ALA C 1186 62.09 -26.82 -26.59
C ALA C 1186 61.85 -27.55 -25.28
N PRO C 1187 61.79 -26.83 -24.16
CA PRO C 1187 61.55 -27.49 -22.87
C PRO C 1187 60.09 -27.89 -22.70
N LYS C 1188 59.87 -29.11 -22.22
CA LYS C 1188 58.51 -29.58 -21.98
C LYS C 1188 57.89 -28.85 -20.80
N GLN C 1189 58.50 -29.01 -19.63
CA GLN C 1189 58.05 -28.34 -18.40
C GLN C 1189 59.32 -28.01 -17.61
N GLY C 1190 59.87 -26.83 -17.85
CA GLY C 1190 61.07 -26.42 -17.16
C GLY C 1190 61.91 -25.48 -18.01
N TYR C 1191 63.20 -25.41 -17.68
CA TYR C 1191 64.14 -24.56 -18.38
C TYR C 1191 65.44 -25.32 -18.61
N PHE C 1192 66.29 -24.75 -19.46
CA PHE C 1192 67.60 -25.32 -19.78
C PHE C 1192 68.67 -24.53 -19.03
N ILE C 1193 69.51 -25.23 -18.28
CA ILE C 1193 70.54 -24.62 -17.46
C ILE C 1193 71.91 -25.16 -17.85
N LYS C 1194 72.86 -24.25 -18.10
CA LYS C 1194 74.22 -24.63 -18.42
C LYS C 1194 74.93 -25.03 -17.13
N HIS C 1195 75.66 -26.13 -17.15
CA HIS C 1195 76.35 -26.58 -15.94
C HIS C 1195 77.65 -27.28 -16.35
N ASN C 1196 78.77 -26.56 -16.22
CA ASN C 1196 80.12 -27.04 -16.52
C ASN C 1196 80.23 -27.56 -17.95
N ASP C 1197 80.00 -26.66 -18.91
CA ASP C 1197 80.05 -26.94 -20.35
C ASP C 1197 79.09 -28.06 -20.75
N HIS C 1198 77.97 -28.17 -20.04
CA HIS C 1198 76.96 -29.18 -20.29
C HIS C 1198 75.60 -28.54 -20.09
N TRP C 1199 74.66 -28.87 -20.97
CA TRP C 1199 73.30 -28.34 -20.92
C TRP C 1199 72.40 -29.35 -20.21
N MET C 1200 71.78 -28.91 -19.11
CA MET C 1200 70.90 -29.76 -18.34
C MET C 1200 69.55 -29.09 -18.19
N PHE C 1201 68.53 -29.92 -18.01
CA PHE C 1201 67.15 -29.48 -17.87
C PHE C 1201 66.68 -29.66 -16.43
N THR C 1202 66.01 -28.66 -15.89
CA THR C 1202 65.50 -28.70 -14.53
C THR C 1202 64.00 -28.41 -14.55
N GLY C 1203 63.32 -28.78 -13.48
CA GLY C 1203 61.89 -28.57 -13.39
C GLY C 1203 61.53 -27.12 -13.18
N SER C 1204 60.24 -26.84 -13.33
CA SER C 1204 59.72 -25.49 -13.16
C SER C 1204 59.51 -25.11 -11.70
N SER C 1205 59.57 -26.07 -10.77
CA SER C 1205 59.36 -25.76 -9.37
C SER C 1205 60.36 -26.45 -8.44
N TYR C 1206 61.45 -27.01 -8.96
CA TYR C 1206 62.43 -27.68 -8.13
C TYR C 1206 63.75 -27.75 -8.88
N TYR C 1207 64.78 -27.13 -8.32
CA TYR C 1207 66.11 -27.12 -8.95
C TYR C 1207 66.72 -28.52 -8.83
N TYR C 1208 66.76 -29.26 -9.95
CA TYR C 1208 67.33 -30.59 -9.97
C TYR C 1208 67.86 -30.85 -11.37
N PRO C 1209 69.19 -30.77 -11.57
CA PRO C 1209 69.74 -31.00 -12.91
C PRO C 1209 69.76 -32.46 -13.32
N GLU C 1210 68.98 -32.79 -14.35
CA GLU C 1210 68.89 -34.14 -14.88
C GLU C 1210 69.26 -34.12 -16.36
N PRO C 1211 69.78 -35.23 -16.90
CA PRO C 1211 70.18 -35.25 -18.31
C PRO C 1211 69.00 -35.11 -19.27
N ILE C 1212 69.35 -34.82 -20.52
CA ILE C 1212 68.36 -34.63 -21.57
C ILE C 1212 67.86 -35.97 -22.06
N SER C 1213 66.54 -36.11 -22.18
CA SER C 1213 65.90 -37.34 -22.64
C SER C 1213 64.85 -36.96 -23.68
N ASP C 1214 64.01 -37.92 -24.05
CA ASP C 1214 62.97 -37.66 -25.03
C ASP C 1214 61.61 -37.33 -24.42
N LYS C 1215 61.42 -37.57 -23.13
CA LYS C 1215 60.16 -37.31 -22.46
C LYS C 1215 60.07 -35.90 -21.89
N ASN C 1216 61.13 -35.09 -22.04
CA ASN C 1216 61.15 -33.73 -21.53
C ASN C 1216 61.57 -32.72 -22.59
N VAL C 1217 61.58 -33.12 -23.86
CA VAL C 1217 61.99 -32.28 -24.97
C VAL C 1217 60.90 -32.22 -26.03
N VAL C 1218 60.51 -31.01 -26.41
CA VAL C 1218 59.53 -30.80 -27.47
C VAL C 1218 60.33 -30.61 -28.74
N PHE C 1219 60.38 -31.63 -29.58
CA PHE C 1219 61.16 -31.58 -30.81
C PHE C 1219 60.58 -30.58 -31.80
N MET C 1220 61.44 -30.15 -32.73
CA MET C 1220 61.06 -29.20 -33.76
C MET C 1220 61.58 -29.63 -35.13
N ASN C 1221 61.42 -28.76 -36.12
CA ASN C 1221 61.88 -29.03 -37.48
C ASN C 1221 63.05 -28.15 -37.88
N THR C 1222 63.09 -26.90 -37.38
CA THR C 1222 64.16 -25.96 -37.67
C THR C 1222 64.39 -25.09 -36.45
N CYS C 1223 65.60 -24.54 -36.33
CA CYS C 1223 65.93 -23.69 -35.21
C CYS C 1223 65.48 -22.25 -35.46
N SER C 1224 65.21 -21.54 -34.38
CA SER C 1224 64.78 -20.14 -34.45
C SER C 1224 66.02 -19.25 -34.53
N VAL C 1225 65.84 -17.95 -34.32
CA VAL C 1225 66.97 -17.02 -34.38
C VAL C 1225 67.45 -16.63 -32.98
N ASN C 1226 66.55 -16.52 -32.01
CA ASN C 1226 66.94 -16.14 -30.65
C ASN C 1226 67.07 -17.37 -29.74
N PHE C 1227 67.90 -18.31 -30.18
CA PHE C 1227 68.19 -19.54 -29.46
C PHE C 1227 69.69 -19.66 -29.26
N THR C 1228 70.09 -20.19 -28.11
CA THR C 1228 71.50 -20.37 -27.80
C THR C 1228 72.04 -21.54 -28.61
N LYS C 1229 72.86 -21.25 -29.61
CA LYS C 1229 73.42 -22.30 -30.46
C LYS C 1229 74.47 -23.09 -29.67
N ALA C 1230 74.36 -24.43 -29.74
CA ALA C 1230 75.28 -25.30 -29.03
C ALA C 1230 75.31 -26.68 -29.67
N PRO C 1231 76.43 -27.10 -30.24
CA PRO C 1231 76.50 -28.44 -30.85
C PRO C 1231 76.81 -29.51 -29.82
N LEU C 1232 76.96 -30.77 -30.30
CA LEU C 1232 77.27 -31.93 -29.47
C LEU C 1232 76.22 -32.12 -28.36
N VAL C 1233 74.96 -31.94 -28.73
CA VAL C 1233 73.85 -32.10 -27.79
C VAL C 1233 72.84 -33.03 -28.44
N TYR C 1234 73.34 -33.91 -29.31
CA TYR C 1234 72.51 -34.87 -30.02
C TYR C 1234 71.85 -35.85 -29.07
N LEU C 1235 70.64 -36.29 -29.44
CA LEU C 1235 69.89 -37.24 -28.63
C LEU C 1235 70.01 -38.65 -29.18
C1 NAG D . 3.55 45.37 -34.48
C2 NAG D . 5.06 45.36 -34.29
C3 NAG D . 5.76 45.84 -35.56
C4 NAG D . 5.30 45.04 -36.77
C5 NAG D . 3.77 45.00 -36.86
C6 NAG D . 3.26 44.05 -37.91
C7 NAG D . 5.73 45.67 -31.94
C8 NAG D . 6.11 46.66 -30.88
N2 NAG D . 5.45 46.17 -33.15
O3 NAG D . 7.17 45.73 -35.40
O4 NAG D . 5.81 45.63 -37.95
O5 NAG D . 3.21 44.55 -35.60
O6 NAG D . 3.02 42.76 -37.37
O7 NAG D . 5.68 44.46 -31.72
C1 NAG D . 6.74 44.76 -38.61
C2 NAG D . 6.70 45.06 -40.11
C3 NAG D . 7.72 44.19 -40.85
C4 NAG D . 9.10 44.35 -40.24
C5 NAG D . 9.06 44.09 -38.74
C6 NAG D . 10.37 44.34 -38.05
C7 NAG D . 4.49 45.85 -40.79
C8 NAG D . 3.15 45.46 -41.37
N2 NAG D . 5.37 44.86 -40.66
O3 NAG D . 7.74 44.57 -42.22
O4 NAG D . 10.01 43.44 -40.85
O5 NAG D . 8.09 44.95 -38.12
O6 NAG D . 11.30 45.01 -38.91
O7 NAG D . 4.74 47.01 -40.48
C1 NAG E . -31.86 27.95 -42.92
C2 NAG E . -32.46 26.55 -42.78
C3 NAG E . -31.35 25.50 -42.80
C4 NAG E . -30.48 25.66 -44.04
C5 NAG E . -29.97 27.11 -44.14
C6 NAG E . -29.20 27.38 -45.40
C7 NAG E . -34.58 26.37 -41.55
C8 NAG E . -35.22 26.26 -40.20
N2 NAG E . -33.25 26.43 -41.55
O3 NAG E . -31.94 24.20 -42.79
O4 NAG E . -29.36 24.79 -43.96
O5 NAG E . -31.07 28.02 -44.12
O6 NAG E . -29.83 26.78 -46.53
O7 NAG E . -35.24 26.42 -42.59
C1 NAG E . -29.47 23.75 -44.95
C2 NAG E . -28.07 23.29 -45.35
C3 NAG E . -28.15 22.16 -46.37
C4 NAG E . -29.03 21.03 -45.84
C5 NAG E . -30.39 21.57 -45.42
C6 NAG E . -31.27 20.51 -44.76
C7 NAG E . -26.37 25.05 -45.17
C8 NAG E . -25.66 26.17 -45.87
N2 NAG E . -27.30 24.40 -45.88
O3 NAG E . -26.84 21.67 -46.64
O4 NAG E . -29.20 20.03 -46.85
O5 NAG E . -30.23 22.62 -44.47
O6 NAG E . -30.54 19.75 -43.82
O7 NAG E . -26.12 24.76 -44.00
C1 NAG F . 20.81 21.94 -26.46
C2 NAG F . 22.28 22.28 -26.29
C3 NAG F . 23.11 21.56 -27.35
C4 NAG F . 22.85 20.06 -27.30
C5 NAG F . 21.34 19.79 -27.43
C6 NAG F . 20.98 18.34 -27.26
C7 NAG F . 22.69 24.50 -25.29
C8 NAG F . 22.89 25.95 -25.56
N2 NAG F . 22.50 23.73 -26.37
O3 NAG F . 24.50 21.82 -27.10
O4 NAG F . 23.53 19.41 -28.38
O5 NAG F . 20.64 20.51 -26.40
O6 NAG F . 21.79 17.70 -26.27
O7 NAG F . 22.69 24.02 -24.15
C1 NAG F . 24.63 18.63 -27.87
C2 NAG F . 25.02 17.60 -28.93
C3 NAG F . 26.22 16.78 -28.45
C4 NAG F . 27.37 17.71 -28.06
C5 NAG F . 26.89 18.73 -27.04
C6 NAG F . 27.94 19.76 -26.70
C7 NAG F . 23.42 16.54 -30.48
C8 NAG F . 22.28 15.60 -30.62
N2 NAG F . 23.90 16.72 -29.24
O3 NAG F . 26.64 15.90 -29.49
O4 NAG F . 28.43 16.95 -27.50
O5 NAG F . 25.76 19.46 -27.57
O6 NAG F . 28.06 20.75 -27.71
O7 NAG F . 23.91 17.13 -31.44
C1 NAG G . -42.54 -36.96 -9.69
C2 NAG G . -41.98 -37.20 -11.09
C3 NAG G . -42.24 -38.63 -11.51
C4 NAG G . -41.71 -39.61 -10.48
C5 NAG G . -42.24 -39.27 -9.08
C6 NAG G . -41.60 -40.08 -7.99
C7 NAG G . -41.92 -35.16 -12.47
C8 NAG G . -42.66 -34.32 -13.46
N2 NAG G . -42.56 -36.26 -12.04
O3 NAG G . -41.62 -38.88 -12.77
O4 NAG G . -42.14 -40.94 -10.81
O5 NAG G . -41.97 -37.89 -8.77
O6 NAG G . -40.46 -39.43 -7.44
O7 NAG G . -40.80 -34.87 -12.06
C1 NAG G . -41.01 -41.78 -11.14
C2 NAG G . -41.38 -43.22 -10.77
C3 NAG G . -40.24 -44.16 -11.14
C4 NAG G . -39.84 -44.00 -12.60
C5 NAG G . -39.54 -42.53 -12.90
C6 NAG G . -39.26 -42.27 -14.36
C7 NAG G . -42.97 -43.31 -8.91
C8 NAG G . -43.13 -43.45 -7.42
N2 NAG G . -41.71 -43.34 -9.36
O3 NAG G . -40.64 -45.51 -10.89
O4 NAG G . -38.69 -44.78 -12.88
O5 NAG G . -40.66 -41.71 -12.54
O6 NAG G . -39.53 -43.41 -15.16
O7 NAG G . -43.93 -43.19 -9.66
C1 NAG H . -39.96 -33.65 30.51
C2 NAG H . -38.84 -33.26 31.49
C3 NAG H . -37.47 -33.56 30.87
C4 NAG H . -37.39 -35.00 30.38
C5 NAG H . -38.56 -35.31 29.46
C6 NAG H . -38.62 -36.76 29.04
C7 NAG H . -39.44 -31.47 33.04
C8 NAG H . -39.48 -29.98 33.27
N2 NAG H . -38.94 -31.87 31.87
O3 NAG H . -36.45 -33.30 31.83
O4 NAG H . -36.17 -35.20 29.68
O5 NAG H . -39.80 -35.03 30.13
O6 NAG H . -38.30 -37.63 30.13
O7 NAG H . -39.85 -32.26 33.89
C1 NAG H . -35.29 -36.06 30.44
C2 NAG H . -34.38 -36.80 29.47
C3 NAG H . -33.39 -37.69 30.24
C4 NAG H . -32.63 -36.86 31.27
C5 NAG H . -33.61 -36.10 32.17
C6 NAG H . -32.91 -35.16 33.12
C7 NAG H . -35.39 -37.25 27.28
C8 NAG H . -36.21 -38.20 26.46
N2 NAG H . -35.16 -37.62 28.54
O3 NAG H . -32.48 -38.29 29.33
O4 NAG H . -31.81 -37.70 32.07
O5 NAG H . -34.49 -35.30 31.37
O6 NAG H . -31.91 -34.39 32.47
O7 NAG H . -34.96 -36.19 26.81
C1 NAG I . -14.05 -32.81 -18.66
C2 NAG I . -13.81 -33.09 -20.14
C3 NAG I . -12.87 -34.28 -20.32
C4 NAG I . -11.58 -34.07 -19.55
C5 NAG I . -11.90 -33.74 -18.08
C6 NAG I . -10.67 -33.39 -17.28
C7 NAG I . -15.66 -32.39 -21.60
C8 NAG I . -16.96 -32.79 -22.24
N2 NAG I . -15.07 -33.31 -20.85
O3 NAG I . -12.60 -34.46 -21.71
O4 NAG I . -10.79 -35.24 -19.60
O5 NAG I . -12.78 -32.61 -18.00
O6 NAG I . -9.74 -32.63 -18.05
O7 NAG I . -15.18 -31.27 -21.75
C1 NAG I . -9.63 -35.03 -20.43
C2 NAG I . -8.57 -36.07 -20.08
C3 NAG I . -7.35 -35.91 -20.99
C4 NAG I . -7.76 -35.92 -22.46
C5 NAG I . -8.85 -34.88 -22.72
C6 NAG I . -9.39 -34.93 -24.12
C7 NAG I . -8.25 -37.02 -17.85
C8 NAG I . -7.81 -36.75 -16.44
N2 NAG I . -8.19 -35.99 -18.69
O3 NAG I . -6.42 -36.95 -20.73
O4 NAG I . -6.64 -35.64 -23.28
O5 NAG I . -9.96 -35.11 -21.83
O6 NAG I . -10.30 -36.01 -24.30
O7 NAG I . -8.65 -38.12 -18.21
C1 NAG J . 19.34 6.60 53.71
C2 NAG J . 19.72 5.12 53.74
C3 NAG J . 20.95 4.91 54.61
C4 NAG J . 22.10 5.81 54.16
C5 NAG J . 21.63 7.27 54.05
C6 NAG J . 22.66 8.18 53.42
C7 NAG J . 17.78 3.65 53.42
C8 NAG J . 16.70 2.86 54.09
N2 NAG J . 18.60 4.31 54.23
O3 NAG J . 21.35 3.55 54.55
O4 NAG J . 23.16 5.74 55.09
O5 NAG J . 20.46 7.36 53.23
O6 NAG J . 22.55 8.17 52.00
O7 NAG J . 17.91 3.68 52.20
C1 NAG J . 24.33 5.14 54.48
C2 NAG J . 25.57 5.70 55.18
C3 NAG J . 26.83 5.06 54.61
C4 NAG J . 26.74 3.54 54.67
C5 NAG J . 25.46 3.07 54.00
C6 NAG J . 25.23 1.58 54.14
C7 NAG J . 25.18 7.97 56.03
C8 NAG J . 25.32 9.44 55.74
N2 NAG J . 25.63 7.15 55.07
O3 NAG J . 27.96 5.51 55.36
O4 NAG J . 27.86 2.96 54.01
O5 NAG J . 24.32 3.71 54.60
O6 NAG J . 26.20 0.98 55.00
O7 NAG J . 24.67 7.55 57.06
C1 NAG K . 18.96 43.61 37.72
C2 NAG K . 19.01 44.20 36.32
C3 NAG K . 19.72 43.23 35.37
C4 NAG K . 21.09 42.84 35.91
C5 NAG K . 20.96 42.32 37.35
C6 NAG K . 22.29 42.05 38.01
C7 NAG K . 17.20 45.74 35.71
C8 NAG K . 15.80 45.86 35.19
N2 NAG K . 17.67 44.50 35.82
O3 NAG K . 19.86 43.84 34.09
O4 NAG K . 21.66 41.82 35.10
O5 NAG K . 20.29 43.29 38.16
O6 NAG K . 23.23 43.06 37.73
O7 NAG K . 17.87 46.72 36.01
C1 NAG K . 22.80 42.35 34.38
C2 NAG K . 23.79 41.21 34.12
C3 NAG K . 24.98 41.71 33.31
C4 NAG K . 24.51 42.41 32.04
C5 NAG K . 23.49 43.50 32.37
C6 NAG K . 22.88 44.15 31.14
C7 NAG K . 23.74 39.46 35.84
C8 NAG K . 24.32 38.99 37.14
N2 NAG K . 24.24 40.62 35.37
O3 NAG K . 25.83 40.63 32.99
O4 NAG K . 25.61 42.99 31.36
O5 NAG K . 22.40 42.95 33.13
O6 NAG K . 22.54 43.17 30.17
O7 NAG K . 22.87 38.84 35.24
C1 NAG L . 24.91 -11.20 29.84
C2 NAG L . 25.21 -12.68 30.10
C3 NAG L . 26.66 -13.00 29.78
C4 NAG L . 26.98 -12.59 28.35
C5 NAG L . 26.62 -11.12 28.13
C6 NAG L . 26.80 -10.67 26.70
C7 NAG L . 23.83 -13.77 31.82
C8 NAG L . 23.66 -14.05 33.29
N2 NAG L . 24.90 -13.04 31.48
O3 NAG L . 26.88 -14.39 29.97
O4 NAG L . 28.37 -12.77 28.08
O5 NAG L . 25.25 -10.89 28.47
O6 NAG L . 26.44 -11.70 25.78
O7 NAG L . 23.03 -14.18 30.99
C1 NAG L . 28.56 -13.91 27.22
C2 NAG L . 29.94 -13.81 26.55
C3 NAG L . 30.19 -15.03 25.68
C4 NAG L . 30.00 -16.31 26.48
C5 NAG L . 28.63 -16.32 27.15
C6 NAG L . 28.42 -17.50 28.07
C7 NAG L . 31.01 -11.68 25.96
C8 NAG L . 30.98 -10.48 25.06
N2 NAG L . 30.05 -12.58 25.77
O3 NAG L . 31.51 -14.98 25.16
O4 NAG L . 30.11 -17.44 25.62
O5 NAG L . 28.47 -15.14 27.96
O6 NAG L . 28.97 -17.27 29.35
O7 NAG L . 31.88 -11.82 26.82
C1 SIA M . -29.02 47.06 -43.70
C2 SIA M . -29.13 47.26 -45.27
C3 SIA M . -28.12 48.23 -45.90
C4 SIA M . -26.68 47.70 -45.91
C5 SIA M . -26.61 46.31 -46.54
C6 SIA M . -27.70 45.35 -45.99
C7 SIA M . -27.89 44.14 -46.94
C8 SIA M . -28.15 42.84 -46.14
C9 SIA M . -29.55 42.31 -46.40
C10 SIA M . -24.29 45.56 -47.22
C11 SIA M . -24.59 46.05 -48.63
N5 SIA M . -25.29 45.73 -46.31
O1A SIA M . -29.63 46.03 -43.31
O1B SIA M . -28.39 47.92 -43.04
O2 SIA M . -30.41 47.68 -45.55
O4 SIA M . -25.81 48.55 -46.66
O6 SIA M . -28.98 45.95 -45.93
O7 SIA M . -28.95 44.43 -47.85
O8 SIA M . -27.15 41.86 -46.46
O9 SIA M . -30.51 43.09 -45.67
O10 SIA M . -23.19 45.07 -46.96
CAF 5N6 M . -31.93 39.50 -39.89
CAG 5N6 M . -31.67 40.43 -41.03
C11 5N6 M . -24.80 35.66 -42.11
C10 5N6 M . -25.51 36.46 -43.19
C9 5N6 M . -29.32 40.66 -40.69
C8 5N6 M . -28.77 40.77 -42.15
C7 5N6 M . -27.87 39.55 -42.56
N5 5N6 M . -25.33 37.84 -43.15
C5 5N6 M . -25.95 38.74 -44.14
C4 5N6 M . -24.85 39.35 -45.05
C6 5N6 M . -26.67 39.96 -43.47
C3 5N6 M . -25.53 40.21 -46.13
C2 5N6 M . -26.36 41.34 -45.47
C1 5N6 M . -25.40 42.43 -44.83
OBJ 5N6 M . -32.29 40.51 -42.09
O9 5N6 M . -30.61 41.22 -40.77
O10 5N6 M . -26.20 35.89 -44.03
O7 5N6 M . -28.65 38.66 -43.31
O8 5N6 M . -27.94 41.89 -42.19
O4 5N6 M . -24.17 38.35 -45.75
O6 5N6 M . -27.24 40.76 -44.50
O1B 5N6 M . -25.82 43.07 -43.84
O1A 5N6 M . -24.29 42.58 -45.38
C1 SIA N . -56.62 -36.51 21.04
C2 SIA N . -56.94 -37.99 21.53
C3 SIA N . -57.50 -38.94 20.46
C4 SIA N . -56.48 -39.34 19.40
C5 SIA N . -55.20 -39.89 20.04
C6 SIA N . -54.68 -38.98 21.18
C7 SIA N . -53.69 -39.74 22.08
C8 SIA N . -52.53 -38.84 22.56
C9 SIA N . -52.57 -38.64 24.07
C10 SIA N . -53.69 -41.17 18.47
C11 SIA N . -54.32 -42.47 18.98
N5 SIA N . -54.16 -40.02 19.01
O1A SIA N . -55.87 -35.90 21.85
O1B SIA N . -57.13 -36.12 19.97
O2 SIA N . -57.83 -37.89 22.58
O4 SIA N . -56.99 -40.38 18.54
O6 SIA N . -55.72 -38.59 22.07
O7 SIA N . -54.39 -40.34 23.17
O8 SIA N . -51.28 -39.35 22.12
O9 SIA N . -53.59 -37.72 24.41
O10 SIA N . -52.81 -41.20 17.61
CAF 5N6 N . -50.60 -31.54 25.27
CAG 5N6 N . -51.41 -32.77 25.01
C11 5N6 N . -44.44 -35.47 21.04
C10 5N6 N . -45.49 -36.35 21.69
C9 5N6 N . -50.70 -33.14 22.76
C8 5N6 N . -50.66 -34.71 22.69
C7 5N6 N . -49.22 -35.28 22.47
N5 5N6 N . -46.71 -36.45 21.03
C5 5N6 N . -47.83 -37.28 21.54
C4 5N6 N . -48.02 -38.51 20.60
C6 5N6 N . -49.20 -36.52 21.53
C3 5N6 N . -49.12 -39.40 21.20
C2 5N6 N . -50.44 -38.61 21.32
C1 5N6 N . -51.08 -38.34 19.89
OBJ 5N6 N . -51.79 -33.61 25.82
O9 5N6 N . -51.72 -32.86 23.70
O10 5N6 N . -45.24 -36.96 22.73
O7 5N6 N . -48.73 -35.71 23.70
O8 5N6 N . -51.40 -35.09 21.58
O4 5N6 N . -46.88 -39.30 20.57
O6 5N6 N . -50.19 -37.38 22.03
O1B 5N6 N . -51.78 -37.32 19.74
O1A 5N6 N . -50.83 -39.20 19.01
C1 SIA O . 15.32 40.17 56.40
C2 SIA O . 16.64 40.82 57.02
C3 SIA O . 17.29 40.04 58.17
C4 SIA O . 17.94 38.73 57.75
C5 SIA O . 18.91 38.94 56.59
C6 SIA O . 18.31 39.81 55.46
C7 SIA O . 19.44 40.40 54.57
C8 SIA O . 19.03 40.44 53.08
C9 SIA O . 18.91 41.88 52.58
C10 SIA O . 20.54 37.09 55.99
C11 SIA O . 21.65 37.94 56.61
N5 SIA O . 19.30 37.64 56.03
O1A SIA O . 15.06 40.63 55.26
O1B SIA O . 14.73 39.31 57.08
O2 SIA O . 16.32 42.09 57.43
O4 SIA O . 18.69 38.14 58.83
O6 SIA O . 17.64 40.97 55.96
O7 SIA O . 19.81 41.69 55.06
O8 SIA O . 19.93 39.68 52.29
O9 SIA O . 17.69 42.46 53.06
O10 SIA O . 20.79 35.99 55.51
CAF 5N6 O . 13.01 42.06 48.01
CAG 5N6 O . 13.92 42.14 49.19
C11 5N6 O . 18.65 36.31 45.22
C10 5N6 O . 19.13 37.31 46.25
C9 5N6 O . 14.39 39.80 49.40
C8 5N6 O . 15.86 39.75 49.94
C7 5N6 O . 16.87 39.12 48.92
N5 5N6 O . 18.79 37.06 47.58
C5 5N6 O . 19.19 37.94 48.68
C4 5N6 O . 20.22 37.21 49.58
C6 5N6 O . 17.99 38.30 49.64
C3 5N6 O . 20.70 38.16 50.68
C2 5N6 O . 19.49 38.62 51.53
C1 5N6 O . 18.95 37.43 52.44
OBJ 5N6 O . 14.65 43.07 49.52
O9 5N6 O . 13.87 41.01 49.93
O10 5N6 O . 19.80 38.28 45.91
O7 5N6 O . 17.51 40.16 48.25
O8 5N6 O . 15.84 38.91 51.04
O4 5N6 O . 21.37 36.88 48.84
O6 5N6 O . 18.48 39.13 50.66
O1B 5N6 O . 17.74 37.43 52.75
O1A 5N6 O . 19.80 36.57 52.78
C1 NAG P . -37.90 -23.02 -23.07
C2 NAG P . -39.32 -23.25 -23.62
C3 NAG P . -40.30 -23.57 -22.48
C4 NAG P . -39.77 -24.72 -21.63
C5 NAG P . -38.35 -24.41 -21.15
C6 NAG P . -37.73 -25.56 -20.38
C7 NAG P . -39.99 -20.87 -24.02
C8 NAG P . -40.49 -19.91 -25.05
N2 NAG P . -39.80 -22.13 -24.43
O3 NAG P . -41.57 -23.91 -23.03
O4 NAG P . -40.62 -24.92 -20.50
O5 NAG P . -37.51 -24.15 -22.28
O6 NAG P . -38.33 -26.80 -20.73
O7 NAG P . -39.77 -20.50 -22.85
C1 NAG Q . 20.15 8.82 -44.85
C2 NAG Q . 21.30 7.81 -44.94
C3 NAG Q . 22.65 8.52 -44.88
C4 NAG Q . 22.72 9.62 -45.94
C5 NAG Q . 21.53 10.56 -45.80
C6 NAG Q . 21.47 11.60 -46.90
C7 NAG Q . 20.60 5.62 -44.06
C8 NAG Q . 20.58 4.72 -42.88
N2 NAG Q . 21.20 6.80 -43.89
O3 NAG Q . 23.69 7.57 -45.10
O4 NAG Q . 23.93 10.36 -45.78
O5 NAG Q . 20.31 9.82 -45.87
O6 NAG Q . 22.78 11.99 -47.31
O7 NAG Q . 20.07 5.31 -45.13
C1 NAG R . 3.64 -12.17 -50.64
C2 NAG R . 4.27 -12.42 -52.02
C3 NAG R . 3.50 -13.52 -52.76
C4 NAG R . 3.39 -14.78 -51.90
C5 NAG R . 2.77 -14.43 -50.55
C6 NAG R . 2.73 -15.61 -49.61
C7 NAG R . 5.34 -10.77 -53.53
C8 NAG R . 6.57 -11.64 -53.47
N2 NAG R . 4.28 -11.20 -52.82
O3 NAG R . 4.15 -13.82 -53.99
O4 NAG R . 2.59 -15.75 -52.56
O5 NAG R . 3.56 -13.42 -49.91
O6 NAG R . 2.19 -15.24 -48.34
O7 NAG R . 5.30 -9.74 -54.19
C1 NAG S . 49.72 -13.12 -46.81
C2 NAG S . 50.83 -12.85 -47.84
C3 NAG S . 51.47 -11.49 -47.56
C4 NAG S . 50.42 -10.39 -47.49
C5 NAG S . 49.34 -10.76 -46.49
C6 NAG S . 48.20 -9.77 -46.46
C7 NAG S . 52.50 -14.29 -48.89
C8 NAG S . 53.49 -15.39 -48.69
N2 NAG S . 51.83 -13.90 -47.81
O3 NAG S . 52.42 -11.19 -48.58
O4 NAG S . 51.02 -9.16 -47.12
O5 NAG S . 48.77 -12.04 -46.83
O6 NAG S . 48.65 -8.43 -46.64
O7 NAG S . 52.32 -13.77 -49.99
C1 NAG T . 33.11 -47.26 -45.92
C2 NAG T . 33.33 -47.75 -47.35
C3 NAG T . 32.02 -48.26 -47.94
C4 NAG T . 31.40 -49.32 -47.04
C5 NAG T . 31.24 -48.77 -45.63
C6 NAG T . 30.73 -49.80 -44.64
C7 NAG T . 34.81 -46.91 -49.13
C8 NAG T . 35.28 -45.71 -49.88
N2 NAG T . 33.89 -46.69 -48.18
O3 NAG T . 32.27 -48.81 -49.23
O4 NAG T . 30.13 -49.71 -47.55
O5 NAG T . 32.50 -48.31 -45.13
O6 NAG T . 31.82 -50.51 -44.04
O7 NAG T . 35.25 -48.04 -49.36
C1 NAG U . -63.20 -15.23 -30.82
C2 NAG U . -63.08 -16.74 -30.59
C3 NAG U . -62.51 -17.42 -31.83
C4 NAG U . -63.34 -17.06 -33.06
C5 NAG U . -63.46 -15.55 -33.20
C6 NAG U . -64.37 -15.12 -34.32
C7 NAG U . -62.74 -17.34 -28.23
C8 NAG U . -61.74 -17.60 -27.15
N2 NAG U . -62.25 -17.02 -29.43
O3 NAG U . -62.51 -18.83 -31.64
O4 NAG U . -62.73 -17.59 -34.23
O5 NAG U . -64.00 -14.98 -32.00
O6 NAG U . -65.74 -15.27 -33.97
O7 NAG U . -63.95 -17.42 -28.03
C1 NAG V . -39.80 42.70 -18.76
C2 NAG V . -41.30 42.95 -18.97
C3 NAG V . -41.98 43.20 -17.61
C4 NAG V . -41.68 42.07 -16.64
C5 NAG V . -40.17 41.86 -16.52
C6 NAG V . -39.81 40.67 -15.67
C7 NAG V . -41.73 43.92 -21.18
C8 NAG V . -41.95 45.18 -21.95
N2 NAG V . -41.53 44.07 -19.86
O3 NAG V . -43.38 43.31 -17.81
O4 NAG V . -42.21 42.37 -15.36
O5 NAG V . -39.61 41.62 -17.82
O6 NAG V . -39.89 39.46 -16.40
O7 NAG V . -41.75 42.82 -21.71
C1 NAG W . -27.53 56.54 -28.43
C2 NAG W . -28.14 56.93 -29.78
C3 NAG W . -27.98 58.41 -30.05
C4 NAG W . -28.52 59.23 -28.88
C5 NAG W . -27.88 58.78 -27.57
C6 NAG W . -28.47 59.47 -26.36
C7 NAG W . -28.18 55.15 -31.48
C8 NAG W . -27.41 54.46 -32.57
N2 NAG W . -27.54 56.15 -30.86
O3 NAG W . -28.65 58.76 -31.25
O4 NAG W . -28.24 60.62 -29.09
O5 NAG W . -28.10 57.37 -27.39
O6 NAG W . -29.84 59.13 -26.18
O7 NAG W . -29.33 54.83 -31.19
C1 NAG X . -7.88 51.77 -18.98
C2 NAG X . -8.65 52.99 -19.53
C3 NAG X . -8.24 54.25 -18.78
C4 NAG X . -8.41 54.06 -17.27
C5 NAG X . -7.64 52.83 -16.82
C6 NAG X . -7.85 52.51 -15.36
C7 NAG X . -9.25 52.69 -21.89
C8 NAG X . -8.85 52.95 -23.31
N2 NAG X . -8.41 53.14 -20.96
O3 NAG X . -9.05 55.33 -19.21
O4 NAG X . -7.92 55.20 -16.57
O5 NAG X . -8.08 51.67 -17.56
O6 NAG X . -6.70 52.81 -14.58
O7 NAG X . -10.28 52.12 -21.60
C1 NAG Y . -30.96 39.30 -11.45
C2 NAG Y . -32.30 39.12 -10.75
C3 NAG Y . -33.36 40.02 -11.40
C4 NAG Y . -32.88 41.47 -11.44
C5 NAG Y . -31.51 41.56 -12.11
C6 NAG Y . -30.93 42.95 -12.08
C7 NAG Y . -33.38 37.15 -9.77
C8 NAG Y . -33.73 35.70 -9.97
N2 NAG Y . -32.72 37.73 -10.78
O3 NAG Y . -34.58 39.93 -10.66
O4 NAG Y . -33.82 42.26 -12.16
O5 NAG Y . -30.58 40.70 -11.44
O6 NAG Y . -31.18 43.64 -13.30
O7 NAG Y . -33.66 37.75 -8.74
C1 NAG Z . -40.69 -4.98 -20.15
C2 NAG Z . -40.30 -5.99 -19.07
C3 NAG Z . -38.80 -6.23 -19.08
C4 NAG Z . -38.30 -6.59 -20.47
C5 NAG Z . -38.77 -5.54 -21.49
C6 NAG Z . -38.42 -5.90 -22.92
C7 NAG Z . -41.77 -6.13 -17.09
C8 NAG Z . -42.46 -7.27 -17.76
N2 NAG Z . -40.75 -5.56 -17.76
O3 NAG Z . -38.46 -7.26 -18.17
O4 NAG Z . -36.89 -6.64 -20.48
O5 NAG Z . -40.20 -5.41 -21.43
O6 NAG Z . -37.74 -7.15 -22.99
O7 NAG Z . -42.11 -5.73 -15.98
C1 NAG AA . 6.08 -9.62 48.74
C2 NAG AA . 5.73 -9.72 50.24
C3 NAG AA . 5.73 -8.34 50.89
C4 NAG AA . 7.02 -7.59 50.59
C5 NAG AA . 7.28 -7.56 49.09
C6 NAG AA . 8.61 -6.93 48.73
C7 NAG AA . 3.26 -10.07 50.06
C8 NAG AA . 2.14 -10.99 50.46
N2 NAG AA . 4.49 -10.44 50.49
O3 NAG AA . 5.55 -8.47 52.29
O4 NAG AA . 6.94 -6.26 51.09
O5 NAG AA . 7.30 -8.90 48.57
O6 NAG AA . 9.53 -7.03 49.80
O7 NAG AA . 3.05 -9.05 49.40
C1 NAG BA . -3.01 -49.27 -7.86
C2 NAG BA . -1.65 -49.63 -8.47
C3 NAG BA . -1.83 -50.00 -9.94
C4 NAG BA . -2.87 -51.10 -10.09
C5 NAG BA . -4.18 -50.69 -9.42
C6 NAG BA . -5.22 -51.78 -9.43
C7 NAG BA . 0.17 -48.45 -7.32
C8 NAG BA . 1.07 -47.24 -7.33
N2 NAG BA . -0.71 -48.53 -8.33
O3 NAG BA . -0.58 -50.44 -10.47
O4 NAG BA . -3.12 -51.34 -11.47
O5 NAG BA . -3.93 -50.36 -8.04
O6 NAG BA . -5.14 -52.57 -10.60
O7 NAG BA . 0.23 -49.30 -6.43
C1 NAG CA . 10.13 -48.69 16.13
C2 NAG CA . 10.49 -50.18 16.09
C3 NAG CA . 11.19 -50.58 17.40
C4 NAG CA . 12.38 -49.67 17.68
C5 NAG CA . 11.92 -48.22 17.69
C6 NAG CA . 13.06 -47.24 17.87
C7 NAG CA . 9.25 -52.02 15.01
C8 NAG CA . 10.50 -52.31 14.22
N2 NAG CA . 9.32 -51.00 15.88
O3 NAG CA . 11.62 -51.94 17.31
O4 NAG CA . 12.95 -49.99 18.94
O5 NAG CA . 11.30 -47.91 16.43
O6 NAG CA . 12.60 -45.90 17.91
O7 NAG CA . 8.23 -52.70 14.87
C1 NAG DA . 28.14 -58.34 -25.34
C2 NAG DA . 28.27 -59.65 -26.13
C3 NAG DA . 27.27 -59.66 -27.29
C4 NAG DA . 25.86 -59.39 -26.79
C5 NAG DA . 25.83 -58.09 -25.98
C6 NAG DA . 24.49 -57.81 -25.35
C7 NAG DA . 30.19 -61.04 -26.75
C8 NAG DA . 31.60 -61.05 -27.27
N2 NAG DA . 29.63 -59.83 -26.62
O3 NAG DA . 27.31 -60.93 -27.94
O4 NAG DA . 24.97 -59.27 -27.89
O5 NAG DA . 26.79 -58.17 -24.90
O6 NAG DA . 23.43 -58.15 -26.23
O7 NAG DA . 29.60 -62.08 -26.47
C1 NAG EA . 53.80 -50.41 1.57
C2 NAG EA . 54.27 -51.81 1.97
C3 NAG EA . 54.24 -51.97 3.48
C4 NAG EA . 55.04 -50.86 4.14
C5 NAG EA . 54.54 -49.49 3.69
C6 NAG EA . 55.37 -48.35 4.22
C7 NAG EA . 53.96 -53.99 0.88
C8 NAG EA . 52.98 -54.93 0.25
N2 NAG EA . 53.46 -52.83 1.33
O3 NAG EA . 54.79 -53.24 3.84
O4 NAG EA . 54.93 -50.96 5.57
O5 NAG EA . 54.59 -49.42 2.25
O6 NAG EA . 56.46 -48.06 3.36
O7 NAG EA . 55.15 -54.27 0.99
C1 NAG FA . -10.96 -10.28 70.42
C2 NAG FA . -9.50 -10.00 70.80
C3 NAG FA . -8.72 -11.32 70.92
C4 NAG FA . -9.42 -12.27 71.87
C5 NAG FA . -10.88 -12.47 71.46
C6 NAG FA . -11.67 -13.31 72.43
C7 NAG FA . -8.71 -7.81 70.04
C8 NAG FA . -8.04 -7.05 68.94
N2 NAG FA . -8.87 -9.12 69.84
O3 NAG FA . -7.40 -11.04 71.38
O4 NAG FA . -8.76 -13.53 71.87
O5 NAG FA . -11.54 -11.20 71.37
O6 NAG FA . -12.02 -12.57 73.59
O7 NAG FA . -9.08 -7.27 71.08
C1 NAG GA . -55.40 -9.33 24.91
C2 NAG GA . -56.20 -9.10 26.19
C3 NAG GA . -56.62 -7.63 26.30
C4 NAG GA . -55.41 -6.72 26.18
C5 NAG GA . -54.66 -7.03 24.90
C6 NAG GA . -53.38 -6.22 24.76
C7 NAG GA . -57.37 -11.16 26.85
C8 NAG GA . -58.66 -11.92 26.81
N2 NAG GA . -57.37 -9.97 26.24
O3 NAG GA . -57.27 -7.43 27.56
O4 NAG GA . -55.84 -5.36 26.16
O5 NAG GA . -54.29 -8.41 24.86
O6 NAG GA . -52.34 -6.78 25.56
O7 NAG GA . -56.38 -11.59 27.43
C1 NAG HA . -64.23 -23.00 11.74
C2 NAG HA . -64.86 -24.14 12.56
C3 NAG HA . -66.20 -24.54 11.95
C4 NAG HA . -67.11 -23.32 11.80
C5 NAG HA . -66.40 -22.23 11.01
C6 NAG HA . -67.20 -20.95 10.92
C7 NAG HA . -63.31 -25.64 13.74
C8 NAG HA . -62.45 -26.85 13.63
N2 NAG HA . -63.98 -25.28 12.62
O3 NAG HA . -66.84 -25.51 12.77
O4 NAG HA . -68.30 -23.68 11.12
O5 NAG HA . -65.16 -21.90 11.66
O6 NAG HA . -67.30 -20.32 12.20
O7 NAG HA . -63.41 -24.99 14.77
C1 NAG IA . -51.97 -19.29 -6.57
C2 NAG IA . -53.41 -19.63 -6.17
C3 NAG IA . -54.41 -19.10 -7.21
C4 NAG IA . -54.19 -17.61 -7.44
C5 NAG IA . -52.73 -17.35 -7.81
C6 NAG IA . -52.42 -15.88 -7.95
C7 NAG IA . -53.44 -21.70 -4.84
C8 NAG IA . -53.65 -23.19 -4.87
N2 NAG IA . -53.57 -21.08 -6.02
O3 NAG IA . -55.73 -19.33 -6.76
O4 NAG IA . -55.03 -17.14 -8.50
O5 NAG IA . -51.86 -17.87 -6.79
O6 NAG IA . -52.34 -15.49 -9.31
O7 NAG IA . -53.19 -21.10 -3.82
C1 NAG JA . -48.62 -4.65 16.21
C2 NAG JA . -48.92 -3.58 17.26
C3 NAG JA . -50.17 -3.95 18.05
C4 NAG JA . -51.34 -4.23 17.12
C5 NAG JA . -50.95 -5.27 16.07
C6 NAG JA . -52.02 -5.50 15.04
C7 NAG JA . -47.43 -2.21 18.65
C8 NAG JA . -46.23 -2.20 19.55
N2 NAG JA . -47.78 -3.40 18.16
O3 NAG JA . -50.50 -2.89 18.94
O4 NAG JA . -52.46 -4.70 17.86
O5 NAG JA . -49.77 -4.84 15.37
O6 NAG JA . -52.81 -6.64 15.35
O7 NAG JA . -48.05 -1.18 18.38
C1 NAG KA . -11.60 -7.24 43.64
C2 NAG KA . -10.45 -6.26 43.35
C3 NAG KA . -9.69 -6.69 42.09
C4 NAG KA . -9.26 -8.15 42.19
C5 NAG KA . -10.45 -9.04 42.53
C6 NAG KA . -10.07 -10.49 42.76
C7 NAG KA . -10.73 -3.93 44.11
C8 NAG KA . -9.95 -4.31 45.34
N2 NAG KA . -10.94 -4.90 43.21
O3 NAG KA . -8.55 -5.86 41.91
O4 NAG KA . -8.70 -8.57 40.95
O5 NAG KA . -11.08 -8.58 43.73
O6 NAG KA . -8.66 -10.68 42.73
O7 NAG KA . -11.16 -2.79 43.95
C1 NAG LA . 13.31 45.09 -16.98
C2 NAG LA . 13.35 46.63 -17.11
C3 NAG LA . 12.06 47.14 -17.78
C4 NAG LA . 11.83 46.40 -19.09
C5 NAG LA . 11.84 44.90 -18.88
C6 NAG LA . 11.71 44.11 -20.16
C7 NAG LA . 12.78 47.25 -14.75
C8 NAG LA . 13.25 48.02 -13.56
N2 NAG LA . 13.57 47.30 -15.83
O3 NAG LA . 12.18 48.54 -18.01
O4 NAG LA . 10.58 46.79 -19.65
O5 NAG LA . 13.08 44.50 -18.27
O6 NAG LA . 12.13 44.87 -21.28
O7 NAG LA . 11.74 46.59 -14.72
C1 NAG MA . 44.63 -3.09 22.52
C2 NAG MA . 45.44 -4.03 21.63
C3 NAG MA . 45.69 -5.36 22.34
C4 NAG MA . 46.33 -5.12 23.70
C5 NAG MA . 45.49 -4.13 24.52
C6 NAG MA . 46.14 -3.75 25.83
C7 NAG MA . 45.02 -3.55 19.26
C8 NAG MA . 44.24 -3.92 18.03
N2 NAG MA . 44.76 -4.26 20.35
O3 NAG MA . 46.53 -6.18 21.54
O4 NAG MA . 46.44 -6.35 24.41
O5 NAG MA . 45.31 -2.92 23.77
O6 NAG MA . 46.90 -4.82 26.36
O7 NAG MA . 45.86 -2.66 19.24
C1 NAG NA . 49.76 15.66 3.26
C2 NAG NA . 51.29 15.57 3.40
C3 NAG NA . 51.97 16.62 2.52
C4 NAG NA . 51.49 16.50 1.08
C5 NAG NA . 49.97 16.60 1.04
C6 NAG NA . 49.40 16.39 -0.36
C7 NAG NA . 52.58 14.98 5.42
C8 NAG NA . 53.17 13.85 4.62
N2 NAG NA . 51.69 15.75 4.79
O3 NAG NA . 53.38 16.46 2.58
O4 NAG NA . 52.05 17.55 0.30
O5 NAG NA . 49.40 15.57 1.86
O6 NAG NA . 47.99 16.44 -0.36
O7 NAG NA . 52.89 15.16 6.59
C1 NAG OA . 63.32 -28.55 3.52
C2 NAG OA . 64.53 -29.26 4.10
C3 NAG OA . 64.14 -30.08 5.33
C4 NAG OA . 63.42 -29.19 6.35
C5 NAG OA . 62.23 -28.49 5.68
C6 NAG OA . 61.54 -27.51 6.59
C7 NAG OA . 66.47 -30.35 3.06
C8 NAG OA . 66.94 -31.26 1.96
N2 NAG OA . 65.15 -30.12 3.10
O3 NAG OA . 65.31 -30.63 5.93
O4 NAG OA . 62.94 -29.98 7.42
O5 NAG OA . 62.70 -27.74 4.55
O6 NAG OA . 61.42 -28.02 7.92
O7 NAG OA . 67.25 -29.84 3.85
C1 NAG PA . 66.14 -11.33 -30.24
C2 NAG PA . 67.63 -10.96 -30.29
C3 NAG PA . 67.78 -9.48 -30.70
C4 NAG PA . 67.04 -9.21 -32.01
C5 NAG PA . 65.58 -9.65 -31.90
C6 NAG PA . 64.83 -9.52 -33.20
C7 NAG PA . 69.50 -11.72 -28.92
C8 NAG PA . 70.02 -11.91 -27.52
N2 NAG PA . 68.28 -11.21 -29.02
O3 NAG PA . 69.16 -9.18 -30.84
O4 NAG PA . 67.10 -7.82 -32.32
O5 NAG PA . 65.51 -11.03 -31.50
O6 NAG PA . 64.99 -10.69 -34.00
O7 NAG PA . 70.17 -12.02 -29.91
C1 NAG QA . 8.89 70.98 -8.57
C2 NAG QA . 9.16 70.87 -10.07
C3 NAG QA . 10.66 70.83 -10.34
C4 NAG QA . 11.35 72.02 -9.70
C5 NAG QA . 11.01 72.08 -8.21
C6 NAG QA . 11.57 73.31 -7.54
C7 NAG QA . 7.35 69.74 -11.30
C8 NAG QA . 6.82 68.43 -11.80
N2 NAG QA . 8.51 69.69 -10.63
O3 NAG QA . 10.89 70.83 -11.75
O4 NAG QA . 12.76 71.90 -9.85
O5 NAG QA . 9.58 72.13 -8.04
O6 NAG QA . 10.80 74.47 -7.85
O7 NAG QA . 6.76 70.80 -11.48
C1 NAG RA . -9.51 41.49 44.73
C2 NAG RA . -9.94 42.94 44.95
C3 NAG RA . -11.45 43.07 44.78
C4 NAG RA . -11.90 42.50 43.45
C5 NAG RA . -11.40 41.07 43.30
C6 NAG RA . -11.70 40.48 41.94
C7 NAG RA . -8.39 44.09 46.48
C8 NAG RA . -8.13 44.51 47.88
N2 NAG RA . -9.53 43.42 46.26
O3 NAG RA . -11.82 44.44 44.87
O4 NAG RA . -13.32 42.52 43.35
O5 NAG RA . -9.98 41.03 43.45
O6 NAG RA . -10.72 40.84 40.98
O7 NAG RA . -7.61 44.35 45.57
C1 NAG SA . -0.32 32.71 61.31
C2 NAG SA . 0.56 33.75 62.01
C3 NAG SA . 0.44 33.61 63.53
C4 NAG SA . -1.01 33.66 63.96
C5 NAG SA . -1.83 32.62 63.19
C6 NAG SA . -3.31 32.68 63.48
C7 NAG SA . 2.56 34.50 60.78
C8 NAG SA . 3.99 34.22 60.47
N2 NAG SA . 1.96 33.62 61.59
O3 NAG SA . 1.18 34.65 64.16
O4 NAG SA . -1.12 33.39 65.35
O5 NAG SA . -1.68 32.83 61.78
O6 NAG SA . -3.87 33.91 63.04
O7 NAG SA . 1.97 35.49 60.35
C1 NAG TA . -0.42 11.37 55.04
C2 NAG TA . -0.56 12.19 56.33
C3 NAG TA . -1.43 11.45 57.35
C4 NAG TA . -2.77 11.06 56.72
C5 NAG TA . -2.54 10.28 55.44
C6 NAG TA . -3.83 9.94 54.71
C7 NAG TA . 1.43 13.60 56.65
C8 NAG TA . 2.76 13.72 57.33
N2 NAG TA . 0.75 12.47 56.90
O3 NAG TA . -1.65 12.28 58.48
O4 NAG TA . -3.52 10.26 57.63
O5 NAG TA . -1.73 11.04 54.53
O6 NAG TA . -4.14 8.56 54.81
O7 NAG TA . 0.99 14.48 55.92
C1 NAG UA . -11.88 30.82 39.84
C2 NAG UA . -12.94 31.83 39.42
C3 NAG UA . -13.00 32.99 40.41
C4 NAG UA . -13.19 32.48 41.83
C5 NAG UA . -12.12 31.45 42.16
C6 NAG UA . -12.32 30.81 43.52
C7 NAG UA . -13.66 32.59 37.19
C8 NAG UA . -13.21 33.08 35.85
N2 NAG UA . -12.69 32.32 38.07
O3 NAG UA . -14.07 33.86 40.05
O4 NAG UA . -13.10 33.56 42.76
O5 NAG UA . -12.15 30.38 41.20
O6 NAG UA . -11.51 31.42 44.51
O7 NAG UA . -14.84 32.45 37.47
C1 NAG VA . 4.64 45.58 -0.65
C2 NAG VA . 4.11 44.89 -1.91
C3 NAG VA . 4.73 43.49 -2.05
C4 NAG VA . 6.25 43.55 -1.97
C5 NAG VA . 6.69 44.30 -0.71
C6 NAG VA . 8.18 44.51 -0.63
C7 NAG VA . 1.86 45.53 -2.67
C8 NAG VA . 2.53 46.48 -3.62
N2 NAG VA . 2.66 44.79 -1.89
O3 NAG VA . 4.33 42.91 -3.29
O4 NAG VA . 6.79 42.24 -1.95
O5 NAG VA . 6.08 45.61 -0.68
O6 NAG VA . 8.85 43.98 -1.77
O7 NAG VA . 0.63 45.42 -2.63
#